data_9EAU
#
_entry.id   9EAU
#
_cell.length_a   1.00
_cell.length_b   1.00
_cell.length_c   1.00
_cell.angle_alpha   90.00
_cell.angle_beta   90.00
_cell.angle_gamma   90.00
#
_symmetry.space_group_name_H-M   'P 1'
#
loop_
_entity.id
_entity.type
_entity.pdbx_description
1 polymer 'Spike glycoprotein E1'
2 polymer 'Spike glycoprotein E2'
3 polymer 'Capsid protein'
4 polymer 'Very low-density lipoprotein receptor'
5 non-polymer 'CALCIUM ION'
#
loop_
_entity_poly.entity_id
_entity_poly.type
_entity_poly.pdbx_seq_one_letter_code
_entity_poly.pdbx_strand_id
1 'polypeptide(L)'
;YEHTATIPNVVGFPYKAHIERNGFSPMTLQLEVVETSLEPTLNLEYITCEYKTVVPSPFIKCCGTSECSSKEQPDYQCKV
YTGVYPFMWGGAYCFCDSENTQLSEAYVDRSDVCKHDHASAYKAHTASLKATIRISYGTINQTTEAFVNGEHAVNVGGSK
FIFGPISTAWSPFDNKIVVYKDDVYNQDFPPYGSGQPGRFGDIQSRTVESKDLYANTALKLSRPSPGVVHVPYTQTPSGF
KYWLKEKGSSLNTKAPFGCKIKTNPVRAMDCAVGSIPVSMDIPDSAFTRVVDAPAVTDLSCQVVVCTHSSDFGGVATLSY
KTDKPGDCAVHSHSNVATLQEATVKVKTAGKVTVHFSTASASPAFKVSVCDAKTTCTAACEPPKDHIVPYGASHNNQVFP
DMSGTAMTWVQRLASGLGGLALIAVVVLVLVTCITMRR
;
A,E,I,M
2 'polypeptide(L)'
;SVTEHFNVYKATRPYLAYCADCGDGYFCYSPVAIEKIRDEASDGMLKIQVSAQIGLDKAGTHAHTKIRYMAGHDVQESKR
DSLRVYTSAACSIHGTMGHFIVAHCPPGDYLKVSFEDADSHVKACKVQYKHDPLPVGREKFVVRPHFGVELPCTSYQLTT
APTDEEIDMHTPPDIPDRTLLSQTAGNVKITAGGRTIRYNCTCGRDNVGTTSTDKTINTCKIDQCHAAVTSHDKWQFTSP
FVPRADQTARRGKVHVPFPLTNVTCRVPLARAPDVTYGKKEVTLRLHPDHPTLFSYRSLGAEPHPYEEWVDKFSERIIPV
TEEGIEYQWGNNPPVRLWAQLTTEGKPHGWPHEIIQYYYGLYPAATIAAVSGASLMALLTLAATCCMLATARRKCLTPYA
LTPGAVVPLTLGLLCCAPR
;
B,F,J,N
3 'polypeptide(L)'
;RMCMKIENDCIFEVKLDGKVTGYACLVGDKVMKPAHVKGTIDNPDLAKLTYKKSSKYDLECAQIPVHMKSDASKYTHEKP
EGHYNWHHGAVQYSGGRFTIPTGAGKPGDSGRPIFDNKGRVVAIVLGGANEGARTALSVVTWTKDMVTRVTPEGTEEW
;
C,G,K,O
4 'polypeptide(L)' RTCRIHEISCGAHSTQCIPVSWRCDGENDCDSGEDEENC Y,Z
#
loop_
_chem_comp.id
_chem_comp.type
_chem_comp.name
_chem_comp.formula
CA non-polymer 'CALCIUM ION' 'Ca 2'
#
# COMPACT_ATOMS: atom_id res chain seq x y z
N TYR A 1 -80.17 29.73 6.23
CA TYR A 1 -79.57 29.90 4.91
C TYR A 1 -78.19 29.27 4.83
N GLU A 2 -78.11 28.08 4.24
CA GLU A 2 -76.85 27.39 4.10
C GLU A 2 -75.99 28.02 3.00
N HIS A 3 -74.70 28.15 3.29
CA HIS A 3 -73.69 28.48 2.29
C HIS A 3 -72.44 27.68 2.64
N THR A 4 -71.59 27.45 1.64
CA THR A 4 -70.38 26.67 1.87
C THR A 4 -69.18 27.31 1.21
N ALA A 5 -68.01 27.03 1.78
CA ALA A 5 -66.73 27.54 1.32
C ALA A 5 -65.70 26.44 1.54
N THR A 6 -64.45 26.73 1.17
CA THR A 6 -63.35 25.84 1.53
C THR A 6 -62.10 26.70 1.73
N ILE A 7 -61.74 26.92 2.99
CA ILE A 7 -60.62 27.79 3.33
C ILE A 7 -59.33 26.96 3.34
N PRO A 8 -58.20 27.52 2.93
CA PRO A 8 -56.92 26.84 3.15
C PRO A 8 -56.66 26.62 4.64
N ASN A 9 -56.05 25.47 4.95
CA ASN A 9 -55.57 25.20 6.30
C ASN A 9 -54.21 25.89 6.52
N VAL A 10 -54.21 27.20 6.32
CA VAL A 10 -53.01 28.02 6.44
C VAL A 10 -53.26 29.05 7.53
N VAL A 11 -52.44 29.03 8.57
CA VAL A 11 -52.60 29.94 9.69
C VAL A 11 -52.36 31.37 9.22
N GLY A 12 -53.24 32.27 9.62
CA GLY A 12 -53.12 33.68 9.31
C GLY A 12 -53.42 34.07 7.88
N PHE A 13 -53.71 33.11 7.00
CA PHE A 13 -54.22 33.42 5.67
C PHE A 13 -55.68 33.79 5.78
N PRO A 14 -56.05 35.04 5.56
CA PRO A 14 -57.42 35.49 5.85
C PRO A 14 -58.37 35.27 4.68
N TYR A 15 -58.75 34.01 4.47
CA TYR A 15 -59.67 33.67 3.40
C TYR A 15 -60.97 34.46 3.53
N LYS A 16 -61.50 34.91 2.40
CA LYS A 16 -62.71 35.72 2.36
C LYS A 16 -63.80 34.99 1.59
N ALA A 17 -64.92 34.76 2.25
CA ALA A 17 -66.07 34.07 1.68
C ALA A 17 -67.14 35.10 1.33
N HIS A 18 -67.65 35.03 0.09
CA HIS A 18 -68.65 35.96 -0.40
C HIS A 18 -69.99 35.26 -0.49
N ILE A 19 -71.00 35.86 0.13
CA ILE A 19 -72.36 35.34 0.15
C ILE A 19 -73.28 36.26 -0.64
N GLU A 20 -73.90 35.71 -1.68
CA GLU A 20 -74.73 36.47 -2.61
C GLU A 20 -76.19 36.11 -2.42
N ARG A 21 -76.68 36.27 -1.19
CA ARG A 21 -78.06 35.89 -0.88
C ARG A 21 -79.03 36.82 -1.59
N ASN A 22 -79.84 36.23 -2.48
CA ASN A 22 -80.48 36.98 -3.56
C ASN A 22 -81.42 38.07 -3.06
N GLY A 23 -81.95 37.93 -1.85
CA GLY A 23 -82.79 38.98 -1.30
C GLY A 23 -82.08 40.14 -0.66
N PHE A 24 -80.75 40.12 -0.59
CA PHE A 24 -80.02 41.06 0.26
C PHE A 24 -78.79 41.56 -0.49
N SER A 25 -78.24 42.66 0.00
CA SER A 25 -76.93 43.10 -0.47
C SER A 25 -75.87 42.06 -0.09
N PRO A 26 -74.94 41.73 -1.00
CA PRO A 26 -73.90 40.75 -0.69
C PRO A 26 -73.11 41.09 0.56
N MET A 27 -72.49 40.07 1.16
CA MET A 27 -71.58 40.27 2.28
C MET A 27 -70.34 39.41 2.08
N THR A 28 -69.20 39.94 2.51
CA THR A 28 -67.95 39.19 2.56
C THR A 28 -67.61 38.87 4.01
N LEU A 29 -67.42 37.59 4.31
CA LEU A 29 -66.90 37.13 5.59
C LEU A 29 -65.41 36.83 5.45
N GLN A 30 -64.64 37.23 6.46
CA GLN A 30 -63.24 36.85 6.58
C GLN A 30 -63.11 35.71 7.57
N LEU A 31 -62.44 34.64 7.16
CA LEU A 31 -62.27 33.43 7.96
C LEU A 31 -60.77 33.17 8.10
N GLU A 32 -60.18 33.61 9.20
CA GLU A 32 -58.74 33.46 9.42
C GLU A 32 -58.50 32.38 10.46
N VAL A 33 -57.68 31.40 10.11
CA VAL A 33 -57.26 30.35 11.04
C VAL A 33 -56.20 30.90 11.99
N VAL A 34 -56.55 31.02 13.27
CA VAL A 34 -55.63 31.57 14.26
C VAL A 34 -54.70 30.51 14.81
N GLU A 35 -55.22 29.31 15.07
CA GLU A 35 -54.42 28.16 15.48
C GLU A 35 -55.03 26.91 14.88
N THR A 36 -54.21 25.88 14.74
CA THR A 36 -54.69 24.51 14.62
C THR A 36 -53.91 23.62 15.58
N SER A 37 -54.54 22.53 15.99
CA SER A 37 -53.97 21.59 16.95
C SER A 37 -54.39 20.19 16.54
N LEU A 38 -53.45 19.43 15.99
CA LEU A 38 -53.70 18.06 15.57
C LEU A 38 -53.23 17.12 16.66
N GLU A 39 -54.16 16.51 17.39
CA GLU A 39 -53.81 15.78 18.60
C GLU A 39 -54.09 14.29 18.42
N PRO A 40 -53.05 13.44 18.43
CA PRO A 40 -53.27 12.00 18.28
C PRO A 40 -53.95 11.39 19.50
N THR A 41 -54.70 10.32 19.26
CA THR A 41 -55.11 9.41 20.32
C THR A 41 -53.93 8.53 20.70
N LEU A 42 -53.53 8.57 21.96
CA LEU A 42 -52.34 7.89 22.45
C LEU A 42 -52.74 6.72 23.34
N ASN A 43 -52.15 5.55 23.07
CA ASN A 43 -52.17 4.41 23.98
C ASN A 43 -50.77 4.16 24.51
N LEU A 44 -50.61 4.22 25.83
CA LEU A 44 -49.31 4.03 26.46
C LEU A 44 -48.90 2.55 26.41
N GLU A 45 -47.77 2.27 25.75
CA GLU A 45 -47.24 0.92 25.78
C GLU A 45 -46.46 0.61 27.06
N TYR A 46 -45.51 1.47 27.42
CA TYR A 46 -44.73 1.26 28.64
C TYR A 46 -43.92 2.51 28.98
N ILE A 47 -43.31 2.48 30.16
CA ILE A 47 -42.43 3.53 30.68
C ILE A 47 -41.00 3.01 30.70
N THR A 48 -40.05 3.85 30.28
CA THR A 48 -38.65 3.52 30.39
C THR A 48 -37.91 4.60 31.16
N CYS A 49 -36.91 4.18 31.94
CA CYS A 49 -36.05 5.09 32.69
C CYS A 49 -34.73 4.39 32.99
N GLU A 50 -33.83 5.13 33.64
CA GLU A 50 -32.56 4.55 34.06
C GLU A 50 -32.79 3.48 35.11
N TYR A 51 -32.03 2.39 35.02
CA TYR A 51 -32.08 1.38 36.06
C TYR A 51 -31.18 1.74 37.25
N LYS A 52 -31.55 1.18 38.41
CA LYS A 52 -30.71 1.10 39.59
C LYS A 52 -30.27 -0.34 39.77
N THR A 53 -28.97 -0.57 39.94
CA THR A 53 -28.45 -1.89 40.27
C THR A 53 -28.16 -1.99 41.77
N VAL A 54 -28.89 -2.88 42.42
CA VAL A 54 -28.77 -3.11 43.86
C VAL A 54 -27.69 -4.16 44.10
N VAL A 55 -26.62 -3.77 44.78
CA VAL A 55 -25.52 -4.69 45.08
C VAL A 55 -25.24 -4.66 46.58
N PRO A 56 -25.92 -5.49 47.38
CA PRO A 56 -25.69 -5.50 48.82
C PRO A 56 -24.26 -5.91 49.16
N SER A 57 -23.92 -5.70 50.43
CA SER A 57 -22.69 -6.24 50.98
C SER A 57 -22.60 -7.75 50.73
N PRO A 58 -21.42 -8.27 50.38
CA PRO A 58 -21.28 -9.71 50.16
C PRO A 58 -21.43 -10.48 51.46
N PHE A 59 -22.23 -11.54 51.43
CA PHE A 59 -22.32 -12.48 52.55
C PHE A 59 -21.14 -13.42 52.47
N ILE A 60 -20.03 -13.02 53.09
CA ILE A 60 -18.87 -13.89 53.25
C ILE A 60 -19.08 -14.79 54.45
N LYS A 61 -19.17 -16.10 54.19
CA LYS A 61 -19.26 -17.11 55.24
C LYS A 61 -17.87 -17.67 55.52
N CYS A 62 -17.29 -17.27 56.64
CA CYS A 62 -16.01 -17.83 57.07
C CYS A 62 -16.22 -19.19 57.73
N CYS A 63 -15.30 -20.11 57.46
CA CYS A 63 -15.32 -21.46 58.00
C CYS A 63 -16.69 -22.13 57.81
N GLY A 64 -17.02 -22.36 56.55
CA GLY A 64 -18.31 -22.92 56.21
C GLY A 64 -18.60 -22.77 54.73
N THR A 65 -19.85 -23.06 54.37
CA THR A 65 -20.32 -22.94 53.01
C THR A 65 -21.73 -22.36 53.02
N SER A 66 -22.15 -21.88 51.85
CA SER A 66 -23.44 -21.23 51.69
C SER A 66 -24.03 -21.67 50.36
N GLU A 67 -25.33 -21.45 50.21
CA GLU A 67 -26.01 -21.78 48.96
C GLU A 67 -26.84 -20.60 48.49
N CYS A 68 -26.77 -20.34 47.19
CA CYS A 68 -27.61 -19.34 46.54
C CYS A 68 -29.05 -19.84 46.40
N SER A 69 -29.95 -18.91 46.18
CA SER A 69 -31.35 -19.22 45.90
C SER A 69 -31.89 -18.27 44.85
N SER A 70 -32.88 -18.75 44.10
CA SER A 70 -33.58 -17.91 43.13
C SER A 70 -34.52 -16.94 43.84
N LYS A 71 -34.70 -15.76 43.24
CA LYS A 71 -35.60 -14.76 43.77
C LYS A 71 -36.36 -14.10 42.63
N GLU A 72 -37.56 -13.61 42.95
CA GLU A 72 -38.50 -13.05 41.99
C GLU A 72 -38.17 -11.60 41.62
N GLN A 73 -36.90 -11.31 41.34
CA GLN A 73 -36.47 -9.94 41.16
C GLN A 73 -35.83 -9.77 39.78
N PRO A 74 -36.00 -8.59 39.17
CA PRO A 74 -35.60 -8.42 37.77
C PRO A 74 -34.10 -8.58 37.57
N ASP A 75 -33.74 -9.34 36.53
CA ASP A 75 -32.35 -9.54 36.11
C ASP A 75 -31.47 -10.04 37.25
N TYR A 76 -32.10 -10.65 38.25
CA TYR A 76 -31.41 -11.06 39.47
C TYR A 76 -30.29 -12.04 39.15
N GLN A 77 -29.12 -11.78 39.74
CA GLN A 77 -27.95 -12.62 39.57
C GLN A 77 -27.43 -12.99 40.96
N CYS A 78 -27.00 -14.23 41.12
CA CYS A 78 -26.54 -14.69 42.43
C CYS A 78 -25.65 -15.91 42.24
N LYS A 79 -24.43 -15.84 42.75
CA LYS A 79 -23.44 -16.91 42.62
C LYS A 79 -22.65 -17.02 43.92
N VAL A 80 -22.24 -18.24 44.25
CA VAL A 80 -21.43 -18.52 45.42
C VAL A 80 -20.02 -18.88 44.97
N TYR A 81 -19.04 -18.11 45.43
CA TYR A 81 -17.64 -18.30 45.08
C TYR A 81 -16.92 -18.97 46.24
N THR A 82 -16.24 -20.08 45.95
CA THR A 82 -15.65 -20.94 46.96
C THR A 82 -14.13 -20.77 46.98
N GLY A 83 -13.57 -20.73 48.19
CA GLY A 83 -12.15 -20.55 48.36
C GLY A 83 -11.70 -19.11 48.46
N VAL A 84 -12.57 -18.23 48.93
CA VAL A 84 -12.21 -16.83 49.18
C VAL A 84 -11.44 -16.74 50.49
N TYR A 85 -10.58 -15.72 50.58
CA TYR A 85 -9.83 -15.44 51.81
C TYR A 85 -9.68 -13.93 51.94
N PRO A 86 -10.77 -13.22 52.23
CA PRO A 86 -10.75 -11.75 52.16
C PRO A 86 -9.95 -11.14 53.31
N PHE A 87 -9.28 -10.03 53.00
CA PHE A 87 -8.62 -9.21 54.00
C PHE A 87 -9.42 -7.94 54.21
N MET A 88 -9.75 -7.65 55.47
CA MET A 88 -10.17 -6.33 55.88
C MET A 88 -8.97 -5.52 56.36
N TRP A 89 -9.23 -4.27 56.75
CA TRP A 89 -8.15 -3.32 57.03
C TRP A 89 -7.24 -3.81 58.14
N GLY A 90 -7.75 -4.59 59.09
CA GLY A 90 -7.01 -5.07 60.22
C GLY A 90 -6.43 -6.46 60.09
N GLY A 91 -6.68 -7.15 58.98
CA GLY A 91 -6.17 -8.49 58.78
C GLY A 91 -7.13 -9.36 58.01
N ALA A 92 -6.81 -10.64 57.85
CA ALA A 92 -7.72 -11.53 57.15
C ALA A 92 -9.05 -11.63 57.88
N TYR A 93 -10.13 -11.67 57.10
CA TYR A 93 -11.47 -11.71 57.68
C TYR A 93 -11.82 -13.09 58.22
N CYS A 94 -11.35 -14.15 57.55
CA CYS A 94 -11.64 -15.52 57.94
C CYS A 94 -10.42 -16.16 58.59
N PHE A 95 -10.67 -17.02 59.58
CA PHE A 95 -9.60 -17.82 60.16
C PHE A 95 -9.28 -19.02 59.28
N CYS A 96 -10.31 -19.65 58.71
CA CYS A 96 -10.10 -20.69 57.70
C CYS A 96 -9.44 -20.11 56.46
N ASP A 97 -8.37 -20.76 56.01
CA ASP A 97 -7.59 -20.23 54.90
C ASP A 97 -8.21 -20.45 53.52
N SER A 98 -9.15 -21.39 53.38
CA SER A 98 -9.71 -21.70 52.07
C SER A 98 -11.11 -22.28 52.20
N GLU A 99 -11.50 -22.62 53.41
CA GLU A 99 -12.84 -23.13 53.71
C GLU A 99 -13.89 -22.04 53.85
N ASN A 100 -13.90 -21.07 52.94
CA ASN A 100 -14.82 -19.94 53.00
C ASN A 100 -15.52 -19.80 51.66
N THR A 101 -16.65 -19.08 51.67
CA THR A 101 -17.34 -18.70 50.44
C THR A 101 -17.83 -17.26 50.55
N GLN A 102 -17.94 -16.61 49.40
CA GLN A 102 -18.62 -15.33 49.26
C GLN A 102 -19.88 -15.54 48.42
N LEU A 103 -21.04 -15.22 48.99
CA LEU A 103 -22.27 -15.11 48.23
C LEU A 103 -22.35 -13.71 47.63
N SER A 104 -22.15 -13.62 46.32
CA SER A 104 -22.30 -12.37 45.57
C SER A 104 -23.69 -12.31 44.96
N GLU A 105 -24.42 -11.23 45.23
CA GLU A 105 -25.79 -11.10 44.78
C GLU A 105 -26.02 -9.68 44.26
N ALA A 106 -26.69 -9.57 43.11
CA ALA A 106 -27.02 -8.28 42.53
C ALA A 106 -28.30 -8.41 41.72
N TYR A 107 -29.06 -7.32 41.66
CA TYR A 107 -30.27 -7.29 40.84
C TYR A 107 -30.56 -5.86 40.42
N VAL A 108 -31.41 -5.73 39.41
CA VAL A 108 -31.77 -4.45 38.82
C VAL A 108 -33.07 -3.94 39.43
N ASP A 109 -33.19 -2.63 39.57
CA ASP A 109 -34.43 -2.01 40.01
C ASP A 109 -34.67 -0.72 39.24
N ARG A 110 -35.93 -0.29 39.24
CA ARG A 110 -36.30 1.04 38.78
C ARG A 110 -35.62 2.12 39.62
N SER A 111 -34.97 3.08 38.97
CA SER A 111 -34.27 4.12 39.70
C SER A 111 -35.23 4.99 40.52
N ASP A 112 -34.68 5.57 41.59
CA ASP A 112 -35.48 6.27 42.59
C ASP A 112 -36.15 7.53 42.06
N VAL A 113 -35.63 8.13 40.99
CA VAL A 113 -36.26 9.30 40.37
C VAL A 113 -36.99 8.95 39.08
N CYS A 114 -37.21 7.66 38.80
CA CYS A 114 -38.02 7.30 37.64
C CYS A 114 -39.45 7.81 37.74
N LYS A 115 -39.89 8.15 38.96
CA LYS A 115 -41.12 8.93 39.14
C LYS A 115 -41.09 10.26 38.41
N HIS A 116 -39.90 10.78 38.10
CA HIS A 116 -39.75 12.16 37.64
C HIS A 116 -39.01 12.29 36.31
N ASP A 117 -38.10 11.36 36.01
CA ASP A 117 -37.28 11.41 34.80
C ASP A 117 -37.43 10.09 34.05
N HIS A 118 -38.48 9.99 33.24
CA HIS A 118 -38.78 8.80 32.47
C HIS A 118 -39.33 9.18 31.10
N ALA A 119 -39.19 8.27 30.15
CA ALA A 119 -39.73 8.40 28.81
C ALA A 119 -40.89 7.42 28.61
N SER A 120 -42.02 7.93 28.13
CA SER A 120 -43.23 7.14 27.95
C SER A 120 -43.40 6.80 26.47
N ALA A 121 -43.47 5.51 26.17
CA ALA A 121 -43.59 4.98 24.81
C ALA A 121 -45.06 4.75 24.46
N TYR A 122 -45.52 5.38 23.38
CA TYR A 122 -46.93 5.44 23.03
C TYR A 122 -47.12 4.89 21.62
N LYS A 123 -48.32 4.38 21.36
CA LYS A 123 -48.84 4.24 20.00
C LYS A 123 -49.78 5.41 19.70
N ALA A 124 -49.58 6.04 18.55
CA ALA A 124 -50.29 7.26 18.19
C ALA A 124 -51.10 7.04 16.92
N HIS A 125 -52.42 7.22 17.03
CA HIS A 125 -53.32 6.95 15.91
C HIS A 125 -54.53 7.88 16.02
N THR A 126 -55.33 7.89 14.97
CA THR A 126 -56.67 8.50 14.95
C THR A 126 -56.63 9.92 15.53
N ALA A 127 -55.82 10.76 14.89
CA ALA A 127 -55.63 12.12 15.36
C ALA A 127 -56.86 12.98 15.08
N SER A 128 -57.23 13.82 16.04
CA SER A 128 -58.33 14.76 15.90
C SER A 128 -57.76 16.16 15.78
N LEU A 129 -58.21 16.91 14.78
CA LEU A 129 -57.71 18.26 14.55
C LEU A 129 -58.73 19.26 15.09
N LYS A 130 -58.27 20.14 15.99
CA LYS A 130 -59.04 21.28 16.46
C LYS A 130 -58.40 22.56 15.95
N ALA A 131 -59.23 23.48 15.46
CA ALA A 131 -58.74 24.76 14.96
C ALA A 131 -59.40 25.91 15.71
N THR A 132 -58.65 27.00 15.85
CA THR A 132 -59.17 28.27 16.35
C THR A 132 -59.36 29.20 15.16
N ILE A 133 -60.61 29.59 14.90
CA ILE A 133 -60.97 30.37 13.72
C ILE A 133 -61.46 31.73 14.18
N ARG A 134 -60.98 32.78 13.50
CA ARG A 134 -61.50 34.13 13.68
C ARG A 134 -62.52 34.45 12.60
N ILE A 135 -63.74 34.74 13.03
CA ILE A 135 -64.86 35.04 12.13
C ILE A 135 -65.10 36.54 12.24
N SER A 136 -65.13 37.23 11.10
CA SER A 136 -65.55 38.61 11.13
C SER A 136 -66.40 38.96 9.92
N TYR A 137 -67.43 39.76 10.16
CA TYR A 137 -68.36 40.27 9.16
C TYR A 137 -69.18 41.39 9.80
N GLY A 138 -69.38 42.46 9.05
CA GLY A 138 -70.09 43.62 9.57
C GLY A 138 -69.50 44.11 10.88
N THR A 139 -70.36 44.22 11.90
CA THR A 139 -69.95 44.62 13.25
C THR A 139 -69.44 43.48 14.10
N ILE A 140 -69.42 42.25 13.59
CA ILE A 140 -69.03 41.07 14.36
C ILE A 140 -67.58 40.73 14.05
N ASN A 141 -66.80 40.47 15.09
CA ASN A 141 -65.36 40.27 14.96
C ASN A 141 -64.92 39.45 16.18
N GLN A 142 -64.84 38.14 16.00
CA GLN A 142 -64.84 37.22 17.12
C GLN A 142 -63.96 36.02 16.80
N THR A 143 -63.34 35.46 17.83
CA THR A 143 -62.53 34.26 17.71
C THR A 143 -63.22 33.10 18.42
N THR A 144 -63.25 31.94 17.77
CA THR A 144 -63.91 30.76 18.33
C THR A 144 -63.06 29.52 18.05
N GLU A 145 -63.23 28.52 18.91
CA GLU A 145 -62.60 27.21 18.75
C GLU A 145 -63.63 26.20 18.26
N ALA A 146 -63.25 25.43 17.25
CA ALA A 146 -64.11 24.39 16.69
C ALA A 146 -63.29 23.16 16.39
N PHE A 147 -63.85 21.99 16.68
CA PHE A 147 -63.30 20.75 16.16
C PHE A 147 -63.53 20.70 14.66
N VAL A 148 -62.47 20.38 13.92
CA VAL A 148 -62.54 20.36 12.44
C VAL A 148 -63.07 18.98 12.05
N ASN A 149 -64.39 18.85 12.15
CA ASN A 149 -65.13 17.70 11.67
C ASN A 149 -66.50 18.21 11.22
N GLY A 150 -67.18 17.42 10.41
CA GLY A 150 -68.47 17.84 9.87
C GLY A 150 -69.60 17.90 10.87
N GLU A 151 -69.28 18.07 12.17
CA GLU A 151 -70.26 17.81 13.22
C GLU A 151 -70.38 18.95 14.23
N HIS A 152 -69.25 19.48 14.70
CA HIS A 152 -69.25 20.52 15.72
C HIS A 152 -69.62 21.87 15.13
N ALA A 153 -70.92 22.17 15.16
CA ALA A 153 -71.39 23.52 14.86
C ALA A 153 -71.08 24.46 16.02
N VAL A 154 -70.61 25.66 15.71
CA VAL A 154 -70.25 26.66 16.72
C VAL A 154 -70.93 27.99 16.39
N ASN A 155 -71.46 28.64 17.42
CA ASN A 155 -72.20 29.88 17.26
C ASN A 155 -71.25 31.07 17.21
N VAL A 156 -71.55 32.02 16.33
CA VAL A 156 -70.84 33.30 16.25
C VAL A 156 -71.86 34.37 15.90
N GLY A 157 -72.19 35.22 16.88
CA GLY A 157 -73.11 36.31 16.65
C GLY A 157 -74.48 35.90 16.17
N GLY A 158 -74.88 34.66 16.42
CA GLY A 158 -76.11 34.10 15.90
C GLY A 158 -75.95 33.31 14.62
N SER A 159 -74.82 33.45 13.93
CA SER A 159 -74.45 32.51 12.89
C SER A 159 -74.03 31.19 13.51
N LYS A 160 -74.16 30.12 12.72
CA LYS A 160 -73.60 28.82 13.07
C LYS A 160 -72.65 28.38 11.97
N PHE A 161 -71.49 27.88 12.35
CA PHE A 161 -70.48 27.42 11.42
C PHE A 161 -70.11 25.98 11.72
N ILE A 162 -70.00 25.16 10.67
CA ILE A 162 -69.46 23.82 10.78
C ILE A 162 -68.21 23.77 9.93
N PHE A 163 -67.07 23.50 10.57
CA PHE A 163 -65.79 23.39 9.87
C PHE A 163 -65.55 21.94 9.51
N GLY A 164 -65.87 21.58 8.27
CA GLY A 164 -65.99 20.20 7.86
C GLY A 164 -64.69 19.44 7.95
N PRO A 165 -64.76 18.13 7.70
CA PRO A 165 -63.62 17.25 7.96
C PRO A 165 -62.40 17.63 7.15
N ILE A 166 -61.26 17.73 7.83
CA ILE A 166 -60.02 18.17 7.18
C ILE A 166 -59.74 17.28 5.98
N SER A 167 -59.41 17.91 4.85
CA SER A 167 -59.26 17.22 3.57
C SER A 167 -57.97 16.43 3.47
N THR A 168 -57.55 15.77 4.55
CA THR A 168 -56.42 14.87 4.52
C THR A 168 -56.45 13.98 5.76
N ALA A 169 -55.74 12.86 5.69
CA ALA A 169 -55.51 12.00 6.83
C ALA A 169 -54.12 12.17 7.43
N TRP A 170 -53.32 13.09 6.90
CA TRP A 170 -51.91 13.16 7.27
C TRP A 170 -51.74 13.64 8.71
N SER A 171 -50.72 13.09 9.37
CA SER A 171 -50.26 13.60 10.67
C SER A 171 -48.78 13.31 10.78
N PRO A 172 -48.02 14.16 11.48
CA PRO A 172 -46.57 13.98 11.55
C PRO A 172 -46.14 12.84 12.45
N PHE A 173 -46.99 12.42 13.38
CA PHE A 173 -46.69 11.34 14.31
C PHE A 173 -46.79 9.99 13.60
N ASP A 174 -45.70 9.23 13.64
CA ASP A 174 -45.75 7.84 13.22
C ASP A 174 -46.59 7.01 14.18
N ASN A 175 -46.80 5.75 13.81
CA ASN A 175 -47.63 4.85 14.61
C ASN A 175 -47.05 4.60 15.99
N LYS A 176 -45.73 4.59 16.12
CA LYS A 176 -45.07 4.48 17.41
C LYS A 176 -44.37 5.79 17.76
N ILE A 177 -44.59 6.25 18.99
CA ILE A 177 -44.15 7.56 19.46
C ILE A 177 -43.48 7.38 20.81
N VAL A 178 -42.34 8.06 21.01
CA VAL A 178 -41.74 8.20 22.33
C VAL A 178 -41.89 9.65 22.76
N VAL A 179 -42.45 9.86 23.95
CA VAL A 179 -42.65 11.18 24.52
C VAL A 179 -41.71 11.35 25.71
N TYR A 180 -41.03 12.48 25.77
CA TYR A 180 -40.14 12.73 26.90
C TYR A 180 -40.19 14.23 27.20
N LYS A 181 -40.83 14.58 28.31
CA LYS A 181 -40.96 15.96 28.77
C LYS A 181 -41.59 16.84 27.70
N ASP A 182 -40.83 17.79 27.16
CA ASP A 182 -41.30 18.69 26.12
C ASP A 182 -41.13 18.15 24.71
N ASP A 183 -40.45 17.02 24.54
CA ASP A 183 -40.13 16.49 23.22
C ASP A 183 -41.05 15.33 22.84
N VAL A 184 -41.10 15.07 21.53
CA VAL A 184 -41.74 13.89 20.95
C VAL A 184 -40.79 13.33 19.91
N TYR A 185 -40.70 12.00 19.84
CA TYR A 185 -39.80 11.33 18.90
C TYR A 185 -40.54 10.26 18.13
N ASN A 186 -40.38 10.27 16.81
CA ASN A 186 -40.78 9.12 15.99
C ASN A 186 -39.75 8.02 16.19
N GLN A 187 -40.14 6.93 16.84
CA GLN A 187 -39.17 5.91 17.21
C GLN A 187 -39.86 4.57 17.31
N ASP A 188 -39.36 3.59 16.55
CA ASP A 188 -39.88 2.22 16.58
C ASP A 188 -39.32 1.50 17.80
N PHE A 189 -39.82 1.89 18.97
CA PHE A 189 -39.36 1.28 20.21
C PHE A 189 -39.74 -0.20 20.26
N PRO A 190 -38.94 -1.02 20.97
CA PRO A 190 -39.24 -2.45 21.02
C PRO A 190 -40.44 -2.71 21.90
N PRO A 191 -41.21 -3.76 21.59
CA PRO A 191 -42.38 -4.11 22.42
C PRO A 191 -42.02 -4.31 23.89
N TYR A 192 -43.03 -4.22 24.76
CA TYR A 192 -42.84 -4.58 26.16
C TYR A 192 -42.45 -6.05 26.29
N GLY A 193 -41.44 -6.32 27.11
CA GLY A 193 -40.88 -7.64 27.24
C GLY A 193 -39.87 -8.01 26.19
N SER A 194 -39.45 -7.07 25.35
CA SER A 194 -38.59 -7.36 24.20
C SER A 194 -37.40 -6.42 24.10
N GLY A 195 -37.21 -5.54 25.08
CA GLY A 195 -36.07 -4.64 25.06
C GLY A 195 -34.75 -5.37 25.31
N GLN A 196 -33.68 -4.76 24.80
CA GLN A 196 -32.36 -5.33 24.68
C GLN A 196 -31.35 -4.47 25.43
N PRO A 197 -30.27 -5.07 25.95
CA PRO A 197 -29.36 -4.33 26.83
C PRO A 197 -28.71 -3.15 26.13
N GLY A 198 -28.64 -2.02 26.85
CA GLY A 198 -28.00 -0.83 26.35
C GLY A 198 -28.72 -0.12 25.24
N ARG A 199 -29.90 -0.58 24.84
CA ARG A 199 -30.76 0.13 23.91
C ARG A 199 -31.97 0.65 24.66
N PHE A 200 -32.70 1.56 24.03
CA PHE A 200 -33.91 2.09 24.64
C PHE A 200 -34.85 0.94 25.03
N GLY A 201 -35.38 1.02 26.24
CA GLY A 201 -36.25 -0.03 26.75
C GLY A 201 -35.54 -1.25 27.28
N ASP A 202 -34.29 -1.13 27.70
CA ASP A 202 -33.63 -2.25 28.35
C ASP A 202 -34.24 -2.58 29.70
N ILE A 203 -34.93 -1.63 30.34
CA ILE A 203 -35.92 -1.92 31.37
C ILE A 203 -37.24 -1.26 30.95
N GLN A 204 -38.35 -1.95 31.23
CA GLN A 204 -39.66 -1.50 30.78
C GLN A 204 -40.68 -1.69 31.89
N SER A 205 -41.57 -0.71 32.04
CA SER A 205 -42.62 -0.75 33.04
C SER A 205 -43.93 -0.34 32.38
N ARG A 206 -44.99 -1.12 32.61
CA ARG A 206 -46.26 -0.84 31.94
C ARG A 206 -46.81 0.51 32.34
N THR A 207 -46.60 0.91 33.59
CA THR A 207 -47.01 2.21 34.10
C THR A 207 -45.89 2.70 35.01
N VAL A 208 -45.95 3.98 35.40
CA VAL A 208 -45.00 4.48 36.38
C VAL A 208 -45.20 3.76 37.71
N GLU A 209 -46.46 3.60 38.13
CA GLU A 209 -46.77 2.98 39.41
C GLU A 209 -46.79 1.46 39.38
N SER A 210 -46.51 0.83 38.23
CA SER A 210 -46.45 -0.62 38.19
C SER A 210 -45.41 -1.16 39.17
N LYS A 211 -45.78 -2.23 39.87
CA LYS A 211 -44.84 -2.89 40.76
C LYS A 211 -43.92 -3.87 40.03
N ASP A 212 -44.40 -4.46 38.95
CA ASP A 212 -43.59 -5.31 38.11
C ASP A 212 -42.63 -4.49 37.26
N LEU A 213 -41.57 -5.15 36.79
CA LEU A 213 -40.57 -4.51 35.94
C LEU A 213 -39.90 -5.57 35.10
N TYR A 214 -39.87 -5.36 33.78
CA TYR A 214 -38.98 -6.11 32.90
C TYR A 214 -37.61 -5.46 32.90
N ALA A 215 -36.56 -6.28 32.99
CA ALA A 215 -35.20 -5.79 32.89
C ALA A 215 -34.34 -6.79 32.15
N ASN A 216 -33.55 -6.29 31.20
CA ASN A 216 -32.63 -7.10 30.40
C ASN A 216 -31.36 -6.28 30.17
N THR A 217 -30.55 -6.16 31.23
CA THR A 217 -29.40 -5.26 31.24
C THR A 217 -28.08 -6.00 31.11
N ALA A 218 -28.10 -7.31 30.87
CA ALA A 218 -26.91 -8.13 30.73
C ALA A 218 -26.04 -8.11 31.98
N LEU A 219 -26.65 -7.96 33.16
CA LEU A 219 -25.90 -8.06 34.41
C LEU A 219 -25.28 -9.44 34.55
N LYS A 220 -23.96 -9.48 34.75
CA LYS A 220 -23.26 -10.71 35.11
C LYS A 220 -22.30 -10.44 36.25
N LEU A 221 -22.31 -11.32 37.24
CA LEU A 221 -21.32 -11.30 38.32
C LEU A 221 -20.00 -11.92 37.85
N SER A 222 -18.93 -11.58 38.55
CA SER A 222 -17.66 -12.28 38.37
C SER A 222 -16.95 -12.44 39.72
N ARG A 223 -16.01 -13.39 39.78
CA ARG A 223 -15.38 -13.79 41.08
C ARG A 223 -14.66 -12.68 41.82
N PRO A 224 -14.85 -12.55 43.15
CA PRO A 224 -14.13 -11.58 43.93
C PRO A 224 -12.62 -11.77 43.68
N SER A 225 -11.89 -10.68 43.47
CA SER A 225 -10.43 -10.76 43.18
C SER A 225 -9.73 -11.31 44.40
N PRO A 226 -8.55 -11.95 44.28
CA PRO A 226 -7.92 -12.59 45.44
C PRO A 226 -7.54 -11.62 46.56
N GLY A 227 -8.25 -11.67 47.69
CA GLY A 227 -7.87 -10.84 48.87
C GLY A 227 -8.74 -9.62 49.07
N VAL A 228 -9.83 -9.47 48.31
CA VAL A 228 -10.63 -8.23 48.40
C VAL A 228 -12.10 -8.57 48.65
N VAL A 229 -12.82 -7.72 49.36
CA VAL A 229 -14.28 -7.90 49.57
C VAL A 229 -14.95 -6.89 48.64
N HIS A 230 -15.44 -7.29 47.46
CA HIS A 230 -15.96 -6.23 46.56
C HIS A 230 -17.18 -6.58 45.71
N VAL A 231 -17.62 -7.82 45.59
CA VAL A 231 -18.76 -8.12 44.67
C VAL A 231 -18.48 -7.49 43.31
N PRO A 232 -17.60 -8.07 42.47
CA PRO A 232 -17.29 -7.47 41.19
C PRO A 232 -18.30 -7.92 40.13
N TYR A 233 -18.85 -7.00 39.34
CA TYR A 233 -19.89 -7.34 38.33
C TYR A 233 -19.73 -6.52 37.08
N THR A 234 -20.31 -6.94 35.96
CA THR A 234 -20.32 -6.20 34.71
C THR A 234 -21.74 -6.12 34.16
N GLN A 235 -22.07 -4.95 33.61
CA GLN A 235 -23.43 -4.66 33.19
C GLN A 235 -23.39 -3.61 32.09
N THR A 236 -24.29 -3.73 31.13
CA THR A 236 -24.35 -2.79 30.00
C THR A 236 -24.98 -1.48 30.43
N PRO A 237 -24.30 -0.34 30.22
CA PRO A 237 -24.79 0.93 30.77
C PRO A 237 -26.17 1.30 30.26
N SER A 238 -26.90 2.04 31.10
CA SER A 238 -28.35 2.21 30.94
C SER A 238 -28.70 2.72 29.55
N GLY A 239 -29.55 1.95 28.85
CA GLY A 239 -29.96 2.31 27.50
C GLY A 239 -30.78 3.58 27.41
N PHE A 240 -31.43 3.98 28.50
CA PHE A 240 -32.07 5.28 28.59
C PHE A 240 -31.06 6.43 28.64
N LYS A 241 -30.03 6.30 29.48
CA LYS A 241 -28.97 7.30 29.50
C LYS A 241 -28.08 7.30 28.26
N TYR A 242 -28.08 6.22 27.47
CA TYR A 242 -27.57 6.31 26.10
C TYR A 242 -28.54 7.06 25.19
N TRP A 243 -29.81 6.65 25.18
CA TRP A 243 -30.81 7.33 24.36
C TRP A 243 -30.81 8.84 24.55
N LEU A 244 -30.79 9.30 25.80
CA LEU A 244 -30.83 10.74 26.09
C LEU A 244 -29.76 11.55 25.37
N LYS A 245 -28.63 10.95 25.02
CA LYS A 245 -27.65 11.65 24.19
C LYS A 245 -27.70 11.23 22.73
N GLU A 246 -28.22 10.04 22.43
CA GLU A 246 -28.44 9.61 21.05
C GLU A 246 -29.72 10.17 20.42
N LYS A 247 -30.62 10.77 21.19
CA LYS A 247 -31.92 11.20 20.65
C LYS A 247 -31.77 12.03 19.38
N GLY A 248 -30.76 12.88 19.31
CA GLY A 248 -30.79 13.96 18.35
C GLY A 248 -31.83 15.01 18.72
N SER A 249 -32.17 15.83 17.74
CA SER A 249 -33.26 16.78 17.92
C SER A 249 -34.63 16.14 17.65
N SER A 250 -35.62 16.63 18.39
CA SER A 250 -36.95 16.03 18.44
C SER A 250 -37.75 16.37 17.18
N LEU A 251 -38.94 15.76 17.09
CA LEU A 251 -39.85 15.96 15.96
C LEU A 251 -40.20 17.42 15.75
N ASN A 252 -40.15 18.24 16.81
CA ASN A 252 -40.37 19.67 16.68
C ASN A 252 -39.44 20.35 15.69
N THR A 253 -38.27 19.77 15.41
CA THR A 253 -37.32 20.33 14.46
C THR A 253 -37.33 19.59 13.13
N LYS A 254 -38.17 18.57 12.97
CA LYS A 254 -38.14 17.71 11.80
C LYS A 254 -39.49 17.48 11.15
N ALA A 255 -40.60 17.85 11.79
CA ALA A 255 -41.91 17.55 11.24
C ALA A 255 -42.11 18.27 9.90
N PRO A 256 -42.72 17.61 8.92
CA PRO A 256 -43.12 18.30 7.69
C PRO A 256 -44.14 19.40 7.92
N PHE A 257 -44.39 20.14 6.84
CA PHE A 257 -45.43 21.18 6.77
C PHE A 257 -45.31 22.23 7.85
N GLY A 258 -44.14 22.35 8.48
CA GLY A 258 -43.96 23.41 9.45
C GLY A 258 -44.71 23.21 10.74
N CYS A 259 -45.14 21.99 11.03
CA CYS A 259 -45.80 21.72 12.30
C CYS A 259 -44.89 22.08 13.46
N LYS A 260 -45.51 22.58 14.53
CA LYS A 260 -44.86 22.81 15.81
C LYS A 260 -45.39 21.79 16.80
N ILE A 261 -44.50 20.98 17.35
CA ILE A 261 -44.90 19.87 18.20
C ILE A 261 -44.84 20.30 19.65
N LYS A 262 -45.87 19.93 20.41
CA LYS A 262 -45.93 20.23 21.83
C LYS A 262 -46.42 18.99 22.57
N THR A 263 -46.09 18.91 23.85
CA THR A 263 -46.56 17.83 24.70
C THR A 263 -47.58 18.35 25.70
N ASN A 264 -48.12 17.41 26.48
CA ASN A 264 -49.07 17.70 27.55
C ASN A 264 -50.25 18.59 27.11
N PRO A 265 -51.11 18.11 26.19
CA PRO A 265 -51.09 16.82 25.49
C PRO A 265 -50.19 16.84 24.25
N VAL A 266 -49.79 15.66 23.77
CA VAL A 266 -49.04 15.58 22.51
C VAL A 266 -49.90 16.11 21.38
N ARG A 267 -49.40 17.12 20.68
CA ARG A 267 -50.14 17.73 19.57
C ARG A 267 -49.16 18.33 18.58
N ALA A 268 -49.58 18.39 17.32
CA ALA A 268 -48.88 19.14 16.28
C ALA A 268 -49.66 20.42 15.98
N MET A 269 -49.09 21.56 16.34
CA MET A 269 -49.72 22.85 16.12
C MET A 269 -49.42 23.39 14.72
N ASP A 270 -50.40 24.12 14.18
CA ASP A 270 -50.20 25.02 13.04
C ASP A 270 -49.63 24.33 11.79
N CYS A 271 -49.92 23.04 11.60
CA CYS A 271 -49.55 22.40 10.34
C CYS A 271 -50.26 23.08 9.18
N ALA A 272 -49.57 23.18 8.05
CA ALA A 272 -50.05 23.89 6.87
C ALA A 272 -50.60 22.95 5.79
N VAL A 273 -51.21 21.84 6.19
CA VAL A 273 -51.55 20.76 5.27
C VAL A 273 -53.06 20.74 5.03
N GLY A 274 -53.44 20.60 3.77
CA GLY A 274 -54.82 20.44 3.33
C GLY A 274 -55.67 21.70 3.44
N SER A 275 -56.98 21.47 3.49
CA SER A 275 -57.95 22.57 3.45
C SER A 275 -59.16 22.20 4.30
N ILE A 276 -59.87 23.23 4.75
CA ILE A 276 -60.97 23.07 5.70
C ILE A 276 -62.28 23.51 5.05
N PRO A 277 -63.19 22.58 4.73
CA PRO A 277 -64.55 22.98 4.36
C PRO A 277 -65.22 23.78 5.47
N VAL A 278 -66.12 24.68 5.07
CA VAL A 278 -66.94 25.44 6.01
C VAL A 278 -68.39 25.39 5.55
N SER A 279 -69.30 25.14 6.49
CA SER A 279 -70.73 25.33 6.28
C SER A 279 -71.22 26.49 7.13
N MET A 280 -71.88 27.46 6.49
CA MET A 280 -72.19 28.74 7.11
C MET A 280 -73.70 28.95 7.08
N ASP A 281 -74.30 29.12 8.26
CA ASP A 281 -75.69 29.54 8.39
C ASP A 281 -75.74 30.93 8.99
N ILE A 282 -76.30 31.89 8.24
CA ILE A 282 -76.17 33.31 8.54
C ILE A 282 -77.57 33.88 8.76
N PRO A 283 -77.82 34.58 9.86
CA PRO A 283 -79.17 35.11 10.12
C PRO A 283 -79.45 36.38 9.32
N ASP A 284 -80.76 36.65 9.17
CA ASP A 284 -81.22 37.81 8.43
C ASP A 284 -80.82 39.14 9.05
N SER A 285 -80.40 39.15 10.32
CA SER A 285 -79.89 40.36 10.94
C SER A 285 -78.47 40.70 10.51
N ALA A 286 -77.76 39.75 9.89
CA ALA A 286 -76.39 40.01 9.45
C ALA A 286 -76.35 40.75 8.11
N PHE A 287 -77.31 40.45 7.22
CA PHE A 287 -77.36 41.12 5.94
C PHE A 287 -77.95 42.53 6.08
N THR A 288 -77.91 43.27 4.97
CA THR A 288 -78.68 44.50 4.79
C THR A 288 -79.59 44.39 3.57
N ARG A 289 -80.78 44.96 3.70
CA ARG A 289 -81.76 44.91 2.62
C ARG A 289 -81.30 45.71 1.41
N VAL A 290 -81.68 45.22 0.22
CA VAL A 290 -81.31 45.86 -1.04
C VAL A 290 -81.89 47.27 -1.13
N VAL A 291 -82.96 47.56 -0.40
CA VAL A 291 -83.50 48.91 -0.37
C VAL A 291 -82.56 49.86 0.37
N ASP A 292 -81.83 49.35 1.36
CA ASP A 292 -80.88 50.17 2.11
C ASP A 292 -79.51 50.26 1.48
N ALA A 293 -79.10 49.25 0.70
CA ALA A 293 -77.78 49.27 0.09
C ALA A 293 -77.68 50.33 -1.00
N PRO A 294 -76.44 50.73 -1.35
CA PRO A 294 -76.24 51.58 -2.52
C PRO A 294 -76.37 50.85 -3.85
N ALA A 295 -77.00 51.51 -4.81
CA ALA A 295 -77.22 50.97 -6.16
C ALA A 295 -75.99 51.17 -7.05
N VAL A 296 -74.89 50.53 -6.64
CA VAL A 296 -73.63 50.60 -7.39
C VAL A 296 -73.83 50.05 -8.79
N THR A 297 -73.46 50.86 -9.79
CA THR A 297 -73.76 50.57 -11.18
C THR A 297 -72.65 51.12 -12.07
N ASP A 298 -72.57 50.57 -13.29
CA ASP A 298 -71.54 50.91 -14.26
C ASP A 298 -70.12 50.78 -13.70
N LEU A 299 -69.92 49.76 -12.86
CA LEU A 299 -68.61 49.52 -12.26
C LEU A 299 -67.58 49.20 -13.34
N SER A 300 -66.40 49.80 -13.23
CA SER A 300 -65.28 49.50 -14.12
C SER A 300 -64.00 49.43 -13.31
N CYS A 301 -63.00 48.77 -13.90
CA CYS A 301 -61.74 48.52 -13.21
C CYS A 301 -60.55 48.96 -14.08
N GLN A 302 -59.58 49.59 -13.43
CA GLN A 302 -58.28 49.88 -14.01
C GLN A 302 -57.21 49.57 -12.97
N VAL A 303 -56.10 48.98 -13.42
CA VAL A 303 -55.04 48.54 -12.52
C VAL A 303 -53.90 49.56 -12.56
N VAL A 304 -53.58 50.12 -11.39
CA VAL A 304 -52.57 51.17 -11.33
C VAL A 304 -51.18 50.59 -11.44
N VAL A 305 -50.91 49.52 -10.67
CA VAL A 305 -49.63 48.83 -10.70
C VAL A 305 -49.90 47.39 -10.29
N CYS A 306 -49.08 46.47 -10.76
CA CYS A 306 -49.11 45.11 -10.25
C CYS A 306 -47.72 44.51 -10.16
N THR A 307 -47.40 43.95 -9.00
CA THR A 307 -46.25 43.06 -8.83
C THR A 307 -46.79 41.73 -8.32
N HIS A 308 -46.35 40.64 -8.94
CA HIS A 308 -46.81 39.34 -8.46
C HIS A 308 -45.99 38.87 -7.26
N SER A 309 -45.94 39.70 -6.24
CA SER A 309 -45.16 39.48 -5.03
C SER A 309 -46.02 38.80 -3.97
N SER A 310 -45.36 38.33 -2.90
CA SER A 310 -46.06 37.62 -1.84
C SER A 310 -46.91 38.52 -0.96
N ASP A 311 -46.68 39.83 -0.95
CA ASP A 311 -47.61 40.73 -0.29
C ASP A 311 -48.70 41.17 -1.27
N PHE A 312 -49.52 42.13 -0.85
CA PHE A 312 -50.56 42.71 -1.71
C PHE A 312 -49.95 43.70 -2.69
N GLY A 313 -49.18 43.16 -3.63
CA GLY A 313 -48.38 43.90 -4.58
C GLY A 313 -49.11 44.55 -5.73
N GLY A 314 -50.42 44.33 -5.86
CA GLY A 314 -51.22 44.98 -6.88
C GLY A 314 -52.14 46.05 -6.31
N VAL A 315 -52.40 47.08 -7.10
CA VAL A 315 -53.30 48.16 -6.74
C VAL A 315 -54.22 48.44 -7.93
N ALA A 316 -55.52 48.53 -7.67
CA ALA A 316 -56.52 48.81 -8.68
C ALA A 316 -57.36 50.00 -8.22
N THR A 317 -57.86 50.77 -9.19
CA THR A 317 -58.92 51.74 -8.95
C THR A 317 -60.21 51.27 -9.61
N LEU A 318 -61.27 51.18 -8.81
CA LEU A 318 -62.60 50.84 -9.28
C LEU A 318 -63.45 52.10 -9.35
N SER A 319 -64.20 52.26 -10.45
CA SER A 319 -65.03 53.42 -10.66
C SER A 319 -66.45 53.00 -11.00
N TYR A 320 -67.42 53.79 -10.53
CA TYR A 320 -68.80 53.36 -10.51
C TYR A 320 -69.72 54.56 -10.42
N LYS A 321 -70.99 54.33 -10.73
CA LYS A 321 -72.09 55.19 -10.28
C LYS A 321 -72.65 54.67 -8.97
N THR A 322 -73.23 55.58 -8.18
CA THR A 322 -74.03 55.18 -7.04
C THR A 322 -75.11 56.22 -6.80
N ASP A 323 -76.21 55.79 -6.16
CA ASP A 323 -77.25 56.70 -5.74
C ASP A 323 -77.00 57.33 -4.38
N LYS A 324 -76.36 56.61 -3.47
CA LYS A 324 -76.14 57.07 -2.11
C LYS A 324 -74.76 56.63 -1.65
N PRO A 325 -74.18 57.32 -0.66
CA PRO A 325 -73.01 56.77 0.01
C PRO A 325 -73.35 55.60 0.90
N GLY A 326 -72.42 54.66 0.99
CA GLY A 326 -72.64 53.48 1.83
C GLY A 326 -71.43 52.58 1.82
N ASP A 327 -71.61 51.39 2.38
CA ASP A 327 -70.61 50.33 2.35
C ASP A 327 -71.07 49.21 1.42
N CYS A 328 -70.15 48.70 0.61
CA CYS A 328 -70.38 47.53 -0.22
C CYS A 328 -69.40 46.42 0.15
N ALA A 329 -69.88 45.18 0.08
CA ALA A 329 -68.98 44.04 0.05
C ALA A 329 -68.23 44.01 -1.27
N VAL A 330 -66.96 43.65 -1.21
CA VAL A 330 -66.10 43.54 -2.38
C VAL A 330 -65.41 42.19 -2.32
N HIS A 331 -65.29 41.54 -3.48
CA HIS A 331 -64.71 40.22 -3.57
C HIS A 331 -64.04 40.06 -4.92
N SER A 332 -63.09 39.12 -4.98
CA SER A 332 -62.51 38.68 -6.24
C SER A 332 -63.00 37.27 -6.51
N HIS A 333 -63.71 37.11 -7.63
CA HIS A 333 -64.34 35.85 -7.97
C HIS A 333 -63.40 34.85 -8.61
N SER A 334 -62.10 35.12 -8.63
CA SER A 334 -61.13 34.21 -9.20
C SER A 334 -59.94 34.06 -8.25
N ASN A 335 -59.48 32.82 -8.08
CA ASN A 335 -58.41 32.54 -7.15
C ASN A 335 -57.06 33.05 -7.64
N VAL A 336 -56.96 33.54 -8.88
CA VAL A 336 -55.72 34.13 -9.35
C VAL A 336 -55.32 35.38 -8.57
N ALA A 337 -56.28 36.04 -7.93
CA ALA A 337 -55.96 37.26 -7.19
C ALA A 337 -56.87 37.39 -5.98
N THR A 338 -56.26 37.57 -4.80
CA THR A 338 -56.98 37.75 -3.55
C THR A 338 -56.93 39.22 -3.14
N LEU A 339 -58.08 39.77 -2.78
CA LEU A 339 -58.11 41.15 -2.33
C LEU A 339 -57.68 41.25 -0.86
N GLN A 340 -57.18 42.43 -0.50
CA GLN A 340 -56.82 42.70 0.89
C GLN A 340 -58.04 43.02 1.74
N GLU A 341 -58.89 43.94 1.28
CA GLU A 341 -60.06 44.35 2.05
C GLU A 341 -61.29 43.51 1.70
N ALA A 342 -62.17 43.36 2.68
CA ALA A 342 -63.45 42.69 2.48
C ALA A 342 -64.58 43.65 2.16
N THR A 343 -64.50 44.90 2.60
CA THR A 343 -65.55 45.88 2.35
C THR A 343 -64.93 47.21 1.99
N VAL A 344 -65.66 47.98 1.18
CA VAL A 344 -65.19 49.25 0.63
C VAL A 344 -66.29 50.28 0.77
N LYS A 345 -65.92 51.49 1.18
CA LYS A 345 -66.87 52.59 1.28
C LYS A 345 -67.14 53.18 -0.09
N VAL A 346 -68.42 53.29 -0.43
CA VAL A 346 -68.88 53.78 -1.73
C VAL A 346 -69.39 55.20 -1.57
N LYS A 347 -68.95 56.11 -2.44
CA LYS A 347 -69.23 57.52 -2.31
C LYS A 347 -69.52 58.11 -3.68
N THR A 348 -70.22 59.25 -3.68
CA THR A 348 -70.56 59.92 -4.93
C THR A 348 -69.34 60.44 -5.69
N ALA A 349 -68.15 60.47 -5.07
CA ALA A 349 -66.93 60.69 -5.82
C ALA A 349 -66.73 59.65 -6.91
N GLY A 350 -67.37 58.48 -6.79
CA GLY A 350 -67.50 57.56 -7.89
C GLY A 350 -66.26 56.77 -8.24
N LYS A 351 -65.22 56.83 -7.43
CA LYS A 351 -64.08 55.93 -7.61
C LYS A 351 -63.44 55.64 -6.26
N VAL A 352 -62.77 54.48 -6.20
CA VAL A 352 -62.15 54.00 -4.97
C VAL A 352 -61.04 53.04 -5.39
N THR A 353 -60.13 52.75 -4.47
CA THR A 353 -58.98 51.92 -4.79
C THR A 353 -58.95 50.66 -3.92
N VAL A 354 -58.51 49.56 -4.53
CA VAL A 354 -58.58 48.22 -3.98
C VAL A 354 -57.23 47.55 -4.21
N HIS A 355 -56.75 46.81 -3.22
CA HIS A 355 -55.44 46.19 -3.28
C HIS A 355 -55.58 44.68 -3.33
N PHE A 356 -54.73 44.04 -4.13
CA PHE A 356 -54.82 42.61 -4.37
C PHE A 356 -53.43 42.00 -4.45
N SER A 357 -53.37 40.69 -4.26
CA SER A 357 -52.15 39.91 -4.41
C SER A 357 -52.36 38.82 -5.45
N THR A 358 -51.32 38.56 -6.25
CA THR A 358 -51.43 37.62 -7.35
C THR A 358 -50.06 37.01 -7.62
N ALA A 359 -50.07 35.81 -8.19
CA ALA A 359 -48.87 35.06 -8.47
C ALA A 359 -48.58 34.90 -9.96
N SER A 360 -49.38 35.52 -10.84
CA SER A 360 -49.29 35.27 -12.26
C SER A 360 -48.85 36.53 -13.00
N ALA A 361 -48.20 36.31 -14.16
CA ALA A 361 -47.72 37.42 -14.97
C ALA A 361 -48.85 38.31 -15.46
N SER A 362 -50.01 37.72 -15.76
CA SER A 362 -51.18 38.51 -16.16
C SER A 362 -52.44 37.80 -15.70
N PRO A 363 -52.95 38.17 -14.52
CA PRO A 363 -54.24 37.66 -14.07
C PRO A 363 -55.38 38.41 -14.73
N ALA A 364 -56.51 37.72 -14.87
CA ALA A 364 -57.74 38.35 -15.34
C ALA A 364 -58.89 38.02 -14.40
N PHE A 365 -58.68 38.31 -13.12
CA PHE A 365 -59.70 38.14 -12.11
C PHE A 365 -60.84 39.14 -12.34
N LYS A 366 -61.98 38.86 -11.73
CA LYS A 366 -63.13 39.75 -11.79
C LYS A 366 -63.63 40.03 -10.39
N VAL A 367 -64.09 41.27 -10.17
CA VAL A 367 -64.43 41.75 -8.84
C VAL A 367 -65.86 42.27 -8.87
N SER A 368 -66.48 42.27 -7.69
CA SER A 368 -67.76 42.92 -7.50
C SER A 368 -67.66 43.98 -6.41
N VAL A 369 -68.41 45.06 -6.60
CA VAL A 369 -68.69 46.03 -5.54
C VAL A 369 -70.20 46.10 -5.41
N CYS A 370 -70.72 45.61 -4.29
CA CYS A 370 -72.13 45.24 -4.20
C CYS A 370 -72.53 44.37 -5.37
N ASP A 371 -73.70 44.66 -5.96
CA ASP A 371 -74.25 43.83 -7.03
C ASP A 371 -73.53 44.01 -8.38
N ALA A 372 -72.75 45.06 -8.55
CA ALA A 372 -72.08 45.30 -9.82
C ALA A 372 -70.88 44.39 -10.01
N LYS A 373 -70.57 44.10 -11.28
CA LYS A 373 -69.49 43.19 -11.65
C LYS A 373 -68.60 43.83 -12.71
N THR A 374 -67.29 43.59 -12.60
CA THR A 374 -66.35 44.05 -13.61
C THR A 374 -65.13 43.12 -13.60
N THR A 375 -64.40 43.13 -14.72
CA THR A 375 -63.22 42.31 -14.90
C THR A 375 -61.97 43.19 -14.86
N CYS A 376 -60.98 42.77 -14.06
CA CYS A 376 -59.70 43.47 -13.95
C CYS A 376 -58.63 42.68 -14.70
N THR A 377 -58.00 43.30 -15.67
CA THR A 377 -56.86 42.72 -16.38
C THR A 377 -55.59 43.47 -15.99
N ALA A 378 -54.58 42.74 -15.56
CA ALA A 378 -53.32 43.33 -15.10
C ALA A 378 -52.14 42.80 -15.90
N ALA A 379 -51.12 43.66 -16.06
CA ALA A 379 -49.79 43.25 -16.45
C ALA A 379 -48.90 43.34 -15.22
N CYS A 380 -48.49 42.17 -14.69
CA CYS A 380 -47.82 42.09 -13.41
C CYS A 380 -46.34 41.78 -13.59
N GLU A 381 -45.47 42.66 -13.07
CA GLU A 381 -44.03 42.48 -13.14
C GLU A 381 -43.54 41.61 -11.98
N PRO A 382 -42.41 40.93 -12.13
CA PRO A 382 -41.89 40.13 -11.03
C PRO A 382 -41.37 40.99 -9.90
N PRO A 383 -41.40 40.49 -8.66
CA PRO A 383 -40.70 41.15 -7.56
C PRO A 383 -39.20 41.09 -7.71
N LYS A 384 -38.52 42.08 -7.12
CA LYS A 384 -37.06 42.14 -7.11
C LYS A 384 -36.44 41.54 -5.86
N ASP A 385 -37.13 41.60 -4.73
CA ASP A 385 -36.63 41.07 -3.46
C ASP A 385 -36.77 39.55 -3.42
N HIS A 386 -35.62 38.86 -3.33
CA HIS A 386 -35.61 37.41 -3.51
C HIS A 386 -36.32 36.68 -2.38
N ILE A 387 -36.16 37.16 -1.14
CA ILE A 387 -36.61 36.42 0.03
C ILE A 387 -37.32 37.36 0.99
N VAL A 388 -38.39 36.87 1.62
CA VAL A 388 -39.23 37.70 2.49
C VAL A 388 -39.57 36.93 3.75
N PRO A 389 -39.81 37.65 4.85
CA PRO A 389 -40.11 36.99 6.13
C PRO A 389 -41.58 36.59 6.31
N TYR A 390 -42.35 36.50 5.23
CA TYR A 390 -43.77 36.18 5.35
C TYR A 390 -44.22 35.32 4.19
N GLY A 391 -45.24 34.50 4.44
CA GLY A 391 -45.78 33.64 3.42
C GLY A 391 -46.64 34.35 2.39
N ALA A 392 -46.87 33.65 1.29
CA ALA A 392 -47.62 34.19 0.17
C ALA A 392 -49.07 34.47 0.54
N SER A 393 -49.54 35.68 0.21
CA SER A 393 -50.92 36.08 0.38
C SER A 393 -51.81 35.66 -0.79
N HIS A 394 -51.22 35.12 -1.84
CA HIS A 394 -51.94 34.64 -3.02
C HIS A 394 -52.07 33.12 -3.00
N ASN A 395 -52.88 32.61 -3.94
CA ASN A 395 -53.13 31.18 -4.05
C ASN A 395 -52.12 30.45 -4.93
N ASN A 396 -51.05 31.13 -5.35
CA ASN A 396 -50.01 30.55 -6.19
C ASN A 396 -50.55 30.00 -7.53
N GLN A 397 -51.64 30.56 -8.05
CA GLN A 397 -52.02 30.24 -9.43
C GLN A 397 -51.23 31.12 -10.38
N VAL A 398 -50.40 30.49 -11.21
CA VAL A 398 -49.41 31.21 -12.02
C VAL A 398 -49.72 31.22 -13.50
N PHE A 399 -50.63 30.38 -13.99
CA PHE A 399 -50.91 30.35 -15.42
C PHE A 399 -51.53 31.67 -15.89
N PRO A 400 -50.99 32.29 -16.93
CA PRO A 400 -51.52 33.58 -17.38
C PRO A 400 -52.84 33.41 -18.11
N ASP A 401 -53.64 34.47 -18.08
CA ASP A 401 -54.88 34.48 -18.83
C ASP A 401 -54.60 34.43 -20.33
N MET A 402 -55.55 33.85 -21.07
CA MET A 402 -55.46 33.77 -22.53
C MET A 402 -55.41 35.13 -23.20
N SER A 403 -55.88 36.18 -22.54
CA SER A 403 -55.72 37.54 -23.03
C SER A 403 -54.33 38.11 -22.74
N GLY A 404 -53.51 37.44 -21.94
CA GLY A 404 -52.20 37.93 -21.63
C GLY A 404 -51.25 37.85 -22.81
N THR A 405 -50.10 38.50 -22.66
CA THR A 405 -49.16 38.65 -23.76
C THR A 405 -48.57 37.32 -24.21
N ALA A 406 -48.14 36.49 -23.26
CA ALA A 406 -47.60 35.18 -23.62
C ALA A 406 -48.63 34.34 -24.36
N MET A 407 -49.86 34.29 -23.84
CA MET A 407 -50.91 33.53 -24.50
C MET A 407 -51.40 34.21 -25.77
N THR A 408 -51.30 35.54 -25.87
CA THR A 408 -51.59 36.20 -27.14
C THR A 408 -50.60 35.80 -28.23
N TRP A 409 -49.30 35.73 -27.90
CA TRP A 409 -48.31 35.18 -28.82
C TRP A 409 -48.56 33.72 -29.16
N VAL A 410 -48.87 32.90 -28.15
CA VAL A 410 -49.20 31.50 -28.41
C VAL A 410 -50.40 31.38 -29.34
N GLN A 411 -51.45 32.16 -29.10
CA GLN A 411 -52.63 32.16 -29.96
C GLN A 411 -52.32 32.63 -31.38
N ARG A 412 -51.47 33.64 -31.54
CA ARG A 412 -51.07 34.09 -32.87
C ARG A 412 -50.28 33.02 -33.62
N LEU A 413 -49.31 32.40 -32.95
CA LEU A 413 -48.52 31.35 -33.59
C LEU A 413 -49.38 30.13 -33.94
N ALA A 414 -50.21 29.69 -32.99
CA ALA A 414 -51.07 28.54 -33.20
C ALA A 414 -52.08 28.78 -34.31
N SER A 415 -52.75 29.93 -34.32
CA SER A 415 -53.70 30.20 -35.39
C SER A 415 -53.01 30.46 -36.73
N GLY A 416 -51.78 30.95 -36.73
CA GLY A 416 -51.03 31.06 -37.98
C GLY A 416 -50.68 29.71 -38.59
N LEU A 417 -50.11 28.82 -37.79
CA LEU A 417 -49.76 27.49 -38.27
C LEU A 417 -51.01 26.66 -38.59
N GLY A 418 -52.01 26.68 -37.72
CA GLY A 418 -53.22 25.93 -38.01
C GLY A 418 -53.98 26.46 -39.21
N GLY A 419 -54.03 27.78 -39.39
CA GLY A 419 -54.63 28.34 -40.59
C GLY A 419 -53.92 27.93 -41.85
N LEU A 420 -52.58 27.92 -41.83
CA LEU A 420 -51.84 27.42 -42.98
C LEU A 420 -52.09 25.93 -43.22
N ALA A 421 -52.16 25.13 -42.15
CA ALA A 421 -52.47 23.71 -42.29
C ALA A 421 -53.85 23.47 -42.86
N LEU A 422 -54.84 24.28 -42.44
CA LEU A 422 -56.19 24.17 -43.02
C LEU A 422 -56.26 24.66 -44.45
N ILE A 423 -55.42 25.62 -44.83
CA ILE A 423 -55.29 25.97 -46.24
C ILE A 423 -54.75 24.78 -47.04
N ALA A 424 -53.67 24.16 -46.54
CA ALA A 424 -53.12 22.98 -47.20
C ALA A 424 -54.11 21.83 -47.29
N VAL A 425 -54.90 21.62 -46.23
CA VAL A 425 -55.98 20.64 -46.26
C VAL A 425 -57.01 20.96 -47.33
N VAL A 426 -57.50 22.20 -47.37
CA VAL A 426 -58.51 22.57 -48.36
C VAL A 426 -57.99 22.40 -49.78
N VAL A 427 -56.75 22.81 -50.01
CA VAL A 427 -56.11 22.61 -51.32
C VAL A 427 -56.03 21.12 -51.66
N LEU A 428 -55.52 20.30 -50.74
CA LEU A 428 -55.41 18.86 -51.01
C LEU A 428 -56.76 18.20 -51.26
N VAL A 429 -57.80 18.62 -50.54
CA VAL A 429 -59.15 18.08 -50.77
C VAL A 429 -59.70 18.50 -52.13
N LEU A 430 -59.51 19.76 -52.52
CA LEU A 430 -60.00 20.20 -53.82
C LEU A 430 -59.22 19.56 -54.98
N VAL A 431 -57.91 19.42 -54.83
CA VAL A 431 -57.09 18.68 -55.80
C VAL A 431 -57.54 17.22 -55.90
N THR A 432 -57.71 16.53 -54.77
CA THR A 432 -58.14 15.13 -54.84
C THR A 432 -59.55 14.97 -55.39
N CYS A 433 -60.43 15.95 -55.19
CA CYS A 433 -61.73 15.91 -55.86
C CYS A 433 -61.58 16.08 -57.38
N ILE A 434 -60.89 17.13 -57.82
CA ILE A 434 -60.77 17.37 -59.25
C ILE A 434 -60.06 16.22 -59.95
N THR A 435 -58.97 15.72 -59.35
CA THR A 435 -58.27 14.56 -59.89
C THR A 435 -58.98 13.24 -59.59
N MET A 436 -60.12 13.26 -58.91
CA MET A 436 -61.01 12.11 -58.95
C MET A 436 -62.00 12.18 -60.10
N ARG A 437 -62.49 13.39 -60.40
CA ARG A 437 -63.39 13.54 -61.54
C ARG A 437 -62.67 13.29 -62.86
N ARG A 438 -61.40 13.69 -62.96
CA ARG A 438 -60.58 13.31 -64.10
C ARG A 438 -60.38 11.80 -64.16
N SER B 1 -36.51 20.62 61.07
CA SER B 1 -35.32 21.35 61.49
C SER B 1 -34.06 20.52 61.26
N VAL B 2 -32.95 21.21 60.95
CA VAL B 2 -31.76 20.54 60.46
C VAL B 2 -31.24 19.52 61.49
N THR B 3 -31.38 19.83 62.78
CA THR B 3 -30.92 18.92 63.81
C THR B 3 -31.73 17.63 63.86
N GLU B 4 -33.05 17.71 63.74
CA GLU B 4 -33.86 16.50 63.69
C GLU B 4 -33.81 15.81 62.33
N HIS B 5 -33.37 16.50 61.29
CA HIS B 5 -33.04 15.83 60.02
C HIS B 5 -31.75 15.03 60.14
N PHE B 6 -30.73 15.57 60.80
CA PHE B 6 -29.46 14.88 60.93
C PHE B 6 -29.48 13.74 61.94
N ASN B 7 -30.27 13.84 63.01
CA ASN B 7 -30.15 12.89 64.11
C ASN B 7 -30.50 11.45 63.72
N VAL B 8 -31.06 11.23 62.53
CA VAL B 8 -31.18 9.88 61.99
C VAL B 8 -29.83 9.20 61.82
N TYR B 9 -28.76 9.98 61.64
CA TYR B 9 -27.40 9.45 61.61
C TYR B 9 -26.84 9.08 62.97
N LYS B 10 -27.48 9.49 64.07
CA LYS B 10 -26.97 9.19 65.40
C LYS B 10 -26.92 7.68 65.68
N ALA B 11 -27.75 6.90 65.01
CA ALA B 11 -27.71 5.44 65.08
C ALA B 11 -26.60 4.82 64.24
N THR B 12 -25.68 5.60 63.66
CA THR B 12 -24.84 5.12 62.58
C THR B 12 -23.38 5.46 62.83
N ARG B 13 -22.50 4.77 62.10
CA ARG B 13 -21.05 4.93 62.09
C ARG B 13 -20.56 5.24 60.67
N PRO B 14 -19.49 6.04 60.55
CA PRO B 14 -18.65 5.95 59.35
C PRO B 14 -18.04 4.57 59.18
N TYR B 15 -17.33 4.33 58.08
CA TYR B 15 -16.61 3.07 57.93
C TYR B 15 -15.43 3.24 56.99
N LEU B 16 -14.42 2.41 57.20
CA LEU B 16 -13.42 2.14 56.17
C LEU B 16 -14.00 1.20 55.12
N ALA B 17 -13.59 1.42 53.87
CA ALA B 17 -13.92 0.50 52.79
C ALA B 17 -12.74 0.43 51.83
N TYR B 18 -12.64 -0.70 51.13
CA TYR B 18 -11.62 -0.84 50.11
C TYR B 18 -11.77 0.21 49.02
N CYS B 19 -10.64 0.65 48.49
CA CYS B 19 -10.55 1.85 47.68
C CYS B 19 -9.39 1.72 46.71
N ALA B 20 -9.69 1.72 45.41
CA ALA B 20 -8.71 1.28 44.42
C ALA B 20 -7.63 2.31 44.16
N ASP B 21 -7.82 3.57 44.56
CA ASP B 21 -6.85 4.62 44.26
C ASP B 21 -7.06 5.72 45.28
N CYS B 22 -6.07 5.94 46.15
CA CYS B 22 -6.12 7.01 47.15
C CYS B 22 -5.77 8.39 46.60
N GLY B 23 -5.73 8.55 45.29
CA GLY B 23 -5.26 9.79 44.67
C GLY B 23 -3.83 9.68 44.20
N ASP B 24 -2.98 9.03 45.00
CA ASP B 24 -1.81 8.34 44.49
C ASP B 24 -2.19 6.93 44.07
N GLY B 25 -1.54 6.43 43.03
CA GLY B 25 -2.11 5.41 42.16
C GLY B 25 -2.29 4.02 42.71
N TYR B 26 -2.43 3.86 44.03
CA TYR B 26 -2.44 2.54 44.64
C TYR B 26 -3.62 2.42 45.61
N PHE B 27 -3.94 1.17 45.94
CA PHE B 27 -5.16 0.88 46.69
C PHE B 27 -5.11 1.44 48.10
N CYS B 28 -6.30 1.62 48.68
CA CYS B 28 -6.44 2.38 49.91
C CYS B 28 -7.57 1.77 50.73
N TYR B 29 -7.51 1.97 52.05
CA TYR B 29 -8.68 1.80 52.93
C TYR B 29 -9.11 3.15 53.52
N SER B 30 -9.60 4.04 52.67
CA SER B 30 -9.81 5.39 53.15
C SER B 30 -11.12 5.53 53.91
N PRO B 31 -11.21 6.53 54.78
CA PRO B 31 -12.51 6.95 55.33
C PRO B 31 -13.40 7.66 54.32
N VAL B 32 -13.00 7.73 53.05
CA VAL B 32 -13.86 8.34 52.03
C VAL B 32 -13.89 7.55 50.74
N ALA B 33 -14.20 6.26 50.83
CA ALA B 33 -14.50 5.49 49.64
C ALA B 33 -15.75 6.05 48.98
N ILE B 34 -15.67 6.34 47.68
CA ILE B 34 -16.81 6.87 46.94
C ILE B 34 -17.68 5.69 46.52
N GLU B 35 -18.90 5.61 47.07
CA GLU B 35 -19.77 4.47 46.89
C GLU B 35 -20.61 4.56 45.62
N LYS B 36 -21.21 5.72 45.34
CA LYS B 36 -21.85 5.98 44.06
C LYS B 36 -21.87 7.48 43.81
N ILE B 37 -21.68 7.86 42.56
CA ILE B 37 -21.95 9.22 42.08
C ILE B 37 -23.28 9.21 41.35
N ARG B 38 -24.24 10.00 41.84
CA ARG B 38 -25.57 10.10 41.26
C ARG B 38 -25.68 11.38 40.45
N ASP B 39 -26.18 11.27 39.23
CA ASP B 39 -26.12 12.35 38.25
C ASP B 39 -27.45 12.52 37.53
N GLU B 40 -28.55 12.46 38.29
CA GLU B 40 -29.88 12.58 37.71
C GLU B 40 -30.27 14.03 37.44
N ALA B 41 -29.55 14.99 38.02
CA ALA B 41 -29.84 16.40 37.78
C ALA B 41 -29.44 16.79 36.36
N SER B 42 -30.34 17.50 35.68
CA SER B 42 -30.10 17.94 34.31
C SER B 42 -29.12 19.11 34.21
N ASP B 43 -28.99 19.91 35.27
CA ASP B 43 -28.02 20.98 35.26
C ASP B 43 -26.59 20.50 35.48
N GLY B 44 -26.39 19.20 35.69
CA GLY B 44 -25.08 18.64 35.88
C GLY B 44 -24.56 18.61 37.31
N MET B 45 -25.37 18.98 38.29
CA MET B 45 -24.96 18.78 39.68
C MET B 45 -24.82 17.29 39.98
N LEU B 46 -23.79 16.95 40.75
CA LEU B 46 -23.51 15.58 41.17
C LEU B 46 -23.89 15.39 42.63
N LYS B 47 -24.50 14.26 42.94
CA LYS B 47 -24.66 13.79 44.31
C LYS B 47 -23.71 12.62 44.56
N ILE B 48 -22.71 12.84 45.41
CA ILE B 48 -21.63 11.88 45.64
C ILE B 48 -21.80 11.29 47.03
N GLN B 49 -21.67 9.97 47.14
CA GLN B 49 -21.76 9.28 48.42
C GLN B 49 -20.38 8.77 48.83
N VAL B 50 -19.96 9.14 50.04
CA VAL B 50 -18.66 8.78 50.57
C VAL B 50 -18.87 8.12 51.94
N SER B 51 -17.91 7.29 52.34
CA SER B 51 -18.04 6.56 53.60
C SER B 51 -17.77 7.41 54.83
N ALA B 52 -17.21 8.61 54.68
CA ALA B 52 -17.22 9.56 55.79
C ALA B 52 -18.62 10.15 55.98
N GLN B 53 -18.87 10.66 57.18
CA GLN B 53 -20.11 11.37 57.46
C GLN B 53 -19.78 12.83 57.76
N ILE B 54 -20.38 13.73 57.00
CA ILE B 54 -20.08 15.15 57.06
C ILE B 54 -21.15 15.87 57.87
N GLY B 55 -20.72 16.76 58.76
CA GLY B 55 -21.67 17.50 59.57
C GLY B 55 -22.01 16.93 60.92
N LEU B 56 -21.21 15.99 61.44
CA LEU B 56 -21.60 15.24 62.63
C LEU B 56 -20.43 15.13 63.58
N ASP B 57 -20.71 15.26 64.87
CA ASP B 57 -19.73 14.95 65.91
C ASP B 57 -19.54 13.44 66.03
N LYS B 58 -18.45 13.06 66.72
CA LYS B 58 -18.33 11.70 67.24
C LYS B 58 -19.58 11.27 68.00
N ALA B 59 -20.18 12.18 68.76
CA ALA B 59 -21.41 11.93 69.48
C ALA B 59 -22.61 11.79 68.55
N GLY B 60 -22.48 12.14 67.28
CA GLY B 60 -23.60 12.08 66.36
C GLY B 60 -24.49 13.29 66.35
N THR B 61 -24.16 14.31 67.14
CA THR B 61 -24.85 15.59 67.05
C THR B 61 -24.45 16.30 65.75
N HIS B 62 -25.41 17.01 65.16
CA HIS B 62 -25.11 17.82 63.99
C HIS B 62 -24.17 18.96 64.37
N ALA B 63 -23.13 19.16 63.55
CA ALA B 63 -22.24 20.31 63.66
C ALA B 63 -21.69 20.64 62.29
N HIS B 64 -22.02 21.85 61.79
CA HIS B 64 -21.65 22.23 60.44
C HIS B 64 -20.16 22.09 60.16
N THR B 65 -19.32 22.32 61.19
CA THR B 65 -17.88 22.40 61.00
C THR B 65 -17.17 21.06 61.03
N LYS B 66 -17.85 19.95 61.34
CA LYS B 66 -17.18 18.68 61.56
C LYS B 66 -17.44 17.69 60.44
N ILE B 67 -16.39 16.95 60.08
CA ILE B 67 -16.51 15.68 59.39
C ILE B 67 -16.11 14.60 60.38
N ARG B 68 -16.90 13.53 60.47
CA ARG B 68 -16.51 12.37 61.25
C ARG B 68 -16.24 11.15 60.38
N TYR B 69 -15.19 10.43 60.73
CA TYR B 69 -14.66 9.35 59.92
C TYR B 69 -14.06 8.32 60.87
N MET B 70 -13.76 7.15 60.34
CA MET B 70 -13.15 6.11 61.16
C MET B 70 -11.64 6.14 61.00
N ALA B 71 -10.92 6.13 62.12
CA ALA B 71 -9.47 6.00 62.10
C ALA B 71 -9.02 4.55 62.14
N GLY B 72 -9.86 3.66 62.64
CA GLY B 72 -9.58 2.24 62.73
C GLY B 72 -10.79 1.56 63.34
N HIS B 73 -10.75 1.30 64.65
CA HIS B 73 -11.95 0.92 65.37
C HIS B 73 -12.75 2.12 65.87
N ASP B 74 -12.11 3.28 66.01
CA ASP B 74 -12.71 4.45 66.65
C ASP B 74 -13.04 5.53 65.63
N VAL B 75 -14.22 6.13 65.81
CA VAL B 75 -14.62 7.30 65.04
C VAL B 75 -13.85 8.53 65.52
N GLN B 76 -13.41 9.36 64.57
CA GLN B 76 -12.68 10.58 64.87
C GLN B 76 -13.23 11.73 64.04
N GLU B 77 -12.95 12.95 64.48
CA GLU B 77 -13.45 14.17 63.87
C GLU B 77 -12.38 14.91 63.08
N SER B 78 -12.84 15.72 62.12
CA SER B 78 -11.96 16.53 61.30
C SER B 78 -12.75 17.74 60.79
N LYS B 79 -12.02 18.73 60.28
CA LYS B 79 -12.64 19.96 59.80
C LYS B 79 -13.32 19.77 58.45
N ARG B 80 -14.55 20.27 58.34
CA ARG B 80 -15.24 20.33 57.05
C ARG B 80 -14.52 21.24 56.05
N ASP B 81 -13.86 22.28 56.55
CA ASP B 81 -13.08 23.16 55.69
C ASP B 81 -12.08 22.42 54.81
N SER B 82 -11.63 21.25 55.24
CA SER B 82 -10.67 20.48 54.47
C SER B 82 -11.28 19.71 53.31
N LEU B 83 -12.62 19.64 53.22
CA LEU B 83 -13.26 18.83 52.19
C LEU B 83 -13.11 19.51 50.82
N ARG B 84 -12.54 18.78 49.87
CA ARG B 84 -12.49 19.21 48.48
C ARG B 84 -12.87 18.05 47.55
N VAL B 85 -13.70 18.36 46.56
CA VAL B 85 -14.00 17.47 45.44
C VAL B 85 -13.29 18.03 44.21
N TYR B 86 -12.59 17.16 43.47
CA TYR B 86 -11.95 17.55 42.23
C TYR B 86 -12.41 16.64 41.10
N THR B 87 -12.63 17.23 39.93
CA THR B 87 -12.97 16.48 38.72
C THR B 87 -12.02 16.78 37.58
N SER B 88 -11.62 18.05 37.42
CA SER B 88 -10.46 18.43 36.63
C SER B 88 -9.81 19.63 37.29
N ALA B 89 -10.52 20.76 37.31
CA ALA B 89 -10.36 21.77 38.34
C ALA B 89 -11.14 21.36 39.59
N ALA B 90 -11.03 22.19 40.64
CA ALA B 90 -11.78 21.93 41.85
C ALA B 90 -13.27 22.21 41.65
N CYS B 91 -14.11 21.31 42.13
CA CYS B 91 -15.55 21.53 42.13
C CYS B 91 -15.94 22.50 43.24
N SER B 92 -17.10 23.12 43.09
CA SER B 92 -17.78 23.75 44.21
C SER B 92 -18.67 22.73 44.92
N ILE B 93 -18.83 22.90 46.22
CA ILE B 93 -19.70 22.04 47.03
C ILE B 93 -20.86 22.88 47.54
N HIS B 94 -22.08 22.48 47.20
CA HIS B 94 -23.27 23.26 47.52
C HIS B 94 -23.97 22.78 48.80
N GLY B 95 -23.83 21.51 49.14
CA GLY B 95 -24.48 20.96 50.32
C GLY B 95 -23.81 19.68 50.72
N THR B 96 -23.82 19.41 52.04
CA THR B 96 -23.30 18.16 52.56
C THR B 96 -24.16 17.68 53.72
N MET B 97 -24.42 16.37 53.73
CA MET B 97 -25.15 15.74 54.82
C MET B 97 -24.73 14.28 54.87
N GLY B 98 -24.17 13.86 55.99
CA GLY B 98 -23.83 12.46 56.19
C GLY B 98 -22.89 11.95 55.12
N HIS B 99 -23.25 10.81 54.53
CA HIS B 99 -22.47 10.23 53.44
C HIS B 99 -22.52 11.01 52.14
N PHE B 100 -23.36 12.04 52.03
CA PHE B 100 -23.70 12.62 50.74
C PHE B 100 -23.16 14.03 50.56
N ILE B 101 -22.67 14.29 49.35
CA ILE B 101 -22.20 15.59 48.89
C ILE B 101 -22.96 15.93 47.62
N VAL B 102 -23.39 17.17 47.47
CA VAL B 102 -23.79 17.70 46.17
C VAL B 102 -22.79 18.76 45.74
N ALA B 103 -22.27 18.59 44.51
CA ALA B 103 -21.19 19.39 43.98
C ALA B 103 -21.51 19.78 42.54
N HIS B 104 -21.07 20.96 42.14
CA HIS B 104 -21.05 21.34 40.73
C HIS B 104 -19.63 21.22 40.20
N CYS B 105 -19.43 20.38 39.20
CA CYS B 105 -18.07 20.04 38.77
C CYS B 105 -17.83 20.41 37.32
N PRO B 106 -16.59 20.76 36.97
CA PRO B 106 -16.20 20.86 35.57
C PRO B 106 -16.12 19.50 34.92
N PRO B 107 -16.28 19.42 33.60
CA PRO B 107 -16.03 18.16 32.89
C PRO B 107 -14.68 17.55 33.22
N GLY B 108 -14.62 16.23 33.18
CA GLY B 108 -13.37 15.52 33.40
C GLY B 108 -13.59 14.03 33.40
N ASP B 109 -12.47 13.30 33.40
CA ASP B 109 -12.50 11.86 33.25
C ASP B 109 -12.60 11.10 34.56
N TYR B 110 -12.33 11.77 35.69
CA TYR B 110 -12.32 11.13 37.00
C TYR B 110 -12.95 12.07 38.02
N LEU B 111 -13.23 11.53 39.19
CA LEU B 111 -13.62 12.33 40.34
C LEU B 111 -12.83 11.91 41.57
N LYS B 112 -12.32 12.90 42.31
CA LYS B 112 -11.63 12.68 43.57
C LYS B 112 -12.30 13.47 44.68
N VAL B 113 -12.59 12.81 45.79
CA VAL B 113 -13.03 13.46 47.02
C VAL B 113 -11.90 13.36 48.04
N SER B 114 -11.67 14.44 48.79
CA SER B 114 -10.60 14.44 49.77
C SER B 114 -10.97 15.31 50.96
N PHE B 115 -10.34 15.00 52.09
CA PHE B 115 -10.43 15.80 53.30
C PHE B 115 -9.16 15.54 54.10
N GLU B 116 -8.94 16.34 55.15
CA GLU B 116 -7.77 16.20 55.99
C GLU B 116 -8.08 15.46 57.27
N ASP B 117 -7.26 14.44 57.56
CA ASP B 117 -7.27 13.68 58.81
C ASP B 117 -7.17 14.58 60.04
N ALA B 118 -7.48 14.03 61.21
CA ALA B 118 -7.26 14.78 62.45
C ALA B 118 -5.79 15.12 62.62
N ASP B 119 -4.90 14.33 62.01
CA ASP B 119 -3.48 14.61 61.94
C ASP B 119 -3.13 15.55 60.79
N SER B 120 -4.13 16.13 60.13
CA SER B 120 -4.02 17.01 58.97
C SER B 120 -3.42 16.34 57.74
N HIS B 121 -3.28 15.02 57.74
CA HIS B 121 -2.95 14.32 56.51
C HIS B 121 -4.15 14.33 55.56
N VAL B 122 -3.89 14.60 54.28
CA VAL B 122 -4.94 14.52 53.29
C VAL B 122 -5.25 13.05 53.02
N LYS B 123 -6.50 12.65 53.24
CA LYS B 123 -6.98 11.32 52.89
C LYS B 123 -8.05 11.41 51.81
N ALA B 124 -7.92 10.58 50.78
CA ALA B 124 -8.71 10.73 49.56
C ALA B 124 -8.87 9.37 48.91
N CYS B 125 -9.91 9.25 48.07
CA CYS B 125 -10.00 8.15 47.11
C CYS B 125 -10.49 8.72 45.79
N LYS B 126 -10.00 8.15 44.69
CA LYS B 126 -10.30 8.62 43.34
C LYS B 126 -10.94 7.51 42.53
N VAL B 127 -11.93 7.89 41.71
CA VAL B 127 -12.66 6.95 40.87
C VAL B 127 -12.77 7.53 39.46
N GLN B 128 -12.74 6.63 38.47
CA GLN B 128 -13.02 7.00 37.09
C GLN B 128 -14.50 7.30 36.91
N TYR B 129 -14.81 8.43 36.27
CA TYR B 129 -16.19 8.84 36.07
C TYR B 129 -16.23 9.91 34.99
N LYS B 130 -16.71 9.54 33.80
CA LYS B 130 -16.87 10.48 32.69
C LYS B 130 -17.95 11.48 33.03
N HIS B 131 -17.53 12.64 33.55
CA HIS B 131 -18.43 13.77 33.74
C HIS B 131 -18.49 14.60 32.46
N ASP B 132 -19.60 14.49 31.74
CA ASP B 132 -19.79 15.23 30.49
C ASP B 132 -21.28 15.51 30.31
N PRO B 133 -21.84 16.40 31.14
CA PRO B 133 -23.29 16.59 31.14
C PRO B 133 -23.76 17.25 29.86
N LEU B 134 -24.87 16.73 29.32
CA LEU B 134 -25.48 17.35 28.16
C LEU B 134 -25.88 18.78 28.48
N PRO B 135 -25.85 19.68 27.49
CA PRO B 135 -26.29 21.05 27.72
C PRO B 135 -27.78 21.10 28.01
N VAL B 136 -28.17 22.12 28.77
CA VAL B 136 -29.56 22.56 28.79
C VAL B 136 -29.81 23.39 27.55
N GLY B 137 -30.68 22.89 26.66
CA GLY B 137 -30.95 23.56 25.41
C GLY B 137 -29.87 23.36 24.36
N ARG B 138 -29.71 24.38 23.53
CA ARG B 138 -29.04 24.25 22.24
C ARG B 138 -27.63 24.84 22.20
N GLU B 139 -27.06 25.16 23.36
CA GLU B 139 -25.71 25.74 23.42
C GLU B 139 -24.93 25.08 24.54
N LYS B 140 -23.70 24.67 24.24
CA LYS B 140 -22.83 24.02 25.23
C LYS B 140 -21.98 25.02 26.01
N PHE B 141 -22.61 26.06 26.54
CA PHE B 141 -21.94 26.95 27.49
C PHE B 141 -21.58 26.17 28.75
N VAL B 142 -20.53 26.62 29.44
CA VAL B 142 -20.26 26.11 30.78
C VAL B 142 -19.92 27.24 31.76
N VAL B 143 -20.23 28.49 31.41
CA VAL B 143 -20.37 29.53 32.42
C VAL B 143 -21.67 30.30 32.22
N ARG B 144 -22.41 30.46 33.30
CA ARG B 144 -23.70 31.14 33.34
C ARG B 144 -23.60 32.61 32.92
N PRO B 145 -24.38 33.08 31.91
CA PRO B 145 -24.27 34.46 31.44
C PRO B 145 -25.09 35.45 32.28
N HIS B 146 -24.80 36.75 32.15
CA HIS B 146 -25.56 37.79 32.89
C HIS B 146 -26.97 37.91 32.28
N PHE B 147 -27.06 37.81 30.95
CA PHE B 147 -28.37 37.87 30.27
C PHE B 147 -28.54 36.64 29.36
N GLY B 148 -29.79 36.30 29.04
CA GLY B 148 -30.05 35.13 28.18
C GLY B 148 -31.48 34.64 28.34
N VAL B 149 -31.68 33.32 28.35
CA VAL B 149 -33.01 32.75 28.51
C VAL B 149 -33.00 31.79 29.68
N GLU B 150 -34.11 31.77 30.42
CA GLU B 150 -34.35 30.76 31.46
C GLU B 150 -34.98 29.51 30.85
N LEU B 151 -34.24 28.41 30.85
CA LEU B 151 -34.76 27.13 30.41
C LEU B 151 -35.02 26.22 31.59
N PRO B 152 -36.11 25.45 31.58
CA PRO B 152 -36.40 24.54 32.71
C PRO B 152 -35.40 23.39 32.76
N CYS B 153 -35.03 23.00 33.98
CA CYS B 153 -34.20 21.82 34.21
C CYS B 153 -34.39 21.36 35.64
N THR B 154 -33.92 20.14 35.92
CA THR B 154 -34.00 19.54 37.24
C THR B 154 -32.64 19.66 37.95
N SER B 155 -32.68 19.90 39.26
CA SER B 155 -31.48 19.93 40.07
C SER B 155 -31.82 19.49 41.49
N TYR B 156 -30.79 19.03 42.21
CA TYR B 156 -30.97 18.60 43.59
C TYR B 156 -31.22 19.78 44.51
N GLN B 157 -32.35 19.75 45.22
CA GLN B 157 -32.69 20.79 46.16
C GLN B 157 -31.77 20.74 47.37
N LEU B 158 -31.42 21.90 47.91
CA LEU B 158 -30.50 21.98 49.05
C LEU B 158 -31.22 21.81 50.38
N THR B 159 -32.20 20.91 50.47
CA THR B 159 -32.89 20.61 51.70
C THR B 159 -32.49 19.24 52.23
N THR B 160 -32.29 19.16 53.54
CA THR B 160 -31.91 17.95 54.25
C THR B 160 -33.11 17.12 54.72
N ALA B 161 -34.33 17.57 54.47
CA ALA B 161 -35.51 16.87 54.95
C ALA B 161 -35.58 15.43 54.41
N PRO B 162 -36.25 14.53 55.16
CA PRO B 162 -36.43 13.15 54.69
C PRO B 162 -37.07 13.07 53.31
N THR B 163 -36.73 12.00 52.59
CA THR B 163 -37.04 11.83 51.18
C THR B 163 -37.51 10.39 50.95
N ASP B 164 -38.07 10.14 49.76
CA ASP B 164 -38.44 8.79 49.36
C ASP B 164 -37.22 7.91 49.05
N GLU B 165 -36.05 8.50 48.87
CA GLU B 165 -34.83 7.75 48.62
C GLU B 165 -34.22 7.32 49.94
N GLU B 166 -33.68 6.10 49.98
CA GLU B 166 -33.13 5.57 51.23
C GLU B 166 -32.02 4.58 50.94
N ILE B 167 -31.14 4.41 51.93
CA ILE B 167 -30.02 3.48 51.87
C ILE B 167 -30.07 2.53 53.06
N ASP B 168 -29.73 1.26 52.81
CA ASP B 168 -29.84 0.18 53.79
C ASP B 168 -28.71 0.25 54.82
N MET B 169 -29.08 0.40 56.09
CA MET B 169 -28.13 0.35 57.20
C MET B 169 -28.25 -0.99 57.92
N HIS B 170 -27.11 -1.61 58.24
CA HIS B 170 -27.08 -2.89 58.91
C HIS B 170 -25.97 -2.89 59.95
N THR B 171 -25.98 -3.89 60.82
CA THR B 171 -24.88 -4.09 61.75
C THR B 171 -23.57 -4.34 60.99
N PRO B 172 -22.47 -3.75 61.45
CA PRO B 172 -21.14 -4.07 60.89
C PRO B 172 -20.83 -5.56 61.00
N PRO B 173 -19.92 -6.06 60.17
CA PRO B 173 -19.34 -7.39 60.41
C PRO B 173 -18.39 -7.34 61.60
N ASP B 174 -17.95 -8.53 62.02
CA ASP B 174 -16.88 -8.62 63.01
C ASP B 174 -15.57 -8.12 62.41
N ILE B 175 -15.08 -6.98 62.94
CA ILE B 175 -13.91 -6.32 62.37
C ILE B 175 -12.63 -6.98 62.86
N PRO B 176 -11.88 -7.68 62.01
CA PRO B 176 -10.66 -8.34 62.49
C PRO B 176 -9.56 -7.33 62.78
N ASP B 177 -8.77 -7.62 63.81
CA ASP B 177 -7.58 -6.80 64.07
C ASP B 177 -6.54 -7.68 64.76
N ARG B 178 -5.50 -8.05 64.02
CA ARG B 178 -4.44 -8.92 64.50
C ARG B 178 -3.55 -8.28 65.56
N THR B 179 -3.72 -6.99 65.85
CA THR B 179 -3.05 -6.35 66.97
C THR B 179 -3.83 -6.47 68.28
N LEU B 180 -5.04 -7.03 68.24
CA LEU B 180 -5.72 -7.38 69.48
C LEU B 180 -4.96 -8.46 70.25
N LEU B 181 -4.35 -9.40 69.53
CA LEU B 181 -3.51 -10.41 70.16
C LEU B 181 -2.15 -9.87 70.54
N SER B 182 -1.71 -10.22 71.75
CA SER B 182 -0.34 -10.02 72.21
C SER B 182 0.05 -11.25 72.99
N GLN B 183 1.36 -11.43 73.21
CA GLN B 183 1.79 -12.65 73.88
C GLN B 183 2.96 -12.42 74.83
N THR B 184 3.09 -13.36 75.75
CA THR B 184 4.29 -13.67 76.50
C THR B 184 4.43 -15.19 76.48
N ALA B 185 5.61 -15.70 76.79
CA ALA B 185 5.86 -17.16 76.67
C ALA B 185 4.58 -17.97 76.90
N GLY B 186 4.02 -18.59 75.85
CA GLY B 186 2.86 -19.48 76.00
C GLY B 186 1.63 -18.79 76.55
N ASN B 187 1.70 -17.48 76.76
CA ASN B 187 0.56 -16.71 77.32
C ASN B 187 0.05 -15.75 76.23
N VAL B 188 -0.97 -16.16 75.48
CA VAL B 188 -1.48 -15.34 74.39
C VAL B 188 -2.67 -14.56 74.92
N LYS B 189 -2.55 -13.23 74.92
CA LYS B 189 -3.48 -12.34 75.59
C LYS B 189 -4.38 -11.67 74.56
N ILE B 190 -5.69 -11.83 74.72
CA ILE B 190 -6.69 -11.05 73.98
C ILE B 190 -6.76 -9.68 74.64
N THR B 191 -6.10 -8.69 74.06
CA THR B 191 -5.86 -7.41 74.71
C THR B 191 -7.07 -6.49 74.58
N ALA B 192 -8.27 -7.02 74.85
CA ALA B 192 -9.53 -6.35 74.57
C ALA B 192 -9.52 -4.92 75.11
N GLY B 193 -9.66 -3.96 74.19
CA GLY B 193 -9.61 -2.54 74.50
C GLY B 193 -10.89 -1.97 75.06
N GLY B 194 -11.45 -2.63 76.07
CA GLY B 194 -12.71 -2.17 76.64
C GLY B 194 -13.92 -2.38 75.79
N ARG B 195 -13.84 -3.22 74.76
CA ARG B 195 -14.97 -3.57 73.92
C ARG B 195 -14.88 -5.03 73.55
N THR B 196 -16.03 -5.60 73.19
CA THR B 196 -16.16 -7.04 73.00
C THR B 196 -15.29 -7.54 71.86
N ILE B 197 -14.47 -8.54 72.14
CA ILE B 197 -13.73 -9.28 71.12
C ILE B 197 -14.35 -10.65 70.95
N ARG B 198 -14.51 -11.08 69.70
CA ARG B 198 -14.72 -12.47 69.37
C ARG B 198 -13.39 -13.06 68.93
N TYR B 199 -13.07 -14.25 69.44
CA TYR B 199 -11.80 -14.88 69.12
C TYR B 199 -12.00 -16.36 68.83
N ASN B 200 -11.00 -16.94 68.18
CA ASN B 200 -10.97 -18.38 67.88
C ASN B 200 -9.52 -18.80 67.78
N CYS B 201 -9.11 -19.76 68.61
CA CYS B 201 -7.75 -20.27 68.57
C CYS B 201 -7.78 -21.79 68.48
N THR B 202 -6.90 -22.34 67.65
CA THR B 202 -6.80 -23.82 67.53
C THR B 202 -6.17 -24.35 68.81
N CYS B 203 -6.10 -23.52 69.84
CA CYS B 203 -5.57 -23.94 71.16
C CYS B 203 -6.08 -22.95 72.22
N GLY B 204 -7.38 -22.99 72.57
CA GLY B 204 -7.98 -22.04 73.53
C GLY B 204 -9.44 -22.33 73.83
N ARG B 205 -10.30 -21.32 73.88
CA ARG B 205 -11.69 -21.48 74.28
C ARG B 205 -12.66 -21.21 73.14
N ASP B 206 -12.27 -20.39 72.16
CA ASP B 206 -13.18 -19.84 71.14
C ASP B 206 -14.33 -19.08 71.84
N ASN B 207 -15.50 -19.06 71.18
CA ASN B 207 -16.64 -18.24 71.56
C ASN B 207 -16.27 -16.76 71.60
N VAL B 208 -17.03 -15.95 72.34
CA VAL B 208 -16.83 -14.51 72.40
C VAL B 208 -16.16 -14.14 73.72
N GLY B 209 -15.10 -13.35 73.65
CA GLY B 209 -14.32 -13.04 74.83
C GLY B 209 -14.92 -12.02 75.76
N THR B 210 -16.00 -11.36 75.34
CA THR B 210 -16.58 -10.22 76.05
C THR B 210 -15.53 -9.15 76.35
N THR B 211 -15.86 -8.24 77.25
CA THR B 211 -14.88 -7.31 77.79
C THR B 211 -13.91 -8.01 78.74
N SER B 212 -12.84 -7.30 79.09
CA SER B 212 -11.69 -7.76 79.86
C SER B 212 -10.87 -8.82 79.13
N THR B 213 -9.58 -8.89 79.46
CA THR B 213 -8.60 -9.60 78.65
C THR B 213 -8.55 -11.07 79.04
N ASP B 214 -9.09 -11.94 78.21
CA ASP B 214 -8.81 -13.36 78.36
C ASP B 214 -7.34 -13.64 78.03
N LYS B 215 -6.77 -14.66 78.67
CA LYS B 215 -5.38 -15.05 78.33
C LYS B 215 -5.35 -16.52 77.95
N THR B 216 -5.59 -16.81 76.66
CA THR B 216 -5.53 -18.21 76.21
C THR B 216 -4.17 -18.74 76.68
N ILE B 217 -4.17 -19.82 77.45
CA ILE B 217 -2.88 -20.28 78.05
C ILE B 217 -2.48 -21.65 77.51
N ASN B 218 -1.39 -21.71 76.75
CA ASN B 218 -0.85 -23.01 76.24
C ASN B 218 0.37 -22.67 75.39
N THR B 219 0.35 -23.04 74.11
CA THR B 219 1.45 -22.64 73.19
C THR B 219 0.77 -21.95 72.01
N CYS B 220 -0.36 -21.28 72.26
CA CYS B 220 -1.14 -20.72 71.15
C CYS B 220 -0.25 -19.92 70.19
N LYS B 221 0.60 -19.04 70.71
CA LYS B 221 1.40 -18.14 69.83
C LYS B 221 0.43 -17.17 69.15
N ILE B 222 0.91 -16.19 68.38
CA ILE B 222 -0.07 -15.31 67.76
C ILE B 222 -0.72 -15.99 66.55
N ASP B 223 0.06 -16.78 65.81
CA ASP B 223 -0.53 -17.75 64.90
C ASP B 223 -1.38 -18.76 65.66
N GLN B 224 -2.11 -19.58 64.92
CA GLN B 224 -3.07 -20.53 65.46
C GLN B 224 -4.18 -19.86 66.25
N CYS B 225 -4.41 -18.56 66.05
CA CYS B 225 -5.56 -17.90 66.64
C CYS B 225 -6.03 -16.75 65.76
N HIS B 226 -7.29 -16.37 65.96
CA HIS B 226 -7.93 -15.27 65.25
C HIS B 226 -8.80 -14.49 66.22
N ALA B 227 -8.87 -13.17 66.02
CA ALA B 227 -9.65 -12.31 66.90
C ALA B 227 -10.24 -11.16 66.12
N ALA B 228 -11.44 -10.74 66.51
CA ALA B 228 -12.17 -9.68 65.83
C ALA B 228 -13.07 -8.94 66.82
N VAL B 229 -13.21 -7.63 66.61
CA VAL B 229 -14.15 -6.84 67.40
C VAL B 229 -15.58 -7.15 66.95
N THR B 230 -16.49 -7.25 67.91
CA THR B 230 -17.88 -7.59 67.61
C THR B 230 -18.82 -6.80 68.53
N SER B 231 -20.10 -7.15 68.45
CA SER B 231 -21.18 -6.50 69.21
C SER B 231 -21.18 -4.98 69.08
N HIS B 232 -21.08 -4.50 67.84
CA HIS B 232 -21.14 -3.07 67.58
C HIS B 232 -22.52 -2.51 67.92
N ASP B 233 -22.55 -1.32 68.53
CA ASP B 233 -23.78 -0.65 68.92
C ASP B 233 -24.36 0.24 67.84
N LYS B 234 -23.70 0.36 66.68
CA LYS B 234 -24.07 1.32 65.64
C LYS B 234 -24.09 0.62 64.29
N TRP B 235 -25.00 1.06 63.42
CA TRP B 235 -25.10 0.49 62.09
C TRP B 235 -24.10 1.12 61.13
N GLN B 236 -23.81 0.40 60.05
CA GLN B 236 -23.08 0.89 58.89
C GLN B 236 -23.95 0.80 57.65
N PHE B 237 -23.62 1.62 56.66
CA PHE B 237 -24.14 1.40 55.31
C PHE B 237 -23.68 0.04 54.79
N THR B 238 -24.59 -0.68 54.14
CA THR B 238 -24.28 -1.98 53.57
C THR B 238 -23.43 -1.83 52.31
N SER B 239 -22.18 -1.37 52.46
CA SER B 239 -21.30 -1.12 51.29
C SER B 239 -20.99 -2.42 50.58
N PRO B 240 -20.88 -2.45 49.23
CA PRO B 240 -20.50 -3.67 48.56
C PRO B 240 -19.03 -4.01 48.83
N PHE B 241 -18.32 -3.19 49.61
CA PHE B 241 -16.88 -3.40 49.89
C PHE B 241 -16.65 -3.75 51.37
N VAL B 242 -17.72 -3.99 52.13
CA VAL B 242 -17.61 -4.36 53.56
C VAL B 242 -18.44 -5.63 53.77
N PRO B 243 -17.88 -6.76 54.24
CA PRO B 243 -18.61 -8.02 54.40
C PRO B 243 -19.92 -7.84 55.13
N ARG B 244 -20.94 -8.56 54.67
CA ARG B 244 -22.24 -8.58 55.31
C ARG B 244 -22.18 -9.41 56.58
N ALA B 245 -22.67 -8.85 57.68
CA ALA B 245 -22.58 -9.54 58.97
C ALA B 245 -23.46 -10.78 59.00
N ASP B 246 -24.68 -10.68 58.47
CA ASP B 246 -25.62 -11.80 58.44
C ASP B 246 -26.61 -11.58 57.31
N GLN B 247 -27.26 -12.66 56.91
CA GLN B 247 -28.26 -12.56 55.85
C GLN B 247 -29.58 -11.91 56.30
N THR B 248 -29.71 -11.35 57.49
CA THR B 248 -30.99 -10.81 57.93
C THR B 248 -31.27 -9.47 57.25
N ALA B 249 -32.55 -9.13 57.16
CA ALA B 249 -32.97 -7.88 56.53
C ALA B 249 -32.41 -6.67 57.28
N ARG B 250 -32.27 -5.56 56.53
CA ARG B 250 -31.72 -4.30 57.02
C ARG B 250 -32.25 -3.94 58.39
N ARG B 251 -31.34 -3.57 59.30
CA ARG B 251 -31.74 -3.12 60.62
C ARG B 251 -32.25 -1.69 60.63
N GLY B 252 -31.94 -0.90 59.61
CA GLY B 252 -32.51 0.43 59.52
C GLY B 252 -32.18 1.09 58.20
N LYS B 253 -32.50 2.38 58.12
CA LYS B 253 -32.28 3.16 56.89
C LYS B 253 -31.75 4.54 57.23
N VAL B 254 -31.20 5.20 56.21
CA VAL B 254 -31.14 6.66 56.15
C VAL B 254 -31.72 7.12 54.82
N HIS B 255 -32.44 8.23 54.85
CA HIS B 255 -32.87 8.86 53.60
C HIS B 255 -31.66 9.38 52.84
N VAL B 256 -31.80 9.45 51.52
CA VAL B 256 -30.83 10.14 50.68
C VAL B 256 -31.25 11.60 50.57
N PRO B 257 -30.45 12.54 51.05
CA PRO B 257 -30.86 13.94 51.14
C PRO B 257 -30.81 14.61 49.77
N PHE B 258 -31.22 15.87 49.76
CA PHE B 258 -31.21 16.70 48.57
C PHE B 258 -32.09 16.12 47.47
N PRO B 259 -33.41 16.20 47.63
CA PRO B 259 -34.31 15.60 46.63
C PRO B 259 -34.22 16.35 45.30
N LEU B 260 -34.39 15.59 44.22
CA LEU B 260 -34.46 16.19 42.90
C LEU B 260 -35.69 17.09 42.79
N THR B 261 -35.49 18.28 42.21
CA THR B 261 -36.56 19.27 42.06
C THR B 261 -36.42 19.97 40.72
N ASN B 262 -37.47 20.71 40.35
CA ASN B 262 -37.55 21.42 39.09
C ASN B 262 -37.19 22.88 39.28
N VAL B 263 -36.28 23.37 38.44
CA VAL B 263 -35.79 24.75 38.47
C VAL B 263 -35.72 25.26 37.03
N THR B 264 -35.38 26.54 36.88
CA THR B 264 -34.96 27.09 35.60
C THR B 264 -33.48 27.40 35.57
N CYS B 265 -32.83 27.02 34.46
CA CYS B 265 -31.42 27.26 34.22
C CYS B 265 -31.25 28.37 33.20
N ARG B 266 -30.42 29.36 33.52
CA ARG B 266 -30.14 30.45 32.58
C ARG B 266 -29.15 29.99 31.52
N VAL B 267 -29.55 30.10 30.26
CA VAL B 267 -28.71 29.73 29.13
C VAL B 267 -28.48 30.97 28.25
N PRO B 268 -27.34 31.09 27.59
CA PRO B 268 -27.09 32.24 26.73
C PRO B 268 -28.00 32.25 25.51
N LEU B 269 -28.00 33.38 24.81
CA LEU B 269 -28.52 33.48 23.45
C LEU B 269 -27.37 33.79 22.51
N ALA B 270 -27.15 32.92 21.52
CA ALA B 270 -26.17 33.19 20.48
C ALA B 270 -26.49 34.49 19.74
N ARG B 271 -25.46 35.01 19.07
CA ARG B 271 -25.59 36.22 18.27
C ARG B 271 -26.52 35.99 17.09
N ALA B 272 -27.35 36.98 16.79
CA ALA B 272 -28.15 36.97 15.58
C ALA B 272 -27.25 36.89 14.34
N PRO B 273 -27.39 35.86 13.50
CA PRO B 273 -26.44 35.67 12.40
C PRO B 273 -26.65 36.70 11.30
N ASP B 274 -25.57 36.98 10.57
CA ASP B 274 -25.59 37.97 9.50
C ASP B 274 -26.30 37.36 8.29
N VAL B 275 -27.56 37.75 8.10
CA VAL B 275 -28.33 37.32 6.94
C VAL B 275 -27.92 38.12 5.71
N THR B 276 -27.69 37.43 4.60
CA THR B 276 -27.72 38.04 3.28
C THR B 276 -28.46 37.12 2.33
N TYR B 277 -29.29 37.70 1.48
CA TYR B 277 -30.27 36.95 0.69
C TYR B 277 -29.87 36.90 -0.79
N GLY B 278 -29.79 35.68 -1.33
CA GLY B 278 -29.58 35.47 -2.74
C GLY B 278 -30.83 34.87 -3.36
N LYS B 279 -30.75 34.65 -4.68
CA LYS B 279 -31.86 34.00 -5.35
C LYS B 279 -32.05 32.58 -4.82
N LYS B 280 -33.16 32.36 -4.10
CA LYS B 280 -33.48 31.08 -3.46
C LYS B 280 -32.36 30.61 -2.54
N GLU B 281 -31.62 31.53 -1.93
CA GLU B 281 -30.61 31.19 -0.96
C GLU B 281 -30.61 32.20 0.18
N VAL B 282 -30.48 31.71 1.41
CA VAL B 282 -30.08 32.51 2.56
C VAL B 282 -28.65 32.13 2.91
N THR B 283 -27.77 33.12 3.00
CA THR B 283 -26.43 32.91 3.51
C THR B 283 -26.36 33.44 4.94
N LEU B 284 -25.90 32.60 5.85
CA LEU B 284 -25.70 32.96 7.25
C LEU B 284 -24.21 32.92 7.56
N ARG B 285 -23.72 33.95 8.25
CA ARG B 285 -22.43 33.86 8.93
C ARG B 285 -22.67 33.64 10.41
N LEU B 286 -22.10 32.58 10.95
CA LEU B 286 -22.38 32.10 12.29
C LEU B 286 -21.14 32.31 13.14
N HIS B 287 -21.25 33.12 14.20
CA HIS B 287 -20.13 33.44 15.07
C HIS B 287 -20.43 32.91 16.47
N PRO B 288 -20.17 31.62 16.71
CA PRO B 288 -20.43 31.05 18.03
C PRO B 288 -19.35 31.44 19.03
N ASP B 289 -19.76 31.54 20.29
CA ASP B 289 -18.83 31.56 21.41
C ASP B 289 -18.49 30.16 21.90
N HIS B 290 -19.36 29.20 21.63
CA HIS B 290 -19.29 27.85 22.16
C HIS B 290 -20.09 26.95 21.22
N PRO B 291 -19.88 25.63 21.26
CA PRO B 291 -20.64 24.75 20.35
C PRO B 291 -22.12 25.06 20.38
N THR B 292 -22.64 25.49 19.24
CA THR B 292 -23.99 26.02 19.11
C THR B 292 -24.74 25.25 18.04
N LEU B 293 -25.96 24.80 18.35
CA LEU B 293 -26.71 24.00 17.40
C LEU B 293 -27.34 24.90 16.35
N PHE B 294 -26.93 24.72 15.09
CA PHE B 294 -27.60 25.28 13.94
C PHE B 294 -28.47 24.20 13.31
N SER B 295 -29.73 24.52 13.01
CA SER B 295 -30.58 23.60 12.29
C SER B 295 -31.56 24.37 11.42
N TYR B 296 -32.00 23.73 10.34
CA TYR B 296 -33.08 24.27 9.52
C TYR B 296 -33.89 23.13 8.91
N ARG B 297 -35.09 23.46 8.46
CA ARG B 297 -35.93 22.55 7.71
C ARG B 297 -36.76 23.33 6.70
N SER B 298 -37.13 22.68 5.61
CA SER B 298 -38.15 23.23 4.72
C SER B 298 -39.55 23.05 5.31
N LEU B 299 -40.42 24.01 5.02
CA LEU B 299 -41.80 23.98 5.47
C LEU B 299 -42.73 23.24 4.50
N GLY B 300 -42.16 22.50 3.56
CA GLY B 300 -42.95 21.71 2.63
C GLY B 300 -43.22 20.30 3.12
N ALA B 301 -43.72 19.48 2.20
CA ALA B 301 -43.99 18.08 2.48
C ALA B 301 -42.71 17.29 2.73
N GLU B 302 -41.58 17.76 2.22
CA GLU B 302 -40.29 17.07 2.39
C GLU B 302 -39.33 18.03 3.07
N PRO B 303 -39.17 17.94 4.40
CA PRO B 303 -38.47 19.00 5.13
C PRO B 303 -36.96 18.97 4.95
N HIS B 304 -36.38 17.80 4.66
CA HIS B 304 -34.93 17.59 4.56
C HIS B 304 -34.18 18.28 5.70
N PRO B 305 -34.45 17.91 6.95
CA PRO B 305 -33.91 18.67 8.09
C PRO B 305 -32.39 18.57 8.17
N TYR B 306 -31.76 19.73 8.38
CA TYR B 306 -30.33 19.86 8.58
C TYR B 306 -30.04 20.18 10.04
N GLU B 307 -28.98 19.56 10.59
CA GLU B 307 -28.61 19.75 11.98
C GLU B 307 -27.09 19.74 12.09
N GLU B 308 -26.54 20.75 12.76
CA GLU B 308 -25.10 20.87 12.93
C GLU B 308 -24.79 21.61 14.22
N TRP B 309 -23.90 21.04 15.03
CA TRP B 309 -23.27 21.75 16.15
C TRP B 309 -22.14 22.60 15.61
N VAL B 310 -22.39 23.89 15.45
CA VAL B 310 -21.43 24.84 14.91
C VAL B 310 -20.58 25.39 16.06
N ASP B 311 -19.30 25.06 16.07
CA ASP B 311 -18.38 25.53 17.11
C ASP B 311 -17.27 26.41 16.55
N LYS B 312 -17.23 26.59 15.23
CA LYS B 312 -16.28 27.47 14.57
C LYS B 312 -17.03 28.53 13.78
N PHE B 313 -16.41 29.71 13.67
CA PHE B 313 -16.99 30.85 12.98
C PHE B 313 -17.09 30.53 11.49
N SER B 314 -18.31 30.27 11.02
CA SER B 314 -18.50 29.54 9.76
C SER B 314 -19.72 30.07 9.04
N GLU B 315 -19.73 29.87 7.73
CA GLU B 315 -20.76 30.39 6.84
C GLU B 315 -21.58 29.25 6.26
N ARG B 316 -22.90 29.41 6.26
CA ARG B 316 -23.83 28.39 5.81
C ARG B 316 -24.84 28.98 4.83
N ILE B 317 -25.12 28.24 3.76
CA ILE B 317 -26.11 28.62 2.75
C ILE B 317 -27.31 27.68 2.88
N ILE B 318 -28.48 28.25 3.06
CA ILE B 318 -29.72 27.48 3.18
C ILE B 318 -30.51 27.60 1.88
N PRO B 319 -30.81 26.50 1.20
CA PRO B 319 -31.71 26.53 0.03
C PRO B 319 -33.13 26.91 0.47
N VAL B 320 -33.67 27.98 -0.10
CA VAL B 320 -35.01 28.45 0.22
C VAL B 320 -35.86 28.38 -1.04
N THR B 321 -36.90 27.54 -1.01
CA THR B 321 -37.92 27.49 -2.04
C THR B 321 -39.08 28.41 -1.69
N GLU B 322 -40.06 28.52 -2.60
CA GLU B 322 -41.24 29.30 -2.30
C GLU B 322 -42.13 28.65 -1.24
N GLU B 323 -41.84 27.40 -0.86
CA GLU B 323 -42.45 26.83 0.34
C GLU B 323 -41.81 27.39 1.60
N GLY B 324 -40.58 27.85 1.51
CA GLY B 324 -39.88 28.45 2.62
C GLY B 324 -39.08 27.48 3.45
N ILE B 325 -38.38 28.06 4.42
CA ILE B 325 -37.60 27.33 5.42
C ILE B 325 -37.97 27.85 6.80
N GLU B 326 -37.63 27.04 7.80
CA GLU B 326 -37.44 27.53 9.15
C GLU B 326 -36.03 27.16 9.58
N TYR B 327 -35.30 28.12 10.15
CA TYR B 327 -34.00 27.86 10.75
C TYR B 327 -34.01 28.34 12.19
N GLN B 328 -33.17 27.70 13.01
CA GLN B 328 -32.97 28.13 14.39
C GLN B 328 -31.49 28.07 14.71
N TRP B 329 -30.98 29.16 15.29
CA TRP B 329 -29.57 29.28 15.66
C TRP B 329 -29.49 29.35 17.17
N GLY B 330 -28.82 28.37 17.77
CA GLY B 330 -28.67 28.32 19.21
C GLY B 330 -30.00 28.35 19.93
N ASN B 331 -30.04 29.08 21.04
CA ASN B 331 -31.23 29.18 21.85
C ASN B 331 -32.23 30.22 21.33
N ASN B 332 -31.90 30.93 20.26
CA ASN B 332 -32.81 31.93 19.72
C ASN B 332 -34.09 31.25 19.23
N PRO B 333 -35.20 32.01 19.16
CA PRO B 333 -36.40 31.46 18.56
C PRO B 333 -36.23 31.24 17.06
N PRO B 334 -36.95 30.28 16.49
CA PRO B 334 -36.76 29.96 15.06
C PRO B 334 -37.29 31.06 14.16
N VAL B 335 -36.63 31.22 13.02
CA VAL B 335 -36.94 32.26 12.05
C VAL B 335 -37.36 31.58 10.74
N ARG B 336 -38.44 32.07 10.14
CA ARG B 336 -39.00 31.51 8.92
C ARG B 336 -38.85 32.49 7.77
N LEU B 337 -38.48 31.98 6.60
CA LEU B 337 -38.21 32.79 5.42
C LEU B 337 -38.74 32.08 4.18
N TRP B 338 -39.31 32.85 3.25
CA TRP B 338 -39.89 32.32 2.02
C TRP B 338 -39.30 33.04 0.81
N ALA B 339 -38.99 32.28 -0.22
CA ALA B 339 -38.50 32.85 -1.48
C ALA B 339 -39.65 33.37 -2.34
N GLN B 340 -39.49 34.60 -2.85
CA GLN B 340 -40.43 35.16 -3.80
C GLN B 340 -40.17 34.63 -5.23
N LEU B 341 -41.12 34.90 -6.12
CA LEU B 341 -41.06 34.55 -7.53
C LEU B 341 -40.15 35.45 -8.37
N THR B 342 -38.94 35.73 -7.90
CA THR B 342 -38.01 36.54 -8.66
C THR B 342 -37.45 35.77 -9.85
N THR B 343 -37.36 36.45 -11.00
CA THR B 343 -36.88 35.82 -12.22
C THR B 343 -36.17 36.83 -13.11
N GLU B 344 -35.26 36.32 -13.94
CA GLU B 344 -34.37 37.15 -14.74
C GLU B 344 -35.06 37.83 -15.93
N GLY B 345 -36.02 37.16 -16.57
CA GLY B 345 -36.59 37.66 -17.80
C GLY B 345 -37.60 38.78 -17.64
N LYS B 346 -38.29 39.07 -18.75
CA LYS B 346 -39.34 40.08 -18.84
C LYS B 346 -40.64 39.43 -19.29
N PRO B 347 -41.70 39.46 -18.48
CA PRO B 347 -42.91 38.71 -18.82
C PRO B 347 -43.70 39.28 -19.98
N HIS B 348 -43.48 40.54 -20.35
CA HIS B 348 -44.21 41.20 -21.43
C HIS B 348 -43.29 41.69 -22.54
N GLY B 349 -42.10 41.13 -22.65
CA GLY B 349 -41.13 41.53 -23.65
C GLY B 349 -41.35 40.82 -24.97
N TRP B 350 -40.29 40.77 -25.76
CA TRP B 350 -40.29 39.91 -26.94
C TRP B 350 -40.30 38.44 -26.54
N PRO B 351 -40.79 37.55 -27.43
CA PRO B 351 -40.96 36.14 -27.08
C PRO B 351 -39.84 35.47 -26.32
N HIS B 352 -38.58 35.70 -26.73
CA HIS B 352 -37.48 35.07 -26.02
C HIS B 352 -37.34 35.62 -24.61
N GLU B 353 -37.72 36.87 -24.38
CA GLU B 353 -37.70 37.43 -23.03
C GLU B 353 -38.77 36.79 -22.16
N ILE B 354 -39.90 36.37 -22.76
CA ILE B 354 -40.93 35.64 -22.04
C ILE B 354 -40.48 34.22 -21.72
N ILE B 355 -39.78 33.57 -22.65
CA ILE B 355 -39.20 32.26 -22.36
C ILE B 355 -38.15 32.37 -21.26
N GLN B 356 -37.31 33.41 -21.30
CA GLN B 356 -36.38 33.65 -20.20
C GLN B 356 -37.10 33.86 -18.88
N TYR B 357 -38.18 34.66 -18.91
CA TYR B 357 -38.98 34.93 -17.69
C TYR B 357 -39.42 33.62 -17.06
N TYR B 358 -40.25 32.86 -17.77
CA TYR B 358 -40.81 31.59 -17.21
C TYR B 358 -39.66 30.65 -16.82
N TYR B 359 -38.63 30.58 -17.66
CA TYR B 359 -37.48 29.67 -17.37
C TYR B 359 -36.91 30.04 -16.00
N GLY B 360 -36.80 31.34 -15.73
CA GLY B 360 -36.20 31.79 -14.45
C GLY B 360 -36.94 31.24 -13.25
N LEU B 361 -38.28 31.31 -13.25
CA LEU B 361 -39.04 30.87 -12.04
C LEU B 361 -39.53 29.42 -12.22
N TYR B 362 -39.54 28.91 -13.45
CA TYR B 362 -39.95 27.49 -13.72
C TYR B 362 -39.03 26.91 -14.79
N PRO B 363 -37.80 26.47 -14.45
CA PRO B 363 -36.84 26.01 -15.46
C PRO B 363 -37.26 24.75 -16.23
N ALA B 364 -37.43 23.62 -15.55
CA ALA B 364 -37.73 22.35 -16.24
C ALA B 364 -39.04 22.48 -17.03
N ALA B 365 -40.09 23.03 -16.43
CA ALA B 365 -41.39 23.12 -17.10
C ALA B 365 -41.26 23.93 -18.39
N THR B 366 -40.55 25.07 -18.33
CA THR B 366 -40.41 25.93 -19.53
C THR B 366 -39.69 25.15 -20.63
N ILE B 367 -38.58 24.48 -20.29
CA ILE B 367 -37.83 23.68 -21.29
C ILE B 367 -38.79 22.67 -21.93
N ALA B 368 -39.53 21.93 -21.10
CA ALA B 368 -40.47 20.92 -21.62
C ALA B 368 -41.51 21.59 -22.52
N ALA B 369 -42.27 22.55 -21.98
CA ALA B 369 -43.31 23.21 -22.75
C ALA B 369 -42.79 23.74 -24.09
N VAL B 370 -41.61 24.35 -24.10
CA VAL B 370 -41.08 24.88 -25.35
C VAL B 370 -40.61 23.76 -26.29
N SER B 371 -40.03 22.67 -25.74
CA SER B 371 -39.74 21.51 -26.59
C SER B 371 -41.00 20.92 -27.20
N GLY B 372 -42.02 20.69 -26.38
CA GLY B 372 -43.27 20.13 -26.88
C GLY B 372 -43.92 20.99 -27.95
N ALA B 373 -44.07 22.28 -27.68
CA ALA B 373 -44.70 23.17 -28.66
C ALA B 373 -43.88 23.33 -29.92
N SER B 374 -42.55 23.41 -29.83
CA SER B 374 -41.76 23.54 -31.04
C SER B 374 -41.71 22.25 -31.86
N LEU B 375 -41.76 21.09 -31.20
CA LEU B 375 -41.96 19.83 -31.93
C LEU B 375 -43.31 19.78 -32.63
N MET B 376 -44.39 20.17 -31.95
CA MET B 376 -45.69 20.26 -32.62
C MET B 376 -45.71 21.28 -33.75
N ALA B 377 -44.95 22.38 -33.62
CA ALA B 377 -44.81 23.34 -34.71
C ALA B 377 -44.11 22.74 -35.92
N LEU B 378 -43.02 22.01 -35.69
CA LEU B 378 -42.33 21.34 -36.78
C LEU B 378 -43.23 20.28 -37.44
N LEU B 379 -43.94 19.50 -36.63
CA LEU B 379 -44.85 18.49 -37.18
C LEU B 379 -45.96 19.10 -38.01
N THR B 380 -46.57 20.19 -37.55
CA THR B 380 -47.62 20.84 -38.33
C THR B 380 -47.09 21.50 -39.60
N LEU B 381 -45.95 22.18 -39.52
CA LEU B 381 -45.34 22.74 -40.74
C LEU B 381 -45.00 21.65 -41.75
N ALA B 382 -44.38 20.56 -41.28
CA ALA B 382 -44.09 19.43 -42.16
C ALA B 382 -45.35 18.83 -42.76
N ALA B 383 -46.44 18.76 -42.01
CA ALA B 383 -47.71 18.32 -42.58
C ALA B 383 -48.21 19.26 -43.67
N THR B 384 -48.10 20.58 -43.46
CA THR B 384 -48.48 21.52 -44.52
C THR B 384 -47.63 21.33 -45.78
N CYS B 385 -46.33 21.10 -45.60
CA CYS B 385 -45.45 20.82 -46.73
C CYS B 385 -45.83 19.54 -47.45
N CYS B 386 -45.96 18.44 -46.72
CA CYS B 386 -46.32 17.16 -47.33
C CYS B 386 -47.68 17.19 -48.01
N MET B 387 -48.64 17.91 -47.44
CA MET B 387 -49.96 18.05 -48.08
C MET B 387 -49.91 18.87 -49.37
N LEU B 388 -49.23 20.03 -49.34
CA LEU B 388 -49.11 20.79 -50.58
C LEU B 388 -48.27 20.08 -51.64
N ALA B 389 -47.24 19.34 -51.22
CA ALA B 389 -46.49 18.50 -52.15
C ALA B 389 -47.34 17.38 -52.75
N THR B 390 -48.15 16.71 -51.93
CA THR B 390 -49.06 15.69 -52.46
C THR B 390 -50.08 16.27 -53.42
N ALA B 391 -50.63 17.45 -53.10
CA ALA B 391 -51.54 18.12 -54.04
C ALA B 391 -50.85 18.43 -55.37
N ARG B 392 -49.69 19.10 -55.31
CA ARG B 392 -48.90 19.38 -56.51
C ARG B 392 -48.64 18.12 -57.33
N ARG B 393 -48.14 17.07 -56.69
CA ARG B 393 -47.76 15.84 -57.39
C ARG B 393 -48.95 15.13 -58.01
N LYS B 394 -50.06 15.02 -57.28
CA LYS B 394 -51.28 14.42 -57.83
C LYS B 394 -51.91 15.27 -58.93
N CYS B 395 -51.72 16.58 -58.90
CA CYS B 395 -52.19 17.44 -59.98
C CYS B 395 -51.34 17.30 -61.23
N LEU B 396 -50.00 17.35 -61.08
CA LEU B 396 -49.10 17.35 -62.23
C LEU B 396 -48.80 15.97 -62.80
N THR B 397 -49.08 14.88 -62.07
CA THR B 397 -48.85 13.54 -62.59
C THR B 397 -49.43 13.28 -63.99
N PRO B 398 -50.71 13.58 -64.28
CA PRO B 398 -51.22 13.30 -65.63
C PRO B 398 -50.52 14.08 -66.74
N TYR B 399 -50.03 15.28 -66.46
CA TYR B 399 -49.22 16.01 -67.44
C TYR B 399 -47.81 15.45 -67.57
N ALA B 400 -47.25 14.93 -66.48
CA ALA B 400 -45.89 14.40 -66.53
C ALA B 400 -45.83 13.03 -67.20
N LEU B 401 -46.87 12.22 -67.07
CA LEU B 401 -46.87 10.91 -67.73
C LEU B 401 -47.12 11.00 -69.22
N THR B 402 -47.93 11.95 -69.67
CA THR B 402 -48.32 11.99 -71.08
C THR B 402 -47.10 12.31 -71.96
N PRO B 403 -46.90 11.57 -73.05
CA PRO B 403 -45.71 11.82 -73.87
C PRO B 403 -45.79 13.10 -74.70
N GLY B 404 -46.95 13.39 -75.27
CA GLY B 404 -47.11 14.47 -76.22
C GLY B 404 -47.48 15.83 -75.66
N ALA B 405 -47.22 16.07 -74.37
CA ALA B 405 -47.84 17.18 -73.67
C ALA B 405 -46.84 17.81 -72.71
N VAL B 406 -47.19 19.02 -72.27
CA VAL B 406 -46.44 19.72 -71.23
C VAL B 406 -47.43 20.52 -70.39
N VAL B 407 -47.05 20.78 -69.15
CA VAL B 407 -47.94 21.44 -68.18
C VAL B 407 -48.40 22.78 -68.75
N PRO B 408 -49.70 23.09 -68.72
CA PRO B 408 -50.19 24.29 -69.41
C PRO B 408 -49.67 25.57 -68.78
N LEU B 409 -49.66 26.62 -69.60
CA LEU B 409 -48.95 27.85 -69.26
C LEU B 409 -49.50 28.52 -68.01
N THR B 410 -50.78 28.31 -67.71
CA THR B 410 -51.37 28.81 -66.47
C THR B 410 -50.96 27.97 -65.26
N LEU B 411 -51.23 26.66 -65.32
CA LEU B 411 -50.99 25.80 -64.18
C LEU B 411 -49.50 25.67 -63.86
N GLY B 412 -48.65 25.76 -64.88
CA GLY B 412 -47.22 25.58 -64.65
C GLY B 412 -46.60 26.60 -63.72
N LEU B 413 -47.14 27.81 -63.69
CA LEU B 413 -46.71 28.81 -62.70
C LEU B 413 -47.21 28.46 -61.31
N LEU B 414 -48.51 28.20 -61.18
CA LEU B 414 -49.10 28.04 -59.84
C LEU B 414 -48.53 26.84 -59.10
N CYS B 415 -48.46 25.68 -59.75
CA CYS B 415 -47.90 24.50 -59.13
C CYS B 415 -46.38 24.42 -59.26
N CYS B 416 -45.74 25.40 -59.89
CA CYS B 416 -44.31 25.38 -60.19
C CYS B 416 -43.91 24.07 -60.89
N ALA B 417 -44.40 23.92 -62.11
CA ALA B 417 -44.06 22.78 -62.95
C ALA B 417 -42.56 22.76 -63.21
N PRO B 418 -41.99 21.58 -63.51
CA PRO B 418 -40.55 21.52 -63.77
C PRO B 418 -40.12 22.19 -65.07
N ARG B 419 -41.06 22.49 -65.96
CA ARG B 419 -40.73 23.16 -67.22
C ARG B 419 -41.89 24.02 -67.69
N ARG C 1 -48.51 -6.44 -91.68
CA ARG C 1 -47.11 -6.43 -92.06
C ARG C 1 -46.40 -5.15 -91.57
N MET C 2 -46.90 -3.98 -91.96
CA MET C 2 -46.15 -2.75 -91.74
C MET C 2 -46.12 -2.36 -90.27
N CYS C 3 -47.29 -2.34 -89.62
CA CYS C 3 -47.35 -1.91 -88.22
C CYS C 3 -46.63 -2.86 -87.28
N MET C 4 -46.55 -4.14 -87.64
CA MET C 4 -45.76 -5.09 -86.86
C MET C 4 -44.28 -4.72 -86.82
N LYS C 5 -43.74 -4.15 -87.89
CA LYS C 5 -42.35 -3.69 -87.87
C LYS C 5 -42.15 -2.52 -86.90
N ILE C 6 -43.12 -1.61 -86.87
CA ILE C 6 -43.10 -0.53 -85.88
C ILE C 6 -43.17 -1.09 -84.47
N GLU C 7 -44.07 -2.05 -84.24
CA GLU C 7 -44.15 -2.67 -82.92
C GLU C 7 -42.85 -3.37 -82.54
N ASN C 8 -42.25 -4.09 -83.49
CA ASN C 8 -41.00 -4.79 -83.24
C ASN C 8 -39.87 -3.83 -82.87
N ASP C 9 -39.92 -2.59 -83.38
CA ASP C 9 -38.93 -1.61 -82.95
C ASP C 9 -39.30 -0.93 -81.63
N CYS C 10 -40.59 -0.69 -81.41
CA CYS C 10 -41.07 -0.03 -80.20
C CYS C 10 -40.97 -0.92 -78.96
N ILE C 11 -41.32 -2.20 -79.09
CA ILE C 11 -41.42 -3.08 -77.93
C ILE C 11 -40.05 -3.43 -77.38
N PHE C 12 -39.97 -3.47 -76.05
CA PHE C 12 -38.92 -4.14 -75.28
C PHE C 12 -39.59 -4.97 -74.20
N GLU C 13 -38.88 -6.00 -73.74
CA GLU C 13 -39.47 -7.07 -72.94
C GLU C 13 -39.09 -6.93 -71.47
N VAL C 14 -40.08 -7.10 -70.60
CA VAL C 14 -39.88 -7.08 -69.15
C VAL C 14 -39.76 -8.51 -68.66
N LYS C 15 -38.63 -8.84 -68.05
CA LYS C 15 -38.34 -10.19 -67.57
C LYS C 15 -38.41 -10.21 -66.06
N LEU C 16 -39.10 -11.21 -65.50
CA LEU C 16 -39.04 -11.51 -64.09
C LEU C 16 -38.36 -12.87 -63.90
N ASP C 17 -37.23 -12.86 -63.20
CA ASP C 17 -36.39 -14.06 -63.02
C ASP C 17 -36.08 -14.74 -64.35
N GLY C 18 -36.08 -13.98 -65.44
CA GLY C 18 -35.89 -14.54 -66.76
C GLY C 18 -37.15 -14.89 -67.51
N LYS C 19 -38.33 -14.72 -66.91
CA LYS C 19 -39.59 -15.10 -67.52
C LYS C 19 -40.34 -13.88 -68.01
N VAL C 20 -40.82 -13.92 -69.24
CA VAL C 20 -41.53 -12.79 -69.84
C VAL C 20 -42.79 -12.50 -69.03
N THR C 21 -42.97 -11.23 -68.69
CA THR C 21 -44.13 -10.82 -67.89
C THR C 21 -44.90 -9.70 -68.58
N GLY C 22 -44.21 -8.91 -69.39
CA GLY C 22 -44.88 -7.85 -70.14
C GLY C 22 -43.88 -7.08 -70.97
N TYR C 23 -44.30 -5.89 -71.41
CA TYR C 23 -43.49 -5.10 -72.32
C TYR C 23 -43.49 -3.65 -71.89
N ALA C 24 -42.50 -2.87 -72.40
CA ALA C 24 -42.37 -1.44 -72.09
C ALA C 24 -42.07 -0.66 -73.38
N CYS C 25 -43.11 -0.35 -74.14
CA CYS C 25 -42.92 0.27 -75.45
C CYS C 25 -42.44 1.71 -75.32
N LEU C 26 -41.50 2.09 -76.19
CA LEU C 26 -41.02 3.47 -76.27
C LEU C 26 -42.00 4.28 -77.10
N VAL C 27 -42.68 5.23 -76.46
CA VAL C 27 -43.69 6.06 -77.12
C VAL C 27 -43.30 7.52 -76.94
N GLY C 28 -43.12 8.23 -78.04
CA GLY C 28 -42.55 9.57 -77.98
C GLY C 28 -41.17 9.53 -77.36
N ASP C 29 -41.02 10.16 -76.20
CA ASP C 29 -39.80 10.03 -75.41
C ASP C 29 -40.03 9.28 -74.11
N LYS C 30 -41.16 8.59 -73.98
CA LYS C 30 -41.53 7.88 -72.76
C LYS C 30 -41.40 6.38 -72.97
N VAL C 31 -40.73 5.71 -72.03
CA VAL C 31 -40.78 4.25 -71.93
C VAL C 31 -42.02 3.84 -71.14
N MET C 32 -43.10 3.53 -71.84
CA MET C 32 -44.41 3.31 -71.23
C MET C 32 -44.48 1.89 -70.69
N LYS C 33 -44.12 1.70 -69.41
CA LYS C 33 -44.34 0.39 -68.81
C LYS C 33 -45.54 0.44 -67.88
N PRO C 34 -46.50 -0.48 -68.00
CA PRO C 34 -47.53 -0.59 -66.95
C PRO C 34 -46.92 -0.88 -65.59
N ALA C 35 -47.54 -0.34 -64.55
CA ALA C 35 -47.03 -0.52 -63.19
C ALA C 35 -47.25 -1.93 -62.67
N HIS C 36 -48.36 -2.57 -63.04
CA HIS C 36 -48.62 -3.96 -62.65
C HIS C 36 -47.63 -4.96 -63.25
N VAL C 37 -46.97 -4.61 -64.36
CA VAL C 37 -46.03 -5.53 -64.97
C VAL C 37 -44.83 -5.68 -64.05
N LYS C 38 -44.68 -6.85 -63.45
CA LYS C 38 -43.58 -7.14 -62.53
C LYS C 38 -42.27 -7.31 -63.29
N GLY C 39 -41.18 -7.28 -62.53
CA GLY C 39 -39.86 -7.53 -63.05
C GLY C 39 -39.18 -6.29 -63.61
N THR C 40 -38.12 -6.55 -64.39
CA THR C 40 -37.27 -5.49 -64.92
C THR C 40 -37.15 -5.62 -66.43
N ILE C 41 -36.94 -4.46 -67.07
CA ILE C 41 -36.83 -4.40 -68.52
C ILE C 41 -35.53 -5.06 -68.97
N ASP C 42 -35.60 -5.74 -70.12
CA ASP C 42 -34.46 -6.51 -70.62
C ASP C 42 -33.36 -5.63 -71.17
N ASN C 43 -33.68 -4.46 -71.69
CA ASN C 43 -32.67 -3.57 -72.25
C ASN C 43 -31.76 -3.02 -71.17
N PRO C 44 -30.44 -3.24 -71.26
CA PRO C 44 -29.51 -2.78 -70.23
C PRO C 44 -29.53 -1.27 -69.97
N ASP C 45 -29.96 -0.46 -70.94
CA ASP C 45 -30.02 0.98 -70.71
C ASP C 45 -31.37 1.43 -70.17
N LEU C 46 -32.47 0.85 -70.63
CA LEU C 46 -33.77 1.18 -70.05
C LEU C 46 -33.87 0.76 -68.59
N ALA C 47 -33.08 -0.23 -68.15
CA ALA C 47 -33.03 -0.59 -66.75
C ALA C 47 -32.31 0.42 -65.89
N LYS C 48 -31.49 1.30 -66.48
CA LYS C 48 -30.80 2.33 -65.72
C LYS C 48 -31.70 3.49 -65.35
N LEU C 49 -32.79 3.71 -66.09
CA LEU C 49 -33.63 4.87 -65.89
C LEU C 49 -34.31 4.83 -64.53
N THR C 50 -34.67 6.01 -64.02
CA THR C 50 -35.52 6.14 -62.85
C THR C 50 -36.92 6.54 -63.29
N TYR C 51 -37.92 5.83 -62.79
CA TYR C 51 -39.27 5.86 -63.33
C TYR C 51 -40.20 6.64 -62.39
N LYS C 52 -41.00 7.53 -62.97
CA LYS C 52 -42.10 8.17 -62.26
C LYS C 52 -43.28 7.20 -62.20
N LYS C 53 -43.58 6.71 -61.00
CA LYS C 53 -44.65 5.74 -60.79
C LYS C 53 -46.01 6.42 -60.79
N SER C 54 -47.05 5.62 -61.01
CA SER C 54 -48.43 6.07 -60.81
C SER C 54 -49.31 4.88 -60.51
N SER C 55 -49.90 4.86 -59.31
CA SER C 55 -50.90 3.88 -58.93
C SER C 55 -52.27 4.15 -59.55
N LYS C 56 -52.58 5.41 -59.84
CA LYS C 56 -53.87 5.74 -60.46
C LYS C 56 -53.92 5.28 -61.91
N TYR C 57 -52.96 5.71 -62.72
CA TYR C 57 -52.93 5.37 -64.13
C TYR C 57 -52.27 4.04 -64.42
N ASP C 58 -51.76 3.35 -63.39
CA ASP C 58 -51.14 2.04 -63.55
C ASP C 58 -50.02 2.07 -64.59
N LEU C 59 -49.19 3.10 -64.51
CA LEU C 59 -48.26 3.44 -65.58
C LEU C 59 -46.95 3.89 -64.96
N GLU C 60 -45.85 3.62 -65.67
CA GLU C 60 -44.54 4.17 -65.36
C GLU C 60 -43.97 4.83 -66.61
N CYS C 61 -43.19 5.88 -66.40
CA CYS C 61 -42.56 6.57 -67.51
C CYS C 61 -41.17 7.04 -67.10
N ALA C 62 -40.31 7.19 -68.09
CA ALA C 62 -39.02 7.86 -67.94
C ALA C 62 -38.62 8.45 -69.29
N GLN C 63 -37.78 9.48 -69.24
CA GLN C 63 -37.15 9.96 -70.47
C GLN C 63 -36.22 8.88 -70.99
N ILE C 64 -36.46 8.42 -72.22
CA ILE C 64 -35.58 7.44 -72.85
C ILE C 64 -34.24 8.10 -73.16
N PRO C 65 -33.14 7.35 -73.16
CA PRO C 65 -31.87 7.90 -73.62
C PRO C 65 -31.98 8.50 -75.02
N VAL C 66 -31.14 9.51 -75.27
CA VAL C 66 -31.17 10.22 -76.55
C VAL C 66 -30.92 9.28 -77.71
N HIS C 67 -30.24 8.16 -77.47
CA HIS C 67 -30.02 7.17 -78.50
C HIS C 67 -31.33 6.56 -78.99
N MET C 68 -32.32 6.43 -78.11
CA MET C 68 -33.52 5.64 -78.41
C MET C 68 -34.58 6.42 -79.17
N LYS C 69 -34.52 7.76 -79.16
CA LYS C 69 -35.64 8.58 -79.64
C LYS C 69 -35.87 8.42 -81.13
N SER C 70 -34.89 7.93 -81.89
CA SER C 70 -35.13 7.58 -83.28
C SER C 70 -35.93 6.30 -83.42
N ASP C 71 -35.74 5.35 -82.51
CA ASP C 71 -36.46 4.08 -82.54
C ASP C 71 -37.88 4.20 -81.98
N ALA C 72 -38.09 5.08 -81.01
CA ALA C 72 -39.39 5.18 -80.35
C ALA C 72 -40.49 5.55 -81.34
N SER C 73 -41.67 4.98 -81.11
CA SER C 73 -42.81 5.08 -82.00
C SER C 73 -43.53 6.42 -81.88
N LYS C 74 -44.13 6.83 -82.99
CA LYS C 74 -44.97 8.04 -82.99
C LYS C 74 -46.31 7.77 -82.30
N TYR C 75 -46.75 8.76 -81.52
CA TYR C 75 -48.06 8.78 -80.89
C TYR C 75 -49.02 9.67 -81.70
N THR C 76 -50.30 9.59 -81.33
CA THR C 76 -51.24 10.66 -81.67
C THR C 76 -52.27 10.82 -80.57
N HIS C 77 -52.73 12.05 -80.39
CA HIS C 77 -53.91 12.35 -79.58
C HIS C 77 -55.22 12.06 -80.31
N GLU C 78 -55.16 11.91 -81.64
CA GLU C 78 -56.34 11.71 -82.47
C GLU C 78 -56.85 10.27 -82.34
N LYS C 79 -58.09 10.12 -81.89
CA LYS C 79 -58.76 8.81 -81.82
C LYS C 79 -60.13 8.94 -82.46
N PRO C 80 -60.20 9.07 -83.78
CA PRO C 80 -61.50 9.00 -84.45
C PRO C 80 -62.11 7.61 -84.39
N GLU C 81 -63.44 7.59 -84.45
CA GLU C 81 -64.21 6.34 -84.47
C GLU C 81 -63.84 5.51 -85.69
N GLY C 82 -63.59 4.23 -85.48
CA GLY C 82 -63.29 3.36 -86.61
C GLY C 82 -62.33 2.24 -86.24
N HIS C 83 -61.37 2.00 -87.14
CA HIS C 83 -60.58 0.79 -87.18
C HIS C 83 -59.13 1.02 -86.77
N TYR C 84 -58.61 0.11 -85.95
CA TYR C 84 -57.31 0.27 -85.31
C TYR C 84 -56.59 -1.09 -85.33
N ASN C 85 -55.29 -1.06 -85.07
CA ASN C 85 -54.41 -2.19 -85.26
C ASN C 85 -53.73 -2.59 -83.96
N TRP C 86 -53.47 -3.90 -83.82
CA TRP C 86 -52.87 -4.45 -82.61
C TRP C 86 -52.20 -5.77 -82.96
N HIS C 87 -51.26 -6.18 -82.10
CA HIS C 87 -50.45 -7.36 -82.36
C HIS C 87 -51.29 -8.62 -82.56
N HIS C 88 -52.33 -8.80 -81.75
CA HIS C 88 -53.19 -9.97 -81.84
C HIS C 88 -54.37 -9.77 -82.78
N GLY C 89 -54.24 -8.89 -83.78
CA GLY C 89 -55.16 -8.88 -84.88
C GLY C 89 -55.51 -7.48 -85.33
N ALA C 90 -56.76 -7.07 -85.13
CA ALA C 90 -57.18 -5.70 -85.35
C ALA C 90 -58.24 -5.32 -84.32
N VAL C 91 -58.29 -4.04 -84.00
CA VAL C 91 -59.13 -3.52 -82.93
C VAL C 91 -60.17 -2.60 -83.53
N GLN C 92 -61.36 -2.61 -82.94
CA GLN C 92 -62.37 -1.59 -83.20
C GLN C 92 -62.41 -0.64 -82.01
N TYR C 93 -62.43 0.66 -82.31
CA TYR C 93 -62.70 1.70 -81.32
C TYR C 93 -64.06 2.31 -81.65
N SER C 94 -65.04 2.09 -80.78
CA SER C 94 -66.37 2.62 -81.00
C SER C 94 -67.05 2.88 -79.66
N GLY C 95 -67.93 3.87 -79.65
CA GLY C 95 -68.56 4.32 -78.42
C GLY C 95 -67.59 4.76 -77.35
N GLY C 96 -66.38 5.14 -77.74
CA GLY C 96 -65.32 5.43 -76.80
C GLY C 96 -64.64 4.20 -76.22
N ARG C 97 -64.97 3.01 -76.69
CA ARG C 97 -64.43 1.77 -76.18
C ARG C 97 -63.56 1.11 -77.25
N PHE C 98 -62.35 0.72 -76.85
CA PHE C 98 -61.58 -0.27 -77.62
C PHE C 98 -62.15 -1.64 -77.33
N THR C 99 -62.38 -2.42 -78.39
CA THR C 99 -63.02 -3.72 -78.21
C THR C 99 -62.45 -4.74 -79.19
N ILE C 100 -62.44 -5.99 -78.75
CA ILE C 100 -61.64 -7.06 -79.34
C ILE C 100 -62.43 -8.36 -79.25
N PRO C 101 -62.18 -9.32 -80.15
CA PRO C 101 -62.83 -10.63 -80.02
C PRO C 101 -62.38 -11.38 -78.77
N THR C 102 -63.33 -12.12 -78.20
CA THR C 102 -63.10 -12.86 -76.97
C THR C 102 -61.84 -13.72 -77.03
N GLY C 103 -61.01 -13.59 -75.99
CA GLY C 103 -59.84 -14.43 -75.81
C GLY C 103 -58.62 -14.04 -76.63
N ALA C 104 -58.70 -12.98 -77.43
CA ALA C 104 -57.54 -12.54 -78.19
C ALA C 104 -56.45 -11.93 -77.33
N GLY C 105 -56.80 -11.44 -76.14
CA GLY C 105 -55.81 -11.09 -75.14
C GLY C 105 -55.55 -12.22 -74.15
N LYS C 106 -54.30 -12.35 -73.74
CA LYS C 106 -53.88 -13.42 -72.85
C LYS C 106 -53.16 -12.83 -71.64
N PRO C 107 -53.26 -13.50 -70.49
CA PRO C 107 -52.46 -13.12 -69.31
C PRO C 107 -50.99 -12.92 -69.67
N GLY C 108 -50.35 -12.00 -68.94
CA GLY C 108 -49.16 -11.36 -69.45
C GLY C 108 -49.49 -10.41 -70.58
N ASP C 109 -48.56 -10.27 -71.52
CA ASP C 109 -48.77 -9.56 -72.77
C ASP C 109 -49.15 -8.09 -72.56
N SER C 110 -49.21 -7.65 -71.30
CA SER C 110 -49.60 -6.27 -71.02
C SER C 110 -48.54 -5.30 -71.53
N GLY C 111 -48.98 -4.11 -71.91
CA GLY C 111 -48.08 -3.11 -72.44
C GLY C 111 -47.96 -3.07 -73.94
N ARG C 112 -48.76 -3.86 -74.66
CA ARG C 112 -48.83 -3.71 -76.10
C ARG C 112 -49.50 -2.39 -76.46
N PRO C 113 -48.96 -1.66 -77.43
CA PRO C 113 -49.70 -0.55 -78.04
C PRO C 113 -50.95 -1.00 -78.77
N ILE C 114 -51.83 -0.03 -79.01
CA ILE C 114 -52.80 -0.06 -80.09
C ILE C 114 -52.43 1.04 -81.07
N PHE C 115 -52.48 0.73 -82.36
CA PHE C 115 -52.03 1.66 -83.40
C PHE C 115 -53.21 2.07 -84.27
N ASP C 116 -53.13 3.29 -84.79
CA ASP C 116 -54.00 3.73 -85.86
C ASP C 116 -53.55 3.15 -87.20
N ASN C 117 -54.33 3.42 -88.25
CA ASN C 117 -54.01 2.97 -89.60
C ASN C 117 -52.79 3.68 -90.20
N LYS C 118 -52.11 4.55 -89.45
CA LYS C 118 -50.82 5.09 -89.84
C LYS C 118 -49.69 4.60 -88.97
N GLY C 119 -49.95 3.64 -88.08
CA GLY C 119 -48.89 3.11 -87.24
C GLY C 119 -48.51 3.96 -86.07
N ARG C 120 -49.40 4.84 -85.63
CA ARG C 120 -49.15 5.73 -84.50
C ARG C 120 -49.81 5.17 -83.25
N VAL C 121 -49.08 5.17 -82.13
CA VAL C 121 -49.61 4.63 -80.90
C VAL C 121 -50.79 5.48 -80.44
N VAL C 122 -51.86 4.80 -80.03
CA VAL C 122 -53.10 5.45 -79.64
C VAL C 122 -53.46 5.06 -78.20
N ALA C 123 -52.98 3.90 -77.76
CA ALA C 123 -53.22 3.45 -76.40
C ALA C 123 -52.18 2.42 -76.00
N ILE C 124 -52.11 2.17 -74.70
CA ILE C 124 -51.38 1.03 -74.14
C ILE C 124 -52.40 0.15 -73.41
N VAL C 125 -52.42 -1.13 -73.77
CA VAL C 125 -53.44 -2.05 -73.27
C VAL C 125 -53.07 -2.57 -71.89
N LEU C 126 -54.07 -2.65 -71.02
CA LEU C 126 -53.91 -3.08 -69.63
C LEU C 126 -54.64 -4.37 -69.31
N GLY C 127 -55.61 -4.78 -70.12
CA GLY C 127 -56.47 -5.90 -69.81
C GLY C 127 -57.78 -5.77 -70.57
N GLY C 128 -58.77 -6.54 -70.13
CA GLY C 128 -60.07 -6.44 -70.77
C GLY C 128 -61.17 -7.20 -70.05
N ALA C 129 -62.40 -6.81 -70.36
CA ALA C 129 -63.61 -7.39 -69.78
C ALA C 129 -64.46 -7.96 -70.90
N ASN C 130 -64.74 -9.26 -70.83
CA ASN C 130 -65.55 -9.91 -71.86
C ASN C 130 -67.02 -9.57 -71.73
N GLU C 131 -67.68 -9.39 -72.88
CA GLU C 131 -69.10 -9.04 -72.97
C GLU C 131 -69.69 -9.81 -74.15
N GLY C 132 -70.05 -11.07 -73.90
CA GLY C 132 -70.50 -11.96 -74.95
C GLY C 132 -69.43 -12.31 -75.96
N ALA C 133 -69.63 -11.88 -77.22
CA ALA C 133 -68.66 -12.19 -78.26
C ALA C 133 -67.49 -11.23 -78.33
N ARG C 134 -67.55 -10.11 -77.59
CA ARG C 134 -66.49 -9.11 -77.63
C ARG C 134 -66.03 -8.79 -76.21
N THR C 135 -64.75 -8.44 -76.09
CA THR C 135 -64.22 -7.85 -74.87
C THR C 135 -63.93 -6.38 -75.11
N ALA C 136 -64.25 -5.54 -74.13
CA ALA C 136 -63.66 -4.21 -74.06
C ALA C 136 -62.27 -4.31 -73.45
N LEU C 137 -61.45 -3.29 -73.69
CA LEU C 137 -60.07 -3.26 -73.20
C LEU C 137 -59.92 -2.23 -72.10
N SER C 138 -59.29 -2.63 -71.00
CA SER C 138 -58.65 -1.67 -70.10
C SER C 138 -57.42 -1.09 -70.79
N VAL C 139 -57.34 0.23 -70.85
CA VAL C 139 -56.35 0.89 -71.70
C VAL C 139 -55.92 2.19 -71.04
N VAL C 140 -54.62 2.44 -71.08
CA VAL C 140 -54.08 3.79 -70.95
C VAL C 140 -54.25 4.47 -72.30
N THR C 141 -54.92 5.62 -72.30
CA THR C 141 -54.98 6.48 -73.48
C THR C 141 -54.91 7.92 -73.02
N TRP C 142 -54.78 8.84 -73.97
CA TRP C 142 -54.50 10.22 -73.61
C TRP C 142 -55.16 11.18 -74.57
N THR C 143 -55.46 12.38 -74.06
CA THR C 143 -56.05 13.48 -74.80
C THR C 143 -54.95 14.34 -75.41
N LYS C 144 -55.25 15.62 -75.68
CA LYS C 144 -54.23 16.59 -76.03
C LYS C 144 -53.14 16.66 -74.98
N ASP C 145 -53.51 16.57 -73.70
CA ASP C 145 -52.63 16.97 -72.61
C ASP C 145 -52.44 15.93 -71.51
N MET C 146 -53.35 14.98 -71.34
CA MET C 146 -53.35 14.15 -70.14
C MET C 146 -53.67 12.71 -70.52
N VAL C 147 -53.17 11.79 -69.70
CA VAL C 147 -53.64 10.41 -69.73
C VAL C 147 -55.02 10.31 -69.12
N THR C 148 -55.84 9.41 -69.67
CA THR C 148 -57.23 9.20 -69.23
C THR C 148 -57.50 7.70 -69.34
N ARG C 149 -56.96 6.96 -68.37
CA ARG C 149 -57.14 5.52 -68.30
C ARG C 149 -58.61 5.13 -68.38
N VAL C 150 -58.90 4.20 -69.27
CA VAL C 150 -60.23 3.58 -69.38
C VAL C 150 -60.16 2.19 -68.76
N THR C 151 -61.16 1.86 -67.94
CA THR C 151 -61.15 0.58 -67.24
C THR C 151 -62.58 0.19 -66.88
N PRO C 152 -63.23 -0.61 -67.72
CA PRO C 152 -64.61 -1.01 -67.45
C PRO C 152 -64.72 -2.05 -66.36
N GLU C 153 -65.93 -2.17 -65.82
CA GLU C 153 -66.22 -3.17 -64.79
C GLU C 153 -66.01 -4.59 -65.33
N GLY C 154 -65.63 -5.49 -64.43
CA GLY C 154 -65.40 -6.87 -64.80
C GLY C 154 -64.14 -7.13 -65.60
N THR C 155 -63.21 -6.19 -65.62
CA THR C 155 -61.98 -6.34 -66.38
C THR C 155 -60.98 -7.21 -65.62
N GLU C 156 -60.07 -7.82 -66.37
CA GLU C 156 -58.96 -8.56 -65.78
C GLU C 156 -57.64 -8.09 -66.38
N GLU C 157 -56.60 -8.10 -65.54
CA GLU C 157 -55.31 -7.51 -65.90
C GLU C 157 -54.47 -8.43 -66.78
N TRP C 158 -55.04 -8.95 -67.87
CA TRP C 158 -54.28 -9.83 -68.76
C TRP C 158 -53.25 -9.02 -69.53
N TYR D 1 3.37 -54.35 15.07
CA TYR D 1 2.47 -54.18 13.93
C TYR D 1 2.52 -52.74 13.43
N GLU D 2 3.13 -52.54 12.27
CA GLU D 2 3.17 -51.22 11.66
C GLU D 2 1.81 -50.85 11.07
N HIS D 3 1.30 -49.68 11.45
CA HIS D 3 0.11 -49.09 10.85
C HIS D 3 0.40 -47.61 10.61
N THR D 4 -0.24 -47.03 9.60
CA THR D 4 -0.04 -45.62 9.29
C THR D 4 -1.37 -44.89 9.18
N ALA D 5 -1.37 -43.63 9.63
CA ALA D 5 -2.52 -42.74 9.58
C ALA D 5 -2.05 -41.38 9.09
N THR D 6 -2.98 -40.42 9.00
CA THR D 6 -2.61 -39.04 8.68
C THR D 6 -3.64 -38.13 9.35
N ILE D 7 -3.31 -37.62 10.53
CA ILE D 7 -4.23 -36.84 11.33
C ILE D 7 -4.18 -35.37 10.93
N PRO D 8 -5.32 -34.67 10.89
CA PRO D 8 -5.30 -33.22 10.73
C PRO D 8 -4.51 -32.55 11.86
N ASN D 9 -3.76 -31.51 11.51
CA ASN D 9 -3.08 -30.67 12.49
C ASN D 9 -4.08 -29.68 13.13
N VAL D 10 -5.14 -30.24 13.69
CA VAL D 10 -6.23 -29.47 14.28
C VAL D 10 -6.30 -29.80 15.76
N VAL D 11 -6.12 -28.78 16.61
CA VAL D 11 -6.06 -29.00 18.05
C VAL D 11 -7.45 -29.37 18.58
N GLY D 12 -7.51 -30.40 19.41
CA GLY D 12 -8.76 -30.83 20.01
C GLY D 12 -9.72 -31.53 19.07
N PHE D 13 -9.30 -31.84 17.86
CA PHE D 13 -10.07 -32.69 16.95
C PHE D 13 -9.60 -34.13 17.13
N PRO D 14 -10.37 -34.99 17.80
CA PRO D 14 -9.91 -36.36 18.03
C PRO D 14 -10.10 -37.25 16.81
N TYR D 15 -9.00 -37.52 16.11
CA TYR D 15 -9.03 -38.41 14.96
C TYR D 15 -9.12 -39.85 15.42
N LYS D 16 -9.98 -40.63 14.78
CA LYS D 16 -10.07 -42.07 15.00
C LYS D 16 -9.34 -42.82 13.89
N ALA D 17 -8.32 -43.58 14.28
CA ALA D 17 -7.62 -44.49 13.38
C ALA D 17 -8.08 -45.91 13.68
N HIS D 18 -8.53 -46.61 12.64
CA HIS D 18 -9.05 -47.97 12.81
C HIS D 18 -8.01 -48.97 12.33
N ILE D 19 -7.64 -49.89 13.22
CA ILE D 19 -6.68 -50.94 12.90
C ILE D 19 -7.37 -52.30 12.79
N GLU D 20 -7.82 -52.64 11.58
CA GLU D 20 -8.18 -54.01 11.28
C GLU D 20 -6.93 -54.88 11.13
N ARG D 21 -6.98 -56.09 11.69
CA ARG D 21 -5.82 -56.96 11.73
C ARG D 21 -6.30 -58.40 11.63
N ASN D 22 -5.38 -59.28 11.21
CA ASN D 22 -5.75 -60.63 10.79
C ASN D 22 -6.27 -61.49 11.94
N GLY D 23 -5.47 -61.66 12.97
CA GLY D 23 -5.85 -62.54 14.05
C GLY D 23 -6.62 -61.90 15.18
N PHE D 24 -6.84 -60.60 15.13
CA PHE D 24 -7.28 -59.81 16.27
C PHE D 24 -8.52 -59.01 15.91
N SER D 25 -9.38 -58.80 16.90
CA SER D 25 -10.53 -57.94 16.70
C SER D 25 -10.08 -56.51 16.46
N PRO D 26 -10.71 -55.80 15.51
CA PRO D 26 -10.28 -54.45 15.17
C PRO D 26 -10.15 -53.54 16.39
N MET D 27 -9.24 -52.58 16.28
CA MET D 27 -8.97 -51.62 17.33
C MET D 27 -9.09 -50.21 16.76
N THR D 28 -9.74 -49.32 17.50
CA THR D 28 -9.75 -47.90 17.19
C THR D 28 -8.87 -47.14 18.17
N LEU D 29 -7.87 -46.44 17.64
CA LEU D 29 -7.14 -45.43 18.41
C LEU D 29 -7.79 -44.07 18.20
N GLN D 30 -7.81 -43.27 19.26
CA GLN D 30 -8.00 -41.83 19.15
C GLN D 30 -6.63 -41.15 19.17
N LEU D 31 -6.44 -40.21 18.25
CA LEU D 31 -5.24 -39.37 18.21
C LEU D 31 -5.71 -37.92 18.26
N GLU D 32 -5.58 -37.28 19.42
CA GLU D 32 -6.01 -35.90 19.60
C GLU D 32 -4.79 -35.02 19.83
N VAL D 33 -4.60 -34.04 18.96
CA VAL D 33 -3.53 -33.06 19.13
C VAL D 33 -3.91 -32.08 20.22
N VAL D 34 -3.15 -32.08 21.32
CA VAL D 34 -3.45 -31.23 22.47
C VAL D 34 -2.82 -29.85 22.31
N GLU D 35 -1.61 -29.78 21.75
CA GLU D 35 -0.93 -28.53 21.47
C GLU D 35 0.04 -28.74 20.32
N THR D 36 0.41 -27.65 19.66
CA THR D 36 1.59 -27.62 18.81
C THR D 36 2.36 -26.35 19.08
N SER D 37 3.66 -26.36 18.75
CA SER D 37 4.56 -25.25 19.01
C SER D 37 5.52 -25.16 17.82
N LEU D 38 5.16 -24.33 16.85
CA LEU D 38 6.01 -24.09 15.68
C LEU D 38 7.05 -23.05 16.04
N GLU D 39 8.30 -23.48 16.20
CA GLU D 39 9.35 -22.63 16.78
C GLU D 39 10.43 -22.34 15.77
N PRO D 40 10.59 -21.09 15.33
CA PRO D 40 11.66 -20.75 14.38
C PRO D 40 13.04 -20.83 15.03
N THR D 41 14.04 -21.14 14.21
CA THR D 41 15.42 -20.88 14.56
C THR D 41 15.72 -19.40 14.37
N LEU D 42 16.36 -18.78 15.37
CA LEU D 42 16.60 -17.35 15.38
C LEU D 42 18.09 -17.06 15.33
N ASN D 43 18.48 -16.10 14.48
CA ASN D 43 19.80 -15.48 14.53
C ASN D 43 19.63 -14.02 14.93
N LEU D 44 20.23 -13.63 16.05
CA LEU D 44 20.17 -12.25 16.50
C LEU D 44 21.01 -11.38 15.57
N GLU D 45 20.36 -10.43 14.90
CA GLU D 45 21.12 -9.43 14.15
C GLU D 45 21.65 -8.32 15.04
N TYR D 46 20.80 -7.67 15.84
CA TYR D 46 21.28 -6.62 16.73
C TYR D 46 20.21 -6.30 17.77
N ILE D 47 20.61 -5.50 18.76
CA ILE D 47 19.76 -4.98 19.81
C ILE D 47 19.52 -3.49 19.56
N THR D 48 18.27 -3.05 19.75
CA THR D 48 17.97 -1.62 19.72
C THR D 48 17.32 -1.21 21.04
N CYS D 49 17.59 0.01 21.46
CA CYS D 49 16.97 0.62 22.63
C CYS D 49 17.07 2.13 22.50
N GLU D 50 16.38 2.83 23.39
CA GLU D 50 16.51 4.28 23.45
C GLU D 50 17.96 4.67 23.66
N TYR D 51 18.39 5.75 23.02
CA TYR D 51 19.72 6.28 23.27
C TYR D 51 19.73 7.23 24.47
N LYS D 52 20.92 7.36 25.06
CA LYS D 52 21.25 8.42 26.00
C LYS D 52 22.20 9.39 25.31
N THR D 53 21.93 10.69 25.43
CA THR D 53 22.86 11.70 24.95
C THR D 53 23.65 12.29 26.11
N VAL D 54 24.96 12.12 26.07
CA VAL D 54 25.86 12.53 27.13
C VAL D 54 26.39 13.93 26.82
N VAL D 55 26.07 14.90 27.66
CA VAL D 55 26.45 16.29 27.40
C VAL D 55 27.13 16.87 28.64
N PRO D 56 28.45 16.77 28.74
CA PRO D 56 29.17 17.36 29.87
C PRO D 56 28.92 18.85 30.03
N SER D 57 29.32 19.37 31.18
CA SER D 57 29.42 20.80 31.37
C SER D 57 30.32 21.43 30.31
N PRO D 58 29.97 22.61 29.80
CA PRO D 58 30.82 23.28 28.80
C PRO D 58 32.16 23.69 29.41
N PHE D 59 33.24 23.36 28.72
CA PHE D 59 34.58 23.75 29.13
C PHE D 59 34.83 25.19 28.63
N ILE D 60 34.32 26.15 29.39
CA ILE D 60 34.51 27.56 29.07
C ILE D 60 35.92 27.96 29.51
N LYS D 61 36.79 28.25 28.54
CA LYS D 61 38.15 28.72 28.80
C LYS D 61 38.15 30.24 28.82
N CYS D 62 38.15 30.82 30.02
CA CYS D 62 38.23 32.27 30.14
C CYS D 62 39.63 32.76 29.84
N CYS D 63 39.70 33.86 29.08
CA CYS D 63 40.97 34.47 28.68
C CYS D 63 41.93 33.46 28.07
N GLY D 64 41.52 32.88 26.95
CA GLY D 64 42.33 31.86 26.32
C GLY D 64 41.62 31.25 25.12
N THR D 65 42.10 30.06 24.73
CA THR D 65 41.47 29.25 23.70
C THR D 65 41.72 27.79 24.02
N SER D 66 40.87 26.92 23.48
CA SER D 66 40.86 25.51 23.88
C SER D 66 40.45 24.68 22.66
N GLU D 67 41.45 24.21 21.91
CA GLU D 67 41.20 23.41 20.72
C GLU D 67 40.46 22.12 21.06
N CYS D 68 39.56 21.72 20.17
CA CYS D 68 38.84 20.46 20.23
C CYS D 68 39.69 19.30 19.72
N SER D 69 39.29 18.09 20.09
CA SER D 69 39.98 16.87 19.65
C SER D 69 38.95 15.76 19.43
N SER D 70 39.28 14.86 18.52
CA SER D 70 38.42 13.74 18.18
C SER D 70 38.41 12.66 19.27
N LYS D 71 37.33 11.88 19.29
CA LYS D 71 37.19 10.74 20.17
C LYS D 71 36.38 9.67 19.45
N GLU D 72 36.55 8.42 19.90
CA GLU D 72 35.93 7.26 19.25
C GLU D 72 34.45 7.10 19.57
N GLN D 73 33.89 7.92 20.45
CA GLN D 73 32.55 7.67 20.96
C GLN D 73 31.49 7.85 19.87
N PRO D 74 30.38 7.12 19.96
CA PRO D 74 29.37 7.13 18.89
C PRO D 74 28.76 8.50 18.67
N ASP D 75 28.61 8.87 17.40
CA ASP D 75 27.95 10.12 16.98
C ASP D 75 28.57 11.35 17.65
N TYR D 76 29.81 11.21 18.11
CA TYR D 76 30.44 12.25 18.92
C TYR D 76 30.56 13.56 18.14
N GLN D 77 30.16 14.65 18.78
CA GLN D 77 30.30 15.99 18.23
C GLN D 77 31.11 16.81 19.23
N CYS D 78 32.08 17.56 18.74
CA CYS D 78 32.74 18.56 19.55
C CYS D 78 33.09 19.78 18.71
N LYS D 79 32.84 20.96 19.26
CA LYS D 79 33.15 22.21 18.60
C LYS D 79 33.56 23.23 19.66
N VAL D 80 34.49 24.10 19.30
CA VAL D 80 34.93 25.19 20.17
C VAL D 80 34.41 26.50 19.61
N TYR D 81 33.68 27.25 20.43
CA TYR D 81 33.04 28.48 20.02
C TYR D 81 33.80 29.67 20.60
N THR D 82 34.36 30.49 19.72
CA THR D 82 35.14 31.66 20.12
C THR D 82 34.23 32.82 20.47
N GLY D 83 34.78 33.76 21.24
CA GLY D 83 34.10 35.01 21.49
C GLY D 83 32.92 34.94 22.43
N VAL D 84 32.83 33.87 23.23
CA VAL D 84 31.78 33.79 24.24
C VAL D 84 32.08 34.74 25.38
N TYR D 85 31.03 35.23 26.02
CA TYR D 85 31.15 36.04 27.24
C TYR D 85 29.99 35.70 28.16
N PRO D 86 30.03 34.52 28.77
CA PRO D 86 28.87 34.01 29.51
C PRO D 86 28.74 34.65 30.88
N PHE D 87 27.51 34.65 31.38
CA PHE D 87 27.20 35.15 32.71
C PHE D 87 26.77 34.00 33.61
N MET D 88 27.17 34.07 34.87
CA MET D 88 26.59 33.28 35.95
C MET D 88 25.75 34.18 36.85
N TRP D 89 25.17 33.57 37.88
CA TRP D 89 24.19 34.27 38.72
C TRP D 89 24.78 35.51 39.36
N GLY D 90 26.08 35.54 39.62
CA GLY D 90 26.71 36.65 40.30
C GLY D 90 27.44 37.65 39.42
N GLY D 91 27.44 37.44 38.11
CA GLY D 91 28.12 38.34 37.20
C GLY D 91 28.69 37.58 36.03
N ALA D 92 29.44 38.30 35.20
CA ALA D 92 30.11 37.68 34.07
C ALA D 92 31.10 36.62 34.54
N TYR D 93 31.17 35.51 33.81
CA TYR D 93 32.04 34.42 34.22
C TYR D 93 33.51 34.71 33.96
N CYS D 94 33.82 35.49 32.92
CA CYS D 94 35.19 35.73 32.51
C CYS D 94 35.54 37.20 32.63
N PHE D 95 36.82 37.48 32.91
CA PHE D 95 37.30 38.85 32.88
C PHE D 95 37.36 39.38 31.46
N CYS D 96 37.97 38.60 30.56
CA CYS D 96 38.13 39.02 29.17
C CYS D 96 36.77 39.11 28.49
N ASP D 97 36.52 40.22 27.81
CA ASP D 97 35.24 40.48 27.17
C ASP D 97 35.02 39.71 25.88
N SER D 98 36.06 39.10 25.30
CA SER D 98 35.90 38.47 24.00
C SER D 98 36.93 37.37 23.75
N GLU D 99 38.05 37.41 24.45
CA GLU D 99 39.06 36.37 24.35
C GLU D 99 38.72 35.09 25.11
N ASN D 100 37.49 34.60 25.02
CA ASN D 100 37.08 33.37 25.66
C ASN D 100 36.54 32.40 24.61
N THR D 101 36.66 31.11 24.89
CA THR D 101 36.07 30.08 24.03
C THR D 101 35.37 29.02 24.87
N GLN D 102 34.17 28.64 24.45
CA GLN D 102 33.46 27.52 25.05
C GLN D 102 33.69 26.29 24.20
N LEU D 103 34.27 25.25 24.80
CA LEU D 103 34.30 23.92 24.18
C LEU D 103 32.97 23.23 24.47
N SER D 104 32.18 22.97 23.43
CA SER D 104 30.96 22.18 23.56
C SER D 104 31.22 20.76 23.08
N GLU D 105 30.80 19.79 23.88
CA GLU D 105 31.03 18.38 23.55
C GLU D 105 29.77 17.59 23.85
N ALA D 106 29.41 16.68 22.94
CA ALA D 106 28.29 15.78 23.15
C ALA D 106 28.50 14.51 22.36
N TYR D 107 27.98 13.40 22.87
CA TYR D 107 28.01 12.14 22.16
C TYR D 107 26.85 11.26 22.62
N VAL D 108 26.58 10.22 21.84
CA VAL D 108 25.47 9.30 22.10
C VAL D 108 26.00 8.06 22.80
N ASP D 109 25.21 7.54 23.75
CA ASP D 109 25.53 6.27 24.39
C ASP D 109 24.26 5.45 24.55
N ARG D 110 24.45 4.15 24.73
CA ARG D 110 23.36 3.24 25.05
C ARG D 110 22.74 3.61 26.39
N SER D 111 21.40 3.62 26.44
CA SER D 111 20.71 4.02 27.66
C SER D 111 21.00 3.10 28.84
N ASP D 112 20.86 3.65 30.04
CA ASP D 112 21.14 2.96 31.28
C ASP D 112 20.20 1.78 31.55
N VAL D 113 19.02 1.75 30.92
CA VAL D 113 18.09 0.63 31.09
C VAL D 113 18.08 -0.32 29.89
N CYS D 114 19.02 -0.16 28.94
CA CYS D 114 18.96 -0.96 27.73
C CYS D 114 19.08 -2.44 28.01
N LYS D 115 19.72 -2.81 29.13
CA LYS D 115 19.72 -4.19 29.61
C LYS D 115 18.31 -4.70 29.85
N HIS D 116 17.36 -3.81 30.13
CA HIS D 116 16.02 -4.18 30.55
C HIS D 116 14.92 -3.84 29.55
N ASP D 117 15.07 -2.77 28.78
CA ASP D 117 14.06 -2.32 27.82
C ASP D 117 14.70 -2.20 26.44
N HIS D 118 14.72 -3.31 25.70
CA HIS D 118 15.35 -3.37 24.39
C HIS D 118 14.54 -4.30 23.50
N ALA D 119 14.65 -4.09 22.19
CA ALA D 119 14.05 -4.96 21.19
C ALA D 119 15.12 -5.66 20.38
N SER D 120 14.91 -6.95 20.12
CA SER D 120 15.86 -7.79 19.43
C SER D 120 15.40 -7.99 18.00
N ALA D 121 16.25 -7.60 17.04
CA ALA D 121 16.01 -7.87 15.63
C ALA D 121 16.60 -9.22 15.26
N TYR D 122 15.74 -10.14 14.84
CA TYR D 122 16.12 -11.51 14.54
C TYR D 122 15.82 -11.83 13.08
N LYS D 123 16.67 -12.64 12.47
CA LYS D 123 16.27 -13.43 11.32
C LYS D 123 15.65 -14.74 11.80
N ALA D 124 14.53 -15.13 11.21
CA ALA D 124 13.76 -16.26 11.67
C ALA D 124 13.50 -17.22 10.51
N HIS D 125 13.91 -18.47 10.67
CA HIS D 125 13.87 -19.43 9.59
C HIS D 125 13.86 -20.84 10.18
N THR D 126 13.70 -21.83 9.30
CA THR D 126 13.81 -23.25 9.62
C THR D 126 13.09 -23.59 10.92
N ALA D 127 11.78 -23.38 10.91
CA ALA D 127 10.96 -23.67 12.08
C ALA D 127 10.82 -25.17 12.29
N SER D 128 10.92 -25.60 13.55
CA SER D 128 10.69 -26.97 13.95
C SER D 128 9.39 -27.06 14.75
N LEU D 129 8.58 -28.08 14.45
CA LEU D 129 7.25 -28.21 15.04
C LEU D 129 7.30 -29.33 16.08
N LYS D 130 6.99 -28.97 17.32
CA LYS D 130 6.76 -29.93 18.39
C LYS D 130 5.27 -29.95 18.73
N ALA D 131 4.71 -31.15 18.84
CA ALA D 131 3.29 -31.31 19.12
C ALA D 131 3.10 -32.17 20.36
N THR D 132 2.08 -31.84 21.15
CA THR D 132 1.63 -32.69 22.24
C THR D 132 0.40 -33.47 21.78
N ILE D 133 0.52 -34.79 21.74
CA ILE D 133 -0.54 -35.67 21.28
C ILE D 133 -1.03 -36.51 22.45
N ARG D 134 -2.34 -36.67 22.55
CA ARG D 134 -2.95 -37.64 23.45
C ARG D 134 -3.30 -38.91 22.68
N ILE D 135 -2.76 -40.04 23.13
CA ILE D 135 -2.97 -41.35 22.52
C ILE D 135 -3.85 -42.14 23.48
N SER D 136 -4.91 -42.74 22.95
CA SER D 136 -5.67 -43.65 23.80
C SER D 136 -6.25 -44.81 22.99
N TYR D 137 -6.26 -45.99 23.63
CA TYR D 137 -6.79 -47.22 23.05
C TYR D 137 -6.85 -48.28 24.15
N GLY D 138 -8.00 -48.92 24.30
CA GLY D 138 -8.17 -49.88 25.38
C GLY D 138 -7.93 -49.27 26.75
N THR D 139 -7.02 -49.89 27.51
CA THR D 139 -6.64 -49.39 28.83
C THR D 139 -5.68 -48.20 28.76
N ILE D 140 -5.05 -47.96 27.64
CA ILE D 140 -4.02 -46.92 27.53
C ILE D 140 -4.69 -45.59 27.19
N ASN D 141 -4.28 -44.55 27.90
CA ASN D 141 -4.82 -43.20 27.70
C ASN D 141 -3.79 -42.24 28.27
N GLN D 142 -2.97 -41.66 27.38
CA GLN D 142 -1.72 -41.05 27.78
C GLN D 142 -1.40 -39.89 26.85
N THR D 143 -0.72 -38.88 27.39
CA THR D 143 -0.34 -37.69 26.65
C THR D 143 1.18 -37.65 26.53
N THR D 144 1.68 -37.50 25.30
CA THR D 144 3.12 -37.47 25.05
C THR D 144 3.48 -36.34 24.10
N GLU D 145 4.58 -35.65 24.40
CA GLU D 145 5.18 -34.69 23.49
C GLU D 145 6.06 -35.40 22.47
N ALA D 146 5.90 -35.02 21.20
CA ALA D 146 6.70 -35.56 20.11
C ALA D 146 7.11 -34.44 19.17
N PHE D 147 8.35 -34.49 18.70
CA PHE D 147 8.76 -33.67 17.58
C PHE D 147 8.12 -34.18 16.30
N VAL D 148 7.52 -33.28 15.53
CA VAL D 148 6.78 -33.66 14.32
C VAL D 148 7.79 -33.75 13.18
N ASN D 149 8.50 -34.87 13.15
CA ASN D 149 9.39 -35.23 12.04
C ASN D 149 9.44 -36.74 11.98
N GLY D 150 9.90 -37.27 10.85
CA GLY D 150 9.96 -38.72 10.69
C GLY D 150 11.02 -39.39 11.53
N GLU D 151 11.37 -38.78 12.66
CA GLU D 151 12.66 -39.02 13.31
C GLU D 151 12.58 -38.84 14.82
N HIS D 152 11.42 -39.14 15.43
CA HIS D 152 11.35 -39.22 16.89
C HIS D 152 10.25 -40.21 17.26
N ALA D 153 10.63 -41.43 17.61
CA ALA D 153 9.69 -42.46 18.04
C ALA D 153 9.47 -42.34 19.54
N VAL D 154 8.22 -42.11 19.94
CA VAL D 154 7.85 -41.90 21.33
C VAL D 154 7.05 -43.12 21.81
N ASN D 155 7.40 -43.62 22.99
CA ASN D 155 6.72 -44.78 23.55
C ASN D 155 5.41 -44.35 24.21
N VAL D 156 4.35 -45.10 23.91
CA VAL D 156 3.08 -45.01 24.64
C VAL D 156 2.60 -46.44 24.88
N GLY D 157 2.51 -46.83 26.15
CA GLY D 157 2.02 -48.15 26.49
C GLY D 157 2.76 -49.29 25.82
N GLY D 158 4.02 -49.07 25.45
CA GLY D 158 4.79 -50.03 24.70
C GLY D 158 4.68 -49.92 23.19
N SER D 159 3.73 -49.13 22.69
CA SER D 159 3.72 -48.76 21.28
C SER D 159 4.70 -47.64 21.01
N LYS D 160 5.26 -47.63 19.80
CA LYS D 160 6.07 -46.51 19.33
C LYS D 160 5.33 -45.78 18.22
N PHE D 161 5.23 -44.47 18.35
CA PHE D 161 4.62 -43.60 17.35
C PHE D 161 5.68 -42.68 16.76
N ILE D 162 5.67 -42.54 15.44
CA ILE D 162 6.47 -41.53 14.76
C ILE D 162 5.50 -40.60 14.05
N PHE D 163 5.51 -39.33 14.43
CA PHE D 163 4.66 -38.31 13.81
C PHE D 163 5.42 -37.63 12.69
N GLY D 164 5.16 -38.07 11.46
CA GLY D 164 6.00 -37.75 10.33
C GLY D 164 6.01 -36.27 9.96
N PRO D 165 6.83 -35.93 8.97
CA PRO D 165 7.05 -34.52 8.60
C PRO D 165 5.73 -33.79 8.35
N ILE D 166 5.60 -32.61 8.96
CA ILE D 166 4.41 -31.80 8.76
C ILE D 166 4.24 -31.47 7.29
N SER D 167 3.01 -31.61 6.81
CA SER D 167 2.73 -31.55 5.37
C SER D 167 3.19 -30.27 4.69
N THR D 168 3.37 -29.18 5.43
CA THR D 168 3.79 -27.93 4.82
C THR D 168 4.82 -27.21 5.68
N ALA D 169 5.76 -26.55 5.02
CA ALA D 169 6.82 -25.79 5.67
C ALA D 169 6.36 -24.42 6.15
N TRP D 170 5.10 -24.07 5.94
CA TRP D 170 4.60 -22.73 6.24
C TRP D 170 4.86 -22.36 7.70
N SER D 171 5.16 -21.08 7.93
CA SER D 171 5.21 -20.52 9.27
C SER D 171 4.81 -19.05 9.20
N PRO D 172 4.24 -18.51 10.27
CA PRO D 172 3.76 -17.11 10.22
C PRO D 172 4.87 -16.08 10.30
N PHE D 173 6.05 -16.46 10.80
CA PHE D 173 7.18 -15.55 10.90
C PHE D 173 7.81 -15.28 9.54
N ASP D 174 7.91 -14.00 9.19
CA ASP D 174 8.71 -13.61 8.04
C ASP D 174 10.20 -13.84 8.31
N ASN D 175 10.99 -13.69 7.25
CA ASN D 175 12.44 -13.86 7.37
C ASN D 175 13.07 -12.89 8.35
N LYS D 176 12.51 -11.69 8.52
CA LYS D 176 12.97 -10.75 9.52
C LYS D 176 11.92 -10.53 10.59
N ILE D 177 12.35 -10.55 11.85
CA ILE D 177 11.49 -10.51 13.02
C ILE D 177 12.06 -9.49 13.98
N VAL D 178 11.18 -8.72 14.64
CA VAL D 178 11.53 -7.97 15.84
C VAL D 178 10.77 -8.57 17.01
N VAL D 179 11.49 -8.85 18.10
CA VAL D 179 10.90 -9.38 19.32
C VAL D 179 11.02 -8.31 20.40
N TYR D 180 9.94 -8.09 21.14
CA TYR D 180 9.98 -7.13 22.24
C TYR D 180 9.06 -7.63 23.34
N LYS D 181 9.66 -8.08 24.45
CA LYS D 181 8.94 -8.61 25.60
C LYS D 181 8.04 -9.75 25.16
N ASP D 182 6.71 -9.62 25.28
CA ASP D 182 5.75 -10.64 24.89
C ASP D 182 5.35 -10.61 23.42
N ASP D 183 5.83 -9.65 22.64
CA ASP D 183 5.30 -9.39 21.32
C ASP D 183 6.34 -9.66 20.23
N VAL D 184 5.85 -10.07 19.06
CA VAL D 184 6.67 -10.36 17.89
C VAL D 184 6.11 -9.55 16.73
N TYR D 185 7.00 -8.96 15.93
CA TYR D 185 6.60 -8.11 14.82
C TYR D 185 7.30 -8.55 13.55
N ASN D 186 6.52 -8.84 12.51
CA ASN D 186 7.07 -8.99 11.17
C ASN D 186 7.53 -7.63 10.68
N GLN D 187 8.84 -7.44 10.51
CA GLN D 187 9.37 -6.10 10.32
C GLN D 187 10.70 -6.17 9.57
N ASP D 188 10.74 -5.53 8.40
CA ASP D 188 11.96 -5.42 7.60
C ASP D 188 12.88 -4.36 8.23
N PHE D 189 13.45 -4.72 9.37
CA PHE D 189 14.31 -3.79 10.10
C PHE D 189 15.54 -3.43 9.27
N PRO D 190 16.10 -2.25 9.49
CA PRO D 190 17.25 -1.79 8.70
C PRO D 190 18.51 -2.59 9.04
N PRO D 191 19.27 -3.00 8.03
CA PRO D 191 20.49 -3.78 8.27
C PRO D 191 21.44 -3.06 9.22
N TYR D 192 22.17 -3.84 10.01
CA TYR D 192 23.13 -3.29 10.95
C TYR D 192 24.13 -2.39 10.23
N GLY D 193 24.43 -1.25 10.84
CA GLY D 193 25.32 -0.27 10.25
C GLY D 193 24.70 0.61 9.19
N SER D 194 23.38 0.50 8.98
CA SER D 194 22.69 1.34 8.02
C SER D 194 21.39 1.92 8.60
N GLY D 195 21.18 1.80 9.91
CA GLY D 195 20.04 2.44 10.53
C GLY D 195 20.13 3.96 10.52
N GLN D 196 18.95 4.59 10.54
CA GLN D 196 18.74 5.98 10.16
C GLN D 196 18.08 6.74 11.30
N PRO D 197 18.32 8.06 11.39
CA PRO D 197 17.83 8.82 12.55
C PRO D 197 16.31 8.85 12.63
N GLY D 198 15.80 8.75 13.86
CA GLY D 198 14.39 8.83 14.12
C GLY D 198 13.57 7.65 13.67
N ARG D 199 14.22 6.56 13.28
CA ARG D 199 13.54 5.35 12.86
C ARG D 199 14.14 4.19 13.65
N PHE D 200 13.38 3.09 13.74
CA PHE D 200 13.84 1.94 14.50
C PHE D 200 15.25 1.54 14.10
N GLY D 201 16.11 1.35 15.08
CA GLY D 201 17.51 1.05 14.82
C GLY D 201 18.34 2.25 14.47
N ASP D 202 17.99 3.43 14.97
CA ASP D 202 18.89 4.58 14.83
C ASP D 202 20.17 4.41 15.63
N ILE D 203 20.12 3.66 16.72
CA ILE D 203 21.29 3.06 17.33
C ILE D 203 21.14 1.54 17.30
N GLN D 204 22.26 0.84 17.11
CA GLN D 204 22.24 -0.60 16.96
C GLN D 204 23.43 -1.21 17.68
N SER D 205 23.20 -2.33 18.36
CA SER D 205 24.22 -3.03 19.12
C SER D 205 24.10 -4.52 18.83
N ARG D 206 25.22 -5.16 18.50
CA ARG D 206 25.17 -6.57 18.07
C ARG D 206 24.70 -7.48 19.20
N THR D 207 24.80 -7.05 20.44
CA THR D 207 24.30 -7.80 21.58
C THR D 207 24.09 -6.79 22.70
N VAL D 208 23.32 -7.20 23.72
CA VAL D 208 22.98 -6.27 24.79
C VAL D 208 24.25 -5.78 25.48
N GLU D 209 25.27 -6.62 25.55
CA GLU D 209 26.49 -6.36 26.32
C GLU D 209 27.60 -5.74 25.50
N SER D 210 27.45 -5.63 24.17
CA SER D 210 28.58 -5.31 23.30
C SER D 210 29.15 -3.94 23.61
N LYS D 211 30.48 -3.84 23.53
CA LYS D 211 31.17 -2.57 23.73
C LYS D 211 31.02 -1.62 22.55
N ASP D 212 30.68 -2.11 21.36
CA ASP D 212 30.63 -1.31 20.15
C ASP D 212 29.18 -1.00 19.78
N LEU D 213 28.88 0.29 19.62
CA LEU D 213 27.53 0.76 19.30
C LEU D 213 27.58 1.58 18.02
N TYR D 214 26.75 1.19 17.05
CA TYR D 214 26.45 2.07 15.93
C TYR D 214 25.40 3.06 16.36
N ALA D 215 25.65 4.35 16.12
CA ALA D 215 24.68 5.39 16.40
C ALA D 215 24.64 6.37 15.24
N ASN D 216 23.42 6.68 14.77
CA ASN D 216 23.19 7.66 13.70
C ASN D 216 21.95 8.47 14.06
N THR D 217 22.10 9.40 15.00
CA THR D 217 20.98 10.15 15.55
C THR D 217 20.91 11.58 15.03
N ALA D 218 21.81 11.97 14.12
CA ALA D 218 21.87 13.33 13.60
C ALA D 218 22.11 14.37 14.69
N LEU D 219 22.89 14.01 15.71
CA LEU D 219 23.29 14.97 16.73
C LEU D 219 24.13 16.08 16.12
N LYS D 220 23.67 17.32 16.25
CA LYS D 220 24.45 18.50 15.87
C LYS D 220 24.47 19.52 16.99
N LEU D 221 25.67 19.93 17.40
CA LEU D 221 25.83 21.05 18.32
C LEU D 221 25.55 22.38 17.61
N SER D 222 25.18 23.38 18.41
CA SER D 222 25.07 24.74 17.90
C SER D 222 25.64 25.72 18.92
N ARG D 223 25.93 26.94 18.51
CA ARG D 223 26.67 27.90 19.37
C ARG D 223 25.82 28.38 20.52
N PRO D 224 26.36 28.48 21.73
CA PRO D 224 25.60 28.93 22.90
C PRO D 224 25.05 30.35 22.73
N SER D 225 23.86 30.62 23.26
CA SER D 225 23.25 31.98 23.17
C SER D 225 24.11 32.97 23.93
N PRO D 226 24.17 34.27 23.55
CA PRO D 226 25.06 35.23 24.20
C PRO D 226 24.82 35.34 25.70
N GLY D 227 25.88 35.18 26.51
CA GLY D 227 25.77 35.33 27.98
C GLY D 227 25.05 34.16 28.64
N VAL D 228 24.90 33.04 27.93
CA VAL D 228 24.13 31.88 28.49
C VAL D 228 25.01 30.63 28.45
N VAL D 229 25.03 29.85 29.53
CA VAL D 229 25.80 28.58 29.58
C VAL D 229 24.79 27.43 29.48
N HIS D 230 24.80 26.65 28.39
CA HIS D 230 23.76 25.60 28.23
C HIS D 230 24.14 24.53 27.21
N VAL D 231 25.28 24.67 26.52
CA VAL D 231 25.66 23.70 25.45
C VAL D 231 24.41 23.35 24.61
N PRO D 232 23.87 24.28 23.79
CA PRO D 232 22.64 24.01 23.04
C PRO D 232 22.91 23.06 21.89
N TYR D 233 21.90 22.25 21.51
CA TYR D 233 22.12 21.24 20.44
C TYR D 233 20.80 20.63 19.97
N THR D 234 20.75 20.18 18.71
CA THR D 234 19.59 19.50 18.17
C THR D 234 19.94 18.07 17.82
N GLN D 235 18.95 17.19 17.96
CA GLN D 235 19.13 15.76 17.70
C GLN D 235 17.78 15.15 17.38
N THR D 236 17.75 14.23 16.44
CA THR D 236 16.50 13.59 16.04
C THR D 236 16.02 12.64 17.13
N PRO D 237 14.77 12.74 17.58
CA PRO D 237 14.31 11.95 18.72
C PRO D 237 14.42 10.46 18.49
N SER D 238 14.45 9.71 19.60
CA SER D 238 14.78 8.29 19.57
C SER D 238 13.82 7.52 18.67
N GLY D 239 14.39 6.80 17.70
CA GLY D 239 13.59 5.98 16.80
C GLY D 239 12.92 4.79 17.47
N PHE D 240 13.54 4.25 18.51
CA PHE D 240 12.90 3.24 19.35
C PHE D 240 11.66 3.78 20.08
N LYS D 241 11.77 4.97 20.67
CA LYS D 241 10.61 5.56 21.33
C LYS D 241 9.53 6.02 20.35
N TYR D 242 9.86 6.25 19.08
CA TYR D 242 8.83 6.35 18.06
C TYR D 242 8.19 4.99 17.77
N TRP D 243 9.01 3.98 17.52
CA TRP D 243 8.52 2.62 17.26
C TRP D 243 7.54 2.14 18.33
N LEU D 244 7.88 2.34 19.61
CA LEU D 244 7.02 1.90 20.70
C LEU D 244 5.58 2.40 20.62
N LYS D 245 5.34 3.58 20.06
CA LYS D 245 3.97 4.04 19.83
C LYS D 245 3.47 3.76 18.42
N GLU D 246 4.37 3.65 17.45
CA GLU D 246 4.02 3.33 16.07
C GLU D 246 3.82 1.85 15.82
N LYS D 247 4.24 0.98 16.74
CA LYS D 247 4.15 -0.47 16.57
C LYS D 247 2.85 -0.95 15.93
N GLY D 248 1.72 -0.52 16.46
CA GLY D 248 0.47 -1.22 16.25
C GLY D 248 0.41 -2.52 17.04
N SER D 249 -0.69 -3.25 16.84
CA SER D 249 -0.83 -4.57 17.45
C SER D 249 0.14 -5.58 16.82
N SER D 250 0.58 -6.53 17.64
CA SER D 250 1.64 -7.46 17.29
C SER D 250 1.11 -8.61 16.43
N LEU D 251 2.03 -9.47 16.00
CA LEU D 251 1.71 -10.64 15.19
C LEU D 251 0.69 -11.56 15.86
N ASN D 252 0.64 -11.57 17.19
CA ASN D 252 -0.36 -12.34 17.91
C ASN D 252 -1.79 -12.02 17.48
N THR D 253 -2.04 -10.80 17.04
CA THR D 253 -3.38 -10.40 16.59
C THR D 253 -3.56 -10.55 15.08
N LYS D 254 -2.53 -10.95 14.35
CA LYS D 254 -2.54 -10.90 12.89
C LYS D 254 -2.13 -12.20 12.21
N ALA D 255 -1.52 -13.15 12.91
CA ALA D 255 -1.04 -14.36 12.27
C ALA D 255 -2.19 -15.15 11.65
N PRO D 256 -1.99 -15.71 10.45
CA PRO D 256 -2.99 -16.62 9.86
C PRO D 256 -3.24 -17.86 10.70
N PHE D 257 -4.23 -18.64 10.27
CA PHE D 257 -4.54 -19.98 10.78
C PHE D 257 -4.77 -19.99 12.29
N GLY D 258 -5.07 -18.84 12.89
CA GLY D 258 -5.37 -18.83 14.30
C GLY D 258 -4.19 -19.07 15.21
N CYS D 259 -2.97 -18.94 14.68
CA CYS D 259 -1.78 -19.10 15.50
C CYS D 259 -1.82 -18.16 16.69
N LYS D 260 -1.36 -18.65 17.83
CA LYS D 260 -1.15 -17.84 19.02
C LYS D 260 0.34 -17.67 19.20
N ILE D 261 0.82 -16.43 19.15
CA ILE D 261 2.26 -16.17 19.12
C ILE D 261 2.74 -15.91 20.54
N LYS D 262 3.88 -16.50 20.87
CA LYS D 262 4.47 -16.33 22.19
C LYS D 262 5.97 -16.11 22.03
N THR D 263 6.58 -15.53 23.06
CA THR D 263 8.02 -15.34 23.12
C THR D 263 8.62 -16.18 24.23
N ASN D 264 9.95 -16.13 24.31
CA ASN D 264 10.76 -16.88 25.28
C ASN D 264 10.38 -18.36 25.36
N PRO D 265 10.62 -19.16 24.30
CA PRO D 265 11.15 -18.83 22.98
C PRO D 265 10.10 -18.27 22.04
N VAL D 266 10.51 -17.67 20.93
CA VAL D 266 9.57 -17.31 19.88
C VAL D 266 8.95 -18.57 19.30
N ARG D 267 7.62 -18.66 19.37
CA ARG D 267 6.91 -19.82 18.86
C ARG D 267 5.50 -19.42 18.45
N ALA D 268 4.97 -20.11 17.45
CA ALA D 268 3.58 -19.98 17.04
C ALA D 268 2.80 -21.21 17.50
N MET D 269 1.96 -21.03 18.52
CA MET D 269 1.19 -22.14 19.07
C MET D 269 -0.06 -22.43 18.24
N ASP D 270 -0.40 -23.73 18.19
CA ASP D 270 -1.71 -24.20 17.73
C ASP D 270 -2.09 -23.74 16.33
N CYS D 271 -1.12 -23.54 15.44
CA CYS D 271 -1.47 -23.19 14.06
C CYS D 271 -2.21 -24.34 13.39
N ALA D 272 -3.46 -24.10 13.01
CA ALA D 272 -4.34 -25.13 12.46
C ALA D 272 -4.11 -25.34 10.96
N VAL D 273 -2.88 -25.71 10.62
CA VAL D 273 -2.47 -25.79 9.22
C VAL D 273 -1.80 -27.14 8.95
N GLY D 274 -2.11 -27.73 7.80
CA GLY D 274 -1.53 -28.98 7.35
C GLY D 274 -2.05 -30.21 8.09
N SER D 275 -1.34 -31.31 7.90
CA SER D 275 -1.69 -32.58 8.51
C SER D 275 -0.42 -33.34 8.87
N ILE D 276 -0.53 -34.23 9.84
CA ILE D 276 0.61 -34.90 10.45
C ILE D 276 0.52 -36.39 10.13
N PRO D 277 1.41 -36.93 9.30
CA PRO D 277 1.50 -38.39 9.18
C PRO D 277 1.80 -39.02 10.53
N VAL D 278 1.31 -40.24 10.72
CA VAL D 278 1.66 -41.04 11.90
C VAL D 278 2.08 -42.42 11.43
N SER D 279 3.17 -42.92 12.00
CA SER D 279 3.52 -44.34 11.95
C SER D 279 3.29 -44.95 13.34
N MET D 280 2.52 -46.03 13.38
CA MET D 280 2.06 -46.63 14.63
C MET D 280 2.54 -48.07 14.68
N ASP D 281 3.38 -48.39 15.66
CA ASP D 281 3.82 -49.76 15.89
C ASP D 281 3.14 -50.28 17.15
N ILE D 282 2.07 -51.04 16.98
CA ILE D 282 1.22 -51.50 18.08
C ILE D 282 1.56 -52.96 18.38
N PRO D 283 1.78 -53.34 19.64
CA PRO D 283 2.06 -54.74 19.96
C PRO D 283 0.79 -55.56 20.00
N ASP D 284 0.97 -56.87 19.85
CA ASP D 284 -0.15 -57.81 19.90
C ASP D 284 -0.88 -57.80 21.23
N SER D 285 -0.21 -57.42 22.32
CA SER D 285 -0.86 -57.35 23.62
C SER D 285 -1.88 -56.22 23.73
N ALA D 286 -1.91 -55.29 22.78
CA ALA D 286 -2.92 -54.24 22.77
C ALA D 286 -4.27 -54.74 22.28
N PHE D 287 -4.28 -55.65 21.31
CA PHE D 287 -5.52 -56.12 20.74
C PHE D 287 -6.16 -57.22 21.59
N THR D 288 -7.37 -57.60 21.22
CA THR D 288 -8.00 -58.82 21.68
C THR D 288 -8.21 -59.75 20.50
N ARG D 289 -8.05 -61.05 20.75
CA ARG D 289 -8.17 -62.03 19.68
C ARG D 289 -9.63 -62.18 19.26
N VAL D 290 -9.83 -62.60 18.00
CA VAL D 290 -11.19 -62.80 17.49
C VAL D 290 -11.93 -63.89 18.25
N VAL D 291 -11.21 -64.77 18.95
CA VAL D 291 -11.87 -65.73 19.82
C VAL D 291 -12.39 -65.06 21.08
N ASP D 292 -11.76 -63.97 21.52
CA ASP D 292 -12.23 -63.23 22.68
C ASP D 292 -13.38 -62.29 22.37
N ALA D 293 -13.41 -61.70 21.18
CA ALA D 293 -14.39 -60.66 20.88
C ALA D 293 -15.78 -61.24 20.63
N PRO D 294 -16.82 -60.40 20.77
CA PRO D 294 -18.18 -60.83 20.41
C PRO D 294 -18.36 -60.97 18.90
N ALA D 295 -19.05 -62.05 18.51
CA ALA D 295 -19.34 -62.35 17.10
C ALA D 295 -20.54 -61.55 16.60
N VAL D 296 -20.35 -60.23 16.52
CA VAL D 296 -21.41 -59.35 16.04
C VAL D 296 -21.82 -59.73 14.62
N THR D 297 -23.11 -59.95 14.43
CA THR D 297 -23.65 -60.45 13.16
C THR D 297 -24.99 -59.81 12.87
N ASP D 298 -25.33 -59.76 11.58
CA ASP D 298 -26.55 -59.12 11.08
C ASP D 298 -26.69 -57.68 11.58
N LEU D 299 -25.57 -56.97 11.61
CA LEU D 299 -25.59 -55.56 11.97
C LEU D 299 -26.39 -54.77 10.94
N SER D 300 -27.28 -53.90 11.44
CA SER D 300 -28.01 -52.96 10.59
C SER D 300 -28.06 -51.61 11.27
N CYS D 301 -28.34 -50.57 10.47
CA CYS D 301 -28.29 -49.20 10.95
C CYS D 301 -29.54 -48.43 10.57
N GLN D 302 -30.10 -47.72 11.54
CA GLN D 302 -31.18 -46.77 11.33
C GLN D 302 -30.79 -45.45 11.99
N VAL D 303 -30.97 -44.34 11.29
CA VAL D 303 -30.62 -43.03 11.83
C VAL D 303 -31.87 -42.40 12.43
N VAL D 304 -31.84 -42.18 13.76
CA VAL D 304 -33.02 -41.69 14.46
C VAL D 304 -33.27 -40.23 14.10
N VAL D 305 -32.23 -39.40 14.15
CA VAL D 305 -32.32 -38.00 13.76
C VAL D 305 -30.96 -37.61 13.21
N CYS D 306 -30.95 -36.69 12.26
CA CYS D 306 -29.70 -36.10 11.80
C CYS D 306 -29.84 -34.61 11.51
N THR D 307 -28.93 -33.84 12.09
CA THR D 307 -28.72 -32.44 11.73
C THR D 307 -27.27 -32.32 11.30
N HIS D 308 -27.03 -31.71 10.15
CA HIS D 308 -25.65 -31.56 9.70
C HIS D 308 -24.99 -30.33 10.33
N SER D 309 -25.13 -30.23 11.65
CA SER D 309 -24.52 -29.17 12.45
C SER D 309 -23.04 -29.46 12.67
N SER D 310 -22.35 -28.48 13.25
CA SER D 310 -20.91 -28.63 13.46
C SER D 310 -20.56 -29.59 14.59
N ASP D 311 -21.47 -29.84 15.53
CA ASP D 311 -21.21 -30.85 16.54
C ASP D 311 -21.66 -32.23 16.05
N PHE D 312 -21.74 -33.19 16.96
CA PHE D 312 -22.26 -34.54 16.66
C PHE D 312 -23.79 -34.51 16.63
N GLY D 313 -24.33 -33.91 15.57
CA GLY D 313 -25.73 -33.65 15.41
C GLY D 313 -26.58 -34.79 14.89
N GLY D 314 -25.99 -35.95 14.60
CA GLY D 314 -26.74 -37.10 14.16
C GLY D 314 -26.63 -38.25 15.15
N VAL D 315 -27.71 -39.03 15.26
CA VAL D 315 -27.78 -40.18 16.15
C VAL D 315 -28.20 -41.40 15.33
N ALA D 316 -27.31 -42.39 15.25
CA ALA D 316 -27.62 -43.70 14.70
C ALA D 316 -27.99 -44.64 15.83
N THR D 317 -28.96 -45.51 15.57
CA THR D 317 -29.15 -46.74 16.34
C THR D 317 -28.73 -47.95 15.52
N LEU D 318 -27.81 -48.73 16.08
CA LEU D 318 -27.29 -49.94 15.46
C LEU D 318 -27.92 -51.14 16.13
N SER D 319 -28.37 -52.10 15.33
CA SER D 319 -28.99 -53.31 15.83
C SER D 319 -28.37 -54.53 15.17
N TYR D 320 -28.23 -55.61 15.95
CA TYR D 320 -27.32 -56.69 15.62
C TYR D 320 -27.70 -57.91 16.45
N LYS D 321 -27.03 -59.03 16.13
CA LYS D 321 -27.02 -60.20 17.00
C LYS D 321 -25.58 -60.45 17.45
N THR D 322 -25.44 -60.99 18.67
CA THR D 322 -24.12 -61.23 19.22
C THR D 322 -24.15 -62.50 20.08
N ASP D 323 -23.03 -63.21 20.10
CA ASP D 323 -22.93 -64.42 20.91
C ASP D 323 -22.61 -64.15 22.37
N LYS D 324 -21.98 -63.02 22.67
CA LYS D 324 -21.63 -62.66 24.03
C LYS D 324 -21.67 -61.15 24.17
N PRO D 325 -21.85 -60.63 25.37
CA PRO D 325 -21.59 -59.21 25.62
C PRO D 325 -20.11 -58.90 25.69
N GLY D 326 -19.76 -57.71 25.23
CA GLY D 326 -18.37 -57.27 25.27
C GLY D 326 -18.19 -55.98 24.50
N ASP D 327 -16.98 -55.44 24.59
CA ASP D 327 -16.61 -54.26 23.84
C ASP D 327 -16.44 -54.57 22.36
N CYS D 328 -16.80 -53.60 21.51
CA CYS D 328 -16.45 -53.61 20.11
C CYS D 328 -15.86 -52.26 19.71
N ALA D 329 -14.81 -52.32 18.89
CA ALA D 329 -14.38 -51.13 18.17
C ALA D 329 -15.42 -50.75 17.13
N VAL D 330 -15.64 -49.44 17.00
CA VAL D 330 -16.65 -48.89 16.11
C VAL D 330 -15.99 -47.80 15.27
N HIS D 331 -16.33 -47.76 13.99
CA HIS D 331 -15.70 -46.81 13.08
C HIS D 331 -16.64 -46.50 11.94
N SER D 332 -16.41 -45.37 11.30
CA SER D 332 -17.08 -44.99 10.07
C SER D 332 -16.04 -44.94 8.95
N HIS D 333 -16.25 -45.76 7.92
CA HIS D 333 -15.24 -45.90 6.88
C HIS D 333 -15.33 -44.83 5.81
N SER D 334 -16.06 -43.75 6.07
CA SER D 334 -16.17 -42.64 5.12
C SER D 334 -16.01 -41.33 5.86
N ASN D 335 -15.24 -40.42 5.29
CA ASN D 335 -15.07 -39.09 5.85
C ASN D 335 -16.34 -38.26 5.78
N VAL D 336 -17.36 -38.74 5.07
CA VAL D 336 -18.67 -38.09 5.06
C VAL D 336 -19.19 -37.86 6.47
N ALA D 337 -18.93 -38.80 7.38
CA ALA D 337 -19.44 -38.67 8.75
C ALA D 337 -18.50 -39.35 9.73
N THR D 338 -18.04 -38.60 10.71
CA THR D 338 -17.21 -39.09 11.80
C THR D 338 -18.08 -39.50 12.99
N LEU D 339 -17.52 -40.35 13.85
CA LEU D 339 -18.25 -40.86 15.00
C LEU D 339 -17.67 -40.31 16.29
N GLN D 340 -18.55 -40.10 17.27
CA GLN D 340 -18.13 -39.58 18.57
C GLN D 340 -17.34 -40.60 19.38
N GLU D 341 -17.82 -41.84 19.45
CA GLU D 341 -17.21 -42.85 20.30
C GLU D 341 -16.36 -43.82 19.51
N ALA D 342 -15.19 -44.15 20.08
CA ALA D 342 -14.28 -45.12 19.49
C ALA D 342 -14.68 -46.57 19.78
N THR D 343 -15.41 -46.83 20.86
CA THR D 343 -15.77 -48.19 21.24
C THR D 343 -17.19 -48.21 21.80
N VAL D 344 -17.81 -49.39 21.68
CA VAL D 344 -19.18 -49.61 22.12
C VAL D 344 -19.22 -50.89 22.94
N LYS D 345 -20.00 -50.89 24.01
CA LYS D 345 -20.33 -52.13 24.72
C LYS D 345 -21.45 -52.83 23.98
N VAL D 346 -21.09 -53.84 23.19
CA VAL D 346 -22.07 -54.71 22.56
C VAL D 346 -22.72 -55.60 23.61
N LYS D 347 -24.04 -55.65 23.60
CA LYS D 347 -24.80 -56.43 24.58
C LYS D 347 -25.82 -57.30 23.86
N THR D 348 -26.22 -58.38 24.55
CA THR D 348 -27.19 -59.32 23.99
C THR D 348 -28.57 -58.71 23.80
N ALA D 349 -28.85 -57.54 24.38
CA ALA D 349 -30.08 -56.82 24.09
C ALA D 349 -30.20 -56.41 22.64
N GLY D 350 -29.13 -56.50 21.86
CA GLY D 350 -29.24 -56.43 20.42
C GLY D 350 -29.38 -55.06 19.81
N LYS D 351 -29.25 -53.98 20.60
CA LYS D 351 -29.27 -52.65 20.00
C LYS D 351 -28.30 -51.72 20.72
N VAL D 352 -27.83 -50.71 19.97
CA VAL D 352 -26.76 -49.82 20.38
C VAL D 352 -27.07 -48.46 19.77
N THR D 353 -26.51 -47.40 20.36
CA THR D 353 -26.58 -46.09 19.72
C THR D 353 -25.19 -45.47 19.56
N VAL D 354 -25.00 -44.78 18.43
CA VAL D 354 -23.74 -44.17 18.05
C VAL D 354 -24.06 -42.77 17.51
N HIS D 355 -23.29 -41.78 17.95
CA HIS D 355 -23.51 -40.41 17.53
C HIS D 355 -22.48 -40.00 16.48
N PHE D 356 -22.95 -39.35 15.42
CA PHE D 356 -22.09 -39.01 14.28
C PHE D 356 -22.30 -37.57 13.89
N SER D 357 -21.29 -37.03 13.19
CA SER D 357 -21.28 -35.65 12.72
C SER D 357 -21.03 -35.63 11.22
N THR D 358 -21.83 -34.85 10.49
CA THR D 358 -21.69 -34.77 9.04
C THR D 358 -22.04 -33.36 8.60
N ALA D 359 -21.51 -32.98 7.43
CA ALA D 359 -21.79 -31.70 6.80
C ALA D 359 -22.74 -31.81 5.62
N SER D 360 -23.35 -32.97 5.39
CA SER D 360 -24.05 -33.25 4.15
C SER D 360 -25.53 -33.50 4.41
N ALA D 361 -26.36 -33.10 3.44
CA ALA D 361 -27.80 -33.24 3.56
C ALA D 361 -28.26 -34.68 3.47
N SER D 362 -27.49 -35.56 2.86
CA SER D 362 -27.82 -36.99 2.83
C SER D 362 -26.53 -37.80 2.79
N PRO D 363 -25.99 -38.11 3.95
CA PRO D 363 -24.78 -38.94 4.02
C PRO D 363 -25.09 -40.41 3.79
N ALA D 364 -24.09 -41.12 3.27
CA ALA D 364 -24.03 -42.56 3.45
C ALA D 364 -22.62 -42.97 3.79
N PHE D 365 -22.48 -43.81 4.82
CA PHE D 365 -21.19 -44.18 5.36
C PHE D 365 -21.28 -45.57 5.95
N LYS D 366 -20.21 -46.35 5.79
CA LYS D 366 -20.17 -47.73 6.27
C LYS D 366 -19.63 -47.79 7.70
N VAL D 367 -20.53 -47.93 8.65
CA VAL D 367 -20.15 -48.17 10.05
C VAL D 367 -19.74 -49.63 10.19
N SER D 368 -18.82 -49.90 11.12
CA SER D 368 -18.57 -51.27 11.54
C SER D 368 -18.65 -51.37 13.06
N VAL D 369 -18.98 -52.58 13.53
CA VAL D 369 -18.96 -52.92 14.95
C VAL D 369 -18.30 -54.27 15.08
N CYS D 370 -17.08 -54.31 15.62
CA CYS D 370 -16.19 -55.49 15.53
C CYS D 370 -16.03 -55.85 14.05
N ASP D 371 -16.21 -57.11 13.66
CA ASP D 371 -16.08 -57.51 12.26
C ASP D 371 -17.28 -57.07 11.42
N ALA D 372 -18.45 -56.90 12.01
CA ALA D 372 -19.64 -56.62 11.24
C ALA D 372 -19.61 -55.21 10.64
N LYS D 373 -20.11 -55.10 9.40
CA LYS D 373 -20.13 -53.84 8.67
C LYS D 373 -21.52 -53.60 8.09
N THR D 374 -21.97 -52.35 8.13
CA THR D 374 -23.27 -51.97 7.61
C THR D 374 -23.19 -50.56 7.03
N THR D 375 -24.11 -50.25 6.13
CA THR D 375 -24.22 -48.92 5.57
C THR D 375 -25.35 -48.14 6.24
N CYS D 376 -24.98 -47.07 6.94
CA CYS D 376 -25.95 -46.10 7.42
C CYS D 376 -26.36 -45.13 6.31
N THR D 377 -27.60 -44.65 6.39
CA THR D 377 -28.08 -43.64 5.45
C THR D 377 -29.08 -42.75 6.19
N ALA D 378 -29.05 -41.45 5.89
CA ALA D 378 -29.87 -40.50 6.63
C ALA D 378 -30.32 -39.37 5.72
N ALA D 379 -31.41 -38.73 6.13
CA ALA D 379 -31.80 -37.40 5.65
C ALA D 379 -31.49 -36.38 6.73
N CYS D 380 -30.50 -35.51 6.48
CA CYS D 380 -29.97 -34.62 7.49
C CYS D 380 -30.44 -33.19 7.23
N GLU D 381 -31.04 -32.57 8.25
CA GLU D 381 -31.53 -31.20 8.19
C GLU D 381 -30.40 -30.21 8.46
N PRO D 382 -30.48 -29.00 7.90
CA PRO D 382 -29.57 -27.94 8.34
C PRO D 382 -29.84 -27.51 9.78
N PRO D 383 -28.83 -27.04 10.50
CA PRO D 383 -29.04 -26.50 11.84
C PRO D 383 -29.80 -25.17 11.81
N LYS D 384 -30.31 -24.81 12.98
CA LYS D 384 -30.96 -23.52 13.21
C LYS D 384 -29.98 -22.43 13.63
N ASP D 385 -28.98 -22.76 14.43
CA ASP D 385 -28.02 -21.78 14.94
C ASP D 385 -27.03 -21.39 13.85
N HIS D 386 -27.01 -20.10 13.50
CA HIS D 386 -26.14 -19.63 12.43
C HIS D 386 -24.66 -19.72 12.81
N ILE D 387 -24.34 -19.46 14.07
CA ILE D 387 -22.94 -19.34 14.50
C ILE D 387 -22.76 -20.05 15.83
N VAL D 388 -21.61 -20.68 16.01
CA VAL D 388 -21.34 -21.50 17.20
C VAL D 388 -19.92 -21.27 17.66
N PRO D 389 -19.67 -21.46 18.96
CA PRO D 389 -18.34 -21.19 19.52
C PRO D 389 -17.33 -22.32 19.38
N TYR D 390 -17.56 -23.27 18.48
CA TYR D 390 -16.67 -24.41 18.35
C TYR D 390 -16.56 -24.83 16.89
N GLY D 391 -15.41 -25.42 16.55
CA GLY D 391 -15.18 -25.90 15.20
C GLY D 391 -15.88 -27.21 14.88
N ALA D 392 -15.92 -27.51 13.59
CA ALA D 392 -16.62 -28.69 13.11
C ALA D 392 -15.91 -29.97 13.52
N SER D 393 -16.70 -30.94 14.01
CA SER D 393 -16.22 -32.30 14.19
C SER D 393 -16.27 -33.13 12.91
N HIS D 394 -17.00 -32.67 11.89
CA HIS D 394 -17.02 -33.34 10.60
C HIS D 394 -15.86 -32.88 9.71
N ASN D 395 -15.70 -33.56 8.59
CA ASN D 395 -14.67 -33.23 7.61
C ASN D 395 -15.16 -32.30 6.51
N ASN D 396 -16.31 -31.68 6.68
CA ASN D 396 -16.88 -30.71 5.74
C ASN D 396 -17.10 -31.28 4.34
N GLN D 397 -17.25 -32.60 4.20
CA GLN D 397 -17.65 -33.16 2.91
C GLN D 397 -19.16 -32.99 2.75
N VAL D 398 -19.57 -32.26 1.71
CA VAL D 398 -20.95 -31.86 1.54
C VAL D 398 -21.67 -32.54 0.37
N PHE D 399 -20.96 -33.17 -0.55
CA PHE D 399 -21.61 -33.79 -1.69
C PHE D 399 -22.52 -34.94 -1.25
N PRO D 400 -23.79 -34.92 -1.65
CA PRO D 400 -24.73 -35.92 -1.15
C PRO D 400 -24.49 -37.29 -1.77
N ASP D 401 -24.97 -38.31 -1.07
CA ASP D 401 -24.95 -39.67 -1.59
C ASP D 401 -25.87 -39.82 -2.80
N MET D 402 -25.51 -40.76 -3.67
CA MET D 402 -26.29 -41.05 -4.87
C MET D 402 -27.67 -41.62 -4.56
N SER D 403 -27.87 -42.17 -3.37
CA SER D 403 -29.21 -42.55 -2.94
C SER D 403 -30.00 -41.38 -2.36
N GLY D 404 -29.38 -40.22 -2.18
CA GLY D 404 -30.07 -39.07 -1.63
C GLY D 404 -31.08 -38.52 -2.60
N THR D 405 -31.94 -37.63 -2.09
CA THR D 405 -33.04 -37.10 -2.88
C THR D 405 -32.55 -36.27 -4.06
N ALA D 406 -31.57 -35.40 -3.84
CA ALA D 406 -31.04 -34.57 -4.91
C ALA D 406 -30.46 -35.42 -6.03
N MET D 407 -29.58 -36.36 -5.67
CA MET D 407 -29.00 -37.23 -6.68
C MET D 407 -30.01 -38.22 -7.23
N THR D 408 -31.08 -38.53 -6.49
CA THR D 408 -32.17 -39.31 -7.06
C THR D 408 -32.85 -38.56 -8.20
N TRP D 409 -33.19 -37.29 -7.99
CA TRP D 409 -33.74 -36.47 -9.07
C TRP D 409 -32.77 -36.32 -10.23
N VAL D 410 -31.47 -36.15 -9.94
CA VAL D 410 -30.47 -36.09 -11.00
C VAL D 410 -30.42 -37.40 -11.80
N GLN D 411 -30.46 -38.54 -11.10
CA GLN D 411 -30.50 -39.84 -11.75
C GLN D 411 -31.77 -40.03 -12.60
N ARG D 412 -32.92 -39.60 -12.10
CA ARG D 412 -34.14 -39.67 -12.90
C ARG D 412 -34.08 -38.81 -14.16
N LEU D 413 -33.51 -37.60 -14.05
CA LEU D 413 -33.31 -36.77 -15.24
C LEU D 413 -32.33 -37.38 -16.22
N ALA D 414 -31.14 -37.73 -15.74
CA ALA D 414 -30.10 -38.26 -16.63
C ALA D 414 -30.50 -39.60 -17.25
N SER D 415 -31.23 -40.45 -16.53
CA SER D 415 -31.76 -41.68 -17.13
C SER D 415 -32.91 -41.43 -18.08
N GLY D 416 -33.67 -40.36 -17.88
CA GLY D 416 -34.72 -40.02 -18.84
C GLY D 416 -34.16 -39.54 -20.16
N LEU D 417 -33.33 -38.52 -20.10
CA LEU D 417 -32.69 -38.01 -21.32
C LEU D 417 -31.75 -39.03 -21.95
N GLY D 418 -31.06 -39.85 -21.15
CA GLY D 418 -30.26 -40.92 -21.72
C GLY D 418 -31.07 -41.99 -22.41
N GLY D 419 -32.21 -42.39 -21.83
CA GLY D 419 -33.07 -43.33 -22.50
C GLY D 419 -33.67 -42.80 -23.79
N LEU D 420 -34.04 -41.51 -23.81
CA LEU D 420 -34.47 -40.90 -25.07
C LEU D 420 -33.35 -40.85 -26.10
N ALA D 421 -32.13 -40.54 -25.68
CA ALA D 421 -30.99 -40.60 -26.60
C ALA D 421 -30.69 -42.00 -27.09
N LEU D 422 -30.84 -43.00 -26.23
CA LEU D 422 -30.71 -44.40 -26.66
C LEU D 422 -31.78 -44.82 -27.65
N ILE D 423 -33.03 -44.38 -27.45
CA ILE D 423 -34.06 -44.67 -28.43
C ILE D 423 -33.76 -44.00 -29.78
N ALA D 424 -33.31 -42.74 -29.75
CA ALA D 424 -32.88 -42.07 -30.97
C ALA D 424 -31.73 -42.79 -31.66
N VAL D 425 -30.76 -43.29 -30.88
CA VAL D 425 -29.67 -44.10 -31.46
C VAL D 425 -30.19 -45.40 -32.06
N VAL D 426 -31.06 -46.11 -31.34
CA VAL D 426 -31.67 -47.34 -31.86
C VAL D 426 -32.36 -47.08 -33.21
N VAL D 427 -33.18 -46.03 -33.26
CA VAL D 427 -33.87 -45.66 -34.50
C VAL D 427 -32.89 -45.34 -35.62
N LEU D 428 -31.85 -44.56 -35.33
CA LEU D 428 -30.90 -44.19 -36.37
C LEU D 428 -30.06 -45.37 -36.84
N VAL D 429 -29.63 -46.25 -35.94
CA VAL D 429 -28.90 -47.45 -36.32
C VAL D 429 -29.76 -48.38 -37.17
N LEU D 430 -31.04 -48.53 -36.79
CA LEU D 430 -31.99 -49.30 -37.58
C LEU D 430 -32.12 -48.73 -38.99
N VAL D 431 -32.41 -47.45 -39.12
CA VAL D 431 -32.62 -46.87 -40.45
C VAL D 431 -31.32 -46.90 -41.27
N THR D 432 -30.18 -46.62 -40.64
CA THR D 432 -28.91 -46.61 -41.38
C THR D 432 -28.43 -47.99 -41.78
N CYS D 433 -28.86 -49.07 -41.10
CA CYS D 433 -28.68 -50.39 -41.68
C CYS D 433 -29.45 -50.57 -42.97
N ILE D 434 -30.70 -50.10 -43.01
CA ILE D 434 -31.53 -50.23 -44.20
C ILE D 434 -30.93 -49.43 -45.36
N THR D 435 -30.47 -48.21 -45.07
CA THR D 435 -29.83 -47.39 -46.09
C THR D 435 -28.42 -47.83 -46.43
N MET D 436 -27.78 -48.63 -45.58
CA MET D 436 -26.57 -49.33 -46.00
C MET D 436 -26.89 -50.43 -47.01
N ARG D 437 -27.91 -51.25 -46.72
CA ARG D 437 -28.23 -52.34 -47.62
C ARG D 437 -28.82 -51.83 -48.93
N ARG D 438 -29.79 -50.93 -48.87
CA ARG D 438 -30.44 -50.44 -50.07
C ARG D 438 -29.59 -49.41 -50.79
N SER E 1 20.38 0.61 55.72
CA SER E 1 19.41 1.61 56.14
C SER E 1 19.65 2.93 55.42
N VAL E 2 18.58 3.69 55.22
CA VAL E 2 18.59 4.82 54.30
C VAL E 2 19.65 5.84 54.68
N THR E 3 20.00 5.95 55.96
CA THR E 3 21.00 6.91 56.40
C THR E 3 22.38 6.65 55.81
N GLU E 4 22.68 5.40 55.44
CA GLU E 4 23.93 5.09 54.76
C GLU E 4 23.80 5.13 53.24
N HIS E 5 22.60 5.27 52.71
CA HIS E 5 22.39 5.57 51.30
C HIS E 5 22.52 7.05 51.00
N PHE E 6 21.89 7.89 51.83
CA PHE E 6 21.92 9.33 51.61
C PHE E 6 23.28 9.96 51.87
N ASN E 7 24.13 9.34 52.68
CA ASN E 7 25.42 9.96 52.98
C ASN E 7 26.35 10.04 51.76
N VAL E 8 26.01 9.38 50.65
CA VAL E 8 26.73 9.61 49.41
C VAL E 8 26.65 11.06 48.96
N TYR E 9 25.57 11.76 49.33
CA TYR E 9 25.40 13.17 49.01
C TYR E 9 26.19 14.09 49.92
N LYS E 10 26.73 13.59 51.04
CA LYS E 10 27.41 14.44 51.99
C LYS E 10 28.68 15.05 51.43
N ALA E 11 29.30 14.42 50.44
CA ALA E 11 30.42 14.99 49.70
C ALA E 11 30.01 16.05 48.68
N THR E 12 28.73 16.38 48.55
CA THR E 12 28.23 17.13 47.40
C THR E 12 27.40 18.32 47.88
N ARG E 13 27.18 19.27 46.96
CA ARG E 13 26.30 20.40 47.17
C ARG E 13 25.24 20.51 46.07
N PRO E 14 24.08 21.08 46.39
CA PRO E 14 23.18 21.60 45.34
C PRO E 14 23.81 22.76 44.59
N TYR E 15 23.15 23.17 43.52
CA TYR E 15 23.69 24.23 42.68
C TYR E 15 22.57 25.04 42.04
N LEU E 16 22.93 26.26 41.63
CA LEU E 16 22.03 27.32 41.20
C LEU E 16 22.14 27.49 39.70
N ALA E 17 21.48 26.60 38.95
CA ALA E 17 21.60 26.58 37.50
C ALA E 17 20.56 27.46 36.82
N TYR E 18 20.83 27.77 35.56
CA TYR E 18 19.94 28.51 34.67
C TYR E 18 18.66 27.72 34.38
N CYS E 19 17.51 28.32 34.68
CA CYS E 19 16.21 27.78 34.26
C CYS E 19 15.53 28.74 33.30
N ALA E 20 15.15 28.23 32.12
CA ALA E 20 14.64 29.09 31.06
C ALA E 20 13.25 29.63 31.34
N ASP E 21 12.46 28.96 32.18
CA ASP E 21 11.13 29.45 32.55
C ASP E 21 10.88 29.02 33.98
N CYS E 22 10.80 29.98 34.90
CA CYS E 22 10.67 29.73 36.33
C CYS E 22 9.23 29.73 36.82
N GLY E 23 8.29 29.34 35.97
CA GLY E 23 6.88 29.29 36.34
C GLY E 23 6.15 30.58 36.08
N ASP E 24 6.80 31.71 36.35
CA ASP E 24 6.49 32.92 35.62
C ASP E 24 7.20 32.87 34.28
N GLY E 25 6.69 33.62 33.31
CA GLY E 25 7.06 33.37 31.94
C GLY E 25 8.50 33.68 31.57
N TYR E 26 9.37 33.86 32.58
CA TYR E 26 10.68 34.42 32.36
C TYR E 26 11.72 33.62 33.13
N PHE E 27 12.98 33.81 32.76
CA PHE E 27 14.10 33.08 33.33
C PHE E 27 14.53 33.64 34.69
N CYS E 28 15.22 32.79 35.44
CA CYS E 28 16.15 33.22 36.48
C CYS E 28 17.09 32.06 36.73
N TYR E 29 18.12 32.31 37.55
CA TYR E 29 18.97 31.24 38.05
C TYR E 29 18.29 30.54 39.22
N SER E 30 17.83 29.31 38.98
CA SER E 30 16.85 28.66 39.82
C SER E 30 17.47 27.55 40.66
N PRO E 31 17.16 27.50 41.96
CA PRO E 31 17.62 26.37 42.79
C PRO E 31 16.88 25.07 42.51
N VAL E 32 15.91 25.06 41.60
CA VAL E 32 15.12 23.88 41.30
C VAL E 32 15.26 23.45 39.84
N ALA E 33 16.30 23.93 39.16
CA ALA E 33 16.41 23.77 37.72
C ALA E 33 16.34 22.30 37.32
N ILE E 34 15.36 21.97 36.49
CA ILE E 34 15.14 20.60 36.05
C ILE E 34 16.19 20.22 35.03
N GLU E 35 16.92 19.14 35.28
CA GLU E 35 18.05 18.73 34.45
C GLU E 35 17.68 17.67 33.43
N LYS E 36 16.99 16.63 33.85
CA LYS E 36 16.46 15.63 32.93
C LYS E 36 15.20 15.02 33.53
N ILE E 37 14.25 14.69 32.67
CA ILE E 37 13.10 13.87 33.03
C ILE E 37 13.29 12.50 32.39
N ARG E 38 13.32 11.47 33.23
CA ARG E 38 13.45 10.08 32.78
C ARG E 38 12.09 9.42 32.80
N ASP E 39 11.74 8.73 31.70
CA ASP E 39 10.39 8.19 31.51
C ASP E 39 10.53 6.86 30.77
N GLU E 40 10.92 5.82 31.52
CA GLU E 40 11.11 4.49 30.95
C GLU E 40 10.38 3.43 31.76
N ALA E 41 9.56 3.83 32.72
CA ALA E 41 8.66 2.93 33.43
C ALA E 41 7.38 2.78 32.62
N SER E 42 7.02 1.54 32.27
CA SER E 42 5.81 1.31 31.50
C SER E 42 4.56 1.77 32.23
N ASP E 43 4.59 1.82 33.57
CA ASP E 43 3.44 2.33 34.30
C ASP E 43 3.30 3.84 34.20
N GLY E 44 4.27 4.54 33.61
CA GLY E 44 4.19 5.97 33.44
C GLY E 44 4.74 6.82 34.57
N MET E 45 5.39 6.21 35.56
CA MET E 45 6.05 7.00 36.59
C MET E 45 7.22 7.77 35.99
N LEU E 46 7.33 9.05 36.37
CA LEU E 46 8.41 9.93 35.92
C LEU E 46 9.48 10.02 36.99
N LYS E 47 10.75 9.91 36.58
CA LYS E 47 11.88 10.21 37.46
C LYS E 47 12.49 11.54 37.04
N ILE E 48 12.37 12.54 37.91
CA ILE E 48 12.73 13.92 37.61
C ILE E 48 13.99 14.26 38.38
N GLN E 49 14.98 14.85 37.70
CA GLN E 49 16.20 15.30 38.34
C GLN E 49 16.22 16.82 38.42
N VAL E 50 16.52 17.34 39.61
CA VAL E 50 16.53 18.77 39.87
C VAL E 50 17.86 19.14 40.52
N SER E 51 18.21 20.42 40.42
CA SER E 51 19.44 20.92 41.02
C SER E 51 19.36 21.05 42.54
N ALA E 52 18.17 20.97 43.12
CA ALA E 52 18.05 20.85 44.57
C ALA E 52 18.52 19.49 45.05
N GLN E 53 18.68 19.36 46.35
CA GLN E 53 18.86 18.05 46.99
C GLN E 53 17.82 17.88 48.08
N ILE E 54 17.02 16.82 47.95
CA ILE E 54 15.82 16.62 48.76
C ILE E 54 16.08 15.53 49.77
N GLY E 55 15.74 15.79 51.03
CA GLY E 55 16.01 14.84 52.09
C GLY E 55 17.31 15.00 52.83
N LEU E 56 17.94 16.18 52.77
CA LEU E 56 19.28 16.36 53.29
C LEU E 56 19.37 17.68 54.04
N ASP E 57 20.03 17.65 55.20
CA ASP E 57 20.32 18.86 55.95
C ASP E 57 21.43 19.65 55.26
N LYS E 58 21.57 20.92 55.67
CA LYS E 58 22.73 21.72 55.28
C LYS E 58 24.04 20.98 55.55
N ALA E 59 24.09 20.19 56.64
CA ALA E 59 25.25 19.37 56.94
C ALA E 59 25.39 18.16 56.03
N GLY E 60 24.35 17.82 55.28
CA GLY E 60 24.36 16.64 54.45
C GLY E 60 23.94 15.36 55.14
N THR E 61 23.53 15.45 56.41
CA THR E 61 22.84 14.34 57.06
C THR E 61 21.46 14.15 56.46
N HIS E 62 21.03 12.89 56.36
CA HIS E 62 19.68 12.59 55.91
C HIS E 62 18.64 13.20 56.86
N ALA E 63 17.61 13.79 56.28
CA ALA E 63 16.48 14.31 57.03
C ALA E 63 15.22 14.16 56.19
N HIS E 64 14.20 13.49 56.75
CA HIS E 64 12.96 13.28 56.02
C HIS E 64 12.35 14.59 55.52
N THR E 65 12.42 15.64 56.33
CA THR E 65 11.60 16.83 56.14
C THR E 65 12.34 18.02 55.55
N LYS E 66 13.58 17.86 55.10
CA LYS E 66 14.34 19.00 54.59
C LYS E 66 14.68 18.85 53.12
N ILE E 67 14.62 19.98 52.42
CA ILE E 67 15.29 20.18 51.13
C ILE E 67 16.45 21.14 51.37
N ARG E 68 17.58 20.87 50.75
CA ARG E 68 18.67 21.84 50.73
C ARG E 68 18.96 22.33 49.31
N TYR E 69 19.25 23.62 49.20
CA TYR E 69 19.38 24.32 47.93
C TYR E 69 20.31 25.50 48.12
N MET E 70 20.83 26.02 47.01
CA MET E 70 21.69 27.20 47.06
C MET E 70 20.84 28.46 47.12
N ALA E 71 21.28 29.42 47.93
CA ALA E 71 20.68 30.75 47.95
C ALA E 71 21.65 31.82 47.46
N GLY E 72 22.77 31.41 46.88
CA GLY E 72 23.86 32.31 46.59
C GLY E 72 25.16 31.53 46.58
N HIS E 73 26.09 31.89 47.45
CA HIS E 73 27.23 31.04 47.75
C HIS E 73 26.94 30.02 48.84
N ASP E 74 25.94 30.28 49.67
CA ASP E 74 25.66 29.47 50.85
C ASP E 74 24.48 28.53 50.61
N VAL E 75 24.65 27.28 51.04
CA VAL E 75 23.55 26.32 51.04
C VAL E 75 22.56 26.66 52.15
N GLN E 76 21.28 26.68 51.81
CA GLN E 76 20.18 26.86 52.75
C GLN E 76 19.26 25.65 52.69
N GLU E 77 18.23 25.65 53.54
CA GLU E 77 17.47 24.45 53.83
C GLU E 77 16.02 24.81 54.13
N SER E 78 15.09 24.01 53.61
CA SER E 78 13.67 24.29 53.73
C SER E 78 12.84 23.01 53.65
N LYS E 79 11.56 23.15 53.97
CA LYS E 79 10.67 22.02 54.24
C LYS E 79 10.36 21.20 52.98
N ARG E 80 10.47 19.87 53.12
CA ARG E 80 10.01 18.95 52.08
C ARG E 80 8.50 19.05 51.85
N ASP E 81 7.74 19.46 52.87
CA ASP E 81 6.30 19.66 52.74
C ASP E 81 5.92 20.60 51.60
N SER E 82 6.83 21.48 51.16
CA SER E 82 6.52 22.43 50.10
C SER E 82 6.74 21.87 48.69
N LEU E 83 7.46 20.77 48.54
CA LEU E 83 7.75 20.25 47.21
C LEU E 83 6.48 19.82 46.48
N ARG E 84 6.25 20.41 45.31
CA ARG E 84 5.11 20.10 44.46
C ARG E 84 5.54 19.97 43.00
N VAL E 85 4.95 19.00 42.32
CA VAL E 85 5.22 18.71 40.91
C VAL E 85 3.90 18.74 40.14
N TYR E 86 3.88 19.46 39.01
CA TYR E 86 2.67 19.61 38.21
C TYR E 86 2.96 19.34 36.75
N THR E 87 2.04 18.63 36.08
CA THR E 87 1.91 18.72 34.63
C THR E 87 0.67 19.56 34.30
N SER E 88 -0.39 18.91 33.82
CA SER E 88 -1.68 19.58 33.70
C SER E 88 -2.37 19.71 35.04
N ALA E 89 -1.99 18.89 36.02
CA ALA E 89 -2.50 18.98 37.38
C ALA E 89 -1.43 18.42 38.31
N ALA E 90 -1.66 18.57 39.60
CA ALA E 90 -0.65 18.19 40.58
C ALA E 90 -0.35 16.70 40.51
N CYS E 91 0.92 16.38 40.31
CA CYS E 91 1.38 15.00 40.38
C CYS E 91 1.42 14.53 41.84
N SER E 92 1.39 13.22 42.02
CA SER E 92 1.62 12.60 43.32
C SER E 92 3.07 12.12 43.38
N ILE E 93 3.81 12.62 44.37
CA ILE E 93 5.23 12.28 44.51
C ILE E 93 5.35 11.02 45.34
N HIS E 94 5.89 9.96 44.73
CA HIS E 94 6.01 8.67 45.40
C HIS E 94 7.31 8.50 46.16
N GLY E 95 8.36 9.24 45.79
CA GLY E 95 9.63 9.13 46.47
C GLY E 95 10.58 10.25 46.08
N THR E 96 11.50 10.58 46.99
CA THR E 96 12.50 11.61 46.76
C THR E 96 13.82 11.23 47.41
N MET E 97 14.91 11.52 46.71
CA MET E 97 16.25 11.30 47.25
C MET E 97 17.21 12.23 46.52
N GLY E 98 17.79 13.16 47.26
CA GLY E 98 18.73 14.11 46.69
C GLY E 98 18.16 14.85 45.50
N HIS E 99 18.85 14.76 44.37
CA HIS E 99 18.44 15.44 43.15
C HIS E 99 17.21 14.84 42.47
N PHE E 100 16.73 13.68 42.91
CA PHE E 100 15.78 12.91 42.14
C PHE E 100 14.40 12.86 42.79
N ILE E 101 13.38 12.87 41.94
CA ILE E 101 11.98 12.74 42.31
C ILE E 101 11.37 11.66 41.43
N VAL E 102 10.54 10.79 42.02
CA VAL E 102 9.66 9.93 41.25
C VAL E 102 8.22 10.32 41.54
N ALA E 103 7.43 10.49 40.48
CA ALA E 103 6.08 11.03 40.59
C ALA E 103 5.19 10.37 39.55
N HIS E 104 3.91 10.25 39.88
CA HIS E 104 2.89 9.84 38.93
C HIS E 104 2.13 11.08 38.49
N CYS E 105 2.11 11.33 37.18
CA CYS E 105 1.56 12.59 36.68
C CYS E 105 0.41 12.34 35.71
N PRO E 106 -0.58 13.24 35.68
CA PRO E 106 -1.56 13.23 34.60
C PRO E 106 -0.94 13.69 33.29
N PRO E 107 -1.50 13.30 32.16
CA PRO E 107 -1.01 13.80 30.86
C PRO E 107 -0.92 15.31 30.82
N GLY E 108 0.07 15.80 30.07
CA GLY E 108 0.28 17.24 29.94
C GLY E 108 1.48 17.51 29.07
N ASP E 109 1.62 18.78 28.70
CA ASP E 109 2.64 19.20 27.74
C ASP E 109 3.70 20.09 28.36
N TYR E 110 3.64 20.34 29.66
CA TYR E 110 4.75 20.91 30.41
C TYR E 110 4.87 20.18 31.74
N LEU E 111 6.01 20.36 32.40
CA LEU E 111 6.23 19.80 33.72
C LEU E 111 6.91 20.85 34.60
N LYS E 112 6.29 21.17 35.72
CA LYS E 112 6.79 22.17 36.66
C LYS E 112 7.11 21.51 38.00
N VAL E 113 8.31 21.76 38.50
CA VAL E 113 8.72 21.37 39.85
C VAL E 113 8.91 22.63 40.67
N SER E 114 8.44 22.61 41.91
CA SER E 114 8.54 23.80 42.75
C SER E 114 8.59 23.43 44.22
N PHE E 115 9.11 24.37 45.02
CA PHE E 115 9.09 24.28 46.47
C PHE E 115 9.09 25.71 47.00
N GLU E 116 9.06 25.86 48.32
CA GLU E 116 9.15 27.16 48.96
C GLU E 116 10.53 27.40 49.54
N ASP E 117 11.07 28.59 49.28
CA ASP E 117 12.30 29.07 49.88
C ASP E 117 12.16 29.13 51.40
N ALA E 118 13.30 29.23 52.08
CA ALA E 118 13.30 29.34 53.54
C ALA E 118 12.55 30.59 54.00
N ASP E 119 12.50 31.61 53.14
CA ASP E 119 11.68 32.80 53.36
C ASP E 119 10.24 32.61 52.91
N SER E 120 9.85 31.37 52.59
CA SER E 120 8.51 30.98 52.14
C SER E 120 8.13 31.55 50.78
N HIS E 121 9.07 32.10 50.03
CA HIS E 121 8.83 32.41 48.62
C HIS E 121 8.84 31.14 47.80
N VAL E 122 7.86 31.01 46.90
CA VAL E 122 7.84 29.86 46.00
C VAL E 122 8.93 30.03 44.96
N LYS E 123 9.71 28.96 44.75
CA LYS E 123 10.72 28.92 43.71
C LYS E 123 10.51 27.66 42.88
N ALA E 124 10.74 27.76 41.57
CA ALA E 124 10.23 26.77 40.64
C ALA E 124 11.09 26.75 39.39
N CYS E 125 10.88 25.71 38.58
CA CYS E 125 11.35 25.68 37.20
C CYS E 125 10.32 24.90 36.39
N LYS E 126 10.10 25.34 35.16
CA LYS E 126 9.16 24.68 34.25
C LYS E 126 9.85 24.35 32.95
N VAL E 127 9.57 23.15 32.42
CA VAL E 127 10.08 22.72 31.13
C VAL E 127 8.95 22.16 30.29
N GLN E 128 9.05 22.35 28.98
CA GLN E 128 8.15 21.68 28.05
C GLN E 128 8.45 20.19 28.02
N TYR E 129 7.40 19.38 28.19
CA TYR E 129 7.55 17.93 28.26
C TYR E 129 6.21 17.29 27.92
N LYS E 130 6.14 16.65 26.76
CA LYS E 130 4.92 15.98 26.32
C LYS E 130 4.81 14.66 27.06
N HIS E 131 4.01 14.65 28.12
CA HIS E 131 3.71 13.44 28.90
C HIS E 131 2.38 12.87 28.42
N ASP E 132 2.45 11.71 27.76
CA ASP E 132 1.26 11.01 27.27
C ASP E 132 1.55 9.52 27.20
N PRO E 133 1.63 8.85 28.35
CA PRO E 133 2.17 7.49 28.38
C PRO E 133 1.23 6.51 27.72
N LEU E 134 1.81 5.56 26.98
CA LEU E 134 1.04 4.48 26.37
C LEU E 134 0.36 3.65 27.46
N PRO E 135 -0.80 3.07 27.15
CA PRO E 135 -1.44 2.19 28.12
C PRO E 135 -0.63 0.91 28.30
N VAL E 136 -0.73 0.33 29.50
CA VAL E 136 -0.10 -0.97 29.73
C VAL E 136 -0.83 -2.07 28.98
N GLY E 137 -2.15 -2.01 28.95
CA GLY E 137 -2.97 -3.04 28.32
C GLY E 137 -3.45 -2.66 26.94
N ARG E 138 -4.73 -2.94 26.70
CA ARG E 138 -5.42 -2.64 25.46
C ARG E 138 -6.53 -1.62 25.67
N GLU E 139 -6.43 -0.85 26.75
CA GLU E 139 -7.47 0.09 27.16
C GLU E 139 -6.76 1.28 27.76
N LYS E 140 -7.01 2.48 27.23
CA LYS E 140 -6.42 3.70 27.75
C LYS E 140 -7.17 4.19 28.99
N PHE E 141 -7.25 3.30 29.97
CA PHE E 141 -7.98 3.56 31.19
C PHE E 141 -7.36 4.71 31.98
N VAL E 142 -8.15 5.29 32.87
CA VAL E 142 -7.81 6.53 33.54
C VAL E 142 -7.46 6.31 35.00
N VAL E 143 -8.23 5.47 35.70
CA VAL E 143 -8.04 5.24 37.14
C VAL E 143 -8.01 3.75 37.40
N ARG E 144 -7.13 3.34 38.32
CA ARG E 144 -7.00 1.94 38.71
C ARG E 144 -8.32 1.37 39.23
N PRO E 145 -8.74 0.20 38.68
CA PRO E 145 -10.03 -0.37 39.03
C PRO E 145 -10.03 -1.32 40.24
N HIS E 146 -11.18 -1.49 40.89
CA HIS E 146 -11.29 -2.45 42.03
C HIS E 146 -11.10 -3.86 41.50
N PHE E 147 -11.63 -4.16 40.31
CA PHE E 147 -11.43 -5.48 39.68
C PHE E 147 -10.86 -5.34 38.28
N GLY E 148 -10.01 -6.27 37.89
CA GLY E 148 -9.46 -6.26 36.54
C GLY E 148 -8.45 -7.37 36.37
N VAL E 149 -7.42 -7.13 35.55
CA VAL E 149 -6.36 -8.10 35.30
C VAL E 149 -5.04 -7.46 35.73
N GLU E 150 -4.17 -8.26 36.34
CA GLU E 150 -2.79 -7.86 36.62
C GLU E 150 -1.93 -8.10 35.38
N LEU E 151 -1.74 -7.05 34.58
CA LEU E 151 -0.79 -7.19 33.49
C LEU E 151 0.63 -6.88 33.95
N PRO E 152 1.64 -7.51 33.35
CA PRO E 152 3.03 -7.15 33.67
C PRO E 152 3.39 -5.77 33.14
N CYS E 153 4.13 -5.03 33.95
CA CYS E 153 4.68 -3.75 33.54
C CYS E 153 6.03 -3.54 34.25
N THR E 154 6.57 -2.33 34.13
CA THR E 154 7.75 -1.93 34.88
C THR E 154 7.48 -0.64 35.64
N SER E 155 8.23 -0.45 36.73
CA SER E 155 8.06 0.70 37.61
C SER E 155 9.40 0.98 38.28
N TYR E 156 9.60 2.24 38.67
CA TYR E 156 10.75 2.58 39.48
C TYR E 156 10.55 2.14 40.92
N GLN E 157 11.38 1.21 41.37
CA GLN E 157 11.30 0.68 42.72
C GLN E 157 11.63 1.78 43.73
N LEU E 158 10.82 1.89 44.78
CA LEU E 158 10.98 2.98 45.74
C LEU E 158 12.07 2.71 46.77
N THR E 159 13.16 2.06 46.36
CA THR E 159 14.31 1.81 47.22
C THR E 159 15.45 2.75 46.86
N THR E 160 16.07 3.32 47.87
CA THR E 160 17.18 4.27 47.72
C THR E 160 18.54 3.60 47.63
N ALA E 161 18.59 2.28 47.57
CA ALA E 161 19.86 1.56 47.59
C ALA E 161 20.74 1.94 46.40
N PRO E 162 22.07 1.80 46.53
CA PRO E 162 22.96 2.03 45.40
C PRO E 162 22.61 1.21 44.16
N THR E 163 22.92 1.78 43.00
CA THR E 163 22.45 1.30 41.71
C THR E 163 23.56 1.52 40.68
N ASP E 164 23.45 0.80 39.56
CA ASP E 164 24.46 0.93 38.51
C ASP E 164 24.38 2.26 37.77
N GLU E 165 23.23 2.91 37.78
CA GLU E 165 23.07 4.20 37.12
C GLU E 165 23.70 5.29 37.98
N GLU E 166 24.44 6.20 37.34
CA GLU E 166 25.27 7.15 38.07
C GLU E 166 25.38 8.46 37.29
N ILE E 167 25.75 9.52 38.02
CA ILE E 167 25.94 10.85 37.45
C ILE E 167 27.26 11.40 37.97
N ASP E 168 28.00 12.07 37.08
CA ASP E 168 29.39 12.45 37.34
C ASP E 168 29.47 13.72 38.18
N MET E 169 30.19 13.65 39.29
CA MET E 169 30.41 14.77 40.19
C MET E 169 31.78 15.39 39.94
N HIS E 170 31.85 16.71 39.98
CA HIS E 170 33.11 17.43 39.81
C HIS E 170 33.13 18.66 40.70
N THR E 171 34.32 19.23 40.84
CA THR E 171 34.46 20.50 41.54
C THR E 171 33.68 21.61 40.83
N PRO E 172 32.99 22.46 41.58
CA PRO E 172 32.33 23.64 40.99
C PRO E 172 33.32 24.53 40.25
N PRO E 173 32.84 25.31 39.29
CA PRO E 173 33.67 26.38 38.71
C PRO E 173 33.87 27.52 39.70
N ASP E 174 34.77 28.43 39.34
CA ASP E 174 35.01 29.63 40.14
C ASP E 174 33.84 30.59 40.00
N ILE E 175 32.94 30.55 40.99
CA ILE E 175 31.70 31.33 40.97
C ILE E 175 31.96 32.83 41.06
N PRO E 176 31.70 33.61 40.02
CA PRO E 176 31.87 35.06 40.13
C PRO E 176 30.89 35.65 41.13
N ASP E 177 31.31 36.72 41.80
CA ASP E 177 30.36 37.56 42.54
C ASP E 177 30.99 38.95 42.69
N ARG E 178 30.52 39.90 41.88
CA ARG E 178 31.05 41.26 41.86
C ARG E 178 30.56 42.12 43.03
N THR E 179 29.85 41.55 44.00
CA THR E 179 29.65 42.21 45.30
C THR E 179 30.78 41.98 46.27
N LEU E 180 31.70 41.04 45.98
CA LEU E 180 32.92 40.90 46.76
C LEU E 180 33.78 42.15 46.67
N LEU E 181 33.79 42.79 45.50
CA LEU E 181 34.51 44.04 45.31
C LEU E 181 33.72 45.21 45.90
N SER E 182 34.43 46.12 46.55
CA SER E 182 33.84 47.39 46.95
C SER E 182 34.93 48.47 46.96
N GLN E 183 34.52 49.70 46.64
CA GLN E 183 35.45 50.81 46.57
C GLN E 183 35.70 51.40 47.95
N THR E 184 36.96 51.77 48.21
CA THR E 184 37.35 52.43 49.46
C THR E 184 38.43 53.47 49.13
N ALA E 185 38.00 54.70 48.91
CA ALA E 185 38.91 55.82 48.60
C ALA E 185 39.81 55.50 47.42
N GLY E 186 39.23 54.93 46.36
CA GLY E 186 39.97 54.51 45.20
C GLY E 186 40.54 53.10 45.28
N ASN E 187 40.83 52.63 46.48
CA ASN E 187 41.18 51.23 46.67
C ASN E 187 39.96 50.34 46.45
N VAL E 188 40.22 49.04 46.32
CA VAL E 188 39.18 48.03 46.19
C VAL E 188 39.32 47.06 47.35
N LYS E 189 38.36 47.12 48.27
CA LYS E 189 38.28 46.15 49.36
C LYS E 189 37.78 44.81 48.82
N ILE E 190 38.60 43.77 48.94
CA ILE E 190 38.17 42.41 48.66
C ILE E 190 37.53 41.87 49.94
N THR E 191 36.20 41.84 49.98
CA THR E 191 35.45 41.40 51.15
C THR E 191 35.35 39.88 51.14
N ALA E 192 36.50 39.24 51.36
CA ALA E 192 36.58 37.78 51.37
C ALA E 192 35.98 37.19 52.64
N GLY E 193 34.69 37.40 52.84
CA GLY E 193 34.02 37.00 54.07
C GLY E 193 33.82 35.50 54.20
N GLY E 194 34.82 34.81 54.72
CA GLY E 194 34.73 33.37 54.91
C GLY E 194 34.80 32.57 53.62
N ARG E 195 35.52 33.09 52.64
CA ARG E 195 35.64 32.51 51.31
C ARG E 195 37.11 32.53 50.91
N THR E 196 37.46 31.71 49.93
CA THR E 196 38.71 31.88 49.20
C THR E 196 38.39 32.53 47.86
N ILE E 197 39.00 33.68 47.58
CA ILE E 197 38.70 34.44 46.39
C ILE E 197 39.83 34.29 45.38
N ARG E 198 39.46 34.17 44.11
CA ARG E 198 40.37 34.42 43.00
C ARG E 198 40.02 35.77 42.41
N TYR E 199 41.03 36.61 42.15
CA TYR E 199 40.75 37.95 41.68
C TYR E 199 41.70 38.31 40.54
N ASN E 200 41.36 39.40 39.85
CA ASN E 200 42.24 40.04 38.89
C ASN E 200 41.86 41.51 38.84
N CYS E 201 42.86 42.39 38.78
CA CYS E 201 42.60 43.81 38.96
C CYS E 201 43.36 44.68 37.98
N THR E 202 44.08 44.10 37.03
CA THR E 202 44.89 44.81 36.05
C THR E 202 46.01 45.63 36.71
N CYS E 203 45.64 46.55 37.60
CA CYS E 203 46.61 47.29 38.39
C CYS E 203 47.00 46.60 39.69
N GLY E 204 46.19 45.65 40.15
CA GLY E 204 46.44 44.95 41.40
C GLY E 204 47.34 43.75 41.26
N ARG E 205 47.29 42.89 42.27
CA ARG E 205 48.20 41.76 42.38
C ARG E 205 47.83 40.63 41.44
N ASP E 206 46.53 40.45 41.16
CA ASP E 206 46.02 39.34 40.39
C ASP E 206 46.37 37.98 41.00
N ASN E 207 46.06 36.91 40.26
CA ASN E 207 46.09 35.54 40.76
C ASN E 207 45.17 35.35 41.95
N VAL E 208 45.33 34.23 42.67
CA VAL E 208 44.45 33.92 43.79
C VAL E 208 44.58 34.97 44.88
N GLY E 209 43.44 35.49 45.32
CA GLY E 209 43.42 36.53 46.34
C GLY E 209 43.50 36.00 47.76
N THR E 210 43.36 34.69 47.92
CA THR E 210 43.38 33.99 49.21
C THR E 210 42.26 34.44 50.15
N THR E 211 42.12 33.72 51.26
CA THR E 211 41.18 34.08 52.30
C THR E 211 41.62 35.35 53.03
N SER E 212 40.66 35.95 53.74
CA SER E 212 40.79 37.26 54.37
C SER E 212 40.94 38.41 53.39
N THR E 213 40.56 39.60 53.84
CA THR E 213 40.42 40.77 52.98
C THR E 213 41.74 41.18 52.35
N ASP E 214 41.64 41.92 51.24
CA ASP E 214 42.77 42.56 50.60
C ASP E 214 42.40 44.01 50.34
N LYS E 215 43.38 44.91 50.52
CA LYS E 215 43.10 46.34 50.37
C LYS E 215 43.16 46.79 48.93
N THR E 216 43.92 46.10 48.07
CA THR E 216 44.23 46.56 46.72
C THR E 216 44.64 48.04 46.73
N ILE E 217 45.81 48.27 47.33
CA ILE E 217 46.29 49.61 47.64
C ILE E 217 46.66 50.34 46.37
N ASN E 218 45.65 50.78 45.62
CA ASN E 218 45.86 51.64 44.45
C ASN E 218 44.52 52.28 44.07
N THR E 219 44.41 52.73 42.82
CA THR E 219 43.23 53.46 42.34
C THR E 219 42.37 52.66 41.38
N CYS E 220 42.54 51.33 41.30
CA CYS E 220 42.03 50.58 40.16
C CYS E 220 40.50 50.65 40.06
N LYS E 221 39.81 50.80 41.19
CA LYS E 221 38.35 50.73 41.25
C LYS E 221 37.77 49.42 40.72
N ILE E 222 36.44 49.33 40.68
CA ILE E 222 35.76 48.08 40.37
C ILE E 222 35.83 47.76 38.89
N ASP E 223 35.83 48.77 38.02
CA ASP E 223 36.20 48.56 36.63
C ASP E 223 37.65 48.09 36.56
N GLN E 224 37.95 47.31 35.51
CA GLN E 224 39.25 46.65 35.38
C GLN E 224 39.55 45.74 36.57
N CYS E 225 38.52 45.25 37.26
CA CYS E 225 38.69 44.40 38.43
C CYS E 225 37.61 43.32 38.45
N HIS E 226 37.96 42.16 38.99
CA HIS E 226 37.13 40.97 38.93
C HIS E 226 37.45 40.08 40.13
N ALA E 227 36.45 39.36 40.61
CA ALA E 227 36.66 38.41 41.70
C ALA E 227 35.70 37.24 41.57
N ALA E 228 36.15 36.06 42.01
CA ALA E 228 35.34 34.86 42.01
C ALA E 228 35.71 33.99 43.20
N VAL E 229 34.71 33.30 43.75
CA VAL E 229 34.95 32.32 44.80
C VAL E 229 35.53 31.05 44.20
N THR E 230 36.54 30.49 44.86
CA THR E 230 37.28 29.36 44.32
C THR E 230 37.57 28.33 45.41
N SER E 231 38.04 27.16 44.97
CA SER E 231 38.49 26.07 45.84
C SER E 231 37.39 25.56 46.78
N HIS E 232 36.19 25.37 46.22
CA HIS E 232 35.07 24.87 47.00
C HIS E 232 35.38 23.50 47.60
N ASP E 233 34.81 23.26 48.78
CA ASP E 233 35.01 22.02 49.54
C ASP E 233 34.07 20.90 49.15
N LYS E 234 33.12 21.14 48.25
CA LYS E 234 32.09 20.16 47.91
C LYS E 234 31.89 20.14 46.39
N TRP E 235 31.55 18.97 45.86
CA TRP E 235 31.33 18.79 44.44
C TRP E 235 29.94 19.25 44.00
N GLN E 236 29.78 19.36 42.68
CA GLN E 236 28.50 19.62 42.02
C GLN E 236 28.30 18.63 40.87
N PHE E 237 27.04 18.47 40.47
CA PHE E 237 26.75 17.79 39.21
C PHE E 237 27.34 18.56 38.03
N THR E 238 27.92 17.82 37.09
CA THR E 238 28.42 18.40 35.84
C THR E 238 27.25 18.61 34.88
N SER E 239 26.41 19.59 35.22
CA SER E 239 25.24 19.92 34.36
C SER E 239 25.67 20.85 33.23
N PRO E 240 25.01 20.83 32.06
CA PRO E 240 25.42 21.67 30.92
C PRO E 240 25.12 23.16 31.15
N PHE E 241 24.42 23.48 32.24
CA PHE E 241 24.02 24.89 32.51
C PHE E 241 25.04 25.57 33.42
N VAL E 242 26.09 24.84 33.83
CA VAL E 242 27.11 25.39 34.75
C VAL E 242 28.50 25.06 34.19
N PRO E 243 29.43 26.03 34.04
CA PRO E 243 30.75 25.75 33.46
C PRO E 243 31.49 24.65 34.22
N ARG E 244 32.36 23.95 33.49
CA ARG E 244 33.27 23.00 34.11
C ARG E 244 34.55 23.70 34.54
N ALA E 245 35.05 23.33 35.72
CA ALA E 245 36.25 23.96 36.25
C ALA E 245 37.49 23.56 35.46
N ASP E 246 37.57 22.31 35.04
CA ASP E 246 38.71 21.82 34.27
C ASP E 246 38.30 20.54 33.54
N GLN E 247 39.11 20.17 32.56
CA GLN E 247 38.82 19.01 31.72
C GLN E 247 39.17 17.67 32.35
N THR E 248 39.63 17.64 33.59
CA THR E 248 40.05 16.38 34.19
C THR E 248 38.83 15.50 34.50
N ALA E 249 39.10 14.21 34.69
CA ALA E 249 38.05 13.24 34.98
C ALA E 249 37.29 13.60 36.25
N ARG E 250 36.03 13.15 36.31
CA ARG E 250 35.13 13.47 37.41
C ARG E 250 35.73 13.09 38.75
N ARG E 251 35.61 13.98 39.73
CA ARG E 251 36.11 13.70 41.07
C ARG E 251 35.27 12.68 41.83
N GLY E 252 34.03 12.46 41.44
CA GLY E 252 33.26 11.40 42.07
C GLY E 252 31.96 11.16 41.35
N LYS E 253 31.10 10.36 41.99
CA LYS E 253 29.79 10.05 41.43
C LYS E 253 28.71 10.11 42.50
N VAL E 254 27.47 10.19 42.04
CA VAL E 254 26.29 9.80 42.80
C VAL E 254 25.51 8.81 41.94
N HIS E 255 24.85 7.86 42.60
CA HIS E 255 24.02 6.89 41.91
C HIS E 255 22.61 7.43 41.68
N VAL E 256 22.01 7.01 40.56
CA VAL E 256 20.61 7.32 40.28
C VAL E 256 19.71 6.38 41.08
N PRO E 257 18.93 6.88 42.01
CA PRO E 257 18.15 6.02 42.89
C PRO E 257 16.92 5.48 42.17
N PHE E 258 16.15 4.66 42.88
CA PHE E 258 14.89 4.11 42.40
C PHE E 258 15.04 3.28 41.13
N PRO E 259 15.64 2.09 41.22
CA PRO E 259 15.92 1.31 40.01
C PRO E 259 14.65 0.85 39.32
N LEU E 260 14.73 0.72 38.00
CA LEU E 260 13.64 0.16 37.22
C LEU E 260 13.47 -1.32 37.54
N THR E 261 12.23 -1.73 37.85
CA THR E 261 11.94 -3.12 38.20
C THR E 261 10.63 -3.56 37.54
N ASN E 262 10.51 -4.87 37.37
CA ASN E 262 9.29 -5.48 36.86
C ASN E 262 8.20 -5.58 37.92
N VAL E 263 6.98 -5.24 37.52
CA VAL E 263 5.83 -5.06 38.41
C VAL E 263 4.61 -5.55 37.63
N THR E 264 3.48 -5.76 38.32
CA THR E 264 2.20 -5.93 37.65
C THR E 264 1.27 -4.75 37.88
N CYS E 265 0.62 -4.31 36.81
CA CYS E 265 -0.35 -3.22 36.83
C CYS E 265 -1.76 -3.75 36.61
N ARG E 266 -2.69 -3.36 37.49
CA ARG E 266 -4.09 -3.77 37.37
C ARG E 266 -4.81 -2.96 36.30
N VAL E 267 -4.95 -3.53 35.11
CA VAL E 267 -5.75 -2.95 34.04
C VAL E 267 -7.20 -3.42 34.16
N PRO E 268 -8.18 -2.61 33.76
CA PRO E 268 -9.57 -3.06 33.80
C PRO E 268 -9.85 -4.13 32.76
N LEU E 269 -11.05 -4.71 32.85
CA LEU E 269 -11.64 -5.53 31.79
C LEU E 269 -12.88 -4.84 31.25
N ALA E 270 -12.87 -4.53 29.96
CA ALA E 270 -14.05 -3.99 29.29
C ALA E 270 -15.23 -4.96 29.34
N ARG E 271 -16.43 -4.39 29.28
CA ARG E 271 -17.67 -5.15 29.32
C ARG E 271 -17.72 -6.16 28.18
N ALA E 272 -18.25 -7.35 28.45
CA ALA E 272 -18.53 -8.30 27.38
C ALA E 272 -19.49 -7.69 26.36
N PRO E 273 -19.14 -7.66 25.07
CA PRO E 273 -20.02 -7.09 24.07
C PRO E 273 -21.39 -7.74 24.06
N ASP E 274 -22.41 -6.93 23.76
CA ASP E 274 -23.72 -7.48 23.42
C ASP E 274 -23.71 -7.96 21.98
N VAL E 275 -24.09 -9.22 21.78
CA VAL E 275 -23.81 -9.92 20.52
C VAL E 275 -25.07 -10.61 20.02
N THR E 276 -25.29 -10.54 18.71
CA THR E 276 -26.36 -11.25 18.03
C THR E 276 -25.77 -11.89 16.79
N TYR E 277 -26.32 -13.03 16.41
CA TYR E 277 -25.78 -13.83 15.31
C TYR E 277 -26.71 -13.78 14.11
N GLY E 278 -26.15 -13.41 12.96
CA GLY E 278 -26.82 -13.51 11.68
C GLY E 278 -26.18 -14.57 10.79
N LYS E 279 -26.73 -14.70 9.60
CA LYS E 279 -26.18 -15.61 8.61
C LYS E 279 -24.80 -15.11 8.18
N LYS E 280 -23.76 -15.77 8.70
CA LYS E 280 -22.36 -15.34 8.52
C LYS E 280 -22.11 -13.93 9.05
N GLU E 281 -22.86 -13.51 10.08
CA GLU E 281 -22.62 -12.22 10.71
C GLU E 281 -22.56 -12.38 12.22
N VAL E 282 -21.56 -11.76 12.84
CA VAL E 282 -21.58 -11.45 14.27
C VAL E 282 -21.73 -9.94 14.41
N THR E 283 -22.77 -9.49 15.10
CA THR E 283 -22.99 -8.08 15.34
C THR E 283 -22.64 -7.79 16.80
N LEU E 284 -21.65 -6.93 17.02
CA LEU E 284 -21.20 -6.57 18.35
C LEU E 284 -21.63 -5.14 18.65
N ARG E 285 -22.26 -4.93 19.80
CA ARG E 285 -22.49 -3.59 20.32
C ARG E 285 -21.48 -3.33 21.44
N LEU E 286 -20.64 -2.32 21.25
CA LEU E 286 -19.46 -2.10 22.07
C LEU E 286 -19.68 -0.85 22.91
N HIS E 287 -19.56 -0.98 24.23
CA HIS E 287 -19.84 0.09 25.18
C HIS E 287 -18.59 0.37 26.00
N PRO E 288 -17.62 1.10 25.44
CA PRO E 288 -16.40 1.39 26.18
C PRO E 288 -16.60 2.52 27.19
N ASP E 289 -15.90 2.40 28.31
CA ASP E 289 -15.76 3.51 29.25
C ASP E 289 -14.62 4.45 28.86
N HIS E 290 -13.66 3.94 28.10
CA HIS E 290 -12.41 4.63 27.77
C HIS E 290 -11.90 4.02 26.48
N PRO E 291 -10.98 4.70 25.76
CA PRO E 291 -10.55 4.16 24.46
C PRO E 291 -10.06 2.73 24.58
N THR E 292 -10.82 1.83 23.96
CA THR E 292 -10.65 0.40 24.08
C THR E 292 -10.32 -0.20 22.72
N LEU E 293 -9.24 -0.97 22.64
CA LEU E 293 -8.86 -1.58 21.38
C LEU E 293 -9.81 -2.74 21.07
N PHE E 294 -10.53 -2.63 19.96
CA PHE E 294 -11.26 -3.75 19.37
C PHE E 294 -10.45 -4.31 18.21
N SER E 295 -10.32 -5.63 18.14
CA SER E 295 -9.63 -6.25 17.02
C SER E 295 -10.20 -7.63 16.75
N TYR E 296 -10.19 -8.02 15.48
CA TYR E 296 -10.58 -9.37 15.09
C TYR E 296 -9.76 -9.82 13.89
N ARG E 297 -9.75 -11.13 13.66
CA ARG E 297 -9.11 -11.73 12.50
C ARG E 297 -9.87 -12.99 12.10
N SER E 298 -9.83 -13.30 10.80
CA SER E 298 -10.25 -14.61 10.34
C SER E 298 -9.22 -15.69 10.68
N LEU E 299 -9.71 -16.89 10.99
CA LEU E 299 -8.88 -18.04 11.30
C LEU E 299 -8.47 -18.84 10.07
N GLY E 300 -8.73 -18.32 8.88
CA GLY E 300 -8.36 -19.00 7.66
C GLY E 300 -6.92 -18.76 7.24
N ALA E 301 -6.63 -19.18 6.00
CA ALA E 301 -5.32 -18.95 5.40
C ALA E 301 -5.09 -17.48 5.12
N GLU E 302 -6.16 -16.72 4.89
CA GLU E 302 -6.09 -15.27 4.76
C GLU E 302 -6.83 -14.62 5.92
N PRO E 303 -6.13 -14.25 6.99
CA PRO E 303 -6.69 -13.29 7.93
C PRO E 303 -6.77 -11.92 7.29
N HIS E 304 -7.81 -11.18 7.63
CA HIS E 304 -7.92 -9.76 7.29
C HIS E 304 -8.04 -8.96 8.58
N PRO E 305 -6.92 -8.74 9.27
CA PRO E 305 -6.98 -8.13 10.61
C PRO E 305 -7.73 -6.81 10.60
N TYR E 306 -8.58 -6.63 11.60
CA TYR E 306 -9.23 -5.37 11.89
C TYR E 306 -8.76 -4.86 13.24
N GLU E 307 -8.62 -3.55 13.37
CA GLU E 307 -8.01 -2.94 14.54
C GLU E 307 -8.57 -1.54 14.70
N GLU E 308 -9.25 -1.30 15.81
CA GLU E 308 -9.94 -0.04 16.02
C GLU E 308 -9.91 0.30 17.50
N TRP E 309 -9.36 1.47 17.84
CA TRP E 309 -9.49 2.01 19.18
C TRP E 309 -10.88 2.62 19.33
N VAL E 310 -11.77 1.87 19.98
CA VAL E 310 -13.15 2.28 20.12
C VAL E 310 -13.28 3.13 21.38
N ASP E 311 -13.61 4.41 21.21
CA ASP E 311 -13.84 5.32 22.32
C ASP E 311 -15.29 5.73 22.45
N LYS E 312 -16.13 5.40 21.47
CA LYS E 312 -17.54 5.72 21.47
C LYS E 312 -18.37 4.44 21.38
N PHE E 313 -19.56 4.51 21.96
CA PHE E 313 -20.52 3.41 21.97
C PHE E 313 -20.98 3.09 20.56
N SER E 314 -20.54 1.96 20.00
CA SER E 314 -20.57 1.77 18.56
C SER E 314 -20.78 0.29 18.23
N GLU E 315 -21.38 0.05 17.07
CA GLU E 315 -21.81 -1.27 16.65
C GLU E 315 -20.96 -1.73 15.47
N ARG E 316 -20.46 -2.96 15.53
CA ARG E 316 -19.58 -3.52 14.51
C ARG E 316 -20.10 -4.88 14.07
N ILE E 317 -20.02 -5.14 12.77
CA ILE E 317 -20.44 -6.40 12.17
C ILE E 317 -19.20 -7.12 11.67
N ILE E 318 -18.98 -8.34 12.16
CA ILE E 318 -17.86 -9.17 11.75
C ILE E 318 -18.36 -10.19 10.73
N PRO E 319 -17.80 -10.27 9.53
CA PRO E 319 -18.14 -11.35 8.60
C PRO E 319 -17.48 -12.66 9.05
N VAL E 320 -18.30 -13.66 9.35
CA VAL E 320 -17.82 -14.93 9.88
C VAL E 320 -18.12 -16.03 8.89
N THR E 321 -17.07 -16.61 8.30
CA THR E 321 -17.20 -17.74 7.40
C THR E 321 -17.14 -19.04 8.20
N GLU E 322 -17.28 -20.16 7.49
CA GLU E 322 -17.10 -21.48 8.11
C GLU E 322 -15.68 -21.72 8.60
N GLU E 323 -14.72 -20.88 8.22
CA GLU E 323 -13.40 -20.93 8.84
C GLU E 323 -13.39 -20.25 10.20
N GLY E 324 -14.33 -19.35 10.46
CA GLY E 324 -14.42 -18.68 11.73
C GLY E 324 -13.54 -17.46 11.88
N ILE E 325 -13.73 -16.79 13.02
CA ILE E 325 -12.95 -15.62 13.41
C ILE E 325 -12.58 -15.74 14.88
N GLU E 326 -11.62 -14.92 15.31
CA GLU E 326 -11.54 -14.55 16.71
C GLU E 326 -11.53 -13.03 16.82
N TYR E 327 -12.09 -12.53 17.91
CA TYR E 327 -12.03 -11.12 18.26
C TYR E 327 -11.56 -10.94 19.70
N GLN E 328 -10.79 -9.89 19.94
CA GLN E 328 -10.47 -9.40 21.28
C GLN E 328 -11.14 -8.06 21.50
N TRP E 329 -11.86 -7.93 22.60
CA TRP E 329 -12.42 -6.64 23.02
C TRP E 329 -11.72 -6.22 24.30
N GLY E 330 -10.93 -5.14 24.22
CA GLY E 330 -10.16 -4.68 25.35
C GLY E 330 -9.19 -5.73 25.87
N ASN E 331 -9.16 -5.86 27.19
CA ASN E 331 -8.27 -6.79 27.87
C ASN E 331 -8.88 -8.17 28.05
N ASN E 332 -10.11 -8.38 27.56
CA ASN E 332 -10.71 -9.69 27.60
C ASN E 332 -9.93 -10.70 26.77
N PRO E 333 -9.99 -11.99 27.13
CA PRO E 333 -9.38 -13.01 26.29
C PRO E 333 -10.13 -13.17 24.99
N PRO E 334 -9.44 -13.54 23.90
CA PRO E 334 -10.09 -13.63 22.59
C PRO E 334 -11.26 -14.61 22.58
N VAL E 335 -12.31 -14.25 21.85
CA VAL E 335 -13.47 -15.09 21.63
C VAL E 335 -13.44 -15.62 20.20
N ARG E 336 -13.60 -16.92 20.04
CA ARG E 336 -13.61 -17.56 18.72
C ARG E 336 -15.01 -18.04 18.37
N LEU E 337 -15.40 -17.85 17.11
CA LEU E 337 -16.74 -18.16 16.63
C LEU E 337 -16.67 -18.71 15.21
N TRP E 338 -17.54 -19.69 14.91
CA TRP E 338 -17.61 -20.32 13.61
C TRP E 338 -19.06 -20.33 13.12
N ALA E 339 -19.25 -20.14 11.82
CA ALA E 339 -20.57 -20.19 11.20
C ALA E 339 -20.95 -21.61 10.79
N GLN E 340 -22.14 -22.04 11.19
CA GLN E 340 -22.67 -23.33 10.75
C GLN E 340 -23.24 -23.25 9.33
N LEU E 341 -23.47 -24.43 8.76
CA LEU E 341 -24.08 -24.56 7.42
C LEU E 341 -25.59 -24.32 7.44
N THR E 342 -25.98 -23.15 7.90
CA THR E 342 -27.38 -22.75 7.81
C THR E 342 -27.71 -22.28 6.40
N THR E 343 -28.94 -22.56 5.97
CA THR E 343 -29.37 -22.18 4.62
C THR E 343 -30.90 -22.18 4.56
N GLU E 344 -31.41 -21.51 3.52
CA GLU E 344 -32.80 -21.09 3.46
C GLU E 344 -33.73 -22.09 2.78
N GLY E 345 -33.22 -22.96 1.91
CA GLY E 345 -34.08 -23.87 1.17
C GLY E 345 -34.52 -25.08 1.96
N LYS E 346 -34.92 -26.11 1.22
CA LYS E 346 -35.29 -27.39 1.80
C LYS E 346 -34.44 -28.51 1.21
N PRO E 347 -33.71 -29.27 2.04
CA PRO E 347 -32.72 -30.21 1.50
C PRO E 347 -33.32 -31.39 0.73
N HIS E 348 -34.59 -31.72 0.97
CA HIS E 348 -35.24 -32.85 0.32
C HIS E 348 -36.64 -32.49 -0.18
N GLY E 349 -36.84 -31.25 -0.56
CA GLY E 349 -38.10 -30.81 -1.13
C GLY E 349 -38.18 -31.11 -2.61
N TRP E 350 -39.04 -30.36 -3.30
CA TRP E 350 -39.04 -30.36 -4.75
C TRP E 350 -37.71 -29.82 -5.28
N PRO E 351 -37.41 -30.11 -6.56
CA PRO E 351 -36.11 -29.68 -7.12
C PRO E 351 -35.78 -28.21 -6.92
N HIS E 352 -36.77 -27.31 -6.97
CA HIS E 352 -36.49 -25.91 -6.70
C HIS E 352 -36.18 -25.68 -5.23
N GLU E 353 -36.79 -26.44 -4.33
CA GLU E 353 -36.45 -26.32 -2.90
C GLU E 353 -35.03 -26.80 -2.63
N ILE E 354 -34.59 -27.84 -3.34
CA ILE E 354 -33.22 -28.33 -3.21
C ILE E 354 -32.22 -27.36 -3.81
N ILE E 355 -32.56 -26.75 -4.95
CA ILE E 355 -31.71 -25.71 -5.51
C ILE E 355 -31.63 -24.49 -4.59
N GLN E 356 -32.74 -24.11 -3.96
CA GLN E 356 -32.67 -23.07 -2.94
C GLN E 356 -31.74 -23.46 -1.79
N TYR E 357 -31.86 -24.70 -1.32
CA TYR E 357 -31.02 -25.17 -0.22
C TYR E 357 -29.53 -25.08 -0.59
N TYR E 358 -29.16 -25.65 -1.73
CA TYR E 358 -27.79 -25.56 -2.22
C TYR E 358 -27.45 -24.21 -2.85
N TYR E 359 -28.32 -23.22 -2.76
CA TYR E 359 -27.99 -21.85 -3.15
C TYR E 359 -27.73 -20.94 -1.97
N GLY E 360 -28.46 -21.12 -0.86
CA GLY E 360 -28.16 -20.32 0.31
C GLY E 360 -26.81 -20.59 0.89
N LEU E 361 -26.26 -21.78 0.63
CA LEU E 361 -24.84 -22.07 0.82
C LEU E 361 -24.22 -22.49 -0.51
N TYR E 362 -22.96 -22.11 -0.72
CA TYR E 362 -22.26 -22.27 -1.99
C TYR E 362 -22.99 -21.67 -3.20
N PRO E 363 -23.41 -20.40 -3.13
CA PRO E 363 -24.28 -19.86 -4.21
C PRO E 363 -23.68 -19.93 -5.61
N ALA E 364 -22.44 -19.47 -5.78
CA ALA E 364 -21.85 -19.41 -7.11
C ALA E 364 -21.64 -20.80 -7.70
N ALA E 365 -21.22 -21.76 -6.87
CA ALA E 365 -20.99 -23.10 -7.38
C ALA E 365 -22.29 -23.78 -7.81
N THR E 366 -23.39 -23.56 -7.09
CA THR E 366 -24.66 -24.10 -7.57
C THR E 366 -25.15 -23.37 -8.83
N ILE E 367 -24.88 -22.08 -8.96
CA ILE E 367 -25.25 -21.39 -10.19
C ILE E 367 -24.51 -21.98 -11.39
N ALA E 368 -23.22 -22.23 -11.21
CA ALA E 368 -22.41 -22.89 -12.25
C ALA E 368 -22.91 -24.30 -12.55
N ALA E 369 -23.19 -25.08 -11.50
CA ALA E 369 -23.66 -26.45 -11.67
C ALA E 369 -24.99 -26.51 -12.42
N VAL E 370 -25.97 -25.71 -12.01
CA VAL E 370 -27.25 -25.72 -12.71
C VAL E 370 -27.16 -25.16 -14.13
N SER E 371 -26.31 -24.16 -14.38
CA SER E 371 -26.11 -23.70 -15.74
C SER E 371 -25.50 -24.79 -16.62
N GLY E 372 -24.45 -25.45 -16.13
CA GLY E 372 -23.87 -26.57 -16.84
C GLY E 372 -24.87 -27.70 -17.11
N ALA E 373 -25.64 -28.07 -16.10
CA ALA E 373 -26.61 -29.15 -16.25
C ALA E 373 -27.70 -28.81 -17.27
N SER E 374 -28.23 -27.59 -17.21
CA SER E 374 -29.27 -27.19 -18.16
C SER E 374 -28.74 -27.06 -19.58
N LEU E 375 -27.50 -26.58 -19.76
CA LEU E 375 -26.88 -26.64 -21.08
C LEU E 375 -26.66 -28.06 -21.58
N MET E 376 -26.21 -28.98 -20.71
CA MET E 376 -26.08 -30.37 -21.11
C MET E 376 -27.42 -31.01 -21.47
N ALA E 377 -28.47 -30.65 -20.73
CA ALA E 377 -29.83 -31.10 -21.08
C ALA E 377 -30.26 -30.59 -22.44
N LEU E 378 -30.05 -29.30 -22.70
CA LEU E 378 -30.36 -28.72 -24.02
C LEU E 378 -29.60 -29.43 -25.13
N LEU E 379 -28.28 -29.59 -24.97
CA LEU E 379 -27.47 -30.22 -25.99
C LEU E 379 -27.86 -31.68 -26.24
N THR E 380 -28.19 -32.43 -25.19
CA THR E 380 -28.61 -33.82 -25.41
C THR E 380 -30.01 -33.92 -26.03
N LEU E 381 -30.94 -33.05 -25.62
CA LEU E 381 -32.23 -33.00 -26.30
C LEU E 381 -32.07 -32.66 -27.78
N ALA E 382 -31.23 -31.68 -28.09
CA ALA E 382 -30.93 -31.33 -29.48
C ALA E 382 -30.28 -32.48 -30.24
N ALA E 383 -29.41 -33.25 -29.59
CA ALA E 383 -28.85 -34.45 -30.23
C ALA E 383 -29.92 -35.51 -30.53
N THR E 384 -30.83 -35.75 -29.60
CA THR E 384 -31.95 -36.66 -29.91
C THR E 384 -32.80 -36.14 -31.05
N CYS E 385 -33.05 -34.83 -31.09
CA CYS E 385 -33.86 -34.26 -32.17
C CYS E 385 -33.14 -34.38 -33.52
N CYS E 386 -31.86 -34.03 -33.57
CA CYS E 386 -31.08 -34.17 -34.78
C CYS E 386 -30.99 -35.62 -35.26
N MET E 387 -30.84 -36.57 -34.35
CA MET E 387 -30.82 -37.98 -34.74
C MET E 387 -32.16 -38.45 -35.28
N LEU E 388 -33.26 -38.14 -34.61
CA LEU E 388 -34.57 -38.52 -35.12
C LEU E 388 -34.92 -37.85 -36.44
N ALA E 389 -34.55 -36.57 -36.60
CA ALA E 389 -34.73 -35.90 -37.89
C ALA E 389 -33.84 -36.48 -38.99
N THR E 390 -32.62 -36.89 -38.64
CA THR E 390 -31.77 -37.54 -39.64
C THR E 390 -32.32 -38.90 -40.05
N ALA E 391 -32.87 -39.66 -39.10
CA ALA E 391 -33.52 -40.93 -39.43
C ALA E 391 -34.72 -40.71 -40.35
N ARG E 392 -35.58 -39.75 -40.01
CA ARG E 392 -36.68 -39.37 -40.90
C ARG E 392 -36.19 -38.99 -42.31
N ARG E 393 -35.20 -38.10 -42.39
CA ARG E 393 -34.65 -37.68 -43.67
C ARG E 393 -34.11 -38.84 -44.49
N LYS E 394 -33.27 -39.68 -43.89
CA LYS E 394 -32.71 -40.83 -44.60
C LYS E 394 -33.76 -41.87 -44.98
N CYS E 395 -34.83 -42.01 -44.20
CA CYS E 395 -35.90 -42.92 -44.61
C CYS E 395 -36.74 -42.36 -45.75
N LEU E 396 -37.18 -41.10 -45.64
CA LEU E 396 -38.08 -40.53 -46.63
C LEU E 396 -37.41 -40.00 -47.89
N THR E 397 -36.08 -39.79 -47.87
CA THR E 397 -35.39 -39.27 -49.05
C THR E 397 -35.60 -40.12 -50.30
N PRO E 398 -35.26 -41.42 -50.32
CA PRO E 398 -35.31 -42.15 -51.60
C PRO E 398 -36.72 -42.32 -52.14
N TYR E 399 -37.72 -42.43 -51.28
CA TYR E 399 -39.11 -42.41 -51.73
C TYR E 399 -39.51 -41.07 -52.36
N ALA E 400 -38.74 -40.01 -52.14
CA ALA E 400 -38.98 -38.75 -52.83
C ALA E 400 -38.07 -38.53 -54.02
N LEU E 401 -36.90 -39.19 -54.07
CA LEU E 401 -36.06 -39.14 -55.25
C LEU E 401 -36.65 -39.97 -56.38
N THR E 402 -37.18 -41.14 -56.06
CA THR E 402 -37.67 -42.07 -57.08
C THR E 402 -38.84 -41.46 -57.86
N PRO E 403 -38.92 -41.71 -59.16
CA PRO E 403 -40.08 -41.27 -59.93
C PRO E 403 -41.29 -42.16 -59.67
N GLY E 404 -42.46 -41.56 -59.63
CA GLY E 404 -43.70 -42.34 -59.58
C GLY E 404 -44.10 -42.93 -58.26
N ALA E 405 -43.18 -43.62 -57.58
CA ALA E 405 -43.52 -44.27 -56.32
C ALA E 405 -43.76 -43.24 -55.23
N VAL E 406 -44.37 -43.70 -54.13
CA VAL E 406 -44.80 -42.82 -53.05
C VAL E 406 -44.63 -43.55 -51.72
N VAL E 407 -44.51 -42.77 -50.66
CA VAL E 407 -44.32 -43.29 -49.29
C VAL E 407 -45.49 -44.19 -48.91
N PRO E 408 -45.23 -45.42 -48.44
CA PRO E 408 -46.33 -46.30 -48.04
C PRO E 408 -46.98 -45.85 -46.75
N LEU E 409 -48.29 -46.08 -46.65
CA LEU E 409 -49.09 -45.50 -45.58
C LEU E 409 -48.61 -45.92 -44.20
N THR E 410 -48.03 -47.11 -44.05
CA THR E 410 -47.41 -47.49 -42.79
C THR E 410 -46.29 -46.53 -42.40
N LEU E 411 -45.42 -46.21 -43.37
CA LEU E 411 -44.37 -45.23 -43.13
C LEU E 411 -44.92 -43.81 -43.09
N GLY E 412 -45.99 -43.54 -43.84
CA GLY E 412 -46.58 -42.21 -43.82
C GLY E 412 -47.21 -41.88 -42.48
N LEU E 413 -47.83 -42.86 -41.83
CA LEU E 413 -48.29 -42.69 -40.47
C LEU E 413 -47.14 -42.70 -39.46
N LEU E 414 -46.14 -43.57 -39.67
CA LEU E 414 -45.02 -43.63 -38.74
C LEU E 414 -44.25 -42.32 -38.68
N CYS E 415 -43.78 -41.83 -39.83
CA CYS E 415 -42.92 -40.65 -39.88
C CYS E 415 -43.68 -39.37 -40.24
N CYS E 416 -45.01 -39.39 -40.24
CA CYS E 416 -45.83 -38.26 -40.65
C CYS E 416 -45.35 -37.68 -41.99
N ALA E 417 -45.55 -38.49 -43.03
CA ALA E 417 -45.25 -38.06 -44.38
C ALA E 417 -46.15 -36.87 -44.77
N PRO E 418 -45.65 -35.95 -45.58
CA PRO E 418 -46.36 -34.69 -45.78
C PRO E 418 -47.59 -34.82 -46.66
N ARG E 419 -47.67 -35.85 -47.51
CA ARG E 419 -48.84 -36.06 -48.34
C ARG E 419 -48.98 -37.53 -48.74
N ARG F 1 -34.88 -43.64 -83.86
CA ARG F 1 -34.55 -42.30 -83.43
C ARG F 1 -35.73 -41.63 -82.73
N MET F 2 -36.87 -42.34 -82.72
CA MET F 2 -38.13 -41.75 -82.24
C MET F 2 -38.01 -41.22 -80.82
N CYS F 3 -37.13 -41.81 -80.02
CA CYS F 3 -36.90 -41.36 -78.65
C CYS F 3 -36.32 -39.95 -78.58
N MET F 4 -35.72 -39.45 -79.66
CA MET F 4 -35.14 -38.10 -79.63
C MET F 4 -36.20 -37.03 -79.41
N LYS F 5 -37.45 -37.29 -79.81
CA LYS F 5 -38.54 -36.39 -79.45
C LYS F 5 -38.70 -36.32 -77.93
N ILE F 6 -38.84 -37.48 -77.29
CA ILE F 6 -38.99 -37.55 -75.84
C ILE F 6 -37.75 -37.02 -75.14
N GLU F 7 -36.57 -37.34 -75.67
CA GLU F 7 -35.34 -36.82 -75.08
C GLU F 7 -35.25 -35.30 -75.19
N ASN F 8 -35.59 -34.74 -76.36
CA ASN F 8 -35.53 -33.28 -76.52
C ASN F 8 -36.59 -32.55 -75.71
N ASP F 9 -37.72 -33.20 -75.41
CA ASP F 9 -38.67 -32.61 -74.48
C ASP F 9 -38.24 -32.79 -73.02
N CYS F 10 -37.59 -33.91 -72.71
CA CYS F 10 -37.17 -34.21 -71.34
C CYS F 10 -35.97 -33.37 -70.92
N ILE F 11 -34.99 -33.19 -71.81
CA ILE F 11 -33.73 -32.57 -71.42
C ILE F 11 -33.91 -31.07 -71.26
N PHE F 12 -33.31 -30.53 -70.19
CA PHE F 12 -32.99 -29.12 -70.06
C PHE F 12 -31.52 -28.97 -69.71
N GLU F 13 -30.88 -27.94 -70.27
CA GLU F 13 -29.47 -27.69 -69.99
C GLU F 13 -29.27 -27.22 -68.55
N VAL F 14 -28.12 -27.59 -67.99
CA VAL F 14 -27.64 -27.04 -66.72
C VAL F 14 -26.43 -26.16 -67.04
N LYS F 15 -26.51 -24.90 -66.65
CA LYS F 15 -25.60 -23.86 -67.09
C LYS F 15 -24.75 -23.37 -65.93
N LEU F 16 -23.45 -23.22 -66.19
CA LEU F 16 -22.54 -22.60 -65.24
C LEU F 16 -21.46 -21.86 -66.02
N ASP F 17 -21.04 -20.71 -65.48
CA ASP F 17 -20.04 -19.85 -66.11
C ASP F 17 -20.35 -19.58 -67.58
N GLY F 18 -21.64 -19.55 -67.92
CA GLY F 18 -22.05 -19.34 -69.29
C GLY F 18 -21.92 -20.52 -70.22
N LYS F 19 -21.67 -21.73 -69.69
CA LYS F 19 -21.56 -22.91 -70.54
C LYS F 19 -22.29 -24.07 -69.91
N VAL F 20 -22.53 -25.11 -70.71
CA VAL F 20 -23.15 -26.33 -70.22
C VAL F 20 -22.21 -27.06 -69.28
N THR F 21 -22.74 -27.45 -68.11
CA THR F 21 -22.10 -28.42 -67.22
C THR F 21 -22.63 -29.82 -67.48
N GLY F 22 -23.94 -29.93 -67.68
CA GLY F 22 -24.57 -31.25 -67.90
C GLY F 22 -26.03 -31.07 -68.29
N TYR F 23 -26.93 -31.97 -67.87
CA TYR F 23 -28.35 -31.88 -68.31
C TYR F 23 -29.29 -32.34 -67.20
N ALA F 24 -30.53 -31.84 -67.22
CA ALA F 24 -31.54 -32.28 -66.24
C ALA F 24 -32.72 -32.86 -67.03
N CYS F 25 -33.42 -33.86 -66.48
CA CYS F 25 -34.47 -34.49 -67.28
C CYS F 25 -35.73 -34.70 -66.46
N LEU F 26 -36.87 -34.43 -67.11
CA LEU F 26 -38.20 -34.68 -66.55
C LEU F 26 -38.52 -36.17 -66.65
N VAL F 27 -38.35 -36.90 -65.56
CA VAL F 27 -38.64 -38.32 -65.52
C VAL F 27 -39.82 -38.54 -64.59
N GLY F 28 -40.93 -39.01 -65.15
CA GLY F 28 -42.19 -39.08 -64.43
C GLY F 28 -42.61 -37.75 -63.83
N ASP F 29 -42.84 -37.73 -62.52
CA ASP F 29 -43.18 -36.50 -61.82
C ASP F 29 -41.96 -35.72 -61.36
N LYS F 30 -40.77 -36.32 -61.36
CA LYS F 30 -39.57 -35.69 -60.82
C LYS F 30 -38.67 -35.21 -61.95
N VAL F 31 -38.12 -34.00 -61.77
CA VAL F 31 -36.90 -33.62 -62.47
C VAL F 31 -35.71 -34.33 -61.84
N MET F 32 -34.89 -34.96 -62.69
CA MET F 32 -33.66 -35.60 -62.23
C MET F 32 -32.48 -34.72 -62.61
N LYS F 33 -31.60 -34.45 -61.64
CA LYS F 33 -30.29 -33.88 -61.95
C LYS F 33 -29.23 -34.55 -61.10
N PRO F 34 -28.09 -34.92 -61.69
CA PRO F 34 -26.96 -35.37 -60.88
C PRO F 34 -26.51 -34.29 -59.91
N ALA F 35 -26.06 -34.72 -58.73
CA ALA F 35 -25.64 -33.78 -57.70
C ALA F 35 -24.25 -33.20 -57.96
N HIS F 36 -23.40 -33.90 -58.71
CA HIS F 36 -22.12 -33.34 -59.12
C HIS F 36 -22.25 -32.28 -60.20
N VAL F 37 -23.37 -32.23 -60.92
CA VAL F 37 -23.55 -31.25 -62.00
C VAL F 37 -23.82 -29.89 -61.35
N LYS F 38 -22.79 -29.05 -61.33
CA LYS F 38 -22.88 -27.72 -60.75
C LYS F 38 -23.49 -26.72 -61.73
N GLY F 39 -24.08 -25.67 -61.18
CA GLY F 39 -24.80 -24.67 -61.95
C GLY F 39 -26.29 -24.68 -61.67
N THR F 40 -27.03 -24.04 -62.58
CA THR F 40 -28.47 -23.97 -62.49
C THR F 40 -29.10 -24.34 -63.83
N ILE F 41 -30.33 -24.87 -63.76
CA ILE F 41 -31.09 -25.18 -64.97
C ILE F 41 -31.32 -23.90 -65.75
N ASP F 42 -31.36 -24.04 -67.08
CA ASP F 42 -31.69 -22.89 -67.93
C ASP F 42 -33.14 -22.47 -67.78
N ASN F 43 -34.04 -23.42 -67.61
CA ASN F 43 -35.47 -23.11 -67.48
C ASN F 43 -35.76 -22.46 -66.12
N PRO F 44 -36.25 -21.23 -66.08
CA PRO F 44 -36.59 -20.59 -64.80
C PRO F 44 -37.57 -21.39 -63.95
N ASP F 45 -38.56 -22.03 -64.59
CA ASP F 45 -39.56 -22.79 -63.86
C ASP F 45 -38.95 -23.98 -63.12
N LEU F 46 -37.81 -24.49 -63.59
CA LEU F 46 -37.09 -25.51 -62.85
C LEU F 46 -36.05 -24.93 -61.90
N ALA F 47 -35.33 -23.89 -62.33
CA ALA F 47 -34.28 -23.30 -61.52
C ALA F 47 -34.81 -22.67 -60.24
N LYS F 48 -36.08 -22.27 -60.20
CA LYS F 48 -36.68 -21.73 -58.98
C LYS F 48 -37.11 -22.81 -58.00
N LEU F 49 -37.12 -24.09 -58.38
CA LEU F 49 -37.54 -25.14 -57.48
C LEU F 49 -36.50 -25.33 -56.37
N THR F 50 -36.95 -25.95 -55.27
CA THR F 50 -36.06 -26.46 -54.24
C THR F 50 -35.99 -27.98 -54.34
N TYR F 51 -34.76 -28.51 -54.31
CA TYR F 51 -34.49 -29.89 -54.66
C TYR F 51 -34.11 -30.70 -53.44
N LYS F 52 -34.62 -31.93 -53.39
CA LYS F 52 -34.21 -32.92 -52.40
C LYS F 52 -33.02 -33.70 -52.93
N LYS F 53 -32.03 -33.93 -52.07
CA LYS F 53 -30.67 -34.26 -52.47
C LYS F 53 -30.17 -35.47 -51.70
N SER F 54 -29.38 -36.31 -52.39
CA SER F 54 -28.67 -37.40 -51.75
C SER F 54 -27.26 -37.47 -52.31
N SER F 55 -26.27 -37.55 -51.41
CA SER F 55 -24.89 -37.81 -51.81
C SER F 55 -24.65 -39.29 -52.13
N LYS F 56 -25.43 -40.19 -51.55
CA LYS F 56 -25.29 -41.61 -51.86
C LYS F 56 -25.70 -41.90 -53.30
N TYR F 57 -26.90 -41.47 -53.69
CA TYR F 57 -27.33 -41.67 -55.06
C TYR F 57 -26.80 -40.61 -56.03
N ASP F 58 -26.08 -39.60 -55.54
CA ASP F 58 -25.52 -38.54 -56.37
C ASP F 58 -26.60 -37.86 -57.21
N LEU F 59 -27.72 -37.53 -56.56
CA LEU F 59 -28.94 -37.20 -57.28
C LEU F 59 -29.66 -36.08 -56.55
N GLU F 60 -30.29 -35.20 -57.32
CA GLU F 60 -31.17 -34.15 -56.81
C GLU F 60 -32.48 -34.16 -57.58
N CYS F 61 -33.60 -34.13 -56.87
CA CYS F 61 -34.90 -34.24 -57.52
C CYS F 61 -35.90 -33.27 -56.88
N ALA F 62 -36.90 -32.92 -57.68
CA ALA F 62 -38.06 -32.16 -57.23
C ALA F 62 -39.25 -32.52 -58.11
N GLN F 63 -40.45 -32.41 -57.56
CA GLN F 63 -41.64 -32.56 -58.39
C GLN F 63 -41.77 -31.35 -59.33
N ILE F 64 -41.93 -31.61 -60.62
CA ILE F 64 -41.92 -30.56 -61.63
C ILE F 64 -43.23 -29.78 -61.58
N PRO F 65 -43.22 -28.51 -61.98
CA PRO F 65 -44.47 -27.75 -62.07
C PRO F 65 -45.53 -28.44 -62.92
N VAL F 66 -46.78 -28.34 -62.45
CA VAL F 66 -47.89 -29.15 -62.97
C VAL F 66 -48.07 -29.00 -64.48
N HIS F 67 -47.79 -27.81 -65.04
CA HIS F 67 -47.92 -27.64 -66.48
C HIS F 67 -46.82 -28.37 -67.25
N MET F 68 -45.65 -28.54 -66.65
CA MET F 68 -44.55 -29.21 -67.34
C MET F 68 -44.77 -30.71 -67.44
N LYS F 69 -45.68 -31.26 -66.62
CA LYS F 69 -45.94 -32.70 -66.60
C LYS F 69 -46.48 -33.23 -67.92
N SER F 70 -46.95 -32.36 -68.81
CA SER F 70 -47.32 -32.80 -70.16
C SER F 70 -46.11 -33.23 -70.96
N ASP F 71 -44.95 -32.63 -70.72
CA ASP F 71 -43.73 -32.93 -71.45
C ASP F 71 -42.90 -34.05 -70.83
N ALA F 72 -43.20 -34.44 -69.60
CA ALA F 72 -42.34 -35.37 -68.87
C ALA F 72 -42.36 -36.77 -69.48
N SER F 73 -41.20 -37.42 -69.44
CA SER F 73 -40.99 -38.73 -70.04
C SER F 73 -41.55 -39.86 -69.18
N LYS F 74 -42.02 -40.90 -69.87
CA LYS F 74 -42.44 -42.15 -69.20
C LYS F 74 -41.23 -42.92 -68.68
N TYR F 75 -41.21 -43.19 -67.39
CA TYR F 75 -40.21 -44.03 -66.75
C TYR F 75 -40.58 -45.51 -66.87
N THR F 76 -39.56 -46.37 -66.78
CA THR F 76 -39.77 -47.78 -66.52
C THR F 76 -38.64 -48.32 -65.66
N HIS F 77 -38.95 -49.35 -64.87
CA HIS F 77 -37.97 -50.05 -64.06
C HIS F 77 -37.40 -51.29 -64.74
N GLU F 78 -37.98 -51.72 -65.86
CA GLU F 78 -37.59 -52.97 -66.51
C GLU F 78 -36.35 -52.77 -67.37
N LYS F 79 -35.38 -53.67 -67.24
CA LYS F 79 -34.17 -53.63 -68.05
C LYS F 79 -33.85 -55.01 -68.59
N PRO F 80 -34.42 -55.39 -69.73
CA PRO F 80 -33.92 -56.57 -70.44
C PRO F 80 -32.52 -56.34 -71.00
N GLU F 81 -31.75 -57.43 -71.05
CA GLU F 81 -30.47 -57.43 -71.73
C GLU F 81 -30.64 -57.26 -73.24
N GLY F 82 -29.93 -56.29 -73.82
CA GLY F 82 -30.20 -55.88 -75.18
C GLY F 82 -29.77 -54.44 -75.42
N HIS F 83 -30.24 -53.90 -76.54
CA HIS F 83 -29.93 -52.53 -76.95
C HIS F 83 -30.84 -51.50 -76.30
N TYR F 84 -30.29 -50.31 -76.10
CA TYR F 84 -31.00 -49.16 -75.55
C TYR F 84 -30.68 -47.90 -76.35
N ASN F 85 -31.71 -47.08 -76.58
CA ASN F 85 -31.56 -45.83 -77.32
C ASN F 85 -30.99 -44.74 -76.43
N TRP F 86 -30.17 -43.88 -77.04
CA TRP F 86 -29.50 -42.79 -76.34
C TRP F 86 -29.06 -41.76 -77.37
N HIS F 87 -28.65 -40.58 -76.90
CA HIS F 87 -28.28 -39.48 -77.82
C HIS F 87 -26.95 -39.76 -78.54
N HIS F 88 -25.92 -40.19 -77.79
CA HIS F 88 -24.58 -40.35 -78.41
C HIS F 88 -24.41 -41.75 -79.01
N GLY F 89 -25.47 -42.55 -79.08
CA GLY F 89 -25.36 -43.87 -79.73
C GLY F 89 -26.14 -44.97 -79.01
N ALA F 90 -26.28 -46.14 -79.65
CA ALA F 90 -27.02 -47.24 -79.06
C ALA F 90 -26.31 -47.76 -77.81
N VAL F 91 -26.95 -47.57 -76.65
CA VAL F 91 -26.49 -48.20 -75.41
C VAL F 91 -26.78 -49.70 -75.48
N GLN F 92 -25.98 -50.48 -74.76
CA GLN F 92 -26.26 -51.89 -74.57
C GLN F 92 -26.28 -52.18 -73.06
N TYR F 93 -27.20 -53.04 -72.66
CA TYR F 93 -27.27 -53.57 -71.30
C TYR F 93 -26.92 -55.04 -71.31
N SER F 94 -25.96 -55.44 -70.47
CA SER F 94 -25.46 -56.80 -70.48
C SER F 94 -24.90 -57.13 -69.10
N GLY F 95 -25.35 -58.24 -68.54
CA GLY F 95 -24.86 -58.69 -67.25
C GLY F 95 -25.11 -57.71 -66.12
N GLY F 96 -26.19 -56.94 -66.20
CA GLY F 96 -26.50 -55.93 -65.21
C GLY F 96 -25.77 -54.62 -65.38
N ARG F 97 -25.07 -54.43 -66.49
CA ARG F 97 -24.23 -53.26 -66.70
C ARG F 97 -24.68 -52.50 -67.94
N PHE F 98 -24.58 -51.18 -67.88
CA PHE F 98 -24.75 -50.34 -69.07
C PHE F 98 -23.37 -50.08 -69.68
N THR F 99 -23.30 -50.18 -71.01
CA THR F 99 -22.02 -50.08 -71.70
C THR F 99 -22.24 -49.41 -73.05
N ILE F 100 -21.18 -48.78 -73.55
CA ILE F 100 -21.24 -47.87 -74.69
C ILE F 100 -19.94 -48.02 -75.47
N PRO F 101 -19.90 -47.71 -76.77
CA PRO F 101 -18.62 -47.60 -77.46
C PRO F 101 -17.83 -46.39 -76.96
N THR F 102 -16.57 -46.63 -76.59
CA THR F 102 -15.76 -45.61 -75.94
C THR F 102 -15.62 -44.37 -76.82
N GLY F 103 -15.91 -43.20 -76.24
CA GLY F 103 -15.87 -41.96 -77.02
C GLY F 103 -17.25 -41.31 -77.08
N ALA F 104 -18.30 -42.13 -77.22
CA ALA F 104 -19.69 -41.59 -77.26
C ALA F 104 -19.94 -40.77 -75.99
N GLY F 105 -19.57 -41.31 -74.82
CA GLY F 105 -19.70 -40.53 -73.58
C GLY F 105 -18.67 -39.41 -73.54
N LYS F 106 -19.13 -38.16 -73.47
CA LYS F 106 -18.18 -37.01 -73.52
C LYS F 106 -18.22 -36.28 -72.17
N PRO F 107 -17.19 -35.47 -71.82
CA PRO F 107 -17.24 -34.67 -70.60
C PRO F 107 -18.60 -33.96 -70.57
N GLY F 108 -19.30 -34.03 -69.44
CA GLY F 108 -20.67 -33.47 -69.40
C GLY F 108 -21.67 -34.55 -69.76
N ASP F 109 -22.76 -34.21 -70.44
CA ASP F 109 -23.75 -35.24 -70.90
C ASP F 109 -24.43 -35.89 -69.69
N SER F 110 -23.97 -35.58 -68.48
CA SER F 110 -24.56 -36.17 -67.25
C SER F 110 -26.03 -35.73 -67.16
N GLY F 111 -26.93 -36.68 -66.91
CA GLY F 111 -28.37 -36.36 -66.85
C GLY F 111 -29.06 -36.76 -68.14
N ARG F 112 -28.30 -37.10 -69.19
CA ARG F 112 -28.91 -37.57 -70.46
C ARG F 112 -29.66 -38.87 -70.18
N PRO F 113 -30.92 -39.02 -70.64
CA PRO F 113 -31.71 -40.22 -70.34
C PRO F 113 -31.45 -41.37 -71.32
N ILE F 114 -31.40 -42.61 -70.82
CA ILE F 114 -31.25 -43.77 -71.69
C ILE F 114 -32.60 -44.43 -71.81
N PHE F 115 -32.94 -44.87 -73.02
CA PHE F 115 -34.29 -45.31 -73.35
C PHE F 115 -34.28 -46.76 -73.82
N ASP F 116 -35.33 -47.49 -73.46
CA ASP F 116 -35.54 -48.84 -73.96
C ASP F 116 -36.10 -48.81 -75.37
N ASN F 117 -36.34 -49.99 -75.95
CA ASN F 117 -36.94 -50.11 -77.27
C ASN F 117 -38.45 -49.80 -77.28
N LYS F 118 -39.01 -49.24 -76.20
CA LYS F 118 -40.35 -48.67 -76.22
C LYS F 118 -40.35 -47.16 -76.02
N GLY F 119 -39.18 -46.55 -75.88
CA GLY F 119 -39.08 -45.12 -75.64
C GLY F 119 -39.30 -44.71 -74.21
N ARG F 120 -39.15 -45.64 -73.27
CA ARG F 120 -39.31 -45.37 -71.85
C ARG F 120 -37.95 -45.10 -71.22
N VAL F 121 -37.87 -44.05 -70.40
CA VAL F 121 -36.62 -43.73 -69.73
C VAL F 121 -36.33 -44.78 -68.67
N VAL F 122 -35.10 -45.30 -68.70
CA VAL F 122 -34.70 -46.39 -67.83
C VAL F 122 -33.48 -46.06 -66.98
N ALA F 123 -32.70 -45.04 -67.35
CA ALA F 123 -31.48 -44.73 -66.62
C ALA F 123 -31.14 -43.25 -66.80
N ILE F 124 -30.32 -42.73 -65.87
CA ILE F 124 -29.83 -41.33 -66.00
C ILE F 124 -28.30 -41.41 -65.97
N VAL F 125 -27.64 -41.19 -67.12
CA VAL F 125 -26.16 -41.37 -67.19
C VAL F 125 -25.47 -40.35 -66.28
N LEU F 126 -24.32 -40.73 -65.70
CA LEU F 126 -23.55 -39.81 -64.81
C LEU F 126 -22.08 -39.80 -65.25
N GLY F 127 -21.56 -40.92 -65.73
CA GLY F 127 -20.15 -41.01 -66.08
C GLY F 127 -19.89 -42.36 -66.70
N GLY F 128 -18.62 -42.64 -66.96
CA GLY F 128 -18.25 -43.90 -67.57
C GLY F 128 -16.88 -44.36 -67.15
N ALA F 129 -16.73 -45.69 -67.07
CA ALA F 129 -15.45 -46.32 -66.82
C ALA F 129 -14.79 -46.69 -68.13
N ASN F 130 -13.48 -46.45 -68.23
CA ASN F 130 -12.71 -46.88 -69.39
C ASN F 130 -12.58 -48.40 -69.39
N GLU F 131 -13.06 -49.04 -70.46
CA GLU F 131 -13.02 -50.48 -70.63
C GLU F 131 -12.46 -50.83 -72.00
N GLY F 132 -11.46 -50.09 -72.45
CA GLY F 132 -11.00 -50.18 -73.82
C GLY F 132 -12.00 -49.59 -74.79
N ALA F 133 -12.31 -50.34 -75.86
CA ALA F 133 -13.26 -49.89 -76.87
C ALA F 133 -14.71 -49.89 -76.40
N ARG F 134 -15.01 -50.43 -75.22
CA ARG F 134 -16.40 -50.68 -74.83
C ARG F 134 -16.63 -50.20 -73.39
N THR F 135 -16.39 -48.90 -73.16
CA THR F 135 -16.63 -48.26 -71.87
C THR F 135 -17.96 -48.66 -71.24
N ALA F 136 -18.01 -48.66 -69.91
CA ALA F 136 -19.23 -48.94 -69.17
C ALA F 136 -19.60 -47.74 -68.32
N LEU F 137 -20.90 -47.52 -68.16
CA LEU F 137 -21.43 -46.25 -67.69
C LEU F 137 -21.78 -46.35 -66.20
N SER F 138 -21.36 -45.36 -65.44
CA SER F 138 -21.96 -45.11 -64.13
C SER F 138 -23.35 -44.51 -64.31
N VAL F 139 -24.33 -45.05 -63.59
CA VAL F 139 -25.73 -44.81 -63.90
C VAL F 139 -26.52 -44.74 -62.59
N VAL F 140 -27.44 -43.77 -62.51
CA VAL F 140 -28.56 -43.81 -61.59
C VAL F 140 -29.72 -44.57 -62.21
N THR F 141 -30.35 -45.42 -61.40
CA THR F 141 -31.40 -46.31 -61.87
C THR F 141 -32.44 -46.44 -60.76
N TRP F 142 -33.60 -46.99 -61.10
CA TRP F 142 -34.63 -47.24 -60.10
C TRP F 142 -35.22 -48.62 -60.26
N THR F 143 -35.55 -49.24 -59.13
CA THR F 143 -36.39 -50.43 -59.09
C THR F 143 -37.85 -49.99 -59.23
N LYS F 144 -38.78 -50.89 -58.91
CA LYS F 144 -40.16 -50.48 -58.72
C LYS F 144 -40.29 -49.42 -57.63
N ASP F 145 -39.44 -49.47 -56.61
CA ASP F 145 -39.64 -48.66 -55.41
C ASP F 145 -38.55 -47.60 -55.33
N MET F 146 -37.45 -47.85 -54.65
CA MET F 146 -36.38 -46.87 -54.47
C MET F 146 -35.42 -46.84 -55.66
N VAL F 147 -34.71 -45.72 -55.76
CA VAL F 147 -33.57 -45.60 -56.68
C VAL F 147 -32.42 -46.46 -56.20
N THR F 148 -31.59 -46.90 -57.14
CA THR F 148 -30.31 -47.56 -56.85
C THR F 148 -29.27 -47.08 -57.85
N ARG F 149 -28.05 -46.86 -57.35
CA ARG F 149 -26.97 -46.30 -58.14
C ARG F 149 -25.98 -47.37 -58.58
N VAL F 150 -25.62 -47.35 -59.86
CA VAL F 150 -24.58 -48.20 -60.42
C VAL F 150 -23.35 -47.35 -60.66
N THR F 151 -22.19 -47.84 -60.24
CA THR F 151 -20.94 -47.09 -60.39
C THR F 151 -19.78 -48.06 -60.47
N PRO F 152 -19.36 -48.44 -61.67
CA PRO F 152 -18.18 -49.30 -61.81
C PRO F 152 -16.91 -48.55 -61.46
N GLU F 153 -15.93 -49.30 -60.96
CA GLU F 153 -14.66 -48.71 -60.56
C GLU F 153 -13.93 -48.10 -61.75
N GLY F 154 -13.06 -47.14 -61.44
CA GLY F 154 -12.34 -46.40 -62.45
C GLY F 154 -13.19 -45.47 -63.29
N THR F 155 -14.39 -45.14 -62.83
CA THR F 155 -15.22 -44.15 -63.51
C THR F 155 -14.53 -42.79 -63.50
N GLU F 156 -14.34 -42.21 -64.69
CA GLU F 156 -14.17 -40.77 -64.79
C GLU F 156 -15.53 -40.10 -64.70
N GLU F 157 -15.67 -39.13 -63.80
CA GLU F 157 -17.00 -38.51 -63.57
C GLU F 157 -17.19 -37.29 -64.48
N TRP F 158 -18.29 -37.25 -65.24
CA TRP F 158 -18.58 -36.09 -66.13
C TRP F 158 -20.08 -36.01 -66.40
N TYR G 1 33.61 56.41 -24.50
CA TYR G 1 33.25 55.38 -25.47
C TYR G 1 31.90 54.76 -25.13
N GLU G 2 30.92 54.99 -26.00
CA GLU G 2 29.58 54.43 -25.78
C GLU G 2 29.59 52.92 -26.01
N HIS G 3 29.10 52.18 -25.03
CA HIS G 3 28.85 50.75 -25.17
C HIS G 3 27.54 50.43 -24.47
N THR G 4 26.91 49.32 -24.88
CA THR G 4 25.65 48.89 -24.28
C THR G 4 25.64 47.38 -24.10
N ALA G 5 24.92 46.95 -23.06
CA ALA G 5 24.83 45.55 -22.67
C ALA G 5 23.43 45.30 -22.13
N THR G 6 23.14 44.05 -21.78
CA THR G 6 21.89 43.73 -21.10
C THR G 6 22.14 42.58 -20.14
N ILE G 7 22.13 42.88 -18.85
CA ILE G 7 22.50 41.92 -17.81
C ILE G 7 21.25 41.27 -17.22
N PRO G 8 21.26 39.97 -16.93
CA PRO G 8 20.13 39.36 -16.24
C PRO G 8 19.88 40.04 -14.89
N ASN G 9 18.61 40.04 -14.48
CA ASN G 9 18.24 40.56 -13.17
C ASN G 9 18.52 39.58 -12.04
N VAL G 10 19.19 38.46 -12.34
CA VAL G 10 19.50 37.47 -11.32
C VAL G 10 20.55 38.04 -10.38
N VAL G 11 20.22 38.11 -9.09
CA VAL G 11 21.15 38.61 -8.09
C VAL G 11 22.26 37.59 -7.87
N GLY G 12 23.50 38.07 -7.85
CA GLY G 12 24.66 37.24 -7.65
C GLY G 12 25.17 36.49 -8.87
N PHE G 13 24.49 36.61 -10.00
CA PHE G 13 25.03 36.15 -11.28
C PHE G 13 25.93 37.24 -11.86
N PRO G 14 27.24 37.02 -11.95
CA PRO G 14 28.14 38.04 -12.50
C PRO G 14 28.16 38.00 -14.02
N TYR G 15 27.65 39.05 -14.63
CA TYR G 15 27.74 39.22 -16.08
C TYR G 15 29.12 39.74 -16.46
N LYS G 16 29.59 39.32 -17.64
CA LYS G 16 30.83 39.83 -18.22
C LYS G 16 30.52 40.53 -19.54
N ALA G 17 30.86 41.82 -19.62
CA ALA G 17 30.68 42.61 -20.83
C ALA G 17 32.04 42.88 -21.45
N HIS G 18 32.21 42.49 -22.70
CA HIS G 18 33.50 42.56 -23.37
C HIS G 18 33.50 43.73 -24.36
N ILE G 19 34.45 44.64 -24.20
CA ILE G 19 34.61 45.79 -25.09
C ILE G 19 35.85 45.57 -25.97
N GLU G 20 35.64 45.53 -27.28
CA GLU G 20 36.70 45.29 -28.25
C GLU G 20 37.02 46.56 -29.01
N ARG G 21 37.41 47.61 -28.29
CA ARG G 21 37.65 48.91 -28.89
C ARG G 21 38.87 48.87 -29.81
N ASN G 22 38.69 49.33 -31.04
CA ASN G 22 39.63 49.06 -32.14
C ASN G 22 41.05 49.52 -31.81
N GLY G 23 41.18 50.66 -31.14
CA GLY G 23 42.49 51.20 -30.86
C GLY G 23 43.18 50.68 -29.61
N PHE G 24 42.57 49.77 -28.87
CA PHE G 24 43.01 49.44 -27.53
C PHE G 24 42.93 47.93 -27.33
N SER G 25 43.65 47.43 -26.34
CA SER G 25 43.47 46.06 -25.93
C SER G 25 42.10 45.88 -25.29
N PRO G 26 41.41 44.77 -25.57
CA PRO G 26 40.07 44.57 -25.01
C PRO G 26 40.08 44.65 -23.48
N MET G 27 38.91 44.96 -22.93
CA MET G 27 38.65 44.88 -21.50
C MET G 27 37.34 44.15 -21.27
N THR G 28 37.32 43.27 -20.27
CA THR G 28 36.10 42.62 -19.80
C THR G 28 35.63 43.29 -18.51
N LEU G 29 34.49 43.98 -18.57
CA LEU G 29 33.82 44.43 -17.36
C LEU G 29 33.00 43.30 -16.76
N GLN G 30 33.05 43.19 -15.43
CA GLN G 30 32.14 42.33 -14.69
C GLN G 30 31.05 43.18 -14.05
N LEU G 31 29.80 42.80 -14.26
CA LEU G 31 28.64 43.52 -13.73
C LEU G 31 27.81 42.54 -12.91
N GLU G 32 27.80 42.73 -11.58
CA GLU G 32 27.06 41.85 -10.69
C GLU G 32 25.99 42.68 -9.98
N VAL G 33 24.74 42.24 -10.09
CA VAL G 33 23.63 42.79 -9.32
C VAL G 33 23.70 42.26 -7.89
N VAL G 34 24.07 43.11 -6.95
CA VAL G 34 24.22 42.68 -5.56
C VAL G 34 22.87 42.64 -4.85
N GLU G 35 22.00 43.60 -5.13
CA GLU G 35 20.69 43.71 -4.50
C GLU G 35 19.73 44.40 -5.45
N THR G 36 18.44 44.10 -5.30
CA THR G 36 17.40 44.90 -5.93
C THR G 36 16.27 45.13 -4.94
N SER G 37 15.50 46.20 -5.17
CA SER G 37 14.46 46.64 -4.25
C SER G 37 13.33 47.24 -5.08
N LEU G 38 12.38 46.39 -5.45
CA LEU G 38 11.21 46.81 -6.22
C LEU G 38 10.18 47.42 -5.26
N GLU G 39 9.98 48.73 -5.34
CA GLU G 39 9.17 49.43 -4.35
C GLU G 39 7.91 50.02 -4.98
N PRO G 40 6.73 49.54 -4.62
CA PRO G 40 5.49 50.13 -5.13
C PRO G 40 5.18 51.49 -4.51
N THR G 41 4.47 52.31 -5.28
CA THR G 41 3.83 53.51 -4.74
C THR G 41 2.56 53.09 -4.00
N LEU G 42 2.39 53.63 -2.80
CA LEU G 42 1.27 53.27 -1.93
C LEU G 42 0.35 54.47 -1.71
N ASN G 43 -0.95 54.25 -1.94
CA ASN G 43 -2.00 55.13 -1.42
C ASN G 43 -2.69 54.46 -0.24
N LEU G 44 -2.68 55.12 0.91
CA LEU G 44 -3.38 54.62 2.09
C LEU G 44 -4.88 54.80 1.93
N GLU G 45 -5.61 53.69 1.87
CA GLU G 45 -7.07 53.77 1.83
C GLU G 45 -7.69 53.96 3.21
N TYR G 46 -7.33 53.10 4.17
CA TYR G 46 -7.85 53.27 5.53
C TYR G 46 -7.06 52.40 6.51
N ILE G 47 -7.28 52.66 7.80
CA ILE G 47 -6.71 51.90 8.91
C ILE G 47 -7.79 51.01 9.52
N THR G 48 -7.42 49.78 9.88
CA THR G 48 -8.31 48.87 10.56
C THR G 48 -7.66 48.39 11.85
N CYS G 49 -8.47 48.21 12.89
CA CYS G 49 -8.01 47.68 14.17
C CYS G 49 -9.23 47.19 14.95
N GLU G 50 -8.97 46.50 16.06
CA GLU G 50 -10.06 46.06 16.92
C GLU G 50 -10.84 47.26 17.44
N TYR G 51 -12.16 47.10 17.52
CA TYR G 51 -13.01 48.12 18.11
C TYR G 51 -13.02 48.04 19.64
N LYS G 52 -13.32 49.18 20.25
CA LYS G 52 -13.70 49.29 21.66
C LYS G 52 -15.19 49.62 21.73
N THR G 53 -15.96 48.78 22.40
CA THR G 53 -17.38 49.05 22.63
C THR G 53 -17.54 49.79 23.95
N VAL G 54 -18.07 51.00 23.88
CA VAL G 54 -18.23 51.87 25.04
C VAL G 54 -19.64 51.72 25.59
N VAL G 55 -19.76 51.27 26.83
CA VAL G 55 -21.07 51.01 27.43
C VAL G 55 -21.15 51.72 28.77
N PRO G 56 -21.67 52.95 28.81
CA PRO G 56 -21.86 53.65 30.08
C PRO G 56 -22.73 52.85 31.06
N SER G 57 -22.69 53.30 32.31
CA SER G 57 -23.71 52.87 33.27
C SER G 57 -25.10 53.24 32.78
N PRO G 58 -26.09 52.38 33.00
CA PRO G 58 -27.46 52.70 32.57
C PRO G 58 -28.01 53.87 33.35
N PHE G 59 -28.63 54.81 32.62
CA PHE G 59 -29.14 56.04 33.21
C PHE G 59 -30.53 55.79 33.80
N ILE G 60 -30.65 54.78 34.67
CA ILE G 60 -31.94 54.32 35.16
C ILE G 60 -32.67 55.42 35.91
N LYS G 61 -33.79 55.86 35.35
CA LYS G 61 -34.66 56.85 35.96
C LYS G 61 -35.75 56.12 36.75
N CYS G 62 -35.63 56.13 38.08
CA CYS G 62 -36.70 55.65 38.93
C CYS G 62 -37.84 56.66 39.00
N CYS G 63 -39.06 56.14 39.03
CA CYS G 63 -40.27 56.95 39.14
C CYS G 63 -40.33 58.07 38.10
N GLY G 64 -40.12 57.70 36.85
CA GLY G 64 -40.17 58.67 35.78
C GLY G 64 -39.80 58.04 34.45
N THR G 65 -40.28 58.67 33.39
CA THR G 65 -39.91 58.33 32.02
C THR G 65 -38.55 58.94 31.67
N SER G 66 -37.99 58.47 30.56
CA SER G 66 -36.82 59.10 29.96
C SER G 66 -37.01 59.19 28.46
N GLU G 67 -36.70 60.35 27.89
CA GLU G 67 -36.41 60.47 26.47
C GLU G 67 -35.03 59.90 26.16
N CYS G 68 -34.71 59.84 24.86
CA CYS G 68 -33.33 59.65 24.45
C CYS G 68 -33.08 60.36 23.13
N SER G 69 -31.80 60.59 22.83
CA SER G 69 -31.38 61.37 21.68
C SER G 69 -30.46 60.55 20.79
N SER G 70 -30.53 60.81 19.49
CA SER G 70 -29.56 60.30 18.53
C SER G 70 -28.25 61.08 18.59
N LYS G 71 -27.16 60.38 18.30
CA LYS G 71 -25.81 60.97 18.37
C LYS G 71 -25.01 60.52 17.15
N GLU G 72 -23.99 61.30 16.83
CA GLU G 72 -23.13 61.04 15.67
C GLU G 72 -22.15 59.89 15.89
N GLN G 73 -22.05 59.33 17.08
CA GLN G 73 -21.01 58.38 17.39
C GLN G 73 -21.14 57.10 16.56
N PRO G 74 -20.03 56.44 16.25
CA PRO G 74 -20.06 55.27 15.36
C PRO G 74 -20.90 54.13 15.92
N ASP G 75 -21.73 53.55 15.05
CA ASP G 75 -22.56 52.38 15.38
C ASP G 75 -23.39 52.61 16.63
N TYR G 76 -23.73 53.86 16.89
CA TYR G 76 -24.38 54.24 18.14
C TYR G 76 -25.74 53.54 18.24
N GLN G 77 -26.02 52.99 19.42
CA GLN G 77 -27.30 52.35 19.70
C GLN G 77 -27.83 52.88 21.01
N CYS G 78 -29.13 53.17 21.03
CA CYS G 78 -29.78 53.62 22.25
C CYS G 78 -31.23 53.16 22.27
N LYS G 79 -31.68 52.71 23.45
CA LYS G 79 -33.07 52.35 23.67
C LYS G 79 -33.45 52.69 25.10
N VAL G 80 -34.69 53.13 25.28
CA VAL G 80 -35.28 53.31 26.61
C VAL G 80 -36.25 52.17 26.87
N TYR G 81 -36.00 51.43 27.94
CA TYR G 81 -36.85 50.31 28.35
C TYR G 81 -37.75 50.75 29.50
N THR G 82 -39.04 50.56 29.35
CA THR G 82 -40.01 50.86 30.39
C THR G 82 -40.26 49.64 31.27
N GLY G 83 -40.66 49.89 32.52
CA GLY G 83 -41.06 48.82 33.41
C GLY G 83 -39.93 48.09 34.09
N VAL G 84 -38.73 48.67 34.13
CA VAL G 84 -37.63 48.08 34.87
C VAL G 84 -37.87 48.21 36.37
N TYR G 85 -37.37 47.23 37.12
CA TYR G 85 -37.41 47.27 38.58
C TYR G 85 -36.16 46.57 39.10
N PRO G 86 -35.03 47.25 39.06
CA PRO G 86 -33.75 46.60 39.36
C PRO G 86 -33.53 46.43 40.85
N PHE G 87 -32.82 45.34 41.19
CA PHE G 87 -32.33 45.14 42.55
C PHE G 87 -30.82 45.32 42.57
N MET G 88 -30.34 46.13 43.51
CA MET G 88 -28.96 46.12 43.93
C MET G 88 -28.80 45.24 45.17
N TRP G 89 -27.56 45.16 45.66
CA TRP G 89 -27.25 44.23 46.75
C TRP G 89 -28.09 44.48 48.00
N GLY G 90 -28.49 45.73 48.24
CA GLY G 90 -29.21 46.08 49.45
C GLY G 90 -30.71 46.18 49.32
N GLY G 91 -31.26 46.00 48.13
CA GLY G 91 -32.69 46.07 47.95
C GLY G 91 -33.02 46.57 46.55
N ALA G 92 -34.30 46.86 46.34
CA ALA G 92 -34.73 47.42 45.08
C ALA G 92 -34.15 48.81 44.87
N TYR G 93 -33.66 49.07 43.66
CA TYR G 93 -33.09 50.38 43.37
C TYR G 93 -34.15 51.46 43.29
N CYS G 94 -35.35 51.12 42.83
CA CYS G 94 -36.43 52.07 42.64
C CYS G 94 -37.57 51.80 43.61
N PHE G 95 -38.24 52.87 44.02
CA PHE G 95 -39.42 52.72 44.87
C PHE G 95 -40.65 52.36 44.05
N CYS G 96 -40.83 53.02 42.91
CA CYS G 96 -42.01 52.78 42.08
C CYS G 96 -41.97 51.40 41.44
N ASP G 97 -43.15 50.76 41.35
CA ASP G 97 -43.23 49.36 40.95
C ASP G 97 -42.96 49.15 39.46
N SER G 98 -43.31 50.11 38.60
CA SER G 98 -43.09 49.92 37.17
C SER G 98 -42.87 51.23 36.43
N GLU G 99 -43.09 52.35 37.09
CA GLU G 99 -42.89 53.67 36.50
C GLU G 99 -41.42 54.04 36.37
N ASN G 100 -40.56 53.07 36.06
CA ASN G 100 -39.13 53.30 35.93
C ASN G 100 -38.69 52.98 34.51
N THR G 101 -37.62 53.65 34.06
CA THR G 101 -37.03 53.41 32.75
C THR G 101 -35.53 53.25 32.86
N GLN G 102 -35.00 52.26 32.13
CA GLN G 102 -33.55 52.10 31.97
C GLN G 102 -33.19 52.60 30.58
N LEU G 103 -32.46 53.72 30.54
CA LEU G 103 -31.84 54.21 29.31
C LEU G 103 -30.56 53.43 29.07
N SER G 104 -30.63 52.45 28.18
CA SER G 104 -29.43 51.77 27.69
C SER G 104 -28.80 52.54 26.54
N GLU G 105 -27.48 52.66 26.58
CA GLU G 105 -26.73 53.35 25.54
C GLU G 105 -25.43 52.60 25.29
N ALA G 106 -25.08 52.44 24.01
CA ALA G 106 -23.80 51.85 23.65
C ALA G 106 -23.37 52.36 22.27
N TYR G 107 -22.05 52.42 22.06
CA TYR G 107 -21.50 52.80 20.77
C TYR G 107 -20.13 52.15 20.62
N VAL G 108 -19.62 52.17 19.39
CA VAL G 108 -18.31 51.62 19.05
C VAL G 108 -17.28 52.74 18.98
N ASP G 109 -16.07 52.45 19.46
CA ASP G 109 -14.95 53.38 19.34
C ASP G 109 -13.70 52.61 18.92
N ARG G 110 -12.72 53.36 18.41
CA ARG G 110 -11.42 52.80 18.09
C ARG G 110 -10.68 52.39 19.36
N SER G 111 -10.05 51.22 19.33
CA SER G 111 -9.32 50.73 20.50
C SER G 111 -8.14 51.64 20.86
N ASP G 112 -7.80 51.65 22.14
CA ASP G 112 -6.79 52.56 22.67
C ASP G 112 -5.38 52.21 22.23
N VAL G 113 -5.14 50.98 21.79
CA VAL G 113 -3.85 50.59 21.20
C VAL G 113 -3.87 50.59 19.69
N CYS G 114 -4.93 51.12 19.06
CA CYS G 114 -4.94 51.17 17.60
C CYS G 114 -3.81 52.03 17.04
N LYS G 115 -3.28 52.94 17.87
CA LYS G 115 -2.04 53.65 17.58
C LYS G 115 -0.86 52.69 17.37
N HIS G 116 -0.96 51.46 17.86
CA HIS G 116 0.18 50.56 17.97
C HIS G 116 -0.04 49.22 17.28
N ASP G 117 -1.28 48.75 17.23
CA ASP G 117 -1.60 47.45 16.63
C ASP G 117 -2.79 47.62 15.69
N HIS G 118 -2.46 47.92 14.42
CA HIS G 118 -3.44 48.16 13.37
C HIS G 118 -2.87 47.65 12.06
N ALA G 119 -3.77 47.33 11.13
CA ALA G 119 -3.40 46.99 9.76
C ALA G 119 -3.86 48.07 8.80
N SER G 120 -2.96 48.44 7.87
CA SER G 120 -3.21 49.52 6.91
C SER G 120 -3.43 48.92 5.53
N ALA G 121 -4.52 49.34 4.89
CA ALA G 121 -4.90 48.88 3.56
C ALA G 121 -4.45 49.88 2.50
N TYR G 122 -3.67 49.40 1.53
CA TYR G 122 -3.03 50.23 0.52
C TYR G 122 -3.47 49.81 -0.87
N LYS G 123 -3.53 50.77 -1.78
CA LYS G 123 -3.42 50.50 -3.20
C LYS G 123 -1.98 50.62 -3.64
N ALA G 124 -1.47 49.60 -4.32
CA ALA G 124 -0.05 49.50 -4.67
C ALA G 124 0.10 49.50 -6.18
N HIS G 125 0.80 50.50 -6.72
CA HIS G 125 0.81 50.73 -8.16
C HIS G 125 2.14 51.35 -8.56
N THR G 126 2.42 51.29 -9.86
CA THR G 126 3.60 51.88 -10.51
C THR G 126 4.87 51.67 -9.70
N ALA G 127 5.23 50.41 -9.52
CA ALA G 127 6.44 50.07 -8.77
C ALA G 127 7.68 50.58 -9.49
N SER G 128 8.73 50.84 -8.72
CA SER G 128 10.01 51.29 -9.24
C SER G 128 11.12 50.38 -8.74
N LEU G 129 12.13 50.17 -9.59
CA LEU G 129 13.29 49.37 -9.21
C LEU G 129 14.46 50.27 -8.84
N LYS G 130 15.09 49.96 -7.71
CA LYS G 130 16.44 50.39 -7.37
C LYS G 130 17.32 49.16 -7.24
N ALA G 131 18.54 49.25 -7.76
CA ALA G 131 19.45 48.11 -7.73
C ALA G 131 20.82 48.54 -7.19
N THR G 132 21.41 47.64 -6.39
CA THR G 132 22.80 47.77 -5.95
C THR G 132 23.68 46.95 -6.89
N ILE G 133 24.43 47.64 -7.73
CA ILE G 133 25.27 47.01 -8.75
C ILE G 133 26.72 47.12 -8.32
N ARG G 134 27.47 46.04 -8.51
CA ARG G 134 28.92 46.06 -8.36
C ARG G 134 29.58 46.16 -9.74
N ILE G 135 30.42 47.17 -9.91
CA ILE G 135 31.16 47.42 -11.14
C ILE G 135 32.61 47.06 -10.86
N SER G 136 33.18 46.16 -11.65
CA SER G 136 34.62 45.96 -11.59
C SER G 136 35.21 45.84 -12.99
N TYR G 137 36.32 46.55 -13.20
CA TYR G 137 37.06 46.51 -14.46
C TYR G 137 38.46 47.04 -14.20
N GLY G 138 39.47 46.32 -14.67
CA GLY G 138 40.85 46.67 -14.38
C GLY G 138 41.10 46.86 -12.91
N THR G 139 41.72 48.00 -12.57
CA THR G 139 41.99 48.36 -11.17
C THR G 139 40.81 49.00 -10.47
N ILE G 140 39.68 49.17 -11.14
CA ILE G 140 38.51 49.84 -10.58
C ILE G 140 37.49 48.79 -10.18
N ASN G 141 37.03 48.86 -8.92
CA ASN G 141 36.06 47.91 -8.39
C ASN G 141 35.25 48.64 -7.34
N GLN G 142 33.95 48.80 -7.59
CA GLN G 142 33.11 49.63 -6.75
C GLN G 142 31.69 49.09 -6.79
N THR G 143 30.96 49.31 -5.70
CA THR G 143 29.54 48.95 -5.62
C THR G 143 28.72 50.23 -5.49
N THR G 144 27.72 50.36 -6.34
CA THR G 144 26.91 51.58 -6.41
C THR G 144 25.44 51.24 -6.49
N GLU G 145 24.62 52.20 -6.07
CA GLU G 145 23.17 52.08 -6.17
C GLU G 145 22.66 52.93 -7.31
N ALA G 146 21.86 52.32 -8.19
CA ALA G 146 21.31 52.98 -9.36
C ALA G 146 19.81 52.73 -9.43
N PHE G 147 19.07 53.77 -9.76
CA PHE G 147 17.67 53.60 -10.12
C PHE G 147 17.57 53.02 -11.53
N VAL G 148 16.80 51.93 -11.67
CA VAL G 148 16.76 51.18 -12.91
C VAL G 148 15.74 51.83 -13.83
N ASN G 149 16.07 53.03 -14.29
CA ASN G 149 15.33 53.74 -15.31
C ASN G 149 16.32 54.51 -16.17
N GLY G 150 15.96 54.70 -17.44
CA GLY G 150 16.92 55.20 -18.42
C GLY G 150 17.32 56.66 -18.27
N GLU G 151 17.49 57.12 -17.03
CA GLU G 151 17.89 58.49 -16.77
C GLU G 151 18.94 58.65 -15.67
N HIS G 152 18.99 57.78 -14.68
CA HIS G 152 19.90 57.95 -13.55
C HIS G 152 21.27 57.44 -13.93
N ALA G 153 22.12 58.34 -14.43
CA ALA G 153 23.52 58.03 -14.66
C ALA G 153 24.28 58.04 -13.34
N VAL G 154 24.98 56.95 -13.07
CA VAL G 154 25.84 56.81 -11.90
C VAL G 154 27.28 56.71 -12.36
N ASN G 155 28.19 57.33 -11.62
CA ASN G 155 29.60 57.38 -11.97
C ASN G 155 30.37 56.34 -11.17
N VAL G 156 31.17 55.54 -11.88
CA VAL G 156 32.20 54.69 -11.26
C VAL G 156 33.50 54.96 -12.00
N GLY G 157 34.54 55.34 -11.26
CA GLY G 157 35.85 55.53 -11.86
C GLY G 157 35.88 56.55 -12.98
N GLY G 158 34.90 57.46 -13.01
CA GLY G 158 34.74 58.38 -14.12
C GLY G 158 33.87 57.87 -15.25
N SER G 159 33.51 56.58 -15.23
CA SER G 159 32.55 56.05 -16.18
C SER G 159 31.13 56.37 -15.73
N LYS G 160 30.35 56.97 -16.63
CA LYS G 160 28.89 56.96 -16.44
C LYS G 160 28.34 55.58 -16.78
N PHE G 161 27.50 55.05 -15.89
CA PHE G 161 26.64 53.92 -16.18
C PHE G 161 25.19 54.36 -16.12
N ILE G 162 24.39 53.96 -17.10
CA ILE G 162 22.94 54.14 -17.07
C ILE G 162 22.30 52.77 -17.13
N PHE G 163 21.55 52.42 -16.09
CA PHE G 163 20.78 51.16 -16.05
C PHE G 163 19.37 51.44 -16.53
N GLY G 164 19.10 51.06 -17.78
CA GLY G 164 17.88 51.45 -18.45
C GLY G 164 16.64 50.79 -17.86
N PRO G 165 15.50 51.13 -18.42
CA PRO G 165 14.22 50.65 -17.88
C PRO G 165 14.12 49.13 -17.90
N ILE G 166 13.70 48.57 -16.76
CA ILE G 166 13.60 47.13 -16.60
C ILE G 166 12.70 46.53 -17.68
N SER G 167 13.11 45.37 -18.18
CA SER G 167 12.46 44.75 -19.34
C SER G 167 10.97 44.50 -19.14
N THR G 168 10.52 44.34 -17.89
CA THR G 168 9.10 44.18 -17.63
C THR G 168 8.69 44.89 -16.34
N ALA G 169 7.50 45.47 -16.38
CA ALA G 169 6.93 46.23 -15.26
C ALA G 169 6.24 45.34 -14.23
N TRP G 170 6.43 44.03 -14.31
CA TRP G 170 5.84 43.10 -13.35
C TRP G 170 6.21 43.47 -11.91
N SER G 171 5.33 43.14 -10.97
CA SER G 171 5.60 43.22 -9.56
C SER G 171 4.75 42.20 -8.83
N PRO G 172 5.21 41.71 -7.66
CA PRO G 172 4.43 40.70 -6.94
C PRO G 172 3.21 41.25 -6.22
N PHE G 173 3.19 42.55 -5.92
CA PHE G 173 2.06 43.19 -5.26
C PHE G 173 0.90 43.35 -6.23
N ASP G 174 -0.24 42.77 -5.87
CA ASP G 174 -1.49 43.08 -6.56
C ASP G 174 -1.90 44.52 -6.28
N ASN G 175 -2.92 44.98 -7.01
CA ASN G 175 -3.35 46.37 -6.92
C ASN G 175 -3.83 46.75 -5.53
N LYS G 176 -4.37 45.81 -4.77
CA LYS G 176 -4.77 46.06 -3.39
C LYS G 176 -3.89 45.29 -2.42
N ILE G 177 -3.36 46.01 -1.44
CA ILE G 177 -2.35 45.51 -0.51
C ILE G 177 -2.79 45.83 0.91
N VAL G 178 -2.66 44.86 1.81
CA VAL G 178 -2.81 45.08 3.24
C VAL G 178 -1.47 44.84 3.92
N VAL G 179 -1.01 45.82 4.69
CA VAL G 179 0.28 45.79 5.36
C VAL G 179 0.06 45.69 6.86
N TYR G 180 0.78 44.79 7.51
CA TYR G 180 0.67 44.63 8.96
C TYR G 180 2.04 44.26 9.49
N LYS G 181 2.68 45.22 10.17
CA LYS G 181 4.00 45.04 10.77
C LYS G 181 5.02 44.60 9.73
N ASP G 182 5.53 43.38 9.85
CA ASP G 182 6.52 42.82 8.94
C ASP G 182 5.93 42.15 7.72
N ASP G 183 4.60 42.03 7.63
CA ASP G 183 3.95 41.22 6.62
C ASP G 183 3.16 42.07 5.64
N VAL G 184 3.05 41.57 4.41
CA VAL G 184 2.26 42.20 3.35
C VAL G 184 1.32 41.14 2.81
N TYR G 185 0.06 41.51 2.61
CA TYR G 185 -0.96 40.59 2.15
C TYR G 185 -1.61 41.11 0.86
N ASN G 186 -1.61 40.28 -0.17
CA ASN G 186 -2.50 40.50 -1.31
C ASN G 186 -3.93 40.23 -0.86
N GLN G 187 -4.76 41.26 -0.82
CA GLN G 187 -6.08 41.12 -0.20
C GLN G 187 -7.01 42.18 -0.75
N ASP G 188 -8.13 41.75 -1.34
CA ASP G 188 -9.17 42.65 -1.84
C ASP G 188 -10.00 43.14 -0.65
N PHE G 189 -9.42 44.07 0.10
CA PHE G 189 -10.10 44.63 1.25
C PHE G 189 -11.34 45.43 0.81
N PRO G 190 -12.36 45.49 1.65
CA PRO G 190 -13.61 46.15 1.28
C PRO G 190 -13.45 47.66 1.22
N PRO G 191 -14.07 48.31 0.24
CA PRO G 191 -13.94 49.77 0.09
C PRO G 191 -14.32 50.51 1.37
N TYR G 192 -13.66 51.64 1.59
CA TYR G 192 -13.96 52.47 2.75
C TYR G 192 -15.43 52.87 2.78
N GLY G 193 -16.06 52.69 3.94
CA GLY G 193 -17.47 52.96 4.09
C GLY G 193 -18.39 51.83 3.69
N SER G 194 -17.85 50.64 3.42
CA SER G 194 -18.67 49.50 3.03
C SER G 194 -18.14 48.20 3.64
N GLY G 195 -17.35 48.29 4.68
CA GLY G 195 -16.98 47.10 5.43
C GLY G 195 -18.15 46.51 6.20
N GLN G 196 -18.12 45.19 6.36
CA GLN G 196 -19.25 44.41 6.84
C GLN G 196 -18.91 43.77 8.18
N PRO G 197 -19.91 43.53 9.03
CA PRO G 197 -19.64 43.07 10.39
C PRO G 197 -18.92 41.73 10.41
N GLY G 198 -18.00 41.58 11.37
CA GLY G 198 -17.30 40.34 11.58
C GLY G 198 -16.29 39.97 10.53
N ARG G 199 -15.95 40.91 9.64
CA ARG G 199 -14.94 40.68 8.61
C ARG G 199 -13.97 41.85 8.64
N PHE G 200 -12.81 41.66 8.00
CA PHE G 200 -11.77 42.68 7.99
C PHE G 200 -12.34 44.02 7.54
N GLY G 201 -12.05 45.06 8.32
CA GLY G 201 -12.55 46.38 8.00
C GLY G 201 -13.99 46.62 8.39
N ASP G 202 -14.49 45.91 9.40
CA ASP G 202 -15.77 46.27 9.99
C ASP G 202 -15.74 47.63 10.68
N ILE G 203 -14.57 48.09 11.13
CA ILE G 203 -14.34 49.49 11.42
C ILE G 203 -13.18 49.97 10.55
N GLN G 204 -13.29 51.20 10.05
CA GLN G 204 -12.34 51.75 9.10
C GLN G 204 -12.09 53.23 9.40
N SER G 205 -10.82 53.62 9.38
CA SER G 205 -10.42 55.00 9.65
C SER G 205 -9.42 55.44 8.58
N ARG G 206 -9.61 56.66 8.06
CA ARG G 206 -8.75 57.12 6.96
C ARG G 206 -7.30 57.27 7.39
N THR G 207 -7.04 57.50 8.68
CA THR G 207 -5.68 57.57 9.20
C THR G 207 -5.75 57.19 10.67
N VAL G 208 -4.60 56.81 11.25
CA VAL G 208 -4.59 56.42 12.65
C VAL G 208 -4.98 57.57 13.55
N GLU G 209 -4.78 58.80 13.10
CA GLU G 209 -5.10 60.00 13.86
C GLU G 209 -6.46 60.61 13.53
N SER G 210 -7.21 60.02 12.59
CA SER G 210 -8.42 60.67 12.11
C SER G 210 -9.49 60.74 13.20
N LYS G 211 -10.24 61.84 13.18
CA LYS G 211 -11.37 62.04 14.07
C LYS G 211 -12.59 61.19 13.70
N ASP G 212 -12.69 60.73 12.46
CA ASP G 212 -13.91 60.12 11.95
C ASP G 212 -13.69 58.63 11.70
N LEU G 213 -14.50 57.81 12.36
CA LEU G 213 -14.43 56.35 12.26
C LEU G 213 -15.74 55.84 11.67
N TYR G 214 -15.64 55.08 10.58
CA TYR G 214 -16.74 54.22 10.14
C TYR G 214 -16.73 52.95 10.97
N ALA G 215 -17.91 52.57 11.47
CA ALA G 215 -18.07 51.30 12.16
C ALA G 215 -19.37 50.65 11.73
N ASN G 216 -19.31 49.33 11.47
CA ASN G 216 -20.46 48.53 11.08
C ASN G 216 -20.29 47.14 11.68
N THR G 217 -20.43 47.08 13.01
CA THR G 217 -20.25 45.86 13.78
C THR G 217 -21.56 45.13 14.05
N ALA G 218 -22.70 45.70 13.62
CA ALA G 218 -24.02 45.16 13.93
C ALA G 218 -24.24 45.05 15.44
N LEU G 219 -23.83 46.08 16.17
CA LEU G 219 -24.21 46.22 17.57
C LEU G 219 -25.72 46.38 17.69
N LYS G 220 -26.34 45.58 18.57
CA LYS G 220 -27.74 45.74 18.93
C LYS G 220 -27.89 45.66 20.44
N LEU G 221 -28.67 46.58 21.00
CA LEU G 221 -29.10 46.49 22.39
C LEU G 221 -30.27 45.54 22.55
N SER G 222 -30.33 44.90 23.72
CA SER G 222 -31.46 44.06 24.09
C SER G 222 -31.94 44.44 25.49
N ARG G 223 -33.18 44.04 25.82
CA ARG G 223 -33.77 44.45 27.12
C ARG G 223 -33.05 43.80 28.31
N PRO G 224 -32.81 44.53 29.42
CA PRO G 224 -32.19 43.95 30.61
C PRO G 224 -33.06 42.90 31.31
N SER G 225 -32.44 41.84 31.84
CA SER G 225 -33.19 40.81 32.59
C SER G 225 -33.84 41.45 33.82
N PRO G 226 -35.06 41.04 34.22
CA PRO G 226 -35.76 41.69 35.34
C PRO G 226 -34.95 41.63 36.64
N GLY G 227 -34.81 42.77 37.33
CA GLY G 227 -34.09 42.81 38.61
C GLY G 227 -32.59 42.82 38.44
N VAL G 228 -32.10 42.92 37.20
CA VAL G 228 -30.63 42.84 36.94
C VAL G 228 -30.19 44.11 36.19
N VAL G 229 -29.14 44.78 36.67
CA VAL G 229 -28.57 45.96 35.96
C VAL G 229 -27.33 45.49 35.21
N HIS G 230 -27.35 45.49 33.87
CA HIS G 230 -26.17 44.95 33.13
C HIS G 230 -26.11 45.48 31.69
N VAL G 231 -27.06 46.32 31.28
CA VAL G 231 -27.09 46.84 29.88
C VAL G 231 -26.72 45.72 28.93
N PRO G 232 -27.57 44.68 28.74
CA PRO G 232 -27.21 43.52 27.91
C PRO G 232 -27.22 43.89 26.42
N TYR G 233 -26.32 43.29 25.63
CA TYR G 233 -26.23 43.63 24.19
C TYR G 233 -25.55 42.51 23.42
N THR G 234 -25.70 42.53 22.09
CA THR G 234 -25.07 41.55 21.21
C THR G 234 -24.37 42.25 20.06
N GLN G 235 -23.18 41.77 19.71
CA GLN G 235 -22.32 42.43 18.73
C GLN G 235 -21.42 41.39 18.09
N THR G 236 -21.14 41.59 16.80
CA THR G 236 -20.32 40.64 16.06
C THR G 236 -18.85 40.79 16.43
N PRO G 237 -18.15 39.69 16.75
CA PRO G 237 -16.77 39.81 17.23
C PRO G 237 -15.86 40.53 16.24
N SER G 238 -14.83 41.18 16.77
CA SER G 238 -13.92 42.01 16.00
C SER G 238 -13.43 41.32 14.74
N GLY G 239 -13.80 41.86 13.58
CA GLY G 239 -13.37 41.29 12.32
C GLY G 239 -11.88 41.34 12.12
N PHE G 240 -11.22 42.35 12.68
CA PHE G 240 -9.76 42.41 12.73
C PHE G 240 -9.15 41.28 13.54
N LYS G 241 -9.71 40.98 14.71
CA LYS G 241 -9.23 39.85 15.51
C LYS G 241 -9.56 38.50 14.89
N TYR G 242 -10.62 38.42 14.07
CA TYR G 242 -10.78 37.25 13.21
C TYR G 242 -9.71 37.19 12.14
N TRP G 243 -9.48 38.31 11.44
CA TRP G 243 -8.44 38.38 10.42
C TRP G 243 -7.08 37.90 10.95
N LEU G 244 -6.65 38.43 12.09
CA LEU G 244 -5.33 38.07 12.65
C LEU G 244 -5.09 36.58 12.79
N LYS G 245 -6.13 35.78 13.01
CA LYS G 245 -5.95 34.34 13.00
C LYS G 245 -6.27 33.68 11.66
N GLU G 246 -7.03 34.35 10.80
CA GLU G 246 -7.36 33.84 9.48
C GLU G 246 -6.36 34.24 8.39
N LYS G 247 -5.42 35.16 8.68
CA LYS G 247 -4.50 35.65 7.66
C LYS G 247 -3.84 34.52 6.88
N GLY G 248 -3.40 33.48 7.56
CA GLY G 248 -2.44 32.57 6.98
C GLY G 248 -1.08 33.22 6.76
N SER G 249 -0.21 32.50 6.05
CA SER G 249 1.10 33.01 5.72
C SER G 249 1.02 34.15 4.70
N SER G 250 1.97 35.07 4.80
CA SER G 250 1.95 36.32 4.06
C SER G 250 2.60 36.17 2.67
N LEU G 251 2.55 37.25 1.91
CA LEU G 251 3.16 37.31 0.58
C LEU G 251 4.65 36.97 0.60
N ASN G 252 5.32 37.23 1.74
CA ASN G 252 6.73 36.86 1.90
C ASN G 252 7.00 35.38 1.71
N THR G 253 5.97 34.54 1.73
CA THR G 253 6.13 33.11 1.52
C THR G 253 5.44 32.63 0.25
N LYS G 254 4.85 33.54 -0.53
CA LYS G 254 4.04 33.17 -1.68
C LYS G 254 4.38 33.95 -2.95
N ALA G 255 5.20 34.99 -2.87
CA ALA G 255 5.53 35.79 -4.04
C ALA G 255 6.27 34.94 -5.07
N PRO G 256 5.98 35.13 -6.36
CA PRO G 256 6.74 34.46 -7.42
C PRO G 256 8.19 34.93 -7.46
N PHE G 257 8.96 34.26 -8.33
CA PHE G 257 10.34 34.63 -8.67
C PHE G 257 11.24 34.74 -7.44
N GLY G 258 10.86 34.08 -6.34
CA GLY G 258 11.72 34.09 -5.17
C GLY G 258 11.86 35.43 -4.50
N CYS G 259 10.94 36.37 -4.78
CA CYS G 259 11.00 37.68 -4.14
C CYS G 259 10.96 37.53 -2.63
N LYS G 260 11.74 38.36 -1.95
CA LYS G 260 11.70 38.50 -0.51
C LYS G 260 10.98 39.81 -0.19
N ILE G 261 9.90 39.74 0.57
CA ILE G 261 9.00 40.88 0.74
C ILE G 261 9.28 41.49 2.10
N LYS G 262 9.40 42.82 2.13
CA LYS G 262 9.73 43.53 3.35
C LYS G 262 8.87 44.78 3.45
N THR G 263 8.65 45.24 4.67
CA THR G 263 7.86 46.44 4.93
C THR G 263 8.73 47.60 5.35
N ASN G 264 8.09 48.76 5.49
CA ASN G 264 8.72 49.97 5.98
C ASN G 264 10.04 50.33 5.29
N PRO G 265 10.01 50.66 3.98
CA PRO G 265 8.86 50.73 3.07
C PRO G 265 8.49 49.37 2.49
N VAL G 266 7.27 49.22 1.97
CA VAL G 266 6.91 47.98 1.28
C VAL G 266 7.77 47.82 0.05
N ARG G 267 8.44 46.68 -0.06
CA ARG G 267 9.34 46.42 -1.18
C ARG G 267 9.50 44.93 -1.38
N ALA G 268 9.82 44.53 -2.61
CA ALA G 268 10.18 43.15 -2.93
C ALA G 268 11.64 43.10 -3.33
N MET G 269 12.45 42.41 -2.53
CA MET G 269 13.87 42.27 -2.81
C MET G 269 14.15 41.08 -3.72
N ASP G 270 15.21 41.22 -4.52
CA ASP G 270 15.86 40.10 -5.22
C ASP G 270 14.91 39.32 -6.14
N CYS G 271 13.90 39.97 -6.71
CA CYS G 271 13.05 39.31 -7.69
C CYS G 271 13.87 38.98 -8.93
N ALA G 272 13.96 37.68 -9.25
CA ALA G 272 14.73 37.21 -10.40
C ALA G 272 13.99 37.38 -11.72
N VAL G 273 13.41 38.56 -11.96
CA VAL G 273 12.48 38.79 -13.06
C VAL G 273 13.12 39.71 -14.10
N GLY G 274 13.13 39.25 -15.35
CA GLY G 274 13.59 40.04 -16.49
C GLY G 274 15.08 40.33 -16.51
N SER G 275 15.43 41.43 -17.19
CA SER G 275 16.81 41.81 -17.41
C SER G 275 16.90 43.32 -17.47
N ILE G 276 18.10 43.83 -17.21
CA ILE G 276 18.35 45.27 -17.05
C ILE G 276 19.24 45.74 -18.20
N PRO G 277 18.77 46.64 -19.06
CA PRO G 277 19.68 47.31 -20.00
C PRO G 277 20.75 48.11 -19.27
N VAL G 278 21.95 48.13 -19.84
CA VAL G 278 23.06 48.91 -19.30
C VAL G 278 23.70 49.70 -20.45
N SER G 279 24.04 50.96 -20.17
CA SER G 279 24.84 51.79 -21.07
C SER G 279 26.09 52.27 -20.34
N MET G 280 27.23 52.09 -20.97
CA MET G 280 28.52 52.50 -20.42
C MET G 280 29.11 53.64 -21.23
N ASP G 281 29.72 54.60 -20.55
CA ASP G 281 30.63 55.57 -21.18
C ASP G 281 32.01 55.40 -20.53
N ILE G 282 32.76 54.42 -21.01
CA ILE G 282 34.09 54.14 -20.46
C ILE G 282 35.08 55.18 -21.00
N PRO G 283 35.88 55.81 -20.13
CA PRO G 283 36.86 56.77 -20.61
C PRO G 283 38.10 56.09 -21.18
N ASP G 284 38.82 56.85 -22.00
CA ASP G 284 40.03 56.33 -22.64
C ASP G 284 41.07 55.87 -21.63
N SER G 285 41.13 56.52 -20.47
CA SER G 285 42.11 56.17 -19.43
C SER G 285 41.87 54.79 -18.82
N ALA G 286 40.70 54.19 -19.05
CA ALA G 286 40.45 52.85 -18.54
C ALA G 286 41.07 51.76 -19.41
N PHE G 287 41.22 52.03 -20.71
CA PHE G 287 41.82 51.05 -21.61
C PHE G 287 43.35 51.14 -21.57
N THR G 288 43.98 50.02 -21.91
CA THR G 288 45.42 49.95 -22.15
C THR G 288 45.66 49.83 -23.65
N ARG G 289 46.57 50.67 -24.16
CA ARG G 289 46.93 50.63 -25.57
C ARG G 289 47.52 49.27 -25.94
N VAL G 290 47.36 48.92 -27.22
CA VAL G 290 47.85 47.65 -27.75
C VAL G 290 49.36 47.51 -27.63
N VAL G 291 50.08 48.63 -27.57
CA VAL G 291 51.52 48.59 -27.34
C VAL G 291 51.83 48.11 -25.93
N ASP G 292 51.00 48.49 -24.96
CA ASP G 292 51.23 48.09 -23.58
C ASP G 292 50.83 46.64 -23.30
N ALA G 293 49.80 46.13 -23.96
CA ALA G 293 49.38 44.75 -23.73
C ALA G 293 50.34 43.75 -24.36
N PRO G 294 50.35 42.51 -23.86
CA PRO G 294 51.06 41.43 -24.56
C PRO G 294 50.39 41.01 -25.86
N ALA G 295 51.22 40.82 -26.89
CA ALA G 295 50.78 40.36 -28.21
C ALA G 295 50.57 38.85 -28.24
N VAL G 296 49.59 38.40 -27.44
CA VAL G 296 49.30 36.97 -27.32
C VAL G 296 49.00 36.38 -28.69
N THR G 297 49.66 35.27 -29.00
CA THR G 297 49.61 34.64 -30.32
C THR G 297 49.68 33.13 -30.18
N ASP G 298 49.25 32.45 -31.24
CA ASP G 298 49.18 30.98 -31.30
C ASP G 298 48.38 30.38 -30.14
N LEU G 299 47.32 31.08 -29.75
CA LEU G 299 46.46 30.64 -28.66
C LEU G 299 45.80 29.30 -28.99
N SER G 300 45.83 28.37 -28.04
CA SER G 300 45.12 27.10 -28.17
C SER G 300 44.55 26.70 -26.81
N CYS G 301 43.53 25.85 -26.83
CA CYS G 301 42.77 25.50 -25.64
C CYS G 301 42.59 23.99 -25.51
N GLN G 302 42.94 23.47 -24.33
CA GLN G 302 42.58 22.12 -23.91
C GLN G 302 41.66 22.21 -22.70
N VAL G 303 40.55 21.48 -22.74
CA VAL G 303 39.66 21.38 -21.59
C VAL G 303 40.15 20.23 -20.71
N VAL G 304 40.76 20.58 -19.57
CA VAL G 304 41.35 19.56 -18.70
C VAL G 304 40.27 18.67 -18.09
N VAL G 305 39.15 19.26 -17.67
CA VAL G 305 38.02 18.51 -17.15
C VAL G 305 36.77 19.32 -17.44
N CYS G 306 35.65 18.63 -17.60
CA CYS G 306 34.36 19.31 -17.67
C CYS G 306 33.25 18.47 -17.07
N THR G 307 32.55 19.03 -16.09
CA THR G 307 31.24 18.56 -15.68
C THR G 307 30.26 19.69 -15.94
N HIS G 308 29.12 19.37 -16.54
CA HIS G 308 28.13 20.42 -16.79
C HIS G 308 27.26 20.66 -15.57
N SER G 309 27.92 20.88 -14.42
CA SER G 309 27.28 21.16 -13.16
C SER G 309 26.93 22.63 -13.05
N SER G 310 26.15 22.97 -12.01
CA SER G 310 25.71 24.35 -11.82
C SER G 310 26.85 25.28 -11.41
N ASP G 311 27.90 24.77 -10.76
CA ASP G 311 29.04 25.61 -10.46
C ASP G 311 29.95 25.70 -11.68
N PHE G 312 31.12 26.32 -11.51
CA PHE G 312 32.16 26.36 -12.56
C PHE G 312 32.88 25.02 -12.64
N GLY G 313 32.18 24.05 -13.21
CA GLY G 313 32.60 22.66 -13.25
C GLY G 313 33.54 22.28 -14.38
N GLY G 314 33.93 23.21 -15.24
CA GLY G 314 34.92 22.96 -16.27
C GLY G 314 36.19 23.77 -16.08
N VAL G 315 37.30 23.20 -16.53
CA VAL G 315 38.63 23.83 -16.43
C VAL G 315 39.32 23.72 -17.78
N ALA G 316 39.82 24.85 -18.28
CA ALA G 316 40.59 24.91 -19.51
C ALA G 316 42.02 25.33 -19.18
N THR G 317 42.98 24.82 -19.96
CA THR G 317 44.31 25.40 -20.05
C THR G 317 44.53 26.06 -21.39
N LEU G 318 44.87 27.35 -21.36
CA LEU G 318 45.20 28.14 -22.54
C LEU G 318 46.72 28.22 -22.67
N SER G 319 47.22 28.07 -23.89
CA SER G 319 48.65 28.12 -24.17
C SER G 319 48.95 29.21 -25.19
N TYR G 320 50.12 29.82 -25.06
CA TYR G 320 50.38 31.10 -25.73
C TYR G 320 51.80 31.15 -26.28
N LYS G 321 51.97 32.09 -27.21
CA LYS G 321 53.24 32.76 -27.47
C LYS G 321 53.04 34.21 -27.04
N THR G 322 54.05 34.81 -26.44
CA THR G 322 53.93 36.19 -26.03
C THR G 322 55.28 36.89 -26.07
N ASP G 323 55.24 38.20 -26.32
CA ASP G 323 56.45 39.01 -26.24
C ASP G 323 56.77 39.44 -24.81
N LYS G 324 55.76 39.63 -23.98
CA LYS G 324 55.95 40.11 -22.62
C LYS G 324 54.94 39.42 -21.71
N PRO G 325 55.19 39.44 -20.39
CA PRO G 325 54.11 39.20 -19.44
C PRO G 325 53.18 40.41 -19.34
N GLY G 326 51.94 40.13 -18.92
CA GLY G 326 50.97 41.18 -18.74
C GLY G 326 49.55 40.67 -18.48
N ASP G 327 48.69 41.56 -17.99
CA ASP G 327 47.27 41.25 -17.88
C ASP G 327 46.60 41.29 -19.24
N CYS G 328 45.83 40.25 -19.55
CA CYS G 328 44.94 40.24 -20.70
C CYS G 328 43.50 40.10 -20.22
N ALA G 329 42.59 40.79 -20.91
CA ALA G 329 41.18 40.46 -20.81
C ALA G 329 40.89 39.08 -21.40
N VAL G 330 39.92 38.40 -20.80
CA VAL G 330 39.49 37.07 -21.22
C VAL G 330 37.99 37.09 -21.35
N HIS G 331 37.47 36.39 -22.36
CA HIS G 331 36.04 36.35 -22.60
C HIS G 331 35.68 35.05 -23.29
N SER G 332 34.40 34.69 -23.21
CA SER G 332 33.83 33.59 -23.97
C SER G 332 32.77 34.17 -24.89
N HIS G 333 32.98 34.03 -26.19
CA HIS G 333 32.12 34.66 -27.18
C HIS G 333 30.85 33.86 -27.47
N SER G 334 30.58 32.79 -26.72
CA SER G 334 29.35 32.03 -26.88
C SER G 334 28.74 31.77 -25.53
N ASN G 335 27.44 32.02 -25.40
CA ASN G 335 26.76 31.92 -24.12
C ASN G 335 26.64 30.49 -23.62
N VAL G 336 27.08 29.50 -24.43
CA VAL G 336 27.05 28.11 -23.99
C VAL G 336 27.89 27.90 -22.74
N ALA G 337 28.95 28.69 -22.56
CA ALA G 337 29.75 28.59 -21.34
C ALA G 337 30.22 29.97 -20.89
N THR G 338 30.04 30.24 -19.60
CA THR G 338 30.45 31.50 -18.97
C THR G 338 31.71 31.26 -18.17
N LEU G 339 32.60 32.25 -18.16
CA LEU G 339 33.92 32.08 -17.55
C LEU G 339 33.94 32.72 -16.16
N GLN G 340 34.56 32.02 -15.21
CA GLN G 340 34.67 32.52 -13.85
C GLN G 340 35.53 33.78 -13.79
N GLU G 341 36.55 33.87 -14.64
CA GLU G 341 37.59 34.87 -14.51
C GLU G 341 37.51 35.86 -15.67
N ALA G 342 37.67 37.14 -15.36
CA ALA G 342 37.57 38.19 -16.37
C ALA G 342 38.91 38.56 -16.99
N THR G 343 40.01 38.42 -16.24
CA THR G 343 41.34 38.73 -16.75
C THR G 343 42.34 37.76 -16.14
N VAL G 344 43.43 37.52 -16.88
CA VAL G 344 44.47 36.59 -16.45
C VAL G 344 45.82 37.22 -16.70
N LYS G 345 46.77 36.95 -15.81
CA LYS G 345 48.17 37.22 -16.08
C LYS G 345 48.65 36.30 -17.19
N VAL G 346 48.92 36.86 -18.37
CA VAL G 346 49.74 36.17 -19.36
C VAL G 346 51.18 36.15 -18.88
N LYS G 347 51.81 34.98 -18.95
CA LYS G 347 53.13 34.76 -18.43
C LYS G 347 54.03 34.18 -19.51
N THR G 348 55.33 34.46 -19.42
CA THR G 348 56.30 33.78 -20.26
C THR G 348 56.34 32.27 -20.01
N ALA G 349 55.77 31.80 -18.90
CA ALA G 349 55.57 30.36 -18.70
C ALA G 349 54.69 29.73 -19.77
N GLY G 350 53.98 30.52 -20.56
CA GLY G 350 53.35 30.03 -21.76
C GLY G 350 52.02 29.32 -21.59
N LYS G 351 51.50 29.21 -20.36
CA LYS G 351 50.17 28.64 -20.21
C LYS G 351 49.45 29.24 -19.00
N VAL G 352 48.12 29.20 -19.07
CA VAL G 352 47.23 29.76 -18.07
C VAL G 352 46.00 28.88 -18.01
N THR G 353 45.33 28.84 -16.85
CA THR G 353 44.09 28.09 -16.70
C THR G 353 42.92 29.01 -16.40
N VAL G 354 41.78 28.70 -17.03
CA VAL G 354 40.57 29.48 -16.96
C VAL G 354 39.40 28.54 -16.68
N HIS G 355 38.57 28.90 -15.70
CA HIS G 355 37.43 28.07 -15.32
C HIS G 355 36.16 28.56 -15.99
N PHE G 356 35.28 27.62 -16.33
CA PHE G 356 34.03 27.95 -17.01
C PHE G 356 32.91 27.07 -16.48
N SER G 357 31.68 27.55 -16.66
CA SER G 357 30.47 26.83 -16.32
C SER G 357 29.64 26.63 -17.57
N THR G 358 29.08 25.43 -17.72
CA THR G 358 28.32 25.11 -18.93
C THR G 358 27.26 24.06 -18.60
N ALA G 359 26.21 24.06 -19.42
CA ALA G 359 25.05 23.21 -19.20
C ALA G 359 24.87 22.13 -20.27
N SER G 360 25.76 22.06 -21.25
CA SER G 360 25.56 21.18 -22.39
C SER G 360 26.57 20.03 -22.39
N ALA G 361 26.16 18.92 -22.99
CA ALA G 361 27.00 17.72 -23.03
C ALA G 361 28.31 17.96 -23.75
N SER G 362 28.31 18.81 -24.79
CA SER G 362 29.54 19.10 -25.53
C SER G 362 29.49 20.53 -26.02
N PRO G 363 30.01 21.47 -25.24
CA PRO G 363 30.10 22.85 -25.68
C PRO G 363 31.25 23.08 -26.64
N ALA G 364 31.11 24.09 -27.48
CA ALA G 364 32.26 24.74 -28.09
C ALA G 364 32.05 26.24 -28.04
N PHE G 365 33.10 26.96 -27.64
CA PHE G 365 32.99 28.39 -27.43
C PHE G 365 34.34 29.06 -27.70
N LYS G 366 34.30 30.16 -28.46
CA LYS G 366 35.50 30.96 -28.72
C LYS G 366 35.89 31.71 -27.46
N VAL G 367 36.97 31.29 -26.80
CA VAL G 367 37.58 32.14 -25.79
C VAL G 367 38.50 33.12 -26.48
N SER G 368 38.93 34.16 -25.77
CA SER G 368 39.97 35.04 -26.25
C SER G 368 40.89 35.44 -25.12
N VAL G 369 42.11 35.82 -25.47
CA VAL G 369 43.10 36.34 -24.53
C VAL G 369 43.80 37.49 -25.24
N CYS G 370 43.49 38.72 -24.82
CA CYS G 370 43.74 39.93 -25.61
C CYS G 370 43.21 39.69 -27.03
N ASP G 371 44.01 39.94 -28.08
CA ASP G 371 43.56 39.77 -29.45
C ASP G 371 43.36 38.32 -29.85
N ALA G 372 44.08 37.38 -29.25
CA ALA G 372 44.06 36.01 -29.74
C ALA G 372 42.74 35.32 -29.40
N LYS G 373 42.25 34.51 -30.34
CA LYS G 373 40.99 33.78 -30.19
C LYS G 373 41.18 32.32 -30.56
N THR G 374 40.55 31.43 -29.79
CA THR G 374 40.57 30.01 -30.07
C THR G 374 39.27 29.38 -29.62
N THR G 375 38.87 28.32 -30.31
CA THR G 375 37.64 27.60 -29.99
C THR G 375 37.94 26.45 -29.03
N CYS G 376 37.62 26.65 -27.75
CA CYS G 376 37.60 25.54 -26.81
C CYS G 376 36.51 24.56 -27.17
N THR G 377 36.75 23.27 -26.90
CA THR G 377 35.76 22.23 -27.13
C THR G 377 35.97 21.14 -26.09
N ALA G 378 34.87 20.53 -25.65
CA ALA G 378 34.93 19.62 -24.51
C ALA G 378 33.96 18.47 -24.70
N ALA G 379 34.18 17.42 -23.91
CA ALA G 379 33.18 16.40 -23.62
C ALA G 379 32.86 16.49 -22.13
N CYS G 380 31.65 16.95 -21.81
CA CYS G 380 31.23 17.24 -20.44
C CYS G 380 30.28 16.16 -19.96
N GLU G 381 30.61 15.54 -18.80
CA GLU G 381 29.71 14.57 -18.19
C GLU G 381 28.70 15.25 -17.28
N PRO G 382 27.54 14.62 -17.04
CA PRO G 382 26.63 15.15 -16.03
C PRO G 382 27.19 15.04 -14.64
N PRO G 383 26.78 15.92 -13.72
CA PRO G 383 27.17 15.77 -12.31
C PRO G 383 26.46 14.60 -11.65
N LYS G 384 27.03 14.17 -10.52
CA LYS G 384 26.44 13.11 -9.71
C LYS G 384 25.52 13.61 -8.60
N ASP G 385 25.62 14.88 -8.22
CA ASP G 385 24.82 15.43 -7.14
C ASP G 385 23.50 16.00 -7.68
N HIS G 386 22.39 15.43 -7.21
CA HIS G 386 21.09 15.75 -7.80
C HIS G 386 20.64 17.16 -7.46
N ILE G 387 20.97 17.66 -6.27
CA ILE G 387 20.44 18.92 -5.77
C ILE G 387 21.54 19.71 -5.10
N VAL G 388 21.54 21.02 -5.30
CA VAL G 388 22.60 21.89 -4.79
C VAL G 388 21.98 23.14 -4.20
N PRO G 389 22.64 23.73 -3.20
CA PRO G 389 22.10 24.93 -2.55
C PRO G 389 22.43 26.23 -3.25
N TYR G 390 22.72 26.20 -4.55
CA TYR G 390 23.12 27.41 -5.25
C TYR G 390 22.61 27.39 -6.69
N GLY G 391 22.35 28.57 -7.23
CA GLY G 391 21.86 28.68 -8.58
C GLY G 391 22.93 28.46 -9.63
N ALA G 392 22.46 28.18 -10.85
CA ALA G 392 23.35 27.90 -11.97
C ALA G 392 24.09 29.14 -12.42
N SER G 393 25.41 29.01 -12.58
CA SER G 393 26.25 30.06 -13.16
C SER G 393 26.27 30.06 -14.67
N HIS G 394 25.77 29.01 -15.31
CA HIS G 394 25.62 28.94 -16.76
C HIS G 394 24.27 29.51 -17.21
N ASN G 395 24.12 29.63 -18.54
CA ASN G 395 22.91 30.15 -19.12
C ASN G 395 21.87 29.07 -19.44
N ASN G 396 22.11 27.84 -19.00
CA ASN G 396 21.23 26.70 -19.29
C ASN G 396 20.99 26.52 -20.79
N GLN G 397 21.97 26.84 -21.63
CA GLN G 397 21.95 26.37 -23.01
C GLN G 397 22.46 24.93 -23.05
N VAL G 398 21.59 24.00 -23.47
CA VAL G 398 21.89 22.57 -23.43
C VAL G 398 22.10 21.93 -24.80
N PHE G 399 21.79 22.61 -25.89
CA PHE G 399 21.95 22.00 -27.21
C PHE G 399 23.42 21.79 -27.55
N PRO G 400 23.82 20.57 -27.91
CA PRO G 400 25.24 20.26 -28.10
C PRO G 400 25.78 20.84 -29.40
N ASP G 401 27.09 21.10 -29.40
CA ASP G 401 27.78 21.58 -30.59
C ASP G 401 27.74 20.53 -31.70
N MET G 402 27.72 21.01 -32.95
CA MET G 402 27.66 20.15 -34.12
C MET G 402 28.86 19.23 -34.26
N SER G 403 29.98 19.55 -33.61
CA SER G 403 31.13 18.65 -33.59
C SER G 403 31.06 17.60 -32.48
N GLY G 404 30.06 17.68 -31.60
CA GLY G 404 29.97 16.73 -30.52
C GLY G 404 29.54 15.34 -31.00
N THR G 405 29.55 14.40 -30.07
CA THR G 405 29.28 13.00 -30.40
C THR G 405 27.85 12.78 -30.87
N ALA G 406 26.87 13.37 -30.18
CA ALA G 406 25.48 13.22 -30.59
C ALA G 406 25.24 13.80 -31.96
N MET G 407 25.70 15.03 -32.19
CA MET G 407 25.56 15.65 -33.50
C MET G 407 26.45 14.98 -34.54
N THR G 408 27.58 14.39 -34.14
CA THR G 408 28.36 13.57 -35.06
C THR G 408 27.56 12.39 -35.59
N TRP G 409 26.99 11.59 -34.68
CA TRP G 409 26.12 10.49 -35.09
C TRP G 409 24.93 10.94 -35.94
N VAL G 410 24.27 12.02 -35.52
CA VAL G 410 23.16 12.57 -36.31
C VAL G 410 23.61 12.97 -37.71
N GLN G 411 24.76 13.64 -37.82
CA GLN G 411 25.25 14.08 -39.11
C GLN G 411 25.72 12.93 -39.98
N ARG G 412 26.27 11.88 -39.38
CA ARG G 412 26.58 10.66 -40.12
C ARG G 412 25.32 10.01 -40.70
N LEU G 413 24.31 9.79 -39.85
CA LEU G 413 23.08 9.16 -40.34
C LEU G 413 22.37 10.01 -41.39
N ALA G 414 22.24 11.31 -41.13
CA ALA G 414 21.56 12.21 -42.05
C ALA G 414 22.32 12.36 -43.37
N SER G 415 23.64 12.45 -43.34
CA SER G 415 24.40 12.49 -44.59
C SER G 415 24.40 11.15 -45.31
N GLY G 416 24.29 10.04 -44.59
CA GLY G 416 24.17 8.74 -45.21
C GLY G 416 22.88 8.57 -45.97
N LEU G 417 21.76 8.76 -45.29
CA LEU G 417 20.46 8.66 -45.95
C LEU G 417 20.25 9.75 -46.99
N GLY G 418 20.78 10.95 -46.79
CA GLY G 418 20.72 11.97 -47.82
C GLY G 418 21.55 11.64 -49.05
N GLY G 419 22.75 11.10 -48.86
CA GLY G 419 23.54 10.64 -50.00
C GLY G 419 22.87 9.52 -50.77
N LEU G 420 22.32 8.53 -50.05
CA LEU G 420 21.53 7.49 -50.70
C LEU G 420 20.33 8.04 -51.47
N ALA G 421 19.63 9.03 -50.91
CA ALA G 421 18.52 9.65 -51.61
C ALA G 421 18.97 10.44 -52.84
N LEU G 422 20.07 11.18 -52.73
CA LEU G 422 20.62 11.87 -53.89
C LEU G 422 21.10 10.91 -54.97
N ILE G 423 21.68 9.78 -54.58
CA ILE G 423 22.03 8.75 -55.56
C ILE G 423 20.80 8.18 -56.26
N ALA G 424 19.73 7.94 -55.51
CA ALA G 424 18.47 7.50 -56.13
C ALA G 424 17.88 8.57 -57.06
N VAL G 425 18.03 9.85 -56.70
CA VAL G 425 17.68 10.94 -57.61
C VAL G 425 18.50 10.88 -58.89
N VAL G 426 19.82 10.72 -58.75
CA VAL G 426 20.69 10.64 -59.92
C VAL G 426 20.30 9.47 -60.82
N VAL G 427 20.03 8.32 -60.22
CA VAL G 427 19.54 7.15 -60.97
C VAL G 427 18.27 7.47 -61.73
N LEU G 428 17.27 8.04 -61.05
CA LEU G 428 15.99 8.32 -61.70
C LEU G 428 16.13 9.36 -62.80
N VAL G 429 16.93 10.41 -62.59
CA VAL G 429 17.15 11.41 -63.64
C VAL G 429 17.89 10.82 -64.83
N LEU G 430 18.91 9.99 -64.58
CA LEU G 430 19.63 9.34 -65.67
C LEU G 430 18.72 8.42 -66.48
N VAL G 431 17.94 7.57 -65.79
CA VAL G 431 16.98 6.71 -66.47
C VAL G 431 15.96 7.52 -67.28
N THR G 432 15.39 8.57 -66.68
CA THR G 432 14.40 9.35 -67.41
C THR G 432 14.99 10.27 -68.48
N CYS G 433 16.31 10.47 -68.50
CA CYS G 433 16.97 10.95 -69.71
C CYS G 433 17.05 9.85 -70.77
N ILE G 434 17.61 8.69 -70.41
CA ILE G 434 17.82 7.59 -71.36
C ILE G 434 16.50 7.21 -72.06
N THR G 435 15.42 7.07 -71.28
CA THR G 435 14.14 6.67 -71.85
C THR G 435 13.50 7.71 -72.76
N MET G 436 14.05 8.93 -72.82
CA MET G 436 13.59 9.92 -73.78
C MET G 436 14.59 10.22 -74.88
N ARG G 437 15.86 9.87 -74.70
CA ARG G 437 16.79 9.87 -75.82
C ARG G 437 16.57 8.66 -76.72
N ARG G 438 16.35 7.48 -76.14
CA ARG G 438 15.98 6.31 -76.91
C ARG G 438 14.51 6.38 -77.34
N SER H 1 7.44 58.24 41.89
CA SER H 1 7.46 56.91 42.46
C SER H 1 6.05 56.33 42.55
N VAL H 2 5.97 55.02 42.79
CA VAL H 2 4.70 54.31 42.68
C VAL H 2 3.67 54.88 43.65
N THR H 3 4.11 55.36 44.82
CA THR H 3 3.20 55.96 45.78
C THR H 3 2.54 57.23 45.25
N GLU H 4 3.16 57.89 44.27
CA GLU H 4 2.50 59.00 43.58
C GLU H 4 1.53 58.50 42.52
N HIS H 5 1.92 57.48 41.75
CA HIS H 5 1.05 56.94 40.72
C HIS H 5 -0.26 56.41 41.29
N PHE H 6 -0.21 55.78 42.46
CA PHE H 6 -1.42 55.30 43.11
C PHE H 6 -2.32 56.41 43.67
N ASN H 7 -1.79 57.64 43.83
CA ASN H 7 -2.60 58.66 44.50
C ASN H 7 -3.84 59.07 43.72
N VAL H 8 -3.89 58.75 42.42
CA VAL H 8 -5.11 58.97 41.64
C VAL H 8 -6.28 58.15 42.18
N TYR H 9 -6.02 56.97 42.74
CA TYR H 9 -7.07 56.16 43.35
C TYR H 9 -7.56 56.72 44.67
N LYS H 10 -6.81 57.64 45.30
CA LYS H 10 -7.23 58.18 46.60
C LYS H 10 -8.58 58.87 46.52
N ALA H 11 -8.92 59.45 45.37
CA ALA H 11 -10.23 60.04 45.13
C ALA H 11 -11.30 59.01 44.79
N THR H 12 -11.01 57.72 44.83
CA THR H 12 -11.90 56.70 44.30
C THR H 12 -12.26 55.68 45.37
N ARG H 13 -13.34 54.95 45.09
CA ARG H 13 -13.93 53.89 45.90
C ARG H 13 -13.93 52.58 45.13
N PRO H 14 -13.75 51.44 45.78
CA PRO H 14 -14.20 50.18 45.18
C PRO H 14 -15.71 50.19 45.02
N TYR H 15 -16.23 49.17 44.35
CA TYR H 15 -17.67 49.04 44.17
C TYR H 15 -18.07 47.57 44.20
N LEU H 16 -19.36 47.35 44.43
CA LEU H 16 -19.97 46.03 44.47
C LEU H 16 -20.88 45.89 43.26
N ALA H 17 -20.67 44.85 42.46
CA ALA H 17 -21.39 44.73 41.20
C ALA H 17 -21.80 43.28 40.94
N TYR H 18 -22.89 43.15 40.19
CA TYR H 18 -23.48 41.86 39.81
C TYR H 18 -22.51 41.00 39.02
N CYS H 19 -22.07 39.87 39.60
CA CYS H 19 -21.31 38.85 38.89
C CYS H 19 -22.22 37.65 38.63
N ALA H 20 -22.28 37.22 37.37
CA ALA H 20 -23.26 36.21 36.97
C ALA H 20 -22.87 34.82 37.46
N ASP H 21 -21.61 34.61 37.83
CA ASP H 21 -21.16 33.29 38.31
C ASP H 21 -19.99 33.56 39.25
N CYS H 22 -20.20 33.36 40.54
CA CYS H 22 -19.18 33.61 41.56
C CYS H 22 -18.31 32.41 41.86
N GLY H 23 -18.01 31.59 40.85
CA GLY H 23 -17.18 30.41 41.05
C GLY H 23 -17.96 29.22 41.53
N ASP H 24 -18.94 29.44 42.40
CA ASP H 24 -20.09 28.57 42.48
C ASP H 24 -21.14 29.02 41.46
N GLY H 25 -21.97 28.07 41.03
CA GLY H 25 -22.63 28.22 39.75
C GLY H 25 -23.70 29.30 39.66
N TYR H 26 -23.75 30.22 40.62
CA TYR H 26 -24.85 31.15 40.75
C TYR H 26 -24.35 32.56 40.95
N PHE H 27 -25.24 33.52 40.73
CA PHE H 27 -24.86 34.92 40.84
C PHE H 27 -24.65 35.33 42.29
N CYS H 28 -23.85 36.38 42.47
CA CYS H 28 -23.87 37.18 43.69
C CYS H 28 -23.35 38.57 43.34
N TYR H 29 -23.70 39.54 44.18
CA TYR H 29 -23.10 40.87 44.10
C TYR H 29 -21.69 40.82 44.66
N SER H 30 -20.70 40.67 43.76
CA SER H 30 -19.33 40.30 44.12
C SER H 30 -18.45 41.53 44.32
N PRO H 31 -17.50 41.45 45.25
CA PRO H 31 -16.46 42.48 45.34
C PRO H 31 -15.40 42.41 44.25
N VAL H 32 -15.37 41.36 43.43
CA VAL H 32 -14.43 41.28 42.31
C VAL H 32 -15.10 40.94 40.99
N ALA H 33 -16.18 41.65 40.65
CA ALA H 33 -16.78 41.51 39.33
C ALA H 33 -15.76 41.84 38.26
N ILE H 34 -15.64 40.96 37.26
CA ILE H 34 -14.68 41.13 36.17
C ILE H 34 -15.32 41.98 35.08
N GLU H 35 -14.79 43.18 34.88
CA GLU H 35 -15.37 44.13 33.93
C GLU H 35 -14.90 43.85 32.49
N LYS H 36 -13.60 43.70 32.31
CA LYS H 36 -13.03 43.44 30.99
C LYS H 36 -11.79 42.58 31.13
N ILE H 37 -11.55 41.74 30.13
CA ILE H 37 -10.26 41.11 29.90
C ILE H 37 -9.70 41.69 28.61
N ARG H 38 -8.53 42.31 28.71
CA ARG H 38 -7.81 42.86 27.57
C ARG H 38 -6.67 41.93 27.18
N ASP H 39 -6.48 41.75 25.87
CA ASP H 39 -5.54 40.76 25.37
C ASP H 39 -4.77 41.31 24.17
N GLU H 40 -4.41 42.60 24.23
CA GLU H 40 -3.73 43.25 23.13
C GLU H 40 -2.26 42.84 23.04
N ALA H 41 -1.71 42.26 24.10
CA ALA H 41 -0.35 41.74 24.07
C ALA H 41 -0.24 40.53 23.15
N SER H 42 0.71 40.58 22.21
CA SER H 42 0.92 39.47 21.30
C SER H 42 1.54 38.26 21.98
N ASP H 43 2.24 38.44 23.09
CA ASP H 43 2.80 37.29 23.80
C ASP H 43 1.77 36.55 24.64
N GLY H 44 0.54 37.06 24.74
CA GLY H 44 -0.51 36.40 25.48
C GLY H 44 -0.73 36.88 26.90
N MET H 45 -0.05 37.94 27.33
CA MET H 45 -0.32 38.49 28.64
C MET H 45 -1.71 39.11 28.68
N LEU H 46 -2.54 38.65 29.60
CA LEU H 46 -3.87 39.22 29.82
C LEU H 46 -3.80 40.44 30.72
N LYS H 47 -4.71 41.37 30.51
CA LYS H 47 -4.97 42.46 31.47
C LYS H 47 -6.42 42.36 31.93
N ILE H 48 -6.62 42.02 33.19
CA ILE H 48 -7.95 41.78 33.74
C ILE H 48 -8.33 42.97 34.60
N GLN H 49 -9.52 43.52 34.36
CA GLN H 49 -10.06 44.64 35.13
C GLN H 49 -11.16 44.12 36.04
N VAL H 50 -11.01 44.39 37.34
CA VAL H 50 -11.97 43.92 38.34
C VAL H 50 -12.58 45.11 39.07
N SER H 51 -13.50 44.83 40.01
CA SER H 51 -14.10 45.86 40.83
C SER H 51 -13.34 46.15 42.12
N ALA H 52 -12.52 45.23 42.60
CA ALA H 52 -11.64 45.51 43.72
C ALA H 52 -10.49 46.40 43.28
N GLN H 53 -9.87 47.06 44.26
CA GLN H 53 -8.64 47.82 44.02
C GLN H 53 -7.50 47.16 44.78
N ILE H 54 -6.48 46.73 44.05
CA ILE H 54 -5.35 45.99 44.60
C ILE H 54 -4.21 46.96 44.87
N GLY H 55 -3.64 46.90 46.07
CA GLY H 55 -2.54 47.75 46.43
C GLY H 55 -2.86 49.01 47.22
N LEU H 56 -4.04 49.10 47.85
CA LEU H 56 -4.43 50.30 48.57
C LEU H 56 -5.00 49.97 49.94
N ASP H 57 -4.72 50.83 50.90
CA ASP H 57 -5.42 50.86 52.18
C ASP H 57 -6.84 51.39 52.02
N LYS H 58 -7.66 51.12 53.03
CA LYS H 58 -8.98 51.75 53.13
C LYS H 58 -8.92 53.24 52.87
N ALA H 59 -7.88 53.91 53.37
CA ALA H 59 -7.72 55.35 53.19
C ALA H 59 -7.33 55.74 51.77
N GLY H 60 -6.92 54.78 50.94
CA GLY H 60 -6.46 55.09 49.60
C GLY H 60 -4.99 55.35 49.49
N THR H 61 -4.21 55.05 50.52
CA THR H 61 -2.76 55.06 50.44
C THR H 61 -2.26 53.76 49.83
N HIS H 62 -1.19 53.85 49.05
CA HIS H 62 -0.59 52.65 48.47
C HIS H 62 -0.04 51.74 49.56
N ALA H 63 -0.28 50.44 49.39
CA ALA H 63 0.28 49.42 50.27
C ALA H 63 0.43 48.12 49.49
N HIS H 64 1.67 47.65 49.36
CA HIS H 64 1.98 46.51 48.51
C HIS H 64 1.12 45.28 48.84
N THR H 65 0.71 45.15 50.10
CA THR H 65 0.11 43.91 50.60
C THR H 65 -1.39 43.98 50.81
N LYS H 66 -2.04 45.10 50.53
CA LYS H 66 -3.48 45.24 50.74
C LYS H 66 -4.24 45.20 49.43
N ILE H 67 -5.37 44.49 49.44
CA ILE H 67 -6.47 44.71 48.52
C ILE H 67 -7.56 45.44 49.29
N ARG H 68 -8.17 46.45 48.68
CA ARG H 68 -9.36 47.05 49.25
C ARG H 68 -10.57 46.81 48.35
N TYR H 69 -11.71 46.58 48.99
CA TYR H 69 -12.95 46.19 48.32
C TYR H 69 -14.11 46.62 49.21
N MET H 70 -15.30 46.65 48.63
CA MET H 70 -16.48 46.95 49.41
C MET H 70 -17.00 45.68 50.06
N ALA H 71 -17.45 45.80 51.30
CA ALA H 71 -18.45 44.90 51.87
C ALA H 71 -19.61 45.74 52.38
N GLY H 72 -20.79 45.53 51.78
CA GLY H 72 -21.89 46.42 52.04
C GLY H 72 -21.55 47.85 51.65
N HIS H 73 -21.78 48.78 52.57
CA HIS H 73 -21.45 50.18 52.36
C HIS H 73 -19.98 50.52 52.64
N ASP H 74 -19.28 49.71 53.43
CA ASP H 74 -17.98 50.09 53.97
C ASP H 74 -16.83 49.39 53.25
N VAL H 75 -15.77 50.16 52.98
CA VAL H 75 -14.55 49.63 52.40
C VAL H 75 -13.79 48.80 53.44
N GLN H 76 -13.25 47.66 53.00
CA GLN H 76 -12.50 46.75 53.86
C GLN H 76 -11.20 46.35 53.17
N GLU H 77 -10.30 45.74 53.94
CA GLU H 77 -8.97 45.36 53.47
C GLU H 77 -8.76 43.87 53.60
N SER H 78 -8.00 43.29 52.66
CA SER H 78 -7.51 41.93 52.83
C SER H 78 -6.18 41.75 52.12
N LYS H 79 -5.56 40.59 52.38
CA LYS H 79 -4.19 40.32 51.97
C LYS H 79 -4.08 40.14 50.46
N ARG H 80 -3.14 40.88 49.84
CA ARG H 80 -2.80 40.64 48.44
C ARG H 80 -2.31 39.21 48.21
N ASP H 81 -1.71 38.59 49.23
CA ASP H 81 -1.32 37.19 49.15
C ASP H 81 -2.43 36.28 48.64
N SER H 82 -3.69 36.64 48.91
CA SER H 82 -4.81 35.78 48.57
C SER H 82 -5.25 35.87 47.12
N LEU H 83 -4.89 36.92 46.38
CA LEU H 83 -5.36 37.07 45.01
C LEU H 83 -4.81 35.97 44.13
N ARG H 84 -5.70 35.31 43.39
CA ARG H 84 -5.34 34.30 42.40
C ARG H 84 -6.19 34.46 41.15
N VAL H 85 -5.65 34.04 40.02
CA VAL H 85 -6.37 33.99 38.74
C VAL H 85 -6.20 32.60 38.13
N TYR H 86 -7.29 32.05 37.59
CA TYR H 86 -7.28 30.73 36.98
C TYR H 86 -7.90 30.79 35.59
N THR H 87 -7.33 30.01 34.65
CA THR H 87 -8.06 29.57 33.47
C THR H 87 -8.19 28.06 33.55
N SER H 88 -7.38 27.29 32.82
CA SER H 88 -7.29 25.85 33.03
C SER H 88 -6.34 25.50 34.18
N ALA H 89 -5.49 26.44 34.58
CA ALA H 89 -4.65 26.30 35.76
C ALA H 89 -4.37 27.71 36.28
N ALA H 90 -3.68 27.79 37.41
CA ALA H 90 -3.44 29.09 38.03
C ALA H 90 -2.50 29.91 37.16
N CYS H 91 -2.86 31.16 36.94
CA CYS H 91 -2.03 32.10 36.20
C CYS H 91 -0.95 32.68 37.11
N SER H 92 0.21 32.95 36.54
CA SER H 92 1.19 33.80 37.19
C SER H 92 0.74 35.25 37.07
N ILE H 93 0.72 35.97 38.18
CA ILE H 93 0.33 37.38 38.18
C ILE H 93 1.59 38.23 38.15
N HIS H 94 1.74 39.04 37.11
CA HIS H 94 2.96 39.79 36.87
C HIS H 94 2.91 41.19 37.44
N GLY H 95 1.72 41.77 37.57
CA GLY H 95 1.58 43.11 38.10
C GLY H 95 0.15 43.41 38.50
N THR H 96 -0.03 44.28 39.49
CA THR H 96 -1.35 44.65 39.96
C THR H 96 -1.34 46.10 40.41
N MET H 97 -2.32 46.88 39.95
CA MET H 97 -2.46 48.28 40.31
C MET H 97 -3.93 48.62 40.25
N GLY H 98 -4.48 49.03 41.37
CA GLY H 98 -5.89 49.39 41.44
C GLY H 98 -6.78 48.28 40.93
N HIS H 99 -7.68 48.63 40.02
CA HIS H 99 -8.64 47.72 39.43
C HIS H 99 -8.04 46.71 38.45
N PHE H 100 -6.75 46.78 38.14
CA PHE H 100 -6.18 46.04 37.02
C PHE H 100 -5.18 44.97 37.46
N ILE H 101 -5.24 43.82 36.77
CA ILE H 101 -4.32 42.71 36.93
C ILE H 101 -3.71 42.43 35.57
N VAL H 102 -2.43 42.10 35.52
CA VAL H 102 -1.83 41.49 34.33
C VAL H 102 -1.26 40.13 34.70
N ALA H 103 -1.56 39.12 33.87
CA ALA H 103 -1.25 37.75 34.21
C ALA H 103 -0.96 36.95 32.94
N HIS H 104 -0.13 35.92 33.09
CA HIS H 104 0.21 35.02 31.98
C HIS H 104 -0.56 33.71 32.18
N CYS H 105 -1.82 33.71 31.73
CA CYS H 105 -2.64 32.52 31.91
C CYS H 105 -2.35 31.46 30.86
N PRO H 106 -2.51 30.19 31.21
CA PRO H 106 -2.51 29.12 30.21
C PRO H 106 -3.79 29.11 29.39
N PRO H 107 -3.79 28.45 28.24
CA PRO H 107 -5.02 28.32 27.45
C PRO H 107 -6.15 27.69 28.25
N GLY H 108 -7.36 28.20 28.03
CA GLY H 108 -8.52 27.66 28.71
C GLY H 108 -9.75 28.44 28.32
N ASP H 109 -10.91 27.92 28.72
CA ASP H 109 -12.18 28.46 28.27
C ASP H 109 -12.71 29.56 29.17
N TYR H 110 -12.26 29.64 30.42
CA TYR H 110 -12.85 30.51 31.42
C TYR H 110 -11.75 31.29 32.14
N LEU H 111 -12.14 32.43 32.71
CA LEU H 111 -11.24 33.23 33.54
C LEU H 111 -11.90 33.48 34.89
N LYS H 112 -11.32 32.94 35.95
CA LYS H 112 -11.77 33.16 37.32
C LYS H 112 -10.75 33.98 38.08
N VAL H 113 -11.20 35.10 38.65
CA VAL H 113 -10.41 35.90 39.60
C VAL H 113 -11.01 35.69 40.98
N SER H 114 -10.15 35.37 41.95
CA SER H 114 -10.64 35.19 43.31
C SER H 114 -9.59 35.64 44.32
N PHE H 115 -10.08 36.08 45.47
CA PHE H 115 -9.25 36.54 46.58
C PHE H 115 -10.03 36.25 47.85
N GLU H 116 -9.35 36.30 48.99
CA GLU H 116 -10.00 36.04 50.27
C GLU H 116 -10.47 37.31 50.94
N ASP H 117 -11.68 37.26 51.48
CA ASP H 117 -12.25 38.32 52.29
C ASP H 117 -11.40 38.58 53.52
N ALA H 118 -11.74 39.67 54.23
CA ALA H 118 -11.06 39.98 55.48
C ALA H 118 -11.24 38.86 56.51
N ASP H 119 -12.38 38.17 56.45
CA ASP H 119 -12.66 37.01 57.27
C ASP H 119 -12.16 35.71 56.64
N SER H 120 -11.28 35.81 55.63
CA SER H 120 -10.69 34.67 54.92
C SER H 120 -11.73 33.83 54.18
N HIS H 121 -12.95 34.32 54.01
CA HIS H 121 -13.86 33.71 53.05
C HIS H 121 -13.35 33.98 51.64
N VAL H 122 -13.27 32.93 50.82
CA VAL H 122 -12.94 33.12 49.41
C VAL H 122 -14.11 33.80 48.70
N LYS H 123 -13.81 34.90 48.01
CA LYS H 123 -14.78 35.57 47.15
C LYS H 123 -14.22 35.67 45.74
N ALA H 124 -15.09 35.49 44.75
CA ALA H 124 -14.64 35.17 43.40
C ALA H 124 -15.61 35.75 42.39
N CYS H 125 -15.17 35.76 41.13
CA CYS H 125 -16.05 35.86 39.97
C CYS H 125 -15.44 35.05 38.84
N LYS H 126 -16.29 34.48 37.99
CA LYS H 126 -15.83 33.73 36.83
C LYS H 126 -16.59 34.17 35.60
N VAL H 127 -15.87 34.29 34.49
CA VAL H 127 -16.46 34.67 33.20
C VAL H 127 -15.98 33.70 32.13
N GLN H 128 -16.82 33.50 31.12
CA GLN H 128 -16.41 32.81 29.91
C GLN H 128 -15.50 33.70 29.07
N TYR H 129 -14.33 33.17 28.69
CA TYR H 129 -13.36 33.92 27.90
C TYR H 129 -12.40 32.91 27.27
N LYS H 130 -12.56 32.66 25.97
CA LYS H 130 -11.74 31.69 25.25
C LYS H 130 -10.33 32.26 25.08
N HIS H 131 -9.39 31.75 25.88
CA HIS H 131 -7.99 32.16 25.82
C HIS H 131 -7.18 31.16 25.00
N ASP H 132 -7.24 31.31 23.68
CA ASP H 132 -6.28 30.66 22.78
C ASP H 132 -5.40 31.72 22.14
N PRO H 133 -4.24 32.05 22.72
CA PRO H 133 -3.37 33.05 22.09
C PRO H 133 -2.68 32.47 20.86
N LEU H 134 -2.58 33.28 19.82
CA LEU H 134 -1.80 32.92 18.65
C LEU H 134 -0.31 32.84 19.01
N PRO H 135 0.44 31.97 18.34
CA PRO H 135 1.88 31.91 18.57
C PRO H 135 2.57 33.15 18.02
N VAL H 136 3.66 33.54 18.68
CA VAL H 136 4.65 34.41 18.05
C VAL H 136 5.50 33.57 17.12
N GLY H 137 5.54 33.97 15.84
CA GLY H 137 6.26 33.23 14.82
C GLY H 137 5.56 31.96 14.36
N ARG H 138 6.35 30.93 14.08
CA ARG H 138 5.93 29.81 13.23
C ARG H 138 5.83 28.51 14.00
N GLU H 139 5.81 28.57 15.34
CA GLU H 139 5.75 27.38 16.17
C GLU H 139 4.84 27.66 17.36
N LYS H 140 3.93 26.75 17.65
CA LYS H 140 3.01 26.88 18.77
C LYS H 140 3.61 26.26 20.04
N PHE H 141 4.80 26.76 20.37
CA PHE H 141 5.56 26.24 21.50
C PHE H 141 4.85 26.48 22.82
N VAL H 142 5.13 25.60 23.77
CA VAL H 142 4.44 25.59 25.06
C VAL H 142 5.20 26.36 26.13
N VAL H 143 6.53 26.22 26.16
CA VAL H 143 7.36 26.82 27.19
C VAL H 143 8.57 27.48 26.55
N ARG H 144 8.99 28.61 27.12
CA ARG H 144 10.18 29.34 26.70
C ARG H 144 11.45 28.49 26.77
N PRO H 145 12.20 28.31 25.65
CA PRO H 145 13.37 27.42 25.66
C PRO H 145 14.66 28.11 26.11
N HIS H 146 15.71 27.34 26.41
CA HIS H 146 17.02 27.93 26.83
C HIS H 146 17.68 28.60 25.63
N PHE H 147 17.56 27.99 24.44
CA PHE H 147 18.15 28.58 23.21
C PHE H 147 17.07 28.72 22.13
N GLY H 148 17.12 29.79 21.35
CA GLY H 148 16.13 30.00 20.27
C GLY H 148 16.29 31.36 19.62
N VAL H 149 15.21 31.90 19.05
CA VAL H 149 15.26 33.20 18.38
C VAL H 149 14.51 34.22 19.24
N GLU H 150 15.06 35.43 19.32
CA GLU H 150 14.34 36.58 19.87
C GLU H 150 13.49 37.23 18.79
N LEU H 151 12.26 36.75 18.65
CA LEU H 151 11.30 37.37 17.74
C LEU H 151 10.65 38.59 18.42
N PRO H 152 10.42 39.66 17.67
CA PRO H 152 9.74 40.84 18.25
C PRO H 152 8.27 40.59 18.52
N CYS H 153 7.78 41.20 19.60
CA CYS H 153 6.37 41.16 19.94
C CYS H 153 6.03 42.36 20.82
N THR H 154 4.81 42.37 21.34
CA THR H 154 4.31 43.38 22.25
C THR H 154 3.85 42.74 23.54
N SER H 155 4.00 43.44 24.66
CA SER H 155 3.27 43.09 25.86
C SER H 155 3.27 44.26 26.84
N TYR H 156 2.41 44.14 27.85
CA TYR H 156 2.15 45.21 28.80
C TYR H 156 3.38 45.47 29.67
N GLN H 157 3.88 46.71 29.62
CA GLN H 157 5.03 47.08 30.43
C GLN H 157 4.63 47.12 31.90
N LEU H 158 5.43 46.47 32.75
CA LEU H 158 5.10 46.37 34.17
C LEU H 158 5.47 47.65 34.91
N THR H 159 4.96 48.79 34.44
CA THR H 159 5.09 50.06 35.14
C THR H 159 3.73 50.72 35.29
N THR H 160 3.56 51.43 36.40
CA THR H 160 2.30 52.04 36.79
C THR H 160 2.18 53.51 36.40
N ALA H 161 3.15 54.05 35.68
CA ALA H 161 3.11 55.46 35.31
C ALA H 161 1.89 55.77 34.43
N PRO H 162 1.37 57.00 34.50
CA PRO H 162 0.23 57.39 33.68
C PRO H 162 0.41 57.08 32.20
N THR H 163 -0.73 56.83 31.54
CA THR H 163 -0.77 56.38 30.15
C THR H 163 -1.85 57.19 29.41
N ASP H 164 -1.88 57.03 28.09
CA ASP H 164 -2.92 57.65 27.27
C ASP H 164 -4.31 57.08 27.55
N GLU H 165 -4.40 55.89 28.15
CA GLU H 165 -5.67 55.21 28.34
C GLU H 165 -6.29 55.62 29.67
N GLU H 166 -7.61 55.69 29.71
CA GLU H 166 -8.30 56.07 30.94
C GLU H 166 -9.61 55.29 31.06
N ILE H 167 -10.13 55.26 32.29
CA ILE H 167 -11.47 54.78 32.58
C ILE H 167 -12.25 55.84 33.35
N ASP H 168 -13.53 55.95 33.05
CA ASP H 168 -14.35 57.03 33.59
C ASP H 168 -14.72 56.75 35.04
N MET H 169 -14.54 57.75 35.89
CA MET H 169 -14.96 57.71 37.29
C MET H 169 -16.12 58.68 37.50
N HIS H 170 -17.16 58.22 38.20
CA HIS H 170 -18.33 59.04 38.47
C HIS H 170 -18.80 58.79 39.90
N THR H 171 -19.65 59.69 40.38
CA THR H 171 -20.22 59.51 41.72
C THR H 171 -21.14 58.29 41.76
N PRO H 172 -21.04 57.48 42.80
CA PRO H 172 -21.92 56.32 42.96
C PRO H 172 -23.39 56.71 42.90
N PRO H 173 -24.25 55.80 42.46
CA PRO H 173 -25.70 56.01 42.62
C PRO H 173 -26.09 55.92 44.09
N ASP H 174 -27.32 56.36 44.37
CA ASP H 174 -27.86 56.22 45.72
C ASP H 174 -28.07 54.74 46.03
N ILE H 175 -27.20 54.19 46.87
CA ILE H 175 -27.20 52.76 47.16
C ILE H 175 -28.34 52.37 48.10
N PRO H 176 -29.31 51.59 47.63
CA PRO H 176 -30.45 51.23 48.48
C PRO H 176 -30.05 50.23 49.54
N ASP H 177 -30.63 50.36 50.73
CA ASP H 177 -30.41 49.37 51.78
C ASP H 177 -31.60 49.36 52.71
N ARG H 178 -32.40 48.30 52.61
CA ARG H 178 -33.61 48.13 53.43
C ARG H 178 -33.33 48.07 54.93
N THR H 179 -32.12 47.71 55.33
CA THR H 179 -31.80 47.62 56.75
C THR H 179 -31.61 48.98 57.41
N LEU H 180 -31.56 50.06 56.63
CA LEU H 180 -31.56 51.39 57.20
C LEU H 180 -32.88 51.72 57.87
N LEU H 181 -33.98 51.18 57.35
CA LEU H 181 -35.28 51.33 57.99
C LEU H 181 -35.49 50.31 59.10
N SER H 182 -36.13 50.75 60.17
CA SER H 182 -36.63 49.87 61.22
C SER H 182 -37.90 50.49 61.79
N GLN H 183 -38.75 49.65 62.39
CA GLN H 183 -40.02 50.10 62.92
C GLN H 183 -40.07 49.93 64.43
N THR H 184 -40.68 50.89 65.10
CA THR H 184 -40.75 50.94 66.57
C THR H 184 -42.18 51.33 66.96
N ALA H 185 -42.93 50.37 67.49
CA ALA H 185 -44.36 50.56 67.78
C ALA H 185 -45.10 51.04 66.54
N GLY H 186 -44.70 50.56 65.36
CA GLY H 186 -45.28 51.07 64.11
C GLY H 186 -44.51 52.29 63.63
N ASN H 187 -44.20 53.22 64.53
CA ASN H 187 -43.40 54.42 64.18
C ASN H 187 -42.09 53.94 63.52
N VAL H 188 -41.64 54.62 62.46
CA VAL H 188 -40.44 54.13 61.71
C VAL H 188 -39.20 54.96 62.04
N LYS H 189 -38.08 54.30 62.33
CA LYS H 189 -36.82 54.99 62.59
C LYS H 189 -35.87 54.76 61.41
N ILE H 190 -35.28 55.85 60.93
CA ILE H 190 -34.28 55.79 59.87
C ILE H 190 -32.90 55.90 60.52
N THR H 191 -32.02 54.97 60.20
CA THR H 191 -30.79 54.74 60.94
C THR H 191 -29.59 55.14 60.11
N ALA H 192 -28.64 55.82 60.74
CA ALA H 192 -27.45 56.36 60.06
C ALA H 192 -26.43 55.26 59.78
N GLY H 193 -26.87 54.25 59.02
CA GLY H 193 -25.96 53.22 58.56
C GLY H 193 -25.00 53.70 57.48
N GLY H 194 -25.36 54.78 56.79
CA GLY H 194 -24.42 55.61 56.08
C GLY H 194 -24.55 57.05 56.57
N ARG H 195 -23.61 57.89 56.11
CA ARG H 195 -23.57 59.25 56.64
C ARG H 195 -24.78 60.06 56.23
N THR H 196 -25.34 59.81 55.04
CA THR H 196 -26.58 60.46 54.64
C THR H 196 -27.49 59.43 53.99
N ILE H 197 -28.74 59.40 54.42
CA ILE H 197 -29.76 58.53 53.84
C ILE H 197 -30.78 59.39 53.10
N ARG H 198 -31.01 59.09 51.82
CA ARG H 198 -32.22 59.54 51.15
C ARG H 198 -33.35 58.57 51.50
N TYR H 199 -34.54 59.12 51.72
CA TYR H 199 -35.69 58.30 52.05
C TYR H 199 -36.94 58.83 51.37
N ASN H 200 -37.94 57.95 51.28
CA ASN H 200 -39.18 58.26 50.59
C ASN H 200 -40.36 57.54 51.25
N CYS H 201 -40.52 57.70 52.56
CA CYS H 201 -41.73 57.25 53.22
C CYS H 201 -42.94 57.97 52.63
N THR H 202 -43.77 57.25 51.88
CA THR H 202 -44.93 57.87 51.24
C THR H 202 -46.05 58.18 52.23
N CYS H 203 -46.09 57.47 53.35
CA CYS H 203 -46.97 57.81 54.47
C CYS H 203 -46.37 58.85 55.40
N GLY H 204 -45.11 59.22 55.18
CA GLY H 204 -44.43 60.13 56.12
C GLY H 204 -44.70 61.60 55.83
N ARG H 205 -43.96 62.49 56.48
CA ARG H 205 -44.10 63.95 56.21
C ARG H 205 -43.33 64.25 54.92
N ASP H 206 -43.39 63.34 53.94
CA ASP H 206 -42.68 63.51 52.66
C ASP H 206 -41.18 63.64 52.94
N ASN H 207 -40.67 64.88 53.02
CA ASN H 207 -39.23 65.10 53.20
C ASN H 207 -38.41 64.33 52.18
N VAL H 208 -37.10 64.25 52.37
CA VAL H 208 -36.23 63.71 51.32
C VAL H 208 -34.99 63.02 51.90
N GLY H 209 -34.41 63.58 52.96
CA GLY H 209 -33.17 63.00 53.45
C GLY H 209 -32.49 63.75 54.59
N THR H 210 -31.24 64.18 54.33
CA THR H 210 -30.31 64.75 55.30
C THR H 210 -29.82 63.74 56.34
N THR H 211 -28.68 64.05 56.94
CA THR H 211 -27.96 63.19 57.86
C THR H 211 -28.68 63.07 59.19
N SER H 212 -28.12 62.21 60.06
CA SER H 212 -28.67 61.81 61.35
C SER H 212 -29.96 61.01 61.25
N THR H 213 -30.34 60.39 62.36
CA THR H 213 -31.55 59.58 62.43
C THR H 213 -32.80 60.45 62.30
N ASP H 214 -33.88 59.84 61.80
CA ASP H 214 -35.15 60.56 61.62
C ASP H 214 -36.31 59.65 62.04
N LYS H 215 -37.05 60.05 63.07
CA LYS H 215 -38.21 59.25 63.56
C LYS H 215 -39.48 59.66 62.81
N THR H 216 -39.56 59.34 61.51
CA THR H 216 -40.81 59.62 60.77
C THR H 216 -41.98 59.09 61.61
N ILE H 217 -42.74 59.98 62.26
CA ILE H 217 -43.82 59.52 63.18
C ILE H 217 -45.01 59.02 62.37
N ASN H 218 -45.05 57.71 62.10
CA ASN H 218 -46.20 57.11 61.37
C ASN H 218 -46.17 55.59 61.53
N THR H 219 -47.30 54.98 61.86
CA THR H 219 -47.34 53.49 61.93
C THR H 219 -47.33 52.95 60.50
N CYS H 220 -46.61 53.62 59.59
CA CYS H 220 -46.61 53.21 58.19
C CYS H 220 -45.93 51.86 57.97
N LYS H 221 -45.25 51.30 58.97
CA LYS H 221 -44.47 50.07 58.83
C LYS H 221 -43.32 50.24 57.85
N ILE H 222 -42.58 49.15 57.63
CA ILE H 222 -41.42 49.19 56.73
C ILE H 222 -41.85 49.33 55.28
N ASP H 223 -43.02 48.79 54.93
CA ASP H 223 -43.62 49.02 53.62
C ASP H 223 -43.95 50.50 53.44
N GLN H 224 -44.21 50.87 52.19
CA GLN H 224 -44.52 52.24 51.78
C GLN H 224 -43.39 53.22 52.10
N CYS H 225 -42.17 52.72 52.30
CA CYS H 225 -41.03 53.60 52.52
C CYS H 225 -39.80 52.99 51.86
N HIS H 226 -38.81 53.84 51.63
CA HIS H 226 -37.59 53.45 50.92
C HIS H 226 -36.43 54.24 51.52
N ALA H 227 -35.24 53.64 51.50
CA ALA H 227 -34.05 54.33 52.01
C ALA H 227 -32.83 53.92 51.21
N ALA H 228 -31.98 54.91 50.90
CA ALA H 228 -30.75 54.68 50.18
C ALA H 228 -29.66 55.62 50.68
N VAL H 229 -28.43 55.09 50.77
CA VAL H 229 -27.27 55.91 51.11
C VAL H 229 -26.92 56.80 49.93
N THR H 230 -26.59 58.07 50.22
CA THR H 230 -26.46 59.09 49.19
C THR H 230 -25.34 60.05 49.55
N SER H 231 -25.10 61.01 48.66
CA SER H 231 -24.08 62.06 48.82
C SER H 231 -22.66 61.50 48.95
N HIS H 232 -22.39 60.35 48.32
CA HIS H 232 -21.05 59.77 48.36
C HIS H 232 -20.00 60.77 47.88
N ASP H 233 -18.84 60.74 48.52
CA ASP H 233 -17.69 61.54 48.10
C ASP H 233 -16.83 60.82 47.07
N LYS H 234 -16.46 59.57 47.35
CA LYS H 234 -15.54 58.82 46.50
C LYS H 234 -16.25 58.37 45.22
N TRP H 235 -15.54 58.46 44.09
CA TRP H 235 -16.07 58.05 42.80
C TRP H 235 -15.95 56.55 42.57
N GLN H 236 -16.75 56.07 41.61
CA GLN H 236 -16.75 54.69 41.13
C GLN H 236 -16.73 54.70 39.61
N PHE H 237 -16.44 53.53 39.02
CA PHE H 237 -16.63 53.37 37.57
C PHE H 237 -18.04 53.73 37.15
N THR H 238 -18.16 54.23 35.93
CA THR H 238 -19.40 54.10 35.17
C THR H 238 -19.45 52.69 34.58
N SER H 239 -19.59 51.70 35.47
CA SER H 239 -19.67 50.28 35.04
C SER H 239 -21.11 49.95 34.65
N PRO H 240 -21.36 49.07 33.65
CA PRO H 240 -22.73 48.78 33.20
C PRO H 240 -23.55 48.00 34.23
N PHE H 241 -22.90 47.42 35.24
CA PHE H 241 -23.60 46.60 36.26
C PHE H 241 -24.10 47.47 37.41
N VAL H 242 -23.78 48.77 37.38
CA VAL H 242 -24.17 49.69 38.49
C VAL H 242 -24.84 50.93 37.89
N PRO H 243 -26.03 51.36 38.37
CA PRO H 243 -26.73 52.52 37.81
C PRO H 243 -25.85 53.76 37.82
N ARG H 244 -26.17 54.68 36.92
CA ARG H 244 -25.52 55.98 36.86
C ARG H 244 -26.30 56.99 37.68
N ALA H 245 -25.61 57.74 38.52
CA ALA H 245 -26.27 58.67 39.42
C ALA H 245 -26.96 59.79 38.65
N ASP H 246 -26.38 60.22 37.53
CA ASP H 246 -26.93 61.29 36.72
C ASP H 246 -26.40 61.15 35.31
N GLN H 247 -26.91 61.99 34.41
CA GLN H 247 -26.47 62.01 33.02
C GLN H 247 -25.28 62.93 32.76
N THR H 248 -24.67 63.49 33.80
CA THR H 248 -23.62 64.47 33.56
C THR H 248 -22.31 63.77 33.18
N ALA H 249 -21.41 64.55 32.58
CA ALA H 249 -20.08 64.04 32.22
C ALA H 249 -19.31 63.55 33.44
N ARG H 250 -18.41 62.60 33.20
CA ARG H 250 -17.63 61.95 34.24
C ARG H 250 -16.94 62.98 35.15
N ARG H 251 -17.05 62.78 36.45
CA ARG H 251 -16.43 63.70 37.41
C ARG H 251 -14.92 63.50 37.51
N GLY H 252 -14.39 62.34 37.14
CA GLY H 252 -12.96 62.17 37.11
C GLY H 252 -12.56 61.00 36.23
N LYS H 253 -11.28 60.63 36.31
CA LYS H 253 -10.77 59.50 35.56
C LYS H 253 -9.65 58.81 36.34
N VAL H 254 -9.36 57.59 35.91
CA VAL H 254 -8.16 56.85 36.30
C VAL H 254 -7.52 56.33 35.03
N HIS H 255 -6.19 56.38 34.97
CA HIS H 255 -5.50 55.82 33.81
C HIS H 255 -5.48 54.30 33.87
N VAL H 256 -5.45 53.68 32.69
CA VAL H 256 -5.21 52.24 32.58
C VAL H 256 -3.72 51.95 32.68
N PRO H 257 -3.27 51.25 33.71
CA PRO H 257 -1.85 51.01 33.91
C PRO H 257 -1.31 49.93 32.98
N PHE H 258 0.01 49.75 33.05
CA PHE H 258 0.76 48.75 32.29
C PHE H 258 0.61 48.94 30.79
N PRO H 259 1.16 50.03 30.23
CA PRO H 259 0.95 50.30 28.80
C PRO H 259 1.59 49.22 27.94
N LEU H 260 1.00 49.01 26.76
CA LEU H 260 1.58 48.10 25.79
C LEU H 260 2.91 48.63 25.30
N THR H 261 3.90 47.73 25.16
CA THR H 261 5.23 48.11 24.68
C THR H 261 5.84 46.97 23.88
N ASN H 262 6.86 47.31 23.11
CA ASN H 262 7.67 46.33 22.39
C ASN H 262 8.52 45.46 23.30
N VAL H 263 8.55 44.16 22.96
CA VAL H 263 9.28 43.14 23.70
C VAL H 263 9.84 42.20 22.64
N THR H 264 10.77 41.33 23.01
CA THR H 264 11.12 40.18 22.17
C THR H 264 10.77 38.88 22.87
N CYS H 265 10.01 38.02 22.17
CA CYS H 265 9.80 36.64 22.61
C CYS H 265 10.98 35.76 22.18
N ARG H 266 11.51 34.98 23.11
CA ARG H 266 12.35 33.84 22.78
C ARG H 266 11.48 32.68 22.29
N VAL H 267 11.61 32.33 21.01
CA VAL H 267 10.85 31.23 20.44
C VAL H 267 11.82 30.12 20.03
N PRO H 268 11.42 28.85 20.10
CA PRO H 268 12.34 27.76 19.76
C PRO H 268 12.72 27.76 18.29
N LEU H 269 13.69 26.91 17.97
CA LEU H 269 14.00 26.52 16.60
C LEU H 269 13.74 25.03 16.45
N ALA H 270 12.87 24.67 15.52
CA ALA H 270 12.62 23.27 15.21
C ALA H 270 13.89 22.54 14.76
N ARG H 271 13.91 21.22 14.97
CA ARG H 271 15.02 20.41 14.52
C ARG H 271 15.20 20.52 13.01
N ALA H 272 16.45 20.58 12.57
CA ALA H 272 16.73 20.53 11.14
C ALA H 272 16.17 19.26 10.53
N PRO H 273 15.39 19.36 9.45
CA PRO H 273 14.84 18.16 8.81
C PRO H 273 15.93 17.21 8.34
N ASP H 274 15.62 15.91 8.37
CA ASP H 274 16.49 14.88 7.80
C ASP H 274 16.24 14.83 6.28
N VAL H 275 16.90 15.75 5.58
CA VAL H 275 16.83 15.75 4.12
C VAL H 275 17.47 14.50 3.54
N THR H 276 16.83 13.95 2.50
CA THR H 276 17.52 13.14 1.50
C THR H 276 17.21 13.72 0.13
N TYR H 277 18.19 13.65 -0.77
CA TYR H 277 18.05 14.18 -2.11
C TYR H 277 17.86 13.08 -3.12
N GLY H 278 16.88 13.26 -4.00
CA GLY H 278 16.69 12.39 -5.15
C GLY H 278 16.61 13.24 -6.41
N LYS H 279 16.44 12.56 -7.53
CA LYS H 279 16.35 13.27 -8.79
C LYS H 279 15.13 14.17 -8.81
N LYS H 280 15.36 15.49 -8.79
CA LYS H 280 14.31 16.51 -8.72
C LYS H 280 13.39 16.36 -7.52
N GLU H 281 13.88 15.76 -6.42
CA GLU H 281 13.08 15.67 -5.21
C GLU H 281 13.94 15.88 -3.97
N VAL H 282 13.39 16.61 -3.00
CA VAL H 282 13.87 16.61 -1.62
C VAL H 282 12.86 15.86 -0.78
N THR H 283 13.33 14.87 -0.02
CA THR H 283 12.48 14.15 0.92
C THR H 283 12.83 14.60 2.33
N LEU H 284 11.84 15.12 3.04
CA LEU H 284 12.02 15.74 4.34
C LEU H 284 11.33 14.88 5.39
N ARG H 285 12.06 14.49 6.43
CA ARG H 285 11.46 13.93 7.62
C ARG H 285 11.40 15.00 8.72
N LEU H 286 10.20 15.26 9.21
CA LEU H 286 9.91 16.39 10.10
C LEU H 286 9.55 15.84 11.47
N HIS H 287 10.26 16.29 12.51
CA HIS H 287 10.08 15.78 13.87
C HIS H 287 9.72 16.93 14.80
N PRO H 288 8.45 17.34 14.81
CA PRO H 288 8.05 18.49 15.64
C PRO H 288 7.89 18.11 17.10
N ASP H 289 8.28 19.02 17.98
CA ASP H 289 7.86 18.98 19.38
C ASP H 289 6.44 19.49 19.57
N HIS H 290 5.96 20.31 18.65
CA HIS H 290 4.73 21.07 18.78
C HIS H 290 4.31 21.50 17.38
N PRO H 291 3.04 21.91 17.18
CA PRO H 291 2.62 22.33 15.85
C PRO H 291 3.59 23.33 15.23
N THR H 292 4.14 22.95 14.08
CA THR H 292 5.23 23.66 13.44
C THR H 292 4.85 23.95 11.99
N LEU H 293 4.93 25.22 11.59
CA LEU H 293 4.50 25.59 10.24
C LEU H 293 5.58 25.21 9.24
N PHE H 294 5.32 24.18 8.45
CA PHE H 294 6.13 23.84 7.29
C PHE H 294 5.53 24.51 6.06
N SER H 295 6.36 25.19 5.28
CA SER H 295 5.88 25.78 4.04
C SER H 295 7.01 25.86 3.02
N TYR H 296 6.64 25.73 1.74
CA TYR H 296 7.63 25.84 0.68
C TYR H 296 6.97 26.48 -0.55
N ARG H 297 7.82 26.98 -1.45
CA ARG H 297 7.38 27.53 -2.72
C ARG H 297 8.42 27.22 -3.78
N SER H 298 7.96 27.06 -5.02
CA SER H 298 8.85 27.08 -6.17
C SER H 298 9.33 28.50 -6.46
N LEU H 299 10.57 28.64 -6.90
CA LEU H 299 11.18 29.93 -7.16
C LEU H 299 10.95 30.40 -8.59
N GLY H 300 10.13 29.69 -9.36
CA GLY H 300 9.83 30.08 -10.71
C GLY H 300 8.74 31.13 -10.80
N ALA H 301 8.24 31.32 -12.02
CA ALA H 301 7.15 32.25 -12.27
C ALA H 301 5.84 31.78 -11.64
N GLU H 302 5.69 30.50 -11.38
CA GLU H 302 4.55 29.97 -10.64
C GLU H 302 5.02 29.35 -9.34
N PRO H 303 4.75 29.98 -8.19
CA PRO H 303 5.33 29.49 -6.93
C PRO H 303 4.68 28.24 -6.38
N HIS H 304 3.43 27.96 -6.73
CA HIS H 304 2.67 26.83 -6.21
C HIS H 304 2.90 26.62 -4.71
N PRO H 305 2.63 27.61 -3.88
CA PRO H 305 3.07 27.55 -2.48
C PRO H 305 2.33 26.46 -1.71
N TYR H 306 3.06 25.84 -0.78
CA TYR H 306 2.54 24.83 0.12
C TYR H 306 2.67 25.30 1.55
N GLU H 307 1.71 24.90 2.39
CA GLU H 307 1.64 25.38 3.77
C GLU H 307 0.95 24.33 4.62
N GLU H 308 1.61 23.90 5.67
CA GLU H 308 1.09 22.86 6.56
C GLU H 308 1.59 23.10 7.97
N TRP H 309 0.68 23.21 8.93
CA TRP H 309 1.04 23.13 10.34
C TRP H 309 1.31 21.68 10.71
N VAL H 310 2.56 21.26 10.52
CA VAL H 310 2.95 19.89 10.89
C VAL H 310 3.03 19.79 12.40
N ASP H 311 2.30 18.84 12.97
CA ASP H 311 2.33 18.60 14.41
C ASP H 311 2.58 17.14 14.75
N LYS H 312 2.75 16.29 13.74
CA LYS H 312 3.08 14.89 13.92
C LYS H 312 4.32 14.56 13.09
N PHE H 313 5.07 13.57 13.56
CA PHE H 313 6.27 13.10 12.90
C PHE H 313 5.94 12.54 11.52
N SER H 314 6.37 13.23 10.47
CA SER H 314 5.79 13.02 9.14
C SER H 314 6.81 13.36 8.07
N GLU H 315 6.63 12.77 6.89
CA GLU H 315 7.56 12.84 5.78
C GLU H 315 6.93 13.56 4.60
N ARG H 316 7.68 14.50 4.01
CA ARG H 316 7.19 15.31 2.91
C ARG H 316 8.19 15.29 1.76
N ILE H 317 7.68 15.33 0.53
CA ILE H 317 8.49 15.37 -0.68
C ILE H 317 8.23 16.70 -1.40
N ILE H 318 9.29 17.43 -1.69
CA ILE H 318 9.22 18.67 -2.46
C ILE H 318 9.72 18.40 -3.87
N PRO H 319 8.91 18.59 -4.92
CA PRO H 319 9.43 18.55 -6.29
C PRO H 319 10.30 19.77 -6.56
N VAL H 320 11.55 19.53 -6.95
CA VAL H 320 12.51 20.59 -7.22
C VAL H 320 12.89 20.57 -8.70
N THR H 321 12.62 21.67 -9.39
CA THR H 321 12.96 21.82 -10.80
C THR H 321 14.26 22.60 -10.93
N GLU H 322 14.66 22.86 -12.18
CA GLU H 322 15.87 23.64 -12.44
C GLU H 322 15.81 25.00 -11.76
N GLU H 323 14.60 25.55 -11.57
CA GLU H 323 14.43 26.87 -10.99
C GLU H 323 14.49 26.84 -9.47
N GLY H 324 14.34 25.65 -8.88
CA GLY H 324 14.53 25.47 -7.45
C GLY H 324 13.30 25.74 -6.62
N ILE H 325 13.46 25.53 -5.32
CA ILE H 325 12.42 25.76 -4.33
C ILE H 325 13.02 26.48 -3.13
N GLU H 326 12.15 27.10 -2.35
CA GLU H 326 12.49 27.57 -1.01
C GLU H 326 11.51 26.95 -0.02
N TYR H 327 12.04 26.49 1.11
CA TYR H 327 11.22 26.04 2.22
C TYR H 327 11.67 26.66 3.53
N GLN H 328 10.71 26.88 4.42
CA GLN H 328 10.97 27.10 5.83
C GLN H 328 10.41 25.94 6.64
N TRP H 329 11.19 25.48 7.62
CA TRP H 329 10.69 24.59 8.66
C TRP H 329 10.72 25.35 9.97
N GLY H 330 9.55 25.54 10.58
CA GLY H 330 9.47 26.21 11.87
C GLY H 330 10.02 27.62 11.83
N ASN H 331 10.73 27.99 12.88
CA ASN H 331 11.37 29.29 12.98
C ASN H 331 12.72 29.36 12.27
N ASN H 332 13.22 28.24 11.74
CA ASN H 332 14.49 28.25 11.03
C ASN H 332 14.40 29.15 9.79
N PRO H 333 15.52 29.73 9.36
CA PRO H 333 15.52 30.57 8.16
C PRO H 333 15.30 29.73 6.91
N PRO H 334 14.77 30.34 5.85
CA PRO H 334 14.43 29.57 4.65
C PRO H 334 15.64 28.98 3.96
N VAL H 335 15.50 27.73 3.53
CA VAL H 335 16.53 27.02 2.79
C VAL H 335 16.12 26.96 1.32
N ARG H 336 17.01 27.40 0.42
CA ARG H 336 16.79 27.33 -1.01
C ARG H 336 17.63 26.21 -1.63
N LEU H 337 17.01 25.44 -2.52
CA LEU H 337 17.67 24.32 -3.17
C LEU H 337 17.30 24.29 -4.65
N TRP H 338 18.28 23.97 -5.49
CA TRP H 338 18.09 23.85 -6.93
C TRP H 338 18.51 22.46 -7.39
N ALA H 339 17.77 21.90 -8.35
CA ALA H 339 18.17 20.64 -8.97
C ALA H 339 19.24 20.85 -10.03
N GLN H 340 20.16 19.89 -10.12
CA GLN H 340 21.12 19.84 -11.21
C GLN H 340 20.63 18.94 -12.33
N LEU H 341 21.29 19.05 -13.49
CA LEU H 341 20.98 18.24 -14.66
C LEU H 341 21.50 16.81 -14.56
N THR H 342 21.26 16.14 -13.44
CA THR H 342 21.64 14.74 -13.31
C THR H 342 20.73 13.84 -14.12
N THR H 343 21.32 12.85 -14.78
CA THR H 343 20.59 11.96 -15.65
C THR H 343 21.31 10.61 -15.75
N GLU H 344 20.57 9.60 -16.15
CA GLU H 344 20.96 8.20 -16.00
C GLU H 344 21.76 7.64 -17.16
N GLY H 345 21.60 8.16 -18.38
CA GLY H 345 22.35 7.68 -19.52
C GLY H 345 23.78 8.21 -19.57
N LYS H 346 24.39 8.02 -20.74
CA LYS H 346 25.77 8.44 -21.00
C LYS H 346 25.81 9.41 -22.18
N PRO H 347 26.32 10.63 -22.01
CA PRO H 347 26.23 11.63 -23.08
C PRO H 347 27.13 11.35 -24.28
N HIS H 348 28.12 10.48 -24.16
CA HIS H 348 29.05 10.17 -25.24
C HIS H 348 29.12 8.68 -25.54
N GLY H 349 28.14 7.92 -25.07
CA GLY H 349 28.11 6.48 -25.27
C GLY H 349 27.60 6.12 -26.65
N TRP H 350 27.15 4.87 -26.77
CA TRP H 350 26.46 4.45 -27.97
C TRP H 350 25.14 5.19 -28.13
N PRO H 351 24.58 5.20 -29.35
CA PRO H 351 23.37 6.00 -29.60
C PRO H 351 22.23 5.81 -28.61
N HIS H 352 21.94 4.58 -28.20
CA HIS H 352 20.89 4.39 -27.21
C HIS H 352 21.26 5.00 -25.87
N GLU H 353 22.55 5.00 -25.52
CA GLU H 353 22.97 5.62 -24.27
C GLU H 353 22.87 7.14 -24.35
N ILE H 354 23.04 7.71 -25.53
CA ILE H 354 22.82 9.14 -25.73
C ILE H 354 21.33 9.48 -25.65
N ILE H 355 20.47 8.63 -26.20
CA ILE H 355 19.03 8.83 -26.05
C ILE H 355 18.61 8.72 -24.58
N GLN H 356 19.15 7.75 -23.85
CA GLN H 356 18.87 7.67 -22.42
C GLN H 356 19.37 8.90 -21.66
N TYR H 357 20.56 9.39 -22.01
CA TYR H 357 21.07 10.60 -21.40
C TYR H 357 20.14 11.78 -21.64
N TYR H 358 19.82 12.07 -22.90
CA TYR H 358 18.85 13.11 -23.20
C TYR H 358 17.42 12.71 -22.93
N TYR H 359 17.15 11.62 -22.20
CA TYR H 359 15.80 11.26 -21.80
C TYR H 359 15.58 11.34 -20.30
N GLY H 360 16.61 11.11 -19.49
CA GLY H 360 16.45 11.38 -18.07
C GLY H 360 16.23 12.84 -17.80
N LEU H 361 16.87 13.71 -18.58
CA LEU H 361 16.53 15.12 -18.66
C LEU H 361 15.80 15.39 -19.97
N TYR H 362 14.74 16.21 -19.90
CA TYR H 362 13.86 16.56 -21.01
C TYR H 362 13.22 15.34 -21.68
N PRO H 363 12.50 14.50 -20.93
CA PRO H 363 12.05 13.21 -21.50
C PRO H 363 11.12 13.34 -22.71
N ALA H 364 10.08 14.16 -22.59
CA ALA H 364 9.07 14.23 -23.65
C ALA H 364 9.60 14.95 -24.89
N ALA H 365 10.43 15.97 -24.71
CA ALA H 365 11.04 16.62 -25.86
C ALA H 365 11.97 15.68 -26.61
N THR H 366 12.64 14.77 -25.90
CA THR H 366 13.45 13.74 -26.56
C THR H 366 12.59 12.70 -27.28
N ILE H 367 11.50 12.25 -26.65
CA ILE H 367 10.58 11.35 -27.35
C ILE H 367 10.03 12.00 -28.62
N ALA H 368 9.71 13.29 -28.56
CA ALA H 368 9.27 14.02 -29.75
C ALA H 368 10.36 14.09 -30.82
N ALA H 369 11.56 14.54 -30.44
CA ALA H 369 12.64 14.70 -31.41
C ALA H 369 13.00 13.37 -32.07
N VAL H 370 13.12 12.30 -31.28
CA VAL H 370 13.43 10.99 -31.84
C VAL H 370 12.33 10.47 -32.74
N SER H 371 11.05 10.64 -32.36
CA SER H 371 9.98 10.20 -33.24
C SER H 371 9.95 11.00 -34.54
N GLY H 372 10.16 12.31 -34.47
CA GLY H 372 10.22 13.12 -35.67
C GLY H 372 11.35 12.72 -36.61
N ALA H 373 12.57 12.64 -36.07
CA ALA H 373 13.72 12.28 -36.89
C ALA H 373 13.59 10.87 -37.46
N SER H 374 13.13 9.90 -36.67
CA SER H 374 12.95 8.55 -37.21
C SER H 374 11.84 8.47 -38.25
N LEU H 375 10.79 9.30 -38.14
CA LEU H 375 9.85 9.42 -39.24
C LEU H 375 10.47 10.04 -40.50
N MET H 376 11.33 11.05 -40.34
CA MET H 376 12.06 11.56 -41.50
C MET H 376 13.00 10.50 -42.11
N ALA H 377 13.59 9.67 -41.27
CA ALA H 377 14.43 8.56 -41.75
C ALA H 377 13.61 7.55 -42.56
N LEU H 378 12.47 7.12 -42.03
CA LEU H 378 11.61 6.20 -42.76
C LEU H 378 11.06 6.81 -44.05
N LEU H 379 10.65 8.08 -44.01
CA LEU H 379 10.17 8.74 -45.22
C LEU H 379 11.26 8.89 -46.28
N THR H 380 12.48 9.24 -45.90
CA THR H 380 13.56 9.32 -46.89
C THR H 380 13.97 7.95 -47.42
N LEU H 381 13.97 6.91 -46.59
CA LEU H 381 14.16 5.56 -47.09
C LEU H 381 13.07 5.16 -48.09
N ALA H 382 11.81 5.43 -47.75
CA ALA H 382 10.72 5.15 -48.66
C ALA H 382 10.83 5.95 -49.97
N ALA H 383 11.27 7.21 -49.89
CA ALA H 383 11.51 7.97 -51.11
C ALA H 383 12.63 7.38 -51.98
N THR H 384 13.71 6.89 -51.37
CA THR H 384 14.70 6.16 -52.16
C THR H 384 14.13 4.91 -52.81
N CYS H 385 13.35 4.15 -52.04
CA CYS H 385 12.73 2.93 -52.57
C CYS H 385 11.80 3.25 -53.74
N CYS H 386 10.94 4.26 -53.58
CA CYS H 386 10.03 4.65 -54.66
C CYS H 386 10.77 5.21 -55.87
N MET H 387 11.87 5.93 -55.68
CA MET H 387 12.64 6.42 -56.82
C MET H 387 13.36 5.30 -57.56
N LEU H 388 13.93 4.34 -56.86
CA LEU H 388 14.54 3.20 -57.54
C LEU H 388 13.51 2.29 -58.20
N ALA H 389 12.39 2.03 -57.54
CA ALA H 389 11.30 1.30 -58.16
C ALA H 389 10.76 2.00 -59.40
N THR H 390 10.64 3.33 -59.35
CA THR H 390 10.22 4.08 -60.53
C THR H 390 11.25 4.02 -61.65
N ALA H 391 12.55 4.08 -61.31
CA ALA H 391 13.57 3.92 -62.34
C ALA H 391 13.51 2.55 -62.99
N ARG H 392 13.40 1.49 -62.17
CA ARG H 392 13.21 0.14 -62.69
C ARG H 392 12.00 0.04 -63.61
N ARG H 393 10.84 0.55 -63.16
CA ARG H 393 9.63 0.52 -63.97
C ARG H 393 9.78 1.29 -65.29
N LYS H 394 10.39 2.48 -65.23
CA LYS H 394 10.62 3.26 -66.45
C LYS H 394 11.56 2.55 -67.42
N CYS H 395 12.60 1.89 -66.91
CA CYS H 395 13.56 1.23 -67.78
C CYS H 395 13.02 -0.07 -68.38
N LEU H 396 12.47 -0.95 -67.55
CA LEU H 396 12.09 -2.28 -68.03
C LEU H 396 10.76 -2.35 -68.75
N THR H 397 9.84 -1.42 -68.51
CA THR H 397 8.51 -1.54 -69.11
C THR H 397 8.51 -1.61 -70.63
N PRO H 398 9.28 -0.79 -71.37
CA PRO H 398 9.35 -0.98 -72.84
C PRO H 398 9.69 -2.40 -73.28
N TYR H 399 10.60 -3.09 -72.59
CA TYR H 399 10.90 -4.48 -72.94
C TYR H 399 9.76 -5.43 -72.58
N ALA H 400 8.90 -5.06 -71.62
CA ALA H 400 7.72 -5.85 -71.35
C ALA H 400 6.58 -5.54 -72.33
N LEU H 401 6.52 -4.33 -72.87
CA LEU H 401 5.49 -4.02 -73.85
C LEU H 401 5.81 -4.57 -75.23
N THR H 402 7.06 -4.45 -75.68
CA THR H 402 7.39 -4.78 -77.06
C THR H 402 7.22 -6.28 -77.30
N PRO H 403 6.54 -6.69 -78.38
CA PRO H 403 6.08 -8.09 -78.45
C PRO H 403 7.21 -9.10 -78.56
N GLY H 404 8.22 -8.84 -79.38
CA GLY H 404 9.31 -9.77 -79.58
C GLY H 404 10.50 -9.60 -78.69
N ALA H 405 10.51 -8.58 -77.84
CA ALA H 405 11.72 -8.13 -77.19
C ALA H 405 12.06 -9.00 -75.98
N VAL H 406 13.34 -8.99 -75.63
CA VAL H 406 13.82 -9.50 -74.35
C VAL H 406 14.92 -8.57 -73.88
N VAL H 407 15.02 -8.39 -72.56
CA VAL H 407 16.00 -7.49 -71.98
C VAL H 407 17.41 -7.95 -72.31
N PRO H 408 18.36 -7.03 -72.49
CA PRO H 408 19.77 -7.43 -72.53
C PRO H 408 20.21 -7.95 -71.17
N LEU H 409 20.80 -9.15 -71.16
CA LEU H 409 20.87 -9.95 -69.93
C LEU H 409 21.64 -9.22 -68.84
N THR H 410 22.65 -8.42 -69.21
CA THR H 410 23.35 -7.59 -68.24
C THR H 410 22.39 -6.65 -67.53
N LEU H 411 21.55 -5.96 -68.29
CA LEU H 411 20.53 -5.08 -67.68
C LEU H 411 19.52 -5.88 -66.87
N GLY H 412 19.23 -7.11 -67.28
CA GLY H 412 18.35 -7.96 -66.49
C GLY H 412 18.92 -8.33 -65.14
N LEU H 413 20.22 -8.61 -65.09
CA LEU H 413 20.91 -8.82 -63.81
C LEU H 413 20.97 -7.53 -62.99
N LEU H 414 21.28 -6.41 -63.64
CA LEU H 414 21.33 -5.14 -62.92
C LEU H 414 19.99 -4.77 -62.31
N CYS H 415 18.92 -4.80 -63.11
CA CYS H 415 17.60 -4.40 -62.63
C CYS H 415 16.83 -5.53 -61.96
N CYS H 416 17.45 -6.68 -61.75
CA CYS H 416 16.80 -7.86 -61.18
C CYS H 416 15.54 -8.23 -61.96
N ALA H 417 15.73 -8.47 -63.26
CA ALA H 417 14.60 -8.80 -64.13
C ALA H 417 13.98 -10.13 -63.73
N PRO H 418 12.67 -10.31 -63.96
CA PRO H 418 11.97 -11.45 -63.37
C PRO H 418 12.22 -12.77 -64.05
N ARG H 419 12.79 -12.79 -65.25
CA ARG H 419 13.01 -14.05 -65.97
C ARG H 419 14.07 -14.90 -65.27
N ARG I 1 -7.09 -7.65 -98.42
CA ARG I 1 -8.16 -8.62 -98.68
C ARG I 1 -8.04 -9.84 -97.76
N MET I 2 -6.88 -10.51 -97.76
CA MET I 2 -6.73 -11.78 -97.06
C MET I 2 -6.51 -11.60 -95.56
N CYS I 3 -5.99 -10.45 -95.14
CA CYS I 3 -5.56 -10.25 -93.75
C CYS I 3 -6.71 -10.38 -92.76
N MET I 4 -7.95 -10.16 -93.19
CA MET I 4 -9.10 -10.37 -92.32
C MET I 4 -9.20 -11.80 -91.81
N LYS I 5 -8.65 -12.76 -92.56
CA LYS I 5 -8.54 -14.13 -92.05
C LYS I 5 -7.74 -14.18 -90.75
N ILE I 6 -6.70 -13.36 -90.65
CA ILE I 6 -5.87 -13.31 -89.45
C ILE I 6 -6.45 -12.37 -88.40
N GLU I 7 -7.00 -11.23 -88.84
CA GLU I 7 -7.60 -10.28 -87.92
C GLU I 7 -8.76 -10.89 -87.13
N ASN I 8 -9.54 -11.76 -87.76
CA ASN I 8 -10.66 -12.40 -87.08
C ASN I 8 -10.27 -13.25 -85.87
N ASP I 9 -9.01 -13.60 -85.70
CA ASP I 9 -8.60 -14.32 -84.48
C ASP I 9 -7.38 -13.75 -83.77
N CYS I 10 -6.69 -12.76 -84.34
CA CYS I 10 -5.85 -11.87 -83.53
C CYS I 10 -6.70 -11.00 -82.62
N ILE I 11 -7.77 -10.41 -83.17
CA ILE I 11 -8.58 -9.46 -82.43
C ILE I 11 -9.43 -10.16 -81.38
N PHE I 12 -9.53 -9.54 -80.20
CA PHE I 12 -10.65 -9.70 -79.31
C PHE I 12 -11.24 -8.33 -78.99
N GLU I 13 -12.55 -8.28 -78.87
CA GLU I 13 -13.25 -7.02 -78.62
C GLU I 13 -13.21 -6.65 -77.14
N VAL I 14 -13.11 -5.35 -76.88
CA VAL I 14 -13.16 -4.80 -75.53
C VAL I 14 -14.54 -4.17 -75.34
N LYS I 15 -15.20 -4.52 -74.24
CA LYS I 15 -16.61 -4.24 -74.06
C LYS I 15 -16.85 -3.57 -72.72
N LEU I 16 -17.66 -2.51 -72.73
CA LEU I 16 -18.00 -1.75 -71.55
C LEU I 16 -19.48 -1.42 -71.57
N ASP I 17 -20.15 -1.60 -70.43
CA ASP I 17 -21.58 -1.35 -70.28
C ASP I 17 -22.39 -2.02 -71.39
N GLY I 18 -21.92 -3.17 -71.86
CA GLY I 18 -22.63 -3.91 -72.89
C GLY I 18 -22.35 -3.51 -74.32
N LYS I 19 -21.41 -2.59 -74.56
CA LYS I 19 -21.08 -2.19 -75.91
C LYS I 19 -19.57 -2.23 -76.13
N VAL I 20 -19.19 -2.32 -77.40
CA VAL I 20 -17.78 -2.31 -77.80
C VAL I 20 -17.16 -0.95 -77.52
N THR I 21 -15.89 -0.97 -77.09
CA THR I 21 -15.08 0.24 -76.95
C THR I 21 -13.81 0.21 -77.78
N GLY I 22 -13.35 -0.96 -78.20
CA GLY I 22 -12.15 -1.06 -78.99
C GLY I 22 -11.70 -2.51 -79.06
N TYR I 23 -10.42 -2.72 -79.35
CA TYR I 23 -9.94 -4.07 -79.58
C TYR I 23 -8.61 -4.32 -78.86
N ALA I 24 -8.32 -5.61 -78.67
CA ALA I 24 -7.00 -6.11 -78.34
C ALA I 24 -6.58 -7.10 -79.41
N CYS I 25 -5.28 -7.17 -79.69
CA CYS I 25 -4.75 -8.12 -80.66
C CYS I 25 -3.65 -8.95 -80.04
N LEU I 26 -3.64 -10.24 -80.37
CA LEU I 26 -2.55 -11.14 -80.01
C LEU I 26 -1.39 -10.94 -80.98
N VAL I 27 -0.31 -10.32 -80.50
CA VAL I 27 0.87 -10.04 -81.32
C VAL I 27 2.06 -10.74 -80.69
N GLY I 28 2.66 -11.67 -81.43
CA GLY I 28 3.67 -12.54 -80.86
C GLY I 28 3.14 -13.32 -79.67
N ASP I 29 3.86 -13.28 -78.56
CA ASP I 29 3.40 -13.91 -77.32
C ASP I 29 2.68 -12.95 -76.38
N LYS I 30 2.39 -11.73 -76.82
CA LYS I 30 1.78 -10.71 -75.97
C LYS I 30 0.51 -10.17 -76.61
N VAL I 31 -0.49 -9.92 -75.77
CA VAL I 31 -1.71 -9.24 -76.19
C VAL I 31 -1.50 -7.74 -76.06
N MET I 32 -1.82 -7.00 -77.12
CA MET I 32 -1.66 -5.56 -77.16
C MET I 32 -3.03 -4.91 -77.05
N LYS I 33 -3.24 -4.10 -76.01
CA LYS I 33 -4.47 -3.33 -75.88
C LYS I 33 -4.14 -1.88 -75.53
N PRO I 34 -4.70 -0.91 -76.24
CA PRO I 34 -4.53 0.50 -75.85
C PRO I 34 -5.05 0.74 -74.44
N ALA I 35 -4.41 1.69 -73.75
CA ALA I 35 -4.80 2.00 -72.38
C ALA I 35 -6.01 2.94 -72.31
N HIS I 36 -6.21 3.78 -73.34
CA HIS I 36 -7.42 4.58 -73.43
C HIS I 36 -8.66 3.76 -73.74
N VAL I 37 -8.52 2.52 -74.23
CA VAL I 37 -9.66 1.66 -74.49
C VAL I 37 -10.09 1.05 -73.16
N LYS I 38 -11.07 1.67 -72.52
CA LYS I 38 -11.58 1.22 -71.24
C LYS I 38 -12.59 0.09 -71.40
N GLY I 39 -12.75 -0.68 -70.33
CA GLY I 39 -13.61 -1.86 -70.32
C GLY I 39 -12.86 -3.16 -70.09
N THR I 40 -13.49 -4.28 -70.40
CA THR I 40 -12.88 -5.60 -70.24
C THR I 40 -12.98 -6.39 -71.53
N ILE I 41 -12.04 -7.33 -71.70
CA ILE I 41 -12.07 -8.21 -72.85
C ILE I 41 -13.26 -9.15 -72.74
N ASP I 42 -13.91 -9.42 -73.88
CA ASP I 42 -15.03 -10.35 -73.90
C ASP I 42 -14.61 -11.80 -73.67
N ASN I 43 -13.31 -12.08 -73.63
CA ASN I 43 -12.81 -13.42 -73.36
C ASN I 43 -12.24 -13.48 -71.96
N PRO I 44 -12.81 -14.30 -71.07
CA PRO I 44 -12.25 -14.46 -69.71
C PRO I 44 -10.77 -14.83 -69.68
N ASP I 45 -10.30 -15.58 -70.67
CA ASP I 45 -8.89 -15.98 -70.70
C ASP I 45 -7.95 -14.78 -70.81
N LEU I 46 -8.42 -13.68 -71.40
CA LEU I 46 -7.64 -12.45 -71.41
C LEU I 46 -8.00 -11.51 -70.27
N ALA I 47 -9.26 -11.52 -69.83
CA ALA I 47 -9.68 -10.66 -68.72
C ALA I 47 -9.05 -11.09 -67.40
N LYS I 48 -8.69 -12.37 -67.27
CA LYS I 48 -7.99 -12.83 -66.07
C LYS I 48 -6.55 -12.35 -65.99
N LEU I 49 -5.98 -11.87 -67.08
CA LEU I 49 -4.56 -11.50 -67.08
C LEU I 49 -4.33 -10.21 -66.30
N THR I 50 -3.09 -10.02 -65.89
CA THR I 50 -2.61 -8.74 -65.36
C THR I 50 -1.74 -8.06 -66.41
N TYR I 51 -2.01 -6.78 -66.65
CA TYR I 51 -1.44 -6.05 -67.78
C TYR I 51 -0.43 -5.01 -67.27
N LYS I 52 0.76 -5.03 -67.85
CA LYS I 52 1.86 -4.17 -67.44
C LYS I 52 1.81 -2.82 -68.17
N LYS I 53 0.72 -2.09 -67.92
CA LYS I 53 0.38 -0.92 -68.71
C LYS I 53 1.41 0.21 -68.54
N SER I 54 1.41 1.12 -69.51
CA SER I 54 2.25 2.31 -69.46
C SER I 54 1.46 3.50 -70.00
N SER I 55 1.60 4.64 -69.33
CA SER I 55 1.04 5.91 -69.79
C SER I 55 1.81 6.55 -70.93
N LYS I 56 3.09 6.17 -71.09
CA LYS I 56 3.94 6.76 -72.16
C LYS I 56 3.52 6.20 -73.52
N TYR I 57 3.21 4.90 -73.59
CA TYR I 57 2.88 4.28 -74.90
C TYR I 57 1.37 4.06 -75.04
N ASP I 58 0.58 4.57 -74.10
CA ASP I 58 -0.89 4.31 -74.14
C ASP I 58 -1.07 2.84 -74.53
N LEU I 59 -0.56 1.91 -73.72
CA LEU I 59 -0.59 0.51 -74.10
C LEU I 59 -0.58 -0.36 -72.85
N GLU I 60 -1.27 -1.49 -72.94
CA GLU I 60 -1.26 -2.52 -71.90
C GLU I 60 -0.96 -3.86 -72.55
N CYS I 61 0.00 -4.59 -72.01
CA CYS I 61 0.37 -5.89 -72.54
C CYS I 61 0.42 -6.93 -71.43
N ALA I 62 0.12 -8.18 -71.81
CA ALA I 62 0.23 -9.32 -70.92
C ALA I 62 0.67 -10.53 -71.74
N GLN I 63 1.43 -11.42 -71.09
CA GLN I 63 1.79 -12.69 -71.69
C GLN I 63 0.54 -13.56 -71.85
N ILE I 64 0.24 -13.95 -73.09
CA ILE I 64 -1.04 -14.60 -73.39
C ILE I 64 -0.99 -16.07 -72.96
N PRO I 65 -2.15 -16.70 -72.71
CA PRO I 65 -2.17 -18.10 -72.27
C PRO I 65 -1.45 -19.09 -73.17
N VAL I 66 -1.11 -20.24 -72.57
CA VAL I 66 -0.37 -21.31 -73.25
C VAL I 66 -1.02 -21.70 -74.57
N HIS I 67 -2.35 -21.81 -74.59
CA HIS I 67 -3.04 -22.25 -75.81
C HIS I 67 -3.18 -21.13 -76.83
N MET I 68 -3.49 -19.91 -76.38
CA MET I 68 -3.86 -18.84 -77.31
C MET I 68 -2.73 -18.47 -78.26
N LYS I 69 -1.47 -18.75 -77.89
CA LYS I 69 -0.35 -18.57 -78.81
C LYS I 69 -0.51 -19.33 -80.12
N SER I 70 -1.35 -20.37 -80.15
CA SER I 70 -1.70 -21.05 -81.39
C SER I 70 -2.14 -20.07 -82.48
N ASP I 71 -2.92 -19.06 -82.10
CA ASP I 71 -3.62 -18.22 -83.06
C ASP I 71 -3.10 -16.79 -83.09
N ALA I 72 -2.11 -16.46 -82.26
CA ALA I 72 -1.55 -15.12 -82.25
C ALA I 72 -0.84 -14.83 -83.57
N SER I 73 -0.92 -13.57 -84.00
CA SER I 73 -0.42 -13.14 -85.30
C SER I 73 1.09 -12.93 -85.28
N LYS I 74 1.71 -13.23 -86.42
CA LYS I 74 3.13 -12.94 -86.61
C LYS I 74 3.38 -11.45 -86.75
N TYR I 75 4.37 -10.94 -86.03
CA TYR I 75 4.80 -9.55 -86.10
C TYR I 75 6.03 -9.42 -86.99
N THR I 76 6.36 -8.17 -87.34
CA THR I 76 7.66 -7.85 -87.89
C THR I 76 8.06 -6.43 -87.50
N HIS I 77 9.37 -6.23 -87.34
CA HIS I 77 9.97 -4.91 -87.25
C HIS I 77 10.19 -4.25 -88.61
N GLU I 78 9.97 -4.97 -89.70
CA GLU I 78 10.19 -4.42 -91.03
C GLU I 78 9.10 -3.41 -91.39
N LYS I 79 9.51 -2.14 -91.58
CA LYS I 79 8.63 -1.08 -92.02
C LYS I 79 9.14 -0.50 -93.33
N PRO I 80 9.10 -1.26 -94.43
CA PRO I 80 9.46 -0.69 -95.72
C PRO I 80 8.42 0.31 -96.21
N GLU I 81 8.90 1.28 -96.97
CA GLU I 81 8.04 2.26 -97.62
C GLU I 81 7.12 1.58 -98.63
N GLY I 82 5.82 1.75 -98.48
CA GLY I 82 4.92 1.05 -99.39
C GLY I 82 3.50 0.96 -98.84
N HIS I 83 2.84 -0.13 -99.21
CA HIS I 83 1.41 -0.31 -99.05
C HIS I 83 1.12 -1.28 -97.91
N TYR I 84 0.12 -0.95 -97.09
CA TYR I 84 -0.21 -1.70 -95.90
C TYR I 84 -1.72 -1.85 -95.79
N ASN I 85 -2.15 -2.88 -95.06
CA ASN I 85 -3.52 -3.36 -95.06
C ASN I 85 -4.16 -3.20 -93.68
N TRP I 86 -5.45 -2.90 -93.68
CA TRP I 86 -6.18 -2.56 -92.47
C TRP I 86 -7.66 -2.79 -92.76
N HIS I 87 -8.46 -2.78 -91.69
CA HIS I 87 -9.84 -3.26 -91.79
C HIS I 87 -10.69 -2.37 -92.69
N HIS I 88 -10.72 -1.07 -92.41
CA HIS I 88 -11.59 -0.15 -93.11
C HIS I 88 -11.01 0.34 -94.43
N GLY I 89 -9.77 0.00 -94.75
CA GLY I 89 -9.16 0.43 -95.98
C GLY I 89 -7.68 0.15 -95.98
N ALA I 90 -7.04 0.56 -97.08
CA ALA I 90 -5.61 0.37 -97.27
C ALA I 90 -4.82 1.52 -96.67
N VAL I 91 -3.87 1.18 -95.79
CA VAL I 91 -2.94 2.14 -95.23
C VAL I 91 -1.84 2.43 -96.25
N GLN I 92 -1.39 3.67 -96.31
CA GLN I 92 -0.14 4.03 -96.97
C GLN I 92 0.86 4.46 -95.92
N TYR I 93 2.11 4.00 -96.08
CA TYR I 93 3.21 4.38 -95.21
C TYR I 93 4.13 5.35 -95.93
N SER I 94 4.54 6.42 -95.24
CA SER I 94 5.31 7.49 -95.86
C SER I 94 6.31 8.03 -94.83
N GLY I 95 7.55 7.58 -94.93
CA GLY I 95 8.63 8.10 -94.10
C GLY I 95 8.42 7.97 -92.61
N GLY I 96 7.59 7.03 -92.16
CA GLY I 96 7.21 6.90 -90.77
C GLY I 96 5.75 7.20 -90.50
N ARG I 97 5.13 8.01 -91.35
CA ARG I 97 3.74 8.40 -91.20
C ARG I 97 2.84 7.38 -91.91
N PHE I 98 2.14 6.58 -91.12
CA PHE I 98 1.00 5.82 -91.66
C PHE I 98 -0.17 6.77 -91.88
N THR I 99 -0.85 6.61 -93.01
CA THR I 99 -1.90 7.54 -93.38
C THR I 99 -3.02 6.81 -94.11
N ILE I 100 -4.23 7.37 -93.99
CA ILE I 100 -5.47 6.67 -94.33
C ILE I 100 -6.43 7.68 -94.94
N PRO I 101 -7.36 7.20 -95.77
CA PRO I 101 -8.40 8.10 -96.27
C PRO I 101 -9.33 8.56 -95.15
N THR I 102 -9.51 9.89 -95.07
CA THR I 102 -10.27 10.48 -93.98
C THR I 102 -11.71 10.00 -93.97
N GLY I 103 -12.21 9.71 -92.77
CA GLY I 103 -13.51 9.10 -92.59
C GLY I 103 -13.51 7.60 -92.49
N ALA I 104 -12.44 6.93 -92.91
CA ALA I 104 -12.33 5.50 -92.63
C ALA I 104 -12.06 5.24 -91.16
N GLY I 105 -11.36 6.15 -90.49
CA GLY I 105 -11.26 6.09 -89.05
C GLY I 105 -12.58 6.42 -88.37
N LYS I 106 -12.82 5.76 -87.24
CA LYS I 106 -14.08 5.86 -86.53
C LYS I 106 -13.84 5.86 -85.03
N PRO I 107 -14.75 6.46 -84.26
CA PRO I 107 -14.65 6.35 -82.80
C PRO I 107 -14.57 4.90 -82.32
N GLY I 108 -13.94 4.71 -81.17
CA GLY I 108 -13.47 3.40 -80.81
C GLY I 108 -12.43 2.91 -81.79
N ASP I 109 -12.59 1.67 -82.27
CA ASP I 109 -11.86 1.15 -83.41
C ASP I 109 -10.34 1.09 -83.19
N SER I 110 -9.86 1.74 -82.14
CA SER I 110 -8.45 1.62 -81.77
C SER I 110 -8.13 0.18 -81.36
N GLY I 111 -6.87 -0.20 -81.57
CA GLY I 111 -6.41 -1.52 -81.22
C GLY I 111 -6.45 -2.53 -82.34
N ARG I 112 -6.94 -2.16 -83.51
CA ARG I 112 -6.74 -2.99 -84.69
C ARG I 112 -5.26 -3.01 -85.08
N PRO I 113 -4.77 -4.13 -85.60
CA PRO I 113 -3.44 -4.16 -86.21
C PRO I 113 -3.44 -3.49 -87.58
N ILE I 114 -2.23 -3.14 -88.02
CA ILE I 114 -1.94 -2.91 -89.43
C ILE I 114 -1.07 -4.06 -89.91
N PHE I 115 -1.40 -4.61 -91.07
CA PHE I 115 -0.69 -5.74 -91.64
C PHE I 115 0.17 -5.30 -92.82
N ASP I 116 1.35 -5.88 -92.93
CA ASP I 116 2.19 -5.71 -94.11
C ASP I 116 1.71 -6.61 -95.25
N ASN I 117 2.33 -6.43 -96.41
CA ASN I 117 2.03 -7.22 -97.61
C ASN I 117 2.49 -8.69 -97.51
N LYS I 118 2.96 -9.15 -96.35
CA LYS I 118 3.19 -10.57 -96.10
C LYS I 118 2.24 -11.13 -95.06
N GLY I 119 1.32 -10.31 -94.54
CA GLY I 119 0.37 -10.75 -93.54
C GLY I 119 0.87 -10.69 -92.13
N ARG I 120 1.87 -9.86 -91.86
CA ARG I 120 2.47 -9.73 -90.54
C ARG I 120 2.03 -8.40 -89.92
N VAL I 121 1.76 -8.40 -88.63
CA VAL I 121 1.38 -7.18 -87.93
C VAL I 121 2.58 -6.25 -87.86
N VAL I 122 2.45 -5.07 -88.47
CA VAL I 122 3.57 -4.09 -88.46
C VAL I 122 3.42 -3.18 -87.23
N ALA I 123 2.17 -2.90 -86.82
CA ALA I 123 1.93 -1.98 -85.68
C ALA I 123 0.45 -1.99 -85.27
N ILE I 124 0.10 -1.29 -84.19
CA ILE I 124 -1.31 -1.23 -83.70
C ILE I 124 -1.80 0.22 -83.76
N VAL I 125 -2.93 0.47 -84.43
CA VAL I 125 -3.43 1.87 -84.60
C VAL I 125 -4.03 2.38 -83.28
N LEU I 126 -3.87 3.67 -82.99
CA LEU I 126 -4.45 4.27 -81.75
C LEU I 126 -5.45 5.37 -82.14
N GLY I 127 -5.20 6.06 -83.25
CA GLY I 127 -6.10 7.16 -83.69
C GLY I 127 -5.54 7.87 -84.91
N GLY I 128 -6.02 9.08 -85.20
CA GLY I 128 -5.49 9.85 -86.31
C GLY I 128 -5.93 11.29 -86.29
N ALA I 129 -5.19 12.11 -87.02
CA ALA I 129 -5.38 13.56 -87.09
C ALA I 129 -6.12 13.94 -88.38
N ASN I 130 -6.77 15.09 -88.33
CA ASN I 130 -7.53 15.62 -89.47
C ASN I 130 -6.59 16.23 -90.52
N GLU I 131 -5.69 15.39 -91.03
CA GLU I 131 -4.80 15.78 -92.13
C GLU I 131 -5.57 15.80 -93.46
N GLY I 132 -6.56 16.68 -93.52
CA GLY I 132 -7.38 16.84 -94.71
C GLY I 132 -8.02 15.55 -95.16
N ALA I 133 -7.92 15.26 -96.46
CA ALA I 133 -8.45 14.03 -97.03
C ALA I 133 -7.67 12.79 -96.63
N ARG I 134 -6.49 12.92 -96.03
CA ARG I 134 -5.60 11.78 -95.80
C ARG I 134 -5.11 11.81 -94.34
N THR I 135 -6.01 11.48 -93.42
CA THR I 135 -5.68 11.42 -91.99
C THR I 135 -4.41 10.63 -91.76
N ALA I 136 -3.59 11.12 -90.83
CA ALA I 136 -2.35 10.47 -90.43
C ALA I 136 -2.52 9.86 -89.05
N LEU I 137 -2.07 8.62 -88.89
CA LEU I 137 -2.42 7.80 -87.73
C LEU I 137 -1.47 8.02 -86.57
N SER I 138 -1.99 7.86 -85.34
CA SER I 138 -1.11 7.92 -84.15
C SER I 138 -0.83 6.48 -83.72
N VAL I 139 -0.59 5.59 -84.69
CA VAL I 139 -0.37 4.15 -84.40
C VAL I 139 0.90 3.94 -83.56
N VAL I 140 0.87 2.98 -82.63
CA VAL I 140 2.08 2.66 -81.81
C VAL I 140 2.93 1.63 -82.57
N THR I 141 3.97 2.10 -83.28
CA THR I 141 4.87 1.19 -84.03
C THR I 141 5.94 0.64 -83.09
N TRP I 142 6.67 -0.38 -83.52
CA TRP I 142 7.75 -0.96 -82.68
C TRP I 142 9.00 -1.23 -83.53
N THR I 143 10.19 -1.06 -82.94
CA THR I 143 11.46 -1.35 -83.66
C THR I 143 11.90 -2.78 -83.32
N LYS I 144 13.06 -3.20 -83.82
CA LYS I 144 13.55 -4.53 -83.45
C LYS I 144 13.46 -4.76 -81.95
N ASP I 145 13.73 -3.73 -81.15
CA ASP I 145 13.88 -3.88 -79.72
C ASP I 145 12.81 -3.17 -78.90
N MET I 146 12.29 -2.05 -79.38
CA MET I 146 11.52 -1.15 -78.53
C MET I 146 10.25 -0.72 -79.24
N VAL I 147 9.15 -0.67 -78.49
CA VAL I 147 7.98 0.12 -78.89
C VAL I 147 8.39 1.58 -79.02
N THR I 148 7.90 2.21 -80.08
CA THR I 148 8.19 3.65 -80.31
C THR I 148 6.88 4.34 -80.68
N ARG I 149 6.07 4.69 -79.68
CA ARG I 149 4.73 5.30 -79.95
C ARG I 149 4.87 6.47 -80.91
N VAL I 150 4.04 6.51 -81.97
CA VAL I 150 4.07 7.65 -82.93
C VAL I 150 2.75 8.42 -82.77
N THR I 151 2.80 9.76 -82.78
CA THR I 151 1.59 10.56 -82.66
C THR I 151 1.76 11.87 -83.42
N PRO I 152 0.98 12.09 -84.48
CA PRO I 152 0.97 13.40 -85.13
C PRO I 152 0.17 14.44 -84.37
N GLU I 153 0.58 15.69 -84.52
CA GLU I 153 -0.18 16.82 -84.01
C GLU I 153 -1.59 16.84 -84.56
N GLY I 154 -2.54 17.24 -83.71
CA GLY I 154 -3.95 17.22 -84.06
C GLY I 154 -4.62 15.87 -83.98
N THR I 155 -3.97 14.87 -83.39
CA THR I 155 -4.61 13.58 -83.17
C THR I 155 -5.89 13.73 -82.38
N GLU I 156 -6.92 12.96 -82.76
CA GLU I 156 -7.96 12.55 -81.85
C GLU I 156 -7.97 11.02 -81.77
N GLU I 157 -8.35 10.51 -80.60
CA GLU I 157 -8.13 9.10 -80.31
C GLU I 157 -9.22 8.20 -80.88
N TRP I 158 -9.60 8.41 -82.13
CA TRP I 158 -10.66 7.62 -82.74
C TRP I 158 -10.22 6.18 -82.96
N TYR J 1 30.06 8.05 -3.65
CA TYR J 1 30.16 7.47 -4.98
C TYR J 1 29.94 5.97 -4.95
N GLU J 2 28.77 5.52 -5.40
CA GLU J 2 28.48 4.10 -5.47
C GLU J 2 29.29 3.43 -6.58
N HIS J 3 30.05 2.40 -6.23
CA HIS J 3 30.79 1.60 -7.18
C HIS J 3 30.67 0.14 -6.74
N THR J 4 30.82 -0.77 -7.70
CA THR J 4 30.66 -2.19 -7.41
C THR J 4 31.81 -2.99 -8.02
N ALA J 5 32.18 -4.06 -7.31
CA ALA J 5 33.22 -4.98 -7.74
C ALA J 5 32.77 -6.40 -7.39
N THR J 6 33.60 -7.38 -7.71
CA THR J 6 33.32 -8.76 -7.33
C THR J 6 34.66 -9.48 -7.14
N ILE J 7 35.02 -9.73 -5.89
CA ILE J 7 36.35 -10.25 -5.56
C ILE J 7 36.26 -11.76 -5.39
N PRO J 8 37.25 -12.52 -5.85
CA PRO J 8 37.29 -13.96 -5.54
C PRO J 8 37.29 -14.18 -4.03
N ASN J 9 36.52 -15.18 -3.59
CA ASN J 9 36.56 -15.63 -2.21
C ASN J 9 37.82 -16.47 -1.97
N VAL J 10 38.98 -15.90 -2.28
CA VAL J 10 40.26 -16.58 -2.12
C VAL J 10 41.07 -15.79 -1.10
N VAL J 11 41.40 -16.43 0.01
CA VAL J 11 42.13 -15.76 1.08
C VAL J 11 43.52 -15.38 0.60
N GLY J 12 43.89 -14.12 0.81
CA GLY J 12 45.17 -13.58 0.42
C GLY J 12 45.33 -13.24 -1.05
N PHE J 13 44.30 -13.41 -1.87
CA PHE J 13 44.33 -12.90 -3.22
C PHE J 13 43.97 -11.42 -3.22
N PRO J 14 44.92 -10.52 -3.50
CA PRO J 14 44.70 -9.08 -3.29
C PRO J 14 44.03 -8.40 -4.48
N TYR J 15 42.75 -8.69 -4.67
CA TYR J 15 42.00 -8.10 -5.77
C TYR J 15 42.09 -6.58 -5.73
N LYS J 16 42.21 -5.97 -6.91
CA LYS J 16 42.34 -4.52 -7.04
C LYS J 16 41.22 -3.95 -7.88
N ALA J 17 40.40 -3.10 -7.28
CA ALA J 17 39.25 -2.47 -7.91
C ALA J 17 39.64 -1.06 -8.34
N HIS J 18 39.42 -0.75 -9.61
CA HIS J 18 39.80 0.54 -10.17
C HIS J 18 38.55 1.39 -10.35
N ILE J 19 38.54 2.57 -9.73
CA ILE J 19 37.46 3.53 -9.85
C ILE J 19 37.88 4.64 -10.81
N GLU J 20 37.14 4.76 -11.92
CA GLU J 20 37.29 5.87 -12.86
C GLU J 20 36.12 6.82 -12.68
N ARG J 21 36.43 8.11 -12.53
CA ARG J 21 35.44 9.10 -12.14
C ARG J 21 35.77 10.41 -12.83
N ASN J 22 34.72 11.17 -13.15
CA ASN J 22 34.88 12.29 -14.09
C ASN J 22 35.72 13.42 -13.50
N GLY J 23 35.41 13.85 -12.28
CA GLY J 23 36.13 15.00 -11.76
C GLY J 23 37.53 14.71 -11.28
N PHE J 24 37.88 13.43 -11.12
CA PHE J 24 38.96 13.02 -10.22
C PHE J 24 39.89 12.07 -10.94
N SER J 25 41.17 12.10 -10.53
CA SER J 25 42.11 11.11 -11.02
C SER J 25 41.72 9.72 -10.51
N PRO J 26 41.80 8.69 -11.36
CA PRO J 26 41.38 7.35 -10.96
C PRO J 26 42.04 6.81 -9.70
N MET J 27 41.36 5.87 -9.05
CA MET J 27 41.81 5.28 -7.79
C MET J 27 41.77 3.77 -7.89
N THR J 28 42.81 3.10 -7.40
CA THR J 28 42.82 1.66 -7.24
C THR J 28 42.74 1.29 -5.76
N LEU J 29 41.69 0.58 -5.38
CA LEU J 29 41.61 -0.07 -4.07
C LEU J 29 42.24 -1.46 -4.14
N GLN J 30 42.84 -1.88 -3.04
CA GLN J 30 43.03 -3.30 -2.78
C GLN J 30 41.92 -3.83 -1.87
N LEU J 31 41.47 -5.05 -2.15
CA LEU J 31 40.49 -5.74 -1.31
C LEU J 31 41.01 -7.16 -1.06
N GLU J 32 41.73 -7.35 0.03
CA GLU J 32 42.34 -8.64 0.35
C GLU J 32 41.55 -9.32 1.46
N VAL J 33 41.02 -10.50 1.17
CA VAL J 33 40.31 -11.30 2.17
C VAL J 33 41.32 -11.97 3.10
N VAL J 34 41.37 -11.50 4.36
CA VAL J 34 42.31 -12.05 5.32
C VAL J 34 41.81 -13.37 5.90
N GLU J 35 40.51 -13.49 6.15
CA GLU J 35 39.89 -14.72 6.61
C GLU J 35 38.46 -14.79 6.13
N THR J 36 37.93 -16.02 6.08
CA THR J 36 36.49 -16.25 6.09
C THR J 36 36.15 -17.29 7.15
N SER J 37 34.91 -17.24 7.62
CA SER J 37 34.42 -18.17 8.64
C SER J 37 32.98 -18.52 8.30
N LEU J 38 32.79 -19.67 7.65
CA LEU J 38 31.47 -20.15 7.26
C LEU J 38 30.87 -20.96 8.40
N GLU J 39 29.90 -20.39 9.11
CA GLU J 39 29.43 -20.98 10.36
C GLU J 39 27.99 -21.47 10.20
N PRO J 40 27.75 -22.77 10.32
CA PRO J 40 26.37 -23.27 10.25
C PRO J 40 25.56 -22.92 11.49
N THR J 41 24.26 -22.75 11.28
CA THR J 41 23.33 -22.76 12.40
C THR J 41 23.14 -24.19 12.89
N LEU J 42 23.30 -24.40 14.20
CA LEU J 42 23.25 -25.73 14.79
C LEU J 42 22.02 -25.88 15.67
N ASN J 43 21.23 -26.94 15.44
CA ASN J 43 20.25 -27.43 16.39
C ASN J 43 20.78 -28.69 17.06
N LEU J 44 20.84 -28.69 18.39
CA LEU J 44 21.29 -29.85 19.13
C LEU J 44 20.18 -30.90 19.14
N GLU J 45 20.46 -32.09 18.61
CA GLU J 45 19.53 -33.20 18.76
C GLU J 45 19.68 -33.92 20.10
N TYR J 46 20.88 -34.37 20.44
CA TYR J 46 21.07 -35.05 21.71
C TYR J 46 22.56 -35.18 22.03
N ILE J 47 22.84 -35.61 23.26
CA ILE J 47 24.18 -35.88 23.77
C ILE J 47 24.38 -37.39 23.87
N THR J 48 25.54 -37.86 23.45
CA THR J 48 25.91 -39.26 23.66
C THR J 48 27.20 -39.34 24.46
N CYS J 49 27.30 -40.34 25.32
CA CYS J 49 28.51 -40.65 26.07
C CYS J 49 28.49 -42.11 26.47
N GLU J 50 29.59 -42.58 27.04
CA GLU J 50 29.64 -43.92 27.59
C GLU J 50 28.62 -44.07 28.72
N TYR J 51 27.94 -45.21 28.75
CA TYR J 51 27.06 -45.51 29.86
C TYR J 51 27.82 -46.02 31.08
N LYS J 52 27.19 -45.86 32.24
CA LYS J 52 27.58 -46.51 33.49
C LYS J 52 26.49 -47.52 33.85
N THR J 53 26.86 -48.79 33.93
CA THR J 53 25.92 -49.82 34.39
C THR J 53 25.99 -49.94 35.91
N VAL J 54 24.87 -49.64 36.57
CA VAL J 54 24.77 -49.67 38.02
C VAL J 54 24.28 -51.06 38.46
N VAL J 55 25.07 -51.74 39.28
CA VAL J 55 24.72 -53.08 39.73
C VAL J 55 24.88 -53.15 41.24
N PRO J 56 23.82 -52.93 42.02
CA PRO J 56 23.90 -53.11 43.47
C PRO J 56 24.36 -54.51 43.86
N SER J 57 24.73 -54.63 45.12
CA SER J 57 24.90 -55.95 45.72
C SER J 57 23.63 -56.78 45.61
N PRO J 58 23.74 -58.08 45.41
CA PRO J 58 22.55 -58.93 45.29
C PRO J 58 21.84 -59.05 46.62
N PHE J 59 20.54 -58.74 46.61
CA PHE J 59 19.68 -58.90 47.78
C PHE J 59 19.30 -60.38 47.89
N ILE J 60 20.13 -61.13 48.63
CA ILE J 60 19.91 -62.56 48.85
C ILE J 60 19.09 -62.72 50.12
N LYS J 61 17.84 -63.17 49.97
CA LYS J 61 16.96 -63.47 51.10
C LYS J 61 17.12 -64.93 51.51
N CYS J 62 17.73 -65.16 52.66
CA CYS J 62 17.86 -66.50 53.20
C CYS J 62 16.57 -66.95 53.85
N CYS J 63 16.23 -68.23 53.65
CA CYS J 63 15.05 -68.86 54.23
C CYS J 63 13.79 -68.02 54.01
N GLY J 64 13.52 -67.75 52.74
CA GLY J 64 12.43 -66.84 52.39
C GLY J 64 12.37 -66.61 50.91
N THR J 65 11.68 -65.55 50.52
CA THR J 65 11.50 -65.22 49.11
C THR J 65 11.30 -63.71 48.97
N SER J 66 11.48 -63.22 47.76
CA SER J 66 11.23 -61.82 47.46
C SER J 66 10.45 -61.68 46.17
N GLU J 67 9.41 -60.85 46.19
CA GLU J 67 8.91 -60.22 44.98
C GLU J 67 9.90 -59.15 44.48
N CYS J 68 9.64 -58.64 43.29
CA CYS J 68 10.41 -57.52 42.76
C CYS J 68 9.48 -56.57 42.00
N SER J 69 9.95 -55.34 41.83
CA SER J 69 9.15 -54.27 41.26
C SER J 69 9.83 -53.69 40.03
N SER J 70 9.01 -53.28 39.07
CA SER J 70 9.47 -52.45 37.97
C SER J 70 9.78 -51.03 38.43
N LYS J 71 10.84 -50.45 37.87
CA LYS J 71 11.25 -49.10 38.19
C LYS J 71 11.47 -48.31 36.90
N GLU J 72 11.17 -47.02 36.95
CA GLU J 72 11.33 -46.14 35.80
C GLU J 72 12.77 -45.69 35.61
N GLN J 73 13.70 -46.63 35.52
CA GLN J 73 15.11 -46.34 35.30
C GLN J 73 15.57 -46.95 33.98
N PRO J 74 16.47 -46.29 33.26
CA PRO J 74 16.81 -46.74 31.89
C PRO J 74 17.38 -48.15 31.87
N ASP J 75 16.89 -48.94 30.92
CA ASP J 75 17.32 -50.31 30.67
C ASP J 75 17.22 -51.20 31.90
N TYR J 76 16.49 -50.77 32.93
CA TYR J 76 16.44 -51.45 34.22
C TYR J 76 16.02 -52.91 34.06
N GLN J 77 16.86 -53.81 34.56
CA GLN J 77 16.56 -55.23 34.62
C GLN J 77 16.48 -55.65 36.08
N CYS J 78 15.49 -56.48 36.40
CA CYS J 78 15.44 -57.13 37.69
C CYS J 78 14.85 -58.53 37.53
N LYS J 79 15.45 -59.50 38.22
CA LYS J 79 14.91 -60.85 38.29
C LYS J 79 15.18 -61.43 39.67
N VAL J 80 14.26 -62.28 40.13
CA VAL J 80 14.42 -63.04 41.37
C VAL J 80 14.73 -64.48 40.99
N TYR J 81 15.85 -64.99 41.47
CA TYR J 81 16.29 -66.35 41.18
C TYR J 81 16.05 -67.22 42.42
N THR J 82 15.23 -68.25 42.27
CA THR J 82 14.90 -69.15 43.36
C THR J 82 15.96 -70.26 43.47
N GLY J 83 16.15 -70.74 44.69
CA GLY J 83 16.98 -71.91 44.93
C GLY J 83 18.46 -71.63 45.05
N VAL J 84 18.86 -70.37 45.19
CA VAL J 84 20.26 -70.06 45.41
C VAL J 84 20.72 -70.64 46.74
N TYR J 85 22.00 -71.00 46.80
CA TYR J 85 22.63 -71.47 48.05
C TYR J 85 24.07 -71.01 48.06
N PRO J 86 24.31 -69.72 48.29
CA PRO J 86 25.65 -69.17 48.11
C PRO J 86 26.58 -69.51 49.26
N PHE J 87 27.87 -69.53 48.94
CA PHE J 87 28.94 -69.62 49.93
C PHE J 87 29.68 -68.30 49.98
N MET J 88 29.83 -67.77 51.20
CA MET J 88 30.88 -66.80 51.49
C MET J 88 32.12 -67.52 52.01
N TRP J 89 33.16 -66.74 52.30
CA TRP J 89 34.47 -67.30 52.59
C TRP J 89 34.45 -68.24 53.79
N GLY J 90 33.56 -68.00 54.75
CA GLY J 90 33.49 -68.79 55.95
C GLY J 90 32.47 -69.92 55.96
N GLY J 91 31.66 -70.03 54.92
CA GLY J 91 30.65 -71.07 54.86
C GLY J 91 29.45 -70.60 54.06
N ALA J 92 28.41 -71.43 54.08
CA ALA J 92 27.19 -71.07 53.37
C ALA J 92 26.57 -69.82 53.97
N TYR J 93 26.10 -68.93 53.09
CA TYR J 93 25.50 -67.69 53.56
C TYR J 93 24.15 -67.94 54.25
N CYS J 94 23.43 -68.98 53.84
CA CYS J 94 22.09 -69.24 54.33
C CYS J 94 22.01 -70.59 55.01
N PHE J 95 21.11 -70.71 55.99
CA PHE J 95 20.87 -72.02 56.59
C PHE J 95 20.14 -72.92 55.61
N CYS J 96 19.02 -72.43 55.07
CA CYS J 96 18.14 -73.26 54.25
C CYS J 96 18.83 -73.64 52.95
N ASP J 97 18.68 -74.91 52.57
CA ASP J 97 19.36 -75.46 51.40
C ASP J 97 18.67 -75.18 50.07
N SER J 98 17.43 -74.70 50.06
CA SER J 98 16.83 -74.32 48.78
C SER J 98 15.77 -73.24 48.91
N GLU J 99 15.26 -73.01 50.12
CA GLU J 99 14.30 -71.94 50.35
C GLU J 99 14.94 -70.55 50.37
N ASN J 100 15.79 -70.25 49.41
CA ASN J 100 16.43 -68.93 49.32
C ASN J 100 16.19 -68.35 47.94
N THR J 101 16.39 -67.03 47.83
CA THR J 101 16.36 -66.34 46.55
C THR J 101 17.47 -65.30 46.52
N GLN J 102 17.96 -65.02 45.31
CA GLN J 102 18.77 -63.84 45.04
C GLN J 102 17.96 -62.90 44.17
N LEU J 103 17.77 -61.67 44.65
CA LEU J 103 17.27 -60.59 43.81
C LEU J 103 18.45 -59.95 43.06
N SER J 104 18.54 -60.24 41.76
CA SER J 104 19.51 -59.58 40.91
C SER J 104 18.88 -58.36 40.26
N GLU J 105 19.58 -57.23 40.31
CA GLU J 105 19.05 -55.98 39.79
C GLU J 105 20.17 -55.20 39.12
N ALA J 106 19.86 -54.59 37.97
CA ALA J 106 20.83 -53.77 37.26
C ALA J 106 20.09 -52.77 36.39
N TYR J 107 20.71 -51.61 36.20
CA TYR J 107 20.17 -50.60 35.30
C TYR J 107 21.31 -49.77 34.73
N VAL J 108 21.01 -49.05 33.65
CA VAL J 108 21.97 -48.18 32.98
C VAL J 108 21.84 -46.77 33.51
N ASP J 109 22.97 -46.09 33.68
CA ASP J 109 23.00 -44.67 33.98
C ASP J 109 24.00 -43.98 33.08
N ARG J 110 23.87 -42.66 32.99
CA ARG J 110 24.88 -41.83 32.36
C ARG J 110 26.18 -41.87 33.16
N SER J 111 27.32 -41.92 32.46
CA SER J 111 28.60 -41.97 33.16
C SER J 111 28.90 -40.67 33.91
N ASP J 112 29.71 -40.81 34.96
CA ASP J 112 30.02 -39.69 35.82
C ASP J 112 30.80 -38.58 35.12
N VAL J 113 31.57 -38.92 34.08
CA VAL J 113 32.31 -37.94 33.30
C VAL J 113 31.57 -37.48 32.05
N CYS J 114 30.29 -37.82 31.90
CA CYS J 114 29.57 -37.42 30.69
C CYS J 114 29.42 -35.91 30.58
N LYS J 115 29.64 -35.17 31.66
CA LYS J 115 29.74 -33.72 31.59
C LYS J 115 30.95 -33.27 30.78
N HIS J 116 31.97 -34.12 30.68
CA HIS J 116 33.26 -33.76 30.09
C HIS J 116 33.56 -34.51 28.79
N ASP J 117 33.28 -35.80 28.72
CA ASP J 117 33.60 -36.64 27.58
C ASP J 117 32.30 -37.10 26.93
N HIS J 118 31.76 -36.27 26.05
CA HIS J 118 30.50 -36.54 25.37
C HIS J 118 30.57 -35.98 23.96
N ALA J 119 29.77 -36.56 23.07
CA ALA J 119 29.61 -36.10 21.70
C ALA J 119 28.20 -35.57 21.47
N SER J 120 28.11 -34.42 20.82
CA SER J 120 26.85 -33.73 20.60
C SER J 120 26.45 -33.84 19.13
N ALA J 121 25.26 -34.39 18.89
CA ALA J 121 24.71 -34.58 17.55
C ALA J 121 23.86 -33.38 17.14
N TYR J 122 24.27 -32.70 16.08
CA TYR J 122 23.64 -31.47 15.64
C TYR J 122 23.05 -31.65 14.23
N LYS J 123 22.06 -30.84 13.91
CA LYS J 123 21.68 -30.55 12.54
C LYS J 123 22.24 -29.20 12.13
N ALA J 124 22.87 -29.14 10.96
CA ALA J 124 23.58 -27.95 10.51
C ALA J 124 22.90 -27.39 9.26
N HIS J 125 22.52 -26.11 9.31
CA HIS J 125 21.77 -25.52 8.20
C HIS J 125 22.04 -24.02 8.14
N THR J 126 21.71 -23.45 6.98
CA THR J 126 21.81 -22.02 6.67
C THR J 126 23.05 -21.34 7.24
N ALA J 127 24.21 -21.79 6.77
CA ALA J 127 25.47 -21.25 7.23
C ALA J 127 25.62 -19.79 6.81
N SER J 128 26.22 -18.98 7.69
CA SER J 128 26.46 -17.56 7.43
C SER J 128 27.96 -17.30 7.35
N LEU J 129 28.41 -16.74 6.23
CA LEU J 129 29.79 -16.26 6.14
C LEU J 129 29.99 -14.99 6.97
N LYS J 130 31.07 -14.97 7.74
CA LYS J 130 31.76 -13.75 8.14
C LYS J 130 33.14 -13.74 7.49
N ALA J 131 33.56 -12.58 6.99
CA ALA J 131 34.87 -12.44 6.38
C ALA J 131 35.62 -11.27 6.99
N THR J 132 36.95 -11.43 7.08
CA THR J 132 37.84 -10.36 7.50
C THR J 132 38.54 -9.80 6.26
N ILE J 133 38.23 -8.56 5.91
CA ILE J 133 38.73 -7.93 4.69
C ILE J 133 39.68 -6.82 5.08
N ARG J 134 40.84 -6.75 4.42
CA ARG J 134 41.74 -5.62 4.51
C ARG J 134 41.49 -4.66 3.33
N ILE J 135 41.13 -3.43 3.65
CA ILE J 135 40.85 -2.39 2.67
C ILE J 135 42.00 -1.40 2.71
N SER J 136 42.55 -1.05 1.55
CA SER J 136 43.52 0.03 1.50
C SER J 136 43.39 0.85 0.24
N TYR J 137 43.57 2.17 0.40
CA TYR J 137 43.63 3.11 -0.71
C TYR J 137 44.19 4.41 -0.17
N GLY J 138 45.20 4.95 -0.84
CA GLY J 138 45.92 6.09 -0.32
C GLY J 138 46.50 5.84 1.06
N THR J 139 46.19 6.73 2.00
CA THR J 139 46.65 6.58 3.38
C THR J 139 45.77 5.68 4.22
N ILE J 140 44.57 5.35 3.75
CA ILE J 140 43.67 4.46 4.48
C ILE J 140 44.10 3.03 4.21
N ASN J 141 44.34 2.27 5.29
CA ASN J 141 44.99 0.97 5.17
C ASN J 141 44.60 0.14 6.41
N GLN J 142 43.47 -0.55 6.31
CA GLN J 142 42.69 -0.91 7.49
C GLN J 142 42.03 -2.26 7.26
N THR J 143 41.84 -3.00 8.36
CA THR J 143 41.20 -4.30 8.37
C THR J 143 39.85 -4.23 9.09
N THR J 144 38.79 -4.70 8.43
CA THR J 144 37.46 -4.75 9.03
C THR J 144 36.80 -6.10 8.82
N GLU J 145 36.19 -6.62 9.88
CA GLU J 145 35.32 -7.78 9.79
C GLU J 145 33.95 -7.39 9.27
N ALA J 146 33.49 -8.09 8.24
CA ALA J 146 32.16 -7.87 7.66
C ALA J 146 31.43 -9.20 7.47
N PHE J 147 30.15 -9.21 7.82
CA PHE J 147 29.27 -10.31 7.45
C PHE J 147 29.01 -10.24 5.95
N VAL J 148 29.22 -11.36 5.26
CA VAL J 148 29.15 -11.38 3.79
C VAL J 148 27.70 -11.63 3.41
N ASN J 149 26.90 -10.56 3.47
CA ASN J 149 25.56 -10.52 2.90
C ASN J 149 25.34 -9.10 2.37
N GLY J 150 24.33 -8.94 1.52
CA GLY J 150 24.02 -7.62 1.00
C GLY J 150 23.48 -6.64 2.03
N GLU J 151 23.76 -6.89 3.30
CA GLU J 151 22.99 -6.31 4.39
C GLU J 151 23.89 -6.04 5.59
N HIS J 152 25.12 -5.58 5.35
CA HIS J 152 25.96 -5.07 6.42
C HIS J 152 26.97 -4.09 5.83
N ALA J 153 26.70 -2.79 5.98
CA ALA J 153 27.64 -1.76 5.59
C ALA J 153 28.64 -1.50 6.72
N VAL J 154 29.92 -1.60 6.39
CA VAL J 154 31.02 -1.35 7.31
C VAL J 154 31.78 -0.13 6.84
N ASN J 155 32.21 0.71 7.78
CA ASN J 155 32.90 1.95 7.47
C ASN J 155 34.40 1.74 7.54
N VAL J 156 35.09 2.00 6.43
CA VAL J 156 36.54 2.12 6.39
C VAL J 156 36.85 3.52 5.91
N GLY J 157 37.59 4.29 6.71
CA GLY J 157 38.01 5.62 6.29
C GLY J 157 36.87 6.49 5.83
N GLY J 158 35.72 6.37 6.49
CA GLY J 158 34.53 7.11 6.07
C GLY J 158 33.88 6.60 4.80
N SER J 159 34.31 5.44 4.29
CA SER J 159 33.73 4.83 3.12
C SER J 159 32.93 3.60 3.53
N LYS J 160 31.70 3.50 3.04
CA LYS J 160 30.88 2.33 3.35
C LYS J 160 31.24 1.21 2.40
N PHE J 161 31.28 -0.01 2.92
CA PHE J 161 31.43 -1.20 2.10
C PHE J 161 30.34 -2.21 2.44
N ILE J 162 29.71 -2.78 1.42
CA ILE J 162 28.76 -3.87 1.59
C ILE J 162 29.30 -5.05 0.79
N PHE J 163 29.55 -6.15 1.48
CA PHE J 163 30.07 -7.37 0.85
C PHE J 163 28.91 -8.31 0.56
N GLY J 164 28.44 -8.28 -0.68
CA GLY J 164 27.17 -8.87 -1.05
C GLY J 164 27.11 -10.37 -0.88
N PRO J 165 25.93 -10.94 -1.09
CA PRO J 165 25.71 -12.35 -0.75
C PRO J 165 26.63 -13.26 -1.55
N ILE J 166 27.29 -14.18 -0.83
CA ILE J 166 28.23 -15.09 -1.46
C ILE J 166 27.54 -15.87 -2.56
N SER J 167 28.21 -15.96 -3.73
CA SER J 167 27.57 -16.42 -4.95
C SER J 167 27.04 -17.85 -4.87
N THR J 168 27.54 -18.66 -3.93
CA THR J 168 27.02 -20.01 -3.76
C THR J 168 26.81 -20.32 -2.28
N ALA J 169 25.69 -20.99 -1.99
CA ALA J 169 25.30 -21.36 -0.64
C ALA J 169 25.94 -22.66 -0.17
N TRP J 170 26.93 -23.16 -0.89
CA TRP J 170 27.62 -24.40 -0.51
C TRP J 170 28.22 -24.28 0.88
N SER J 171 28.23 -25.41 1.60
CA SER J 171 29.00 -25.53 2.82
C SER J 171 29.42 -26.98 2.99
N PRO J 172 30.53 -27.25 3.69
CA PRO J 172 31.02 -28.64 3.78
C PRO J 172 30.23 -29.50 4.75
N PHE J 173 29.52 -28.89 5.70
CA PHE J 173 28.72 -29.62 6.68
C PHE J 173 27.48 -30.22 6.04
N ASP J 174 27.33 -31.54 6.16
CA ASP J 174 26.09 -32.19 5.82
C ASP J 174 24.98 -31.79 6.80
N ASN J 175 23.76 -32.20 6.48
CA ASN J 175 22.60 -31.85 7.28
C ASN J 175 22.72 -32.34 8.72
N LYS J 176 23.32 -33.52 8.92
CA LYS J 176 23.56 -34.06 10.25
C LYS J 176 25.05 -34.06 10.58
N ILE J 177 25.37 -33.56 11.77
CA ILE J 177 26.73 -33.30 12.20
C ILE J 177 26.91 -33.90 13.58
N VAL J 178 28.05 -34.55 13.82
CA VAL J 178 28.48 -34.91 15.16
C VAL J 178 29.73 -34.12 15.51
N VAL J 179 29.69 -33.44 16.65
CA VAL J 179 30.79 -32.62 17.13
C VAL J 179 31.38 -33.27 18.37
N TYR J 180 32.71 -33.38 18.42
CA TYR J 180 33.38 -33.95 19.57
C TYR J 180 34.68 -33.20 19.76
N LYS J 181 34.73 -32.38 20.81
CA LYS J 181 35.90 -31.56 21.14
C LYS J 181 36.31 -30.69 19.95
N ASP J 182 37.50 -30.93 19.41
CA ASP J 182 38.00 -30.19 18.26
C ASP J 182 37.48 -30.69 16.93
N ASP J 183 36.85 -31.86 16.88
CA ASP J 183 36.48 -32.50 15.63
C ASP J 183 35.02 -32.28 15.26
N VAL J 184 34.74 -32.29 13.96
CA VAL J 184 33.40 -32.34 13.42
C VAL J 184 33.33 -33.52 12.48
N TYR J 185 32.26 -34.32 12.59
CA TYR J 185 32.05 -35.49 11.74
C TYR J 185 30.74 -35.39 10.99
N ASN J 186 30.80 -35.51 9.66
CA ASN J 186 29.59 -35.73 8.87
C ASN J 186 29.09 -37.13 9.16
N GLN J 187 27.93 -37.24 9.79
CA GLN J 187 27.49 -38.53 10.33
C GLN J 187 25.99 -38.56 10.45
N ASP J 188 25.34 -39.48 9.74
CA ASP J 188 23.91 -39.71 9.87
C ASP J 188 23.62 -40.45 11.18
N PHE J 189 23.71 -39.73 12.30
CA PHE J 189 23.45 -40.33 13.60
C PHE J 189 21.99 -40.78 13.72
N PRO J 190 21.72 -41.78 14.55
CA PRO J 190 20.35 -42.29 14.69
C PRO J 190 19.45 -41.29 15.37
N PRO J 191 18.20 -41.16 14.92
CA PRO J 191 17.25 -40.27 15.57
C PRO J 191 17.12 -40.55 17.06
N TYR J 192 16.75 -39.51 17.81
CA TYR J 192 16.54 -39.68 19.24
C TYR J 192 15.41 -40.66 19.50
N GLY J 193 15.62 -41.53 20.49
CA GLY J 193 14.67 -42.58 20.81
C GLY J 193 14.75 -43.79 19.91
N SER J 194 15.74 -43.86 19.03
CA SER J 194 15.89 -44.99 18.12
C SER J 194 17.33 -45.48 18.06
N GLY J 195 18.18 -45.04 18.97
CA GLY J 195 19.54 -45.56 19.04
C GLY J 195 19.59 -47.02 19.43
N GLN J 196 20.61 -47.71 18.91
CA GLN J 196 20.70 -49.16 18.89
C GLN J 196 21.95 -49.62 19.63
N PRO J 197 21.91 -50.80 20.26
CA PRO J 197 23.02 -51.20 21.14
C PRO J 197 24.32 -51.42 20.37
N GLY J 198 25.42 -51.01 21.00
CA GLY J 198 26.75 -51.19 20.45
C GLY J 198 27.11 -50.27 19.32
N ARG J 199 26.25 -49.32 18.98
CA ARG J 199 26.51 -48.37 17.93
C ARG J 199 26.32 -46.97 18.52
N PHE J 200 26.88 -45.97 17.85
CA PHE J 200 26.80 -44.61 18.35
C PHE J 200 25.36 -44.22 18.68
N GLY J 201 25.18 -43.67 19.87
CA GLY J 201 23.85 -43.29 20.32
C GLY J 201 23.05 -44.41 20.94
N ASP J 202 23.69 -45.45 21.45
CA ASP J 202 22.97 -46.47 22.21
C ASP J 202 22.37 -45.91 23.49
N ILE J 203 22.91 -44.83 24.03
CA ILE J 203 22.22 -44.00 25.02
C ILE J 203 22.19 -42.57 24.50
N GLN J 204 21.09 -41.87 24.77
CA GLN J 204 20.87 -40.53 24.24
C GLN J 204 20.24 -39.65 25.29
N SER J 205 20.72 -38.41 25.37
CA SER J 205 20.19 -37.41 26.29
C SER J 205 20.02 -36.10 25.54
N ARG J 206 18.86 -35.47 25.68
CA ARG J 206 18.55 -34.29 24.88
C ARG J 206 19.48 -33.12 25.20
N THR J 207 20.15 -33.16 26.35
CA THR J 207 21.09 -32.13 26.75
C THR J 207 22.00 -32.75 27.79
N VAL J 208 23.15 -32.10 28.05
CA VAL J 208 24.14 -32.68 28.96
C VAL J 208 23.54 -32.86 30.33
N GLU J 209 22.62 -31.97 30.73
CA GLU J 209 22.15 -31.86 32.10
C GLU J 209 20.77 -32.49 32.30
N SER J 210 20.16 -33.01 31.25
CA SER J 210 18.76 -33.44 31.32
C SER J 210 18.59 -34.61 32.28
N LYS J 211 17.42 -34.63 32.95
CA LYS J 211 17.06 -35.69 33.86
C LYS J 211 16.67 -36.99 33.15
N ASP J 212 16.32 -36.93 31.87
CA ASP J 212 15.74 -38.07 31.17
C ASP J 212 16.74 -38.63 30.16
N LEU J 213 17.04 -39.93 30.30
CA LEU J 213 18.02 -40.63 29.48
C LEU J 213 17.33 -41.78 28.76
N TYR J 214 17.42 -41.79 27.42
CA TYR J 214 17.14 -42.98 26.65
C TYR J 214 18.33 -43.93 26.72
N ALA J 215 18.05 -45.21 26.98
CA ALA J 215 19.08 -46.22 26.95
C ALA J 215 18.57 -47.49 26.27
N ASN J 216 19.40 -48.05 25.38
CA ASN J 216 19.10 -49.29 24.68
C ASN J 216 20.41 -50.06 24.50
N THR J 217 20.89 -50.64 25.60
CA THR J 217 22.19 -51.29 25.65
C THR J 217 22.10 -52.82 25.61
N ALA J 218 20.88 -53.37 25.52
CA ALA J 218 20.65 -54.82 25.54
C ALA J 218 21.15 -55.47 26.83
N LEU J 219 21.02 -54.76 27.95
CA LEU J 219 21.34 -55.34 29.25
C LEU J 219 20.38 -56.49 29.56
N LYS J 220 20.94 -57.68 29.81
CA LYS J 220 20.16 -58.82 30.29
C LYS J 220 20.86 -59.46 31.47
N LEU J 221 20.10 -59.74 32.54
CA LEU J 221 20.61 -60.49 33.67
C LEU J 221 20.62 -61.99 33.36
N SER J 222 21.50 -62.72 34.05
CA SER J 222 21.53 -64.17 33.96
C SER J 222 21.79 -64.77 35.34
N ARG J 223 21.32 -66.02 35.52
CA ARG J 223 21.36 -66.66 36.87
C ARG J 223 22.75 -66.73 37.48
N PRO J 224 22.90 -66.50 38.81
CA PRO J 224 24.18 -66.66 39.49
C PRO J 224 24.67 -68.11 39.47
N SER J 225 25.97 -68.32 39.29
CA SER J 225 26.54 -69.70 39.30
C SER J 225 26.31 -70.34 40.67
N PRO J 226 26.11 -71.67 40.75
CA PRO J 226 25.81 -72.32 42.04
C PRO J 226 26.88 -72.05 43.11
N GLY J 227 26.46 -71.53 44.28
CA GLY J 227 27.40 -71.31 45.40
C GLY J 227 28.24 -70.05 45.23
N VAL J 228 27.90 -69.19 44.27
CA VAL J 228 28.74 -67.99 44.01
C VAL J 228 27.85 -66.73 44.04
N VAL J 229 28.32 -65.66 44.68
CA VAL J 229 27.58 -64.37 44.70
C VAL J 229 28.28 -63.41 43.74
N HIS J 230 27.60 -62.93 42.69
CA HIS J 230 28.31 -62.09 41.69
C HIS J 230 27.34 -61.36 40.74
N VAL J 231 26.05 -61.69 40.76
CA VAL J 231 25.06 -61.06 39.84
C VAL J 231 25.59 -61.10 38.41
N PRO J 232 25.58 -62.27 37.72
CA PRO J 232 26.03 -62.36 36.33
C PRO J 232 25.12 -61.55 35.42
N TYR J 233 25.68 -60.94 34.36
CA TYR J 233 24.85 -60.18 33.38
C TYR J 233 25.63 -59.90 32.11
N THR J 234 24.93 -59.83 30.97
CA THR J 234 25.55 -59.47 29.71
C THR J 234 24.95 -58.19 29.16
N GLN J 235 25.80 -57.40 28.49
CA GLN J 235 25.39 -56.12 27.93
C GLN J 235 26.30 -55.81 26.75
N THR J 236 25.75 -55.12 25.75
CA THR J 236 26.54 -54.82 24.57
C THR J 236 27.51 -53.68 24.86
N PRO J 237 28.79 -53.83 24.55
CA PRO J 237 29.79 -52.79 24.87
C PRO J 237 29.43 -51.42 24.31
N SER J 238 29.87 -50.39 25.04
CA SER J 238 29.45 -49.00 24.80
C SER J 238 29.66 -48.58 23.35
N GLY J 239 28.57 -48.15 22.71
CA GLY J 239 28.64 -47.72 21.32
C GLY J 239 29.45 -46.46 21.11
N PHE J 240 29.53 -45.61 22.14
CA PHE J 240 30.42 -44.45 22.11
C PHE J 240 31.89 -44.82 22.20
N LYS J 241 32.25 -45.79 23.05
CA LYS J 241 33.63 -46.25 23.09
C LYS J 241 34.01 -47.13 21.89
N TYR J 242 33.03 -47.66 21.15
CA TYR J 242 33.31 -48.15 19.80
C TYR J 242 33.55 -47.02 18.82
N TRP J 243 32.63 -46.05 18.80
CA TRP J 243 32.76 -44.90 17.90
C TRP J 243 34.11 -44.22 18.03
N LEU J 244 34.55 -43.92 19.26
CA LEU J 244 35.83 -43.26 19.48
C LEU J 244 36.99 -43.90 18.73
N LYS J 245 37.01 -45.23 18.60
CA LYS J 245 38.06 -45.86 17.82
C LYS J 245 37.69 -46.06 16.35
N GLU J 246 36.40 -46.07 16.03
CA GLU J 246 35.93 -46.18 14.66
C GLU J 246 35.79 -44.85 13.92
N LYS J 247 35.85 -43.70 14.62
CA LYS J 247 35.58 -42.41 13.98
C LYS J 247 36.34 -42.24 12.67
N GLY J 248 37.59 -42.70 12.60
CA GLY J 248 38.46 -42.26 11.54
C GLY J 248 38.97 -40.83 11.78
N SER J 249 39.32 -40.16 10.69
CA SER J 249 39.73 -38.77 10.74
C SER J 249 38.58 -37.83 10.42
N SER J 250 38.56 -36.69 11.09
CA SER J 250 37.42 -35.78 11.08
C SER J 250 37.34 -35.02 9.75
N LEU J 251 36.25 -34.26 9.61
CA LEU J 251 35.99 -33.44 8.44
C LEU J 251 37.12 -32.45 8.15
N ASN J 252 37.87 -32.06 9.19
CA ASN J 252 39.03 -31.20 9.02
C ASN J 252 40.05 -31.76 8.02
N THR J 253 40.12 -33.06 7.88
CA THR J 253 41.06 -33.71 6.97
C THR J 253 40.43 -34.05 5.63
N LYS J 254 39.14 -33.80 5.45
CA LYS J 254 38.40 -34.27 4.29
C LYS J 254 37.56 -33.22 3.59
N ALA J 255 37.34 -32.06 4.20
CA ALA J 255 36.43 -31.08 3.61
C ALA J 255 36.96 -30.60 2.25
N PRO J 256 36.07 -30.35 1.28
CA PRO J 256 36.49 -29.74 0.01
C PRO J 256 37.06 -28.34 0.13
N PHE J 257 37.50 -27.80 -1.01
CA PHE J 257 37.89 -26.39 -1.17
C PHE J 257 38.93 -25.95 -0.15
N GLY J 258 39.64 -26.89 0.46
CA GLY J 258 40.65 -26.51 1.43
C GLY J 258 40.11 -25.94 2.72
N CYS J 259 38.83 -26.14 3.00
CA CYS J 259 38.26 -25.63 4.24
C CYS J 259 39.00 -26.19 5.45
N LYS J 260 39.16 -25.35 6.46
CA LYS J 260 39.71 -25.75 7.75
C LYS J 260 38.58 -25.72 8.75
N ILE J 261 38.32 -26.85 9.41
CA ILE J 261 37.13 -27.01 10.22
C ILE J 261 37.51 -26.86 11.68
N LYS J 262 36.77 -26.01 12.39
CA LYS J 262 37.04 -25.72 13.80
C LYS J 262 35.73 -25.75 14.57
N THR J 263 35.84 -25.90 15.89
CA THR J 263 34.69 -25.92 16.77
C THR J 263 34.74 -24.72 17.72
N ASN J 264 33.69 -24.58 18.53
CA ASN J 264 33.48 -23.46 19.43
C ASN J 264 33.62 -22.09 18.76
N PRO J 265 32.71 -21.71 17.84
CA PRO J 265 31.60 -22.48 17.27
C PRO J 265 32.06 -23.36 16.12
N VAL J 266 31.21 -24.29 15.66
CA VAL J 266 31.50 -25.02 14.44
C VAL J 266 31.60 -24.04 13.28
N ARG J 267 32.75 -24.05 12.60
CA ARG J 267 32.98 -23.12 11.51
C ARG J 267 33.95 -23.75 10.50
N ALA J 268 33.74 -23.44 9.23
CA ALA J 268 34.68 -23.79 8.17
C ALA J 268 35.47 -22.55 7.76
N MET J 269 36.73 -22.48 8.17
CA MET J 269 37.59 -21.35 7.85
C MET J 269 38.11 -21.43 6.40
N ASP J 270 38.25 -20.25 5.79
CA ASP J 270 39.07 -20.06 4.59
C ASP J 270 38.71 -21.00 3.44
N CYS J 271 37.42 -21.36 3.30
CA CYS J 271 37.01 -22.09 2.11
C CYS J 271 37.22 -21.23 0.87
N ALA J 272 37.90 -21.78 -0.13
CA ALA J 272 38.19 -21.07 -1.38
C ALA J 272 37.12 -21.32 -2.44
N VAL J 273 35.89 -20.88 -2.16
CA VAL J 273 34.74 -21.19 -3.00
C VAL J 273 33.96 -19.92 -3.29
N GLY J 274 33.58 -19.73 -4.57
CA GLY J 274 32.78 -18.62 -5.03
C GLY J 274 33.50 -17.28 -5.11
N SER J 275 32.70 -16.23 -5.22
CA SER J 275 33.19 -14.85 -5.25
C SER J 275 32.25 -13.97 -4.43
N ILE J 276 32.79 -12.87 -3.94
CA ILE J 276 32.10 -11.97 -3.02
C ILE J 276 31.81 -10.66 -3.75
N PRO J 277 30.56 -10.37 -4.10
CA PRO J 277 30.22 -9.02 -4.58
C PRO J 277 30.59 -7.97 -3.54
N VAL J 278 30.95 -6.78 -4.02
CA VAL J 278 31.31 -5.65 -3.17
C VAL J 278 30.59 -4.41 -3.68
N SER J 279 30.02 -3.63 -2.77
CA SER J 279 29.53 -2.30 -3.06
C SER J 279 30.35 -1.27 -2.27
N MET J 280 30.86 -0.27 -2.97
CA MET J 280 31.66 0.80 -2.39
C MET J 280 30.92 2.12 -2.45
N ASP J 281 31.00 2.90 -1.38
CA ASP J 281 30.51 4.28 -1.39
C ASP J 281 31.65 5.22 -1.00
N ILE J 282 32.58 5.42 -1.92
CA ILE J 282 33.81 6.19 -1.64
C ILE J 282 33.47 7.68 -1.61
N PRO J 283 33.92 8.43 -0.61
CA PRO J 283 33.71 9.88 -0.61
C PRO J 283 34.72 10.61 -1.49
N ASP J 284 34.33 11.81 -1.92
CA ASP J 284 35.18 12.60 -2.80
C ASP J 284 36.49 13.00 -2.13
N SER J 285 36.52 13.07 -0.80
CA SER J 285 37.75 13.38 -0.09
C SER J 285 38.82 12.31 -0.25
N ALA J 286 38.43 11.10 -0.65
CA ALA J 286 39.41 10.05 -0.91
C ALA J 286 40.15 10.23 -2.22
N PHE J 287 39.52 10.86 -3.22
CA PHE J 287 40.15 11.02 -4.52
C PHE J 287 41.07 12.24 -4.53
N THR J 288 41.81 12.37 -5.63
CA THR J 288 42.49 13.61 -5.97
C THR J 288 41.95 14.11 -7.31
N ARG J 289 41.85 15.42 -7.45
CA ARG J 289 41.33 16.02 -8.67
C ARG J 289 42.34 15.92 -9.81
N VAL J 290 41.82 15.82 -11.04
CA VAL J 290 42.69 15.78 -12.21
C VAL J 290 43.48 17.06 -12.39
N VAL J 291 43.07 18.14 -11.73
CA VAL J 291 43.87 19.36 -11.74
C VAL J 291 45.11 19.19 -10.87
N ASP J 292 45.03 18.32 -9.86
CA ASP J 292 46.16 18.06 -8.97
C ASP J 292 47.02 16.88 -9.40
N ALA J 293 46.45 15.88 -10.06
CA ALA J 293 47.24 14.73 -10.48
C ALA J 293 48.20 15.08 -11.62
N PRO J 294 49.22 14.23 -11.84
CA PRO J 294 50.06 14.35 -13.04
C PRO J 294 49.27 14.21 -14.33
N ALA J 295 49.63 15.04 -15.31
CA ALA J 295 49.12 14.91 -16.67
C ALA J 295 50.00 13.94 -17.47
N VAL J 296 49.86 12.66 -17.14
CA VAL J 296 50.63 11.61 -17.79
C VAL J 296 50.22 11.48 -19.25
N THR J 297 51.21 11.48 -20.14
CA THR J 297 51.00 11.40 -21.58
C THR J 297 52.12 10.60 -22.22
N ASP J 298 51.89 10.20 -23.46
CA ASP J 298 52.82 9.35 -24.23
C ASP J 298 53.17 8.05 -23.52
N LEU J 299 52.22 7.50 -22.76
CA LEU J 299 52.44 6.24 -22.07
C LEU J 299 52.69 5.11 -23.07
N SER J 300 53.80 4.40 -22.90
CA SER J 300 54.10 3.22 -23.70
C SER J 300 54.78 2.18 -22.83
N CYS J 301 54.73 0.93 -23.28
CA CYS J 301 55.15 -0.22 -22.49
C CYS J 301 56.10 -1.11 -23.28
N GLN J 302 57.09 -1.66 -22.58
CA GLN J 302 57.79 -2.86 -23.00
C GLN J 302 57.92 -3.79 -21.81
N VAL J 303 57.83 -5.09 -22.06
CA VAL J 303 57.90 -6.10 -21.02
C VAL J 303 59.34 -6.62 -20.93
N VAL J 304 60.02 -6.30 -19.84
CA VAL J 304 61.44 -6.60 -19.72
C VAL J 304 61.67 -8.10 -19.60
N VAL J 305 60.82 -8.79 -18.83
CA VAL J 305 60.87 -10.23 -18.70
C VAL J 305 59.45 -10.70 -18.40
N CYS J 306 59.13 -11.92 -18.83
CA CYS J 306 57.87 -12.53 -18.45
C CYS J 306 57.98 -14.04 -18.36
N THR J 307 57.77 -14.57 -17.16
CA THR J 307 57.51 -15.99 -16.96
C THR J 307 56.08 -16.09 -16.46
N HIS J 308 55.29 -16.97 -17.08
CA HIS J 308 53.91 -17.12 -16.62
C HIS J 308 53.83 -18.06 -15.42
N SER J 309 54.65 -17.78 -14.42
CA SER J 309 54.69 -18.51 -13.17
C SER J 309 53.53 -18.07 -12.26
N SER J 310 53.32 -18.83 -11.19
CA SER J 310 52.25 -18.53 -10.24
C SER J 310 52.47 -17.22 -9.49
N ASP J 311 53.71 -16.78 -9.33
CA ASP J 311 53.94 -15.48 -8.70
C ASP J 311 53.89 -14.37 -9.74
N PHE J 312 54.34 -13.17 -9.35
CA PHE J 312 54.43 -12.02 -10.25
C PHE J 312 55.69 -12.13 -11.12
N GLY J 313 55.64 -13.06 -12.06
CA GLY J 313 56.78 -13.42 -12.89
C GLY J 313 57.06 -12.53 -14.07
N GLY J 314 56.23 -11.52 -14.35
CA GLY J 314 56.48 -10.56 -15.41
C GLY J 314 56.86 -9.19 -14.88
N VAL J 315 57.65 -8.46 -15.65
CA VAL J 315 58.07 -7.10 -15.32
C VAL J 315 57.91 -6.21 -16.55
N ALA J 316 57.19 -5.10 -16.40
CA ALA J 316 56.93 -4.21 -17.55
C ALA J 316 57.33 -2.78 -17.21
N THR J 317 58.40 -2.27 -17.84
CA THR J 317 58.82 -0.87 -17.63
C THR J 317 57.87 0.05 -18.41
N LEU J 318 57.34 1.10 -17.77
CA LEU J 318 56.37 1.99 -18.43
C LEU J 318 57.02 3.34 -18.73
N SER J 319 57.18 3.69 -20.00
CA SER J 319 57.75 5.02 -20.38
C SER J 319 56.60 6.03 -20.49
N TYR J 320 56.71 7.17 -19.81
CA TYR J 320 55.59 8.15 -19.80
C TYR J 320 56.15 9.57 -19.83
N LYS J 321 55.30 10.54 -20.19
CA LYS J 321 55.72 11.96 -20.18
C LYS J 321 54.78 12.74 -19.27
N THR J 322 55.21 13.04 -18.04
CA THR J 322 54.34 13.75 -17.06
C THR J 322 54.58 15.26 -17.15
N ASP J 323 53.95 16.03 -16.27
CA ASP J 323 54.14 17.50 -16.26
C ASP J 323 54.61 17.83 -14.85
N LYS J 324 54.39 16.93 -13.91
CA LYS J 324 54.81 17.04 -12.53
C LYS J 324 55.07 15.65 -11.97
N PRO J 325 55.85 15.55 -10.89
CA PRO J 325 55.88 14.30 -10.12
C PRO J 325 54.61 14.11 -9.30
N GLY J 326 54.23 12.85 -9.12
CA GLY J 326 53.07 12.55 -8.31
C GLY J 326 52.76 11.07 -8.28
N ASP J 327 51.87 10.69 -7.35
CA ASP J 327 51.33 9.35 -7.25
C ASP J 327 50.22 9.14 -8.27
N CYS J 328 50.44 8.23 -9.21
CA CYS J 328 49.39 7.80 -10.13
C CYS J 328 48.89 6.41 -9.75
N ALA J 329 47.57 6.24 -9.75
CA ALA J 329 47.00 4.91 -9.73
C ALA J 329 47.34 4.17 -11.01
N VAL J 330 47.55 2.87 -10.89
CA VAL J 330 47.89 2.00 -12.02
C VAL J 330 46.98 0.78 -11.97
N HIS J 331 46.55 0.33 -13.14
CA HIS J 331 45.64 -0.80 -13.22
C HIS J 331 45.88 -1.53 -14.54
N SER J 332 45.54 -2.81 -14.55
CA SER J 332 45.53 -3.63 -15.75
C SER J 332 44.10 -4.00 -16.08
N HIS J 333 43.60 -3.52 -17.22
CA HIS J 333 42.17 -3.63 -17.50
C HIS J 333 41.77 -5.01 -18.00
N SER J 334 42.72 -5.84 -18.41
CA SER J 334 42.44 -7.17 -18.94
C SER J 334 42.90 -8.21 -17.92
N ASN J 335 42.00 -9.10 -17.54
CA ASN J 335 42.25 -10.05 -16.46
C ASN J 335 43.22 -11.16 -16.83
N VAL J 336 43.83 -11.15 -18.02
CA VAL J 336 44.91 -12.08 -18.31
C VAL J 336 46.16 -11.80 -17.47
N ALA J 337 46.31 -10.61 -16.93
CA ALA J 337 47.48 -10.28 -16.12
C ALA J 337 47.08 -9.31 -15.01
N THR J 338 47.44 -9.68 -13.78
CA THR J 338 47.18 -8.85 -12.61
C THR J 338 48.47 -8.19 -12.16
N LEU J 339 48.40 -6.89 -11.85
CA LEU J 339 49.57 -6.17 -11.42
C LEU J 339 49.81 -6.39 -9.93
N GLN J 340 51.06 -6.20 -9.51
CA GLN J 340 51.39 -6.28 -8.09
C GLN J 340 51.05 -5.00 -7.33
N GLU J 341 51.33 -3.82 -7.89
CA GLU J 341 51.16 -2.56 -7.19
C GLU J 341 49.96 -1.79 -7.69
N ALA J 342 49.23 -1.19 -6.74
CA ALA J 342 48.07 -0.36 -7.04
C ALA J 342 48.42 1.07 -7.40
N THR J 343 49.59 1.56 -6.97
CA THR J 343 49.98 2.94 -7.26
C THR J 343 51.46 2.99 -7.61
N VAL J 344 51.83 4.03 -8.35
CA VAL J 344 53.18 4.22 -8.86
C VAL J 344 53.57 5.68 -8.68
N LYS J 345 54.82 5.91 -8.28
CA LYS J 345 55.37 7.26 -8.17
C LYS J 345 55.87 7.69 -9.54
N VAL J 346 55.08 8.54 -10.20
CA VAL J 346 55.49 9.14 -11.47
C VAL J 346 56.56 10.21 -11.23
N LYS J 347 57.65 10.12 -11.98
CA LYS J 347 58.79 11.00 -11.84
C LYS J 347 59.08 11.66 -13.18
N THR J 348 59.68 12.85 -13.12
CA THR J 348 60.13 13.52 -14.34
C THR J 348 61.22 12.74 -15.08
N ALA J 349 61.88 11.79 -14.42
CA ALA J 349 62.80 10.90 -15.12
C ALA J 349 62.10 10.05 -16.16
N GLY J 350 60.78 9.90 -16.08
CA GLY J 350 60.01 9.45 -17.23
C GLY J 350 60.00 7.96 -17.48
N LYS J 351 60.54 7.16 -16.57
CA LYS J 351 60.39 5.71 -16.64
C LYS J 351 60.21 5.14 -15.24
N VAL J 352 59.43 4.07 -15.14
CA VAL J 352 59.28 3.32 -13.90
C VAL J 352 58.78 1.92 -14.28
N THR J 353 58.87 0.99 -13.33
CA THR J 353 58.63 -0.42 -13.61
C THR J 353 57.48 -0.95 -12.77
N VAL J 354 56.74 -1.89 -13.38
CA VAL J 354 55.53 -2.48 -12.80
C VAL J 354 55.63 -3.99 -12.96
N HIS J 355 55.25 -4.72 -11.91
CA HIS J 355 55.31 -6.18 -11.90
C HIS J 355 53.92 -6.77 -12.07
N PHE J 356 53.82 -7.82 -12.86
CA PHE J 356 52.52 -8.42 -13.15
C PHE J 356 52.63 -9.94 -13.17
N SER J 357 51.51 -10.59 -12.86
CA SER J 357 51.39 -12.04 -12.86
C SER J 357 50.44 -12.48 -13.97
N THR J 358 50.86 -13.46 -14.77
CA THR J 358 50.07 -13.90 -15.90
C THR J 358 50.21 -15.41 -16.06
N ALA J 359 49.22 -16.00 -16.73
CA ALA J 359 49.16 -17.45 -16.93
C ALA J 359 49.21 -17.87 -18.40
N SER J 360 49.50 -16.96 -19.32
CA SER J 360 49.37 -17.24 -20.74
C SER J 360 50.69 -17.04 -21.46
N ALA J 361 50.85 -17.75 -22.57
CA ALA J 361 52.07 -17.70 -23.36
C ALA J 361 52.30 -16.32 -24.00
N SER J 362 51.24 -15.54 -24.19
CA SER J 362 51.38 -14.21 -24.75
C SER J 362 50.17 -13.35 -24.36
N PRO J 363 50.24 -12.66 -23.23
CA PRO J 363 49.17 -11.76 -22.84
C PRO J 363 49.24 -10.44 -23.59
N ALA J 364 48.09 -9.80 -23.73
CA ALA J 364 48.02 -8.38 -24.00
C ALA J 364 46.99 -7.76 -23.07
N PHE J 365 47.37 -6.69 -22.38
CA PHE J 365 46.53 -6.09 -21.36
C PHE J 365 46.77 -4.59 -21.34
N LYS J 366 45.68 -3.84 -21.16
CA LYS J 366 45.70 -2.38 -21.16
C LYS J 366 46.07 -1.84 -19.78
N VAL J 367 47.35 -1.57 -19.58
CA VAL J 367 47.79 -0.89 -18.37
C VAL J 367 47.42 0.58 -18.49
N SER J 368 47.02 1.19 -17.38
CA SER J 368 46.85 2.64 -17.32
C SER J 368 47.66 3.22 -16.17
N VAL J 369 48.15 4.44 -16.38
CA VAL J 369 48.80 5.24 -15.35
C VAL J 369 48.12 6.59 -15.32
N CYS J 370 47.45 6.91 -14.21
CA CYS J 370 46.48 8.01 -14.14
C CYS J 370 45.51 7.86 -15.31
N ASP J 371 45.33 8.88 -16.15
CA ASP J 371 44.41 8.79 -17.28
C ASP J 371 45.00 8.09 -18.49
N ALA J 372 46.32 8.01 -18.61
CA ALA J 372 46.93 7.47 -19.81
C ALA J 372 46.78 5.95 -19.86
N LYS J 373 46.55 5.42 -21.07
CA LYS J 373 46.38 3.99 -21.28
C LYS J 373 47.30 3.51 -22.38
N THR J 374 47.87 2.32 -22.20
CA THR J 374 48.68 1.67 -23.21
C THR J 374 48.46 0.16 -23.10
N THR J 375 48.72 -0.54 -24.21
CA THR J 375 48.66 -2.00 -24.25
C THR J 375 50.07 -2.57 -24.13
N CYS J 376 50.34 -3.22 -23.00
CA CYS J 376 51.52 -4.08 -22.87
C CYS J 376 51.30 -5.39 -23.60
N THR J 377 52.31 -5.83 -24.34
CA THR J 377 52.30 -7.12 -25.01
C THR J 377 53.59 -7.85 -24.67
N ALA J 378 53.49 -9.15 -24.41
CA ALA J 378 54.65 -9.93 -24.00
C ALA J 378 54.66 -11.28 -24.69
N ALA J 379 55.84 -11.91 -24.68
CA ALA J 379 56.02 -13.32 -24.98
C ALA J 379 56.55 -13.97 -23.69
N CYS J 380 55.74 -14.82 -23.07
CA CYS J 380 56.00 -15.31 -21.73
C CYS J 380 56.39 -16.78 -21.77
N GLU J 381 57.53 -17.11 -21.17
CA GLU J 381 58.00 -18.49 -21.08
C GLU J 381 57.33 -19.22 -19.92
N PRO J 382 57.21 -20.54 -19.99
CA PRO J 382 56.76 -21.31 -18.84
C PRO J 382 57.77 -21.32 -17.72
N PRO J 383 57.35 -21.50 -16.48
CA PRO J 383 58.30 -21.67 -15.37
C PRO J 383 59.00 -23.01 -15.41
N LYS J 384 60.11 -23.09 -14.69
CA LYS J 384 60.89 -24.31 -14.55
C LYS J 384 60.41 -25.20 -13.42
N ASP J 385 59.99 -24.60 -12.29
CA ASP J 385 59.67 -25.35 -11.08
C ASP J 385 58.27 -25.94 -11.15
N HIS J 386 58.18 -27.27 -11.05
CA HIS J 386 56.92 -27.97 -11.29
C HIS J 386 55.89 -27.68 -10.20
N ILE J 387 56.33 -27.47 -8.96
CA ILE J 387 55.43 -27.36 -7.81
C ILE J 387 55.91 -26.23 -6.92
N VAL J 388 54.96 -25.47 -6.37
CA VAL J 388 55.28 -24.31 -5.54
C VAL J 388 54.41 -24.32 -4.28
N PRO J 389 54.92 -23.79 -3.16
CA PRO J 389 54.17 -23.81 -1.90
C PRO J 389 53.12 -22.72 -1.79
N TYR J 390 52.71 -22.11 -2.90
CA TYR J 390 51.78 -20.99 -2.86
C TYR J 390 50.89 -21.00 -4.09
N GLY J 391 49.71 -20.38 -3.94
CA GLY J 391 48.76 -20.33 -5.03
C GLY J 391 49.05 -19.26 -6.06
N ALA J 392 48.36 -19.39 -7.19
CA ALA J 392 48.54 -18.46 -8.30
C ALA J 392 48.03 -17.08 -7.96
N SER J 393 48.86 -16.07 -8.23
CA SER J 393 48.47 -14.67 -8.14
C SER J 393 47.74 -14.18 -9.39
N HIS J 394 47.69 -14.99 -10.46
CA HIS J 394 46.93 -14.67 -11.65
C HIS J 394 45.54 -15.32 -11.60
N ASN J 395 44.71 -14.94 -12.57
CA ASN J 395 43.35 -15.47 -12.70
C ASN J 395 43.28 -16.75 -13.52
N ASN J 396 44.41 -17.33 -13.88
CA ASN J 396 44.46 -18.58 -14.66
C ASN J 396 43.68 -18.48 -15.97
N GLN J 397 43.87 -17.37 -16.70
CA GLN J 397 43.36 -17.27 -18.05
C GLN J 397 44.52 -17.47 -19.01
N VAL J 398 44.41 -18.49 -19.87
CA VAL J 398 45.55 -19.02 -20.59
C VAL J 398 45.45 -18.84 -22.11
N PHE J 399 44.30 -18.44 -22.63
CA PHE J 399 44.17 -18.28 -24.08
C PHE J 399 45.06 -17.15 -24.59
N PRO J 400 45.86 -17.39 -25.62
CA PRO J 400 46.83 -16.37 -26.06
C PRO J 400 46.14 -15.22 -26.77
N ASP J 401 46.82 -14.08 -26.77
CA ASP J 401 46.37 -12.94 -27.56
C ASP J 401 46.39 -13.26 -29.05
N MET J 402 45.45 -12.63 -29.78
CA MET J 402 45.36 -12.82 -31.22
C MET J 402 46.59 -12.33 -31.97
N SER J 403 47.40 -11.48 -31.36
CA SER J 403 48.68 -11.09 -31.94
C SER J 403 49.84 -11.97 -31.47
N GLY J 404 49.58 -12.96 -30.62
CA GLY J 404 50.63 -13.88 -30.21
C GLY J 404 51.10 -14.74 -31.36
N THR J 405 52.19 -15.47 -31.11
CA THR J 405 52.80 -16.28 -32.18
C THR J 405 51.88 -17.42 -32.60
N ALA J 406 51.25 -18.09 -31.64
CA ALA J 406 50.31 -19.16 -31.98
C ALA J 406 49.17 -18.62 -32.81
N MET J 407 48.50 -17.57 -32.33
CA MET J 407 47.38 -17.00 -33.07
C MET J 407 47.83 -16.27 -34.33
N THR J 408 49.06 -15.77 -34.37
CA THR J 408 49.58 -15.25 -35.64
C THR J 408 49.68 -16.36 -36.70
N TRP J 409 50.21 -17.52 -36.32
CA TRP J 409 50.25 -18.65 -37.24
C TRP J 409 48.85 -19.13 -37.63
N VAL J 410 47.92 -19.15 -36.67
CA VAL J 410 46.54 -19.52 -36.97
C VAL J 410 45.90 -18.52 -37.92
N GLN J 411 46.14 -17.23 -37.71
CA GLN J 411 45.66 -16.19 -38.63
C GLN J 411 46.27 -16.33 -40.02
N ARG J 412 47.55 -16.65 -40.11
CA ARG J 412 48.16 -16.93 -41.42
C ARG J 412 47.51 -18.09 -42.13
N LEU J 413 47.35 -19.22 -41.44
CA LEU J 413 46.72 -20.40 -42.04
C LEU J 413 45.27 -20.13 -42.44
N ALA J 414 44.47 -19.60 -41.50
CA ALA J 414 43.05 -19.38 -41.76
C ALA J 414 42.81 -18.32 -42.81
N SER J 415 43.64 -17.26 -42.87
CA SER J 415 43.49 -16.29 -43.95
C SER J 415 44.03 -16.78 -45.28
N GLY J 416 44.98 -17.71 -45.28
CA GLY J 416 45.42 -18.32 -46.52
C GLY J 416 44.37 -19.22 -47.12
N LEU J 417 43.86 -20.17 -46.32
CA LEU J 417 42.79 -21.03 -46.79
C LEU J 417 41.50 -20.26 -47.09
N GLY J 418 41.16 -19.25 -46.27
CA GLY J 418 40.01 -18.43 -46.59
C GLY J 418 40.16 -17.64 -47.87
N GLY J 419 41.35 -17.08 -48.12
CA GLY J 419 41.58 -16.40 -49.38
C GLY J 419 41.49 -17.31 -50.59
N LEU J 420 42.08 -18.50 -50.49
CA LEU J 420 41.94 -19.50 -51.55
C LEU J 420 40.48 -19.92 -51.76
N ALA J 421 39.72 -20.09 -50.68
CA ALA J 421 38.29 -20.38 -50.79
C ALA J 421 37.50 -19.23 -51.43
N LEU J 422 37.85 -17.99 -51.08
CA LEU J 422 37.22 -16.85 -51.73
C LEU J 422 37.55 -16.76 -53.22
N ILE J 423 38.80 -17.05 -53.59
CA ILE J 423 39.17 -17.08 -55.01
C ILE J 423 38.39 -18.16 -55.74
N ALA J 424 38.26 -19.34 -55.13
CA ALA J 424 37.43 -20.40 -55.70
C ALA J 424 35.96 -20.00 -55.84
N VAL J 425 35.39 -19.34 -54.84
CA VAL J 425 34.03 -18.84 -54.93
C VAL J 425 33.88 -17.80 -56.04
N VAL J 426 34.82 -16.87 -56.12
CA VAL J 426 34.79 -15.87 -57.19
C VAL J 426 34.88 -16.52 -58.57
N VAL J 427 35.76 -17.49 -58.74
CA VAL J 427 35.87 -18.21 -60.01
C VAL J 427 34.57 -18.93 -60.35
N LEU J 428 33.98 -19.62 -59.37
CA LEU J 428 32.69 -20.26 -59.58
C LEU J 428 31.60 -19.26 -60.00
N VAL J 429 31.46 -18.17 -59.25
CA VAL J 429 30.39 -17.21 -59.53
C VAL J 429 30.62 -16.51 -60.87
N LEU J 430 31.87 -16.19 -61.21
CA LEU J 430 32.20 -15.65 -62.53
C LEU J 430 31.88 -16.61 -63.66
N VAL J 431 32.19 -17.90 -63.49
CA VAL J 431 31.80 -18.90 -64.48
C VAL J 431 30.28 -19.03 -64.60
N THR J 432 29.54 -18.96 -63.49
CA THR J 432 28.09 -18.94 -63.57
C THR J 432 27.56 -17.70 -64.29
N CYS J 433 28.22 -16.56 -64.10
CA CYS J 433 27.83 -15.36 -64.85
C CYS J 433 28.08 -15.53 -66.34
N ILE J 434 29.28 -15.96 -66.72
CA ILE J 434 29.61 -16.10 -68.14
C ILE J 434 28.71 -17.13 -68.81
N THR J 435 28.49 -18.28 -68.17
CA THR J 435 27.58 -19.28 -68.73
C THR J 435 26.12 -18.86 -68.64
N MET J 436 25.78 -17.86 -67.82
CA MET J 436 24.46 -17.26 -67.89
C MET J 436 24.32 -16.34 -69.09
N ARG J 437 25.38 -15.61 -69.44
CA ARG J 437 25.31 -14.77 -70.64
C ARG J 437 25.24 -15.61 -71.91
N ARG J 438 26.04 -16.66 -71.99
CA ARG J 438 26.03 -17.54 -73.16
C ARG J 438 24.73 -18.31 -73.28
N SER K 1 44.43 -30.30 54.08
CA SER K 1 45.27 -31.44 54.42
C SER K 1 44.77 -32.70 53.73
N VAL K 2 45.66 -33.69 53.59
CA VAL K 2 45.24 -34.98 53.07
C VAL K 2 44.49 -35.80 54.11
N THR K 3 44.77 -35.59 55.39
CA THR K 3 44.16 -36.42 56.43
C THR K 3 42.66 -36.16 56.56
N GLU K 4 42.20 -34.95 56.27
CA GLU K 4 40.77 -34.67 56.21
C GLU K 4 40.10 -35.21 54.96
N HIS K 5 40.88 -35.62 53.95
CA HIS K 5 40.37 -36.37 52.81
C HIS K 5 40.28 -37.87 53.06
N PHE K 6 41.31 -38.45 53.67
CA PHE K 6 41.30 -39.88 53.98
C PHE K 6 40.32 -40.23 55.09
N ASN K 7 40.03 -39.31 56.00
CA ASN K 7 39.17 -39.66 57.12
C ASN K 7 37.74 -40.02 56.72
N VAL K 8 37.34 -39.78 55.46
CA VAL K 8 36.09 -40.33 54.97
C VAL K 8 36.07 -41.86 55.00
N TYR K 9 37.25 -42.48 54.97
CA TYR K 9 37.39 -43.93 55.10
C TYR K 9 37.29 -44.43 56.54
N LYS K 10 37.32 -43.53 57.52
CA LYS K 10 37.29 -43.94 58.92
C LYS K 10 36.03 -44.75 59.24
N ALA K 11 34.90 -44.39 58.63
CA ALA K 11 33.64 -45.09 58.82
C ALA K 11 33.58 -46.47 58.16
N THR K 12 34.63 -46.92 57.46
CA THR K 12 34.52 -48.03 56.53
C THR K 12 35.58 -49.08 56.82
N ARG K 13 35.40 -50.26 56.24
CA ARG K 13 36.37 -51.34 56.25
C ARG K 13 36.63 -51.85 54.85
N PRO K 14 37.78 -52.47 54.62
CA PRO K 14 37.94 -53.38 53.48
C PRO K 14 36.93 -54.52 53.46
N TYR K 15 36.96 -55.33 52.41
CA TYR K 15 36.13 -56.51 52.34
C TYR K 15 36.82 -57.59 51.52
N LEU K 16 36.36 -58.82 51.72
CA LEU K 16 36.97 -60.02 51.17
C LEU K 16 36.06 -60.61 50.11
N ALA K 17 35.97 -59.92 48.97
CA ALA K 17 35.12 -60.36 47.88
C ALA K 17 35.74 -61.51 47.08
N TYR K 18 34.85 -62.21 46.37
CA TYR K 18 35.23 -63.28 45.45
C TYR K 18 36.02 -62.74 44.26
N CYS K 19 37.19 -63.35 44.00
CA CYS K 19 37.96 -63.10 42.78
C CYS K 19 38.11 -64.40 41.99
N ALA K 20 37.67 -64.37 40.74
CA ALA K 20 37.58 -65.57 39.92
C ALA K 20 38.93 -66.12 39.48
N ASP K 21 40.01 -65.34 39.59
CA ASP K 21 41.32 -65.77 39.11
C ASP K 21 42.37 -65.00 39.93
N CYS K 22 42.84 -65.63 41.00
CA CYS K 22 43.71 -64.99 41.99
C CYS K 22 45.18 -65.07 41.63
N GLY K 23 45.52 -64.97 40.37
CA GLY K 23 46.91 -65.02 39.92
C GLY K 23 47.40 -66.39 39.52
N ASP K 24 47.22 -67.37 40.39
CA ASP K 24 47.11 -68.76 39.94
C ASP K 24 45.70 -68.98 39.41
N GLY K 25 45.58 -69.88 38.43
CA GLY K 25 44.43 -69.88 37.56
C GLY K 25 43.09 -70.19 38.22
N TYR K 26 43.03 -70.11 39.55
CA TYR K 26 41.89 -70.59 40.31
C TYR K 26 41.40 -69.48 41.23
N PHE K 27 40.13 -69.58 41.59
CA PHE K 27 39.48 -68.58 42.43
C PHE K 27 39.98 -68.65 43.87
N CYS K 28 39.78 -67.54 44.59
CA CYS K 28 39.65 -67.55 46.04
C CYS K 28 38.89 -66.29 46.43
N TYR K 29 38.48 -66.24 47.69
CA TYR K 29 38.00 -65.00 48.29
C TYR K 29 39.18 -64.10 48.61
N SER K 30 39.28 -62.97 47.93
CA SER K 30 40.53 -62.25 47.80
C SER K 30 40.43 -60.85 48.40
N PRO K 31 41.44 -60.42 49.16
CA PRO K 31 41.44 -59.05 49.71
C PRO K 31 41.77 -57.96 48.70
N VAL K 32 42.07 -58.29 47.44
CA VAL K 32 42.19 -57.27 46.41
C VAL K 32 41.36 -57.61 45.17
N ALA K 33 40.11 -58.02 45.38
CA ALA K 33 39.20 -58.21 44.25
C ALA K 33 39.06 -56.91 43.47
N ILE K 34 39.33 -56.98 42.17
CA ILE K 34 39.21 -55.81 41.30
C ILE K 34 37.74 -55.60 40.97
N GLU K 35 37.19 -54.47 41.39
CA GLU K 35 35.78 -54.17 41.19
C GLU K 35 35.51 -53.46 39.87
N LYS K 36 36.36 -52.51 39.49
CA LYS K 36 36.25 -51.84 38.20
C LYS K 36 37.63 -51.40 37.75
N ILE K 37 37.79 -51.29 36.44
CA ILE K 37 38.82 -50.47 35.83
C ILE K 37 38.14 -49.32 35.09
N ARG K 38 38.46 -48.09 35.47
CA ARG K 38 37.96 -46.89 34.81
C ARG K 38 39.05 -46.32 33.92
N ASP K 39 38.67 -45.94 32.69
CA ASP K 39 39.65 -45.71 31.64
C ASP K 39 39.22 -44.58 30.72
N GLU K 40 38.68 -43.51 31.30
CA GLU K 40 38.20 -42.38 30.53
C GLU K 40 39.26 -41.29 30.34
N ALA K 41 40.48 -41.52 30.84
CA ALA K 41 41.60 -40.61 30.60
C ALA K 41 42.16 -40.82 29.20
N SER K 42 42.22 -39.75 28.41
CA SER K 42 42.74 -39.86 27.05
C SER K 42 44.23 -40.14 27.01
N ASP K 43 44.98 -39.81 28.07
CA ASP K 43 46.38 -40.19 28.12
C ASP K 43 46.59 -41.67 28.37
N GLY K 44 45.53 -42.42 28.65
CA GLY K 44 45.63 -43.85 28.90
C GLY K 44 45.91 -44.25 30.32
N MET K 45 45.83 -43.33 31.28
CA MET K 45 45.89 -43.73 32.68
C MET K 45 44.66 -44.56 33.04
N LEU K 46 44.87 -45.53 33.93
CA LEU K 46 43.79 -46.37 34.44
C LEU K 46 43.54 -46.05 35.91
N LYS K 47 42.27 -45.92 36.27
CA LYS K 47 41.85 -45.85 37.67
C LYS K 47 41.25 -47.20 38.09
N ILE K 48 41.97 -47.95 38.92
CA ILE K 48 41.59 -49.29 39.31
C ILE K 48 41.00 -49.25 40.71
N GLN K 49 39.86 -49.92 40.89
CA GLN K 49 39.22 -50.05 42.19
C GLN K 49 39.41 -51.46 42.72
N VAL K 50 39.90 -51.58 43.96
CA VAL K 50 40.15 -52.86 44.60
C VAL K 50 39.43 -52.89 45.94
N SER K 51 39.24 -54.09 46.46
CA SER K 51 38.60 -54.24 47.76
C SER K 51 39.52 -53.94 48.93
N ALA K 52 40.84 -53.89 48.73
CA ALA K 52 41.72 -53.38 49.75
C ALA K 52 41.58 -51.86 49.84
N GLN K 53 42.01 -51.31 50.98
CA GLN K 53 42.11 -49.87 51.15
C GLN K 53 43.57 -49.49 51.39
N ILE K 54 44.09 -48.61 50.55
CA ILE K 54 45.51 -48.30 50.49
C ILE K 54 45.75 -46.95 51.15
N GLY K 55 46.71 -46.88 52.06
CA GLY K 55 47.00 -45.64 52.76
C GLY K 55 46.34 -45.45 54.10
N LEU K 56 45.91 -46.52 54.77
CA LEU K 56 45.12 -46.41 55.98
C LEU K 56 45.63 -47.40 57.02
N ASP K 57 45.69 -46.96 58.28
CA ASP K 57 45.91 -47.87 59.39
C ASP K 57 44.66 -48.72 59.65
N LYS K 58 44.87 -49.83 60.36
CA LYS K 58 43.75 -50.58 60.92
C LYS K 58 42.75 -49.69 61.64
N ALA K 59 43.23 -48.61 62.26
CA ALA K 59 42.38 -47.64 62.94
C ALA K 59 41.63 -46.74 61.98
N GLY K 60 41.98 -46.74 60.69
CA GLY K 60 41.41 -45.83 59.74
C GLY K 60 42.13 -44.50 59.65
N THR K 61 43.19 -44.32 60.45
CA THR K 61 44.06 -43.17 60.31
C THR K 61 44.89 -43.28 59.03
N HIS K 62 45.05 -42.17 58.33
CA HIS K 62 45.88 -42.16 57.14
C HIS K 62 47.32 -42.53 57.48
N ALA K 63 47.92 -43.36 56.63
CA ALA K 63 49.35 -43.66 56.71
C ALA K 63 49.84 -44.05 55.32
N HIS K 64 50.78 -43.26 54.79
CA HIS K 64 51.25 -43.46 53.42
C HIS K 64 51.74 -44.88 53.17
N THR K 65 52.41 -45.47 54.16
CA THR K 65 53.13 -46.73 54.00
C THR K 65 52.28 -47.97 54.25
N LYS K 66 50.99 -47.85 54.53
CA LYS K 66 50.19 -48.99 54.92
C LYS K 66 49.07 -49.27 53.93
N ILE K 67 48.79 -50.57 53.74
CA ILE K 67 47.56 -51.06 53.15
C ILE K 67 46.81 -51.78 54.26
N ARG K 68 45.50 -51.56 54.34
CA ARG K 68 44.64 -52.38 55.20
C ARG K 68 43.67 -53.21 54.36
N TYR K 69 43.45 -54.44 54.81
CA TYR K 69 42.74 -55.47 54.08
C TYR K 69 42.21 -56.49 55.07
N MET K 70 41.24 -57.28 54.62
CA MET K 70 40.68 -58.31 55.50
C MET K 70 41.58 -59.54 55.52
N ALA K 71 41.82 -60.07 56.71
CA ALA K 71 42.35 -61.42 56.84
C ALA K 71 41.24 -62.45 56.98
N GLY K 72 40.05 -62.01 57.36
CA GLY K 72 38.93 -62.88 57.65
C GLY K 72 37.83 -62.04 58.24
N HIS K 73 37.63 -62.12 59.56
CA HIS K 73 36.78 -61.16 60.25
C HIS K 73 37.51 -59.88 60.61
N ASP K 74 38.82 -59.95 60.81
CA ASP K 74 39.61 -58.82 61.29
C ASP K 74 40.36 -58.13 60.17
N VAL K 75 40.38 -56.80 60.21
CA VAL K 75 41.23 -56.00 59.34
C VAL K 75 42.69 -56.15 59.77
N GLN K 76 43.57 -56.35 58.80
CA GLN K 76 45.01 -56.40 59.04
C GLN K 76 45.72 -55.37 58.16
N GLU K 77 47.05 -55.32 58.29
CA GLU K 77 47.84 -54.18 57.83
C GLU K 77 49.12 -54.68 57.16
N SER K 78 49.56 -53.97 56.12
CA SER K 78 50.73 -54.41 55.35
C SER K 78 51.35 -53.21 54.65
N LYS K 79 52.57 -53.44 54.14
CA LYS K 79 53.35 -52.38 53.50
C LYS K 79 52.80 -52.02 52.12
N ARG K 80 52.63 -50.73 51.88
CA ARG K 80 52.34 -50.21 50.54
C ARG K 80 53.48 -50.52 49.56
N ASP K 81 54.71 -50.63 50.06
CA ASP K 81 55.84 -51.04 49.22
C ASP K 81 55.57 -52.31 48.42
N SER K 82 54.64 -53.16 48.88
CA SER K 82 54.33 -54.40 48.19
C SER K 82 53.37 -54.26 47.03
N LEU K 83 52.68 -53.12 46.89
CA LEU K 83 51.66 -52.99 45.86
C LEU K 83 52.30 -52.94 44.47
N ARG K 84 51.90 -53.87 43.61
CA ARG K 84 52.23 -53.86 42.19
C ARG K 84 50.97 -54.00 41.34
N VAL K 85 50.99 -53.39 40.16
CA VAL K 85 49.99 -53.61 39.12
C VAL K 85 50.69 -54.06 37.85
N TYR K 86 50.11 -55.04 37.16
CA TYR K 86 50.69 -55.56 35.93
C TYR K 86 49.61 -55.65 34.86
N THR K 87 49.97 -55.29 33.62
CA THR K 87 49.22 -55.72 32.45
C THR K 87 50.05 -56.74 31.70
N SER K 88 50.74 -56.37 30.63
CA SER K 88 51.80 -57.20 30.05
C SER K 88 53.12 -57.02 30.77
N ALA K 89 53.30 -55.88 31.44
CA ALA K 89 54.46 -55.62 32.27
C ALA K 89 54.04 -54.70 33.40
N ALA K 90 54.95 -54.46 34.34
CA ALA K 90 54.61 -53.68 35.51
C ALA K 90 54.18 -52.27 35.14
N CYS K 91 53.01 -51.88 35.63
CA CYS K 91 52.54 -50.51 35.53
C CYS K 91 53.27 -49.62 36.54
N SER K 92 53.32 -48.33 36.26
CA SER K 92 53.80 -47.34 37.22
C SER K 92 52.61 -46.71 37.93
N ILE K 93 52.58 -46.85 39.25
CA ILE K 93 51.45 -46.42 40.06
C ILE K 93 51.65 -44.95 40.43
N HIS K 94 50.80 -44.08 39.90
CA HIS K 94 50.96 -42.64 40.09
C HIS K 94 50.27 -42.10 41.33
N GLY K 95 49.23 -42.77 41.81
CA GLY K 95 48.57 -42.36 43.04
C GLY K 95 47.69 -43.47 43.56
N THR K 96 47.49 -43.47 44.89
CA THR K 96 46.62 -44.42 45.55
C THR K 96 45.86 -43.75 46.68
N MET K 97 44.58 -44.11 46.82
CA MET K 97 43.76 -43.63 47.92
C MET K 97 42.65 -44.64 48.14
N GLY K 98 42.65 -45.28 49.31
CA GLY K 98 41.63 -46.24 49.68
C GLY K 98 41.46 -47.35 48.66
N HIS K 99 40.23 -47.53 48.17
CA HIS K 99 39.94 -48.57 47.20
C HIS K 99 40.57 -48.35 45.83
N PHE K 100 41.14 -47.17 45.57
CA PHE K 100 41.46 -46.77 44.21
C PHE K 100 42.97 -46.65 43.96
N ILE K 101 43.37 -47.04 42.76
CA ILE K 101 44.72 -46.89 42.23
C ILE K 101 44.60 -46.13 40.93
N VAL K 102 45.55 -45.24 40.64
CA VAL K 102 45.79 -44.80 39.27
C VAL K 102 47.19 -45.20 38.85
N ALA K 103 47.29 -45.74 37.64
CA ALA K 103 48.53 -46.26 37.10
C ALA K 103 48.61 -45.99 35.61
N HIS K 104 49.82 -45.90 35.09
CA HIS K 104 50.06 -45.91 33.65
C HIS K 104 50.54 -47.30 33.24
N CYS K 105 49.79 -47.95 32.36
CA CYS K 105 50.06 -49.34 32.04
C CYS K 105 50.41 -49.51 30.55
N PRO K 106 51.29 -50.44 30.23
CA PRO K 106 51.50 -50.82 28.82
C PRO K 106 50.33 -51.65 28.31
N PRO K 107 50.15 -51.71 26.99
CA PRO K 107 49.11 -52.56 26.42
C PRO K 107 49.20 -54.00 26.91
N GLY K 108 48.04 -54.66 27.00
CA GLY K 108 48.01 -56.04 27.42
C GLY K 108 46.58 -56.55 27.49
N ASP K 109 46.47 -57.87 27.57
CA ASP K 109 45.18 -58.55 27.51
C ASP K 109 44.54 -58.73 28.88
N TYR K 110 45.32 -58.66 29.95
CA TYR K 110 44.85 -58.87 31.31
C TYR K 110 45.41 -57.76 32.19
N LEU K 111 44.80 -57.56 33.36
CA LEU K 111 45.37 -56.69 34.37
C LEU K 111 45.36 -57.41 35.72
N LYS K 112 46.49 -57.36 36.41
CA LYS K 112 46.64 -57.98 37.72
C LYS K 112 47.10 -56.94 38.73
N VAL K 113 46.39 -56.85 39.85
CA VAL K 113 46.82 -56.09 41.02
C VAL K 113 47.29 -57.08 42.06
N SER K 114 48.42 -56.79 42.71
CA SER K 114 48.89 -57.67 43.77
C SER K 114 49.63 -56.89 44.83
N PHE K 115 49.64 -57.46 46.04
CA PHE K 115 50.28 -56.87 47.20
C PHE K 115 50.61 -58.03 48.14
N GLU K 116 51.36 -57.75 49.19
CA GLU K 116 51.77 -58.78 50.13
C GLU K 116 50.96 -58.73 51.41
N ASP K 117 50.45 -59.89 51.82
CA ASP K 117 49.89 -60.15 53.14
C ASP K 117 50.84 -59.73 54.24
N ALA K 118 50.31 -59.50 55.44
CA ALA K 118 51.15 -59.17 56.59
C ALA K 118 52.18 -60.26 56.86
N ASP K 119 51.87 -61.50 56.49
CA ASP K 119 52.79 -62.62 56.54
C ASP K 119 53.71 -62.69 55.33
N SER K 120 53.72 -61.65 54.50
CA SER K 120 54.50 -61.58 53.26
C SER K 120 54.08 -62.60 52.21
N HIS K 121 52.86 -63.10 52.30
CA HIS K 121 52.27 -63.85 51.19
C HIS K 121 51.73 -62.88 50.15
N VAL K 122 51.98 -63.16 48.88
CA VAL K 122 51.43 -62.32 47.82
C VAL K 122 49.94 -62.59 47.66
N LYS K 123 49.14 -61.54 47.76
CA LYS K 123 47.72 -61.58 47.47
C LYS K 123 47.45 -60.84 46.15
N ALA K 124 46.69 -61.47 45.26
CA ALA K 124 46.50 -60.92 43.93
C ALA K 124 45.07 -61.17 43.47
N CYS K 125 44.66 -60.41 42.45
CA CYS K 125 43.52 -60.73 41.61
C CYS K 125 43.82 -60.32 40.18
N LYS K 126 43.50 -61.19 39.23
CA LYS K 126 43.71 -60.91 37.82
C LYS K 126 42.36 -60.88 37.11
N VAL K 127 42.18 -59.92 36.21
CA VAL K 127 40.98 -59.80 35.40
C VAL K 127 41.37 -59.59 33.94
N GLN K 128 40.59 -60.16 33.04
CA GLN K 128 40.72 -59.87 31.61
C GLN K 128 40.30 -58.44 31.32
N TYR K 129 41.21 -57.68 30.71
CA TYR K 129 40.93 -56.28 30.40
C TYR K 129 41.82 -55.85 29.24
N LYS K 130 41.23 -55.62 28.07
CA LYS K 130 41.99 -55.26 26.87
C LYS K 130 42.37 -53.79 26.94
N HIS K 131 43.63 -53.53 27.28
CA HIS K 131 44.17 -52.18 27.37
C HIS K 131 44.81 -51.81 26.04
N ASP K 132 44.00 -51.26 25.12
CA ASP K 132 44.51 -50.55 23.94
C ASP K 132 44.07 -49.09 24.00
N PRO K 133 44.90 -48.20 24.54
CA PRO K 133 44.59 -46.77 24.42
C PRO K 133 44.80 -46.29 23.00
N LEU K 134 43.90 -45.44 22.53
CA LEU K 134 44.17 -44.72 21.29
C LEU K 134 45.33 -43.76 21.49
N PRO K 135 46.07 -43.44 20.42
CA PRO K 135 47.07 -42.38 20.51
C PRO K 135 46.40 -41.03 20.70
N VAL K 136 47.09 -40.14 21.41
CA VAL K 136 46.82 -38.71 21.27
C VAL K 136 47.42 -38.22 19.96
N GLY K 137 46.59 -37.61 19.12
CA GLY K 137 47.06 -37.12 17.84
C GLY K 137 47.19 -38.21 16.78
N ARG K 138 48.27 -38.14 16.01
CA ARG K 138 48.37 -38.82 14.73
C ARG K 138 49.54 -39.80 14.68
N GLU K 139 50.11 -40.15 15.82
CA GLU K 139 51.24 -41.06 15.89
C GLU K 139 51.09 -41.96 17.11
N LYS K 140 51.28 -43.27 16.91
CA LYS K 140 51.17 -44.24 17.99
C LYS K 140 52.53 -44.43 18.68
N PHE K 141 53.04 -43.32 19.19
CA PHE K 141 54.35 -43.30 19.82
C PHE K 141 54.39 -44.10 21.11
N VAL K 142 55.55 -44.68 21.39
CA VAL K 142 55.72 -45.59 22.52
C VAL K 142 56.18 -44.86 23.77
N VAL K 143 57.14 -43.93 23.64
CA VAL K 143 57.71 -43.22 24.78
C VAL K 143 57.68 -41.72 24.52
N ARG K 144 57.46 -40.95 25.59
CA ARG K 144 57.45 -39.50 25.54
C ARG K 144 58.77 -38.92 25.05
N PRO K 145 58.78 -38.10 24.01
CA PRO K 145 60.05 -37.60 23.46
C PRO K 145 60.52 -36.38 24.22
N HIS K 146 61.82 -36.10 24.10
CA HIS K 146 62.34 -34.88 24.72
C HIS K 146 61.89 -33.63 23.98
N PHE K 147 61.72 -33.70 22.65
CA PHE K 147 61.16 -32.60 21.89
C PHE K 147 60.00 -33.08 21.03
N GLY K 148 59.00 -32.23 20.87
CA GLY K 148 57.77 -32.62 20.19
C GLY K 148 56.74 -31.51 20.24
N VAL K 149 55.47 -31.91 20.28
CA VAL K 149 54.36 -30.99 20.36
C VAL K 149 53.53 -31.32 21.61
N GLU K 150 52.99 -30.28 22.24
CA GLU K 150 52.02 -30.43 23.32
C GLU K 150 50.62 -30.51 22.73
N LEU K 151 49.97 -31.67 22.87
CA LEU K 151 48.58 -31.81 22.47
C LEU K 151 47.66 -31.89 23.69
N PRO K 152 46.48 -31.29 23.62
CA PRO K 152 45.55 -31.35 24.76
C PRO K 152 44.98 -32.74 24.95
N CYS K 153 44.97 -33.20 26.21
CA CYS K 153 44.39 -34.48 26.56
C CYS K 153 43.91 -34.43 28.00
N THR K 154 42.98 -35.33 28.33
CA THR K 154 42.50 -35.51 29.69
C THR K 154 43.39 -36.47 30.48
N SER K 155 43.40 -36.29 31.79
CA SER K 155 44.15 -37.17 32.69
C SER K 155 43.52 -37.09 34.07
N TYR K 156 43.74 -38.12 34.87
CA TYR K 156 43.27 -38.10 36.26
C TYR K 156 44.21 -37.26 37.12
N GLN K 157 43.65 -36.22 37.73
CA GLN K 157 44.42 -35.36 38.62
C GLN K 157 44.84 -36.14 39.86
N LEU K 158 46.08 -35.94 40.30
CA LEU K 158 46.59 -36.69 41.44
C LEU K 158 46.19 -36.07 42.78
N THR K 159 44.96 -35.59 42.88
CA THR K 159 44.43 -34.97 44.10
C THR K 159 43.44 -35.91 44.78
N THR K 160 43.54 -35.99 46.10
CA THR K 160 42.65 -36.78 46.94
C THR K 160 41.40 -36.02 47.37
N ALA K 161 41.26 -34.75 46.98
CA ALA K 161 40.13 -33.93 47.41
C ALA K 161 38.80 -34.53 46.96
N PRO K 162 37.74 -34.32 47.75
CA PRO K 162 36.40 -34.81 47.39
C PRO K 162 35.94 -34.38 46.00
N THR K 163 35.17 -35.26 45.36
CA THR K 163 34.75 -35.11 43.97
C THR K 163 33.26 -35.47 43.87
N ASP K 164 32.68 -35.16 42.71
CA ASP K 164 31.28 -35.51 42.45
C ASP K 164 31.06 -37.00 42.20
N GLU K 165 32.12 -37.73 41.86
CA GLU K 165 32.03 -39.18 41.74
C GLU K 165 32.04 -39.81 43.12
N GLU K 166 31.19 -40.82 43.32
CA GLU K 166 31.05 -41.44 44.62
C GLU K 166 30.65 -42.91 44.48
N ILE K 167 31.04 -43.71 45.47
CA ILE K 167 30.71 -45.12 45.56
C ILE K 167 29.86 -45.37 46.80
N ASP K 168 28.77 -46.10 46.63
CA ASP K 168 27.83 -46.38 47.72
C ASP K 168 28.45 -47.25 48.80
N MET K 169 28.24 -46.86 50.06
CA MET K 169 28.79 -47.53 51.23
C MET K 169 27.63 -47.97 52.12
N HIS K 170 27.59 -49.26 52.46
CA HIS K 170 26.47 -49.80 53.21
C HIS K 170 26.98 -50.74 54.30
N THR K 171 26.08 -51.10 55.21
CA THR K 171 26.40 -52.08 56.24
C THR K 171 26.72 -53.44 55.61
N PRO K 172 27.77 -54.11 56.09
CA PRO K 172 28.06 -55.49 55.65
C PRO K 172 26.89 -56.42 55.89
N PRO K 173 26.82 -57.51 55.12
CA PRO K 173 25.92 -58.62 55.47
C PRO K 173 26.44 -59.38 56.69
N ASP K 174 25.59 -60.24 57.24
CA ASP K 174 25.99 -61.13 58.32
C ASP K 174 26.99 -62.16 57.79
N ILE K 175 28.26 -61.99 58.15
CA ILE K 175 29.34 -62.82 57.62
C ILE K 175 29.35 -64.20 58.26
N PRO K 176 29.03 -65.27 57.52
CA PRO K 176 28.99 -66.60 58.14
C PRO K 176 30.39 -67.07 58.48
N ASP K 177 30.52 -67.79 59.60
CA ASP K 177 31.75 -68.52 59.86
C ASP K 177 31.43 -69.74 60.72
N ARG K 178 31.51 -70.93 60.11
CA ARG K 178 31.28 -72.18 60.82
C ARG K 178 32.28 -72.44 61.94
N THR K 179 33.42 -71.74 61.93
CA THR K 179 34.42 -71.91 62.97
C THR K 179 34.00 -71.31 64.31
N LEU K 180 32.94 -70.51 64.33
CA LEU K 180 32.39 -70.02 65.59
C LEU K 180 31.77 -71.16 66.40
N LEU K 181 31.24 -72.17 65.73
CA LEU K 181 30.66 -73.31 66.42
C LEU K 181 31.73 -74.30 66.85
N SER K 182 31.48 -74.94 68.01
CA SER K 182 32.28 -76.06 68.47
C SER K 182 31.37 -76.97 69.29
N GLN K 183 31.72 -78.25 69.33
CA GLN K 183 30.87 -79.24 69.99
C GLN K 183 31.65 -80.00 71.06
N THR K 184 30.95 -80.31 72.15
CA THR K 184 31.51 -80.81 73.39
C THR K 184 30.58 -81.89 73.95
N ALA K 185 30.16 -82.80 73.06
CA ALA K 185 29.17 -83.84 73.31
C ALA K 185 27.83 -83.26 73.75
N GLY K 186 26.99 -82.92 72.77
CA GLY K 186 25.64 -82.42 72.98
C GLY K 186 25.54 -80.98 73.42
N ASN K 187 26.51 -80.53 74.21
CA ASN K 187 26.78 -79.11 74.37
C ASN K 187 27.50 -78.58 73.13
N VAL K 188 26.89 -77.61 72.46
CA VAL K 188 27.51 -76.90 71.34
C VAL K 188 27.70 -75.45 71.76
N LYS K 189 28.93 -74.96 71.66
CA LYS K 189 29.33 -73.67 72.21
C LYS K 189 29.57 -72.69 71.06
N ILE K 190 28.87 -71.57 71.09
CA ILE K 190 29.01 -70.52 70.08
C ILE K 190 30.08 -69.55 70.57
N THR K 191 31.27 -69.66 70.00
CA THR K 191 32.49 -69.04 70.53
C THR K 191 32.59 -67.59 70.05
N ALA K 192 31.63 -66.79 70.51
CA ALA K 192 31.62 -65.36 70.22
C ALA K 192 32.78 -64.68 70.95
N GLY K 193 33.96 -64.78 70.34
CA GLY K 193 35.14 -64.08 70.83
C GLY K 193 35.09 -62.61 70.48
N GLY K 194 34.41 -61.83 71.33
CA GLY K 194 33.84 -60.56 70.95
C GLY K 194 32.75 -60.75 69.91
N ARG K 195 32.48 -59.67 69.18
CA ARG K 195 31.51 -59.66 68.09
C ARG K 195 30.10 -59.94 68.59
N THR K 196 29.11 -59.71 67.73
CA THR K 196 27.78 -60.27 67.90
C THR K 196 27.59 -61.39 66.89
N ILE K 197 27.08 -62.53 67.35
CA ILE K 197 26.77 -63.64 66.46
C ILE K 197 25.26 -63.71 66.30
N ARG K 198 24.81 -64.09 65.11
CA ARG K 198 23.45 -64.55 64.87
C ARG K 198 23.47 -66.04 64.64
N TYR K 199 22.61 -66.78 65.34
CA TYR K 199 22.52 -68.22 65.17
C TYR K 199 21.07 -68.63 64.94
N ASN K 200 20.92 -69.75 64.23
CA ASN K 200 19.66 -70.13 63.58
C ASN K 200 19.41 -71.62 63.74
N CYS K 201 19.70 -72.17 64.92
CA CYS K 201 19.72 -73.61 65.10
C CYS K 201 18.33 -74.21 64.94
N THR K 202 18.24 -75.31 64.19
CA THR K 202 16.98 -76.03 64.07
C THR K 202 16.69 -76.86 65.31
N CYS K 203 17.66 -77.66 65.74
CA CYS K 203 17.52 -78.54 66.90
C CYS K 203 17.88 -77.86 68.20
N GLY K 204 18.63 -76.76 68.12
CA GLY K 204 19.12 -76.09 69.35
C GLY K 204 18.23 -74.94 69.80
N ARG K 205 18.84 -73.91 70.39
CA ARG K 205 18.06 -72.76 70.92
C ARG K 205 17.38 -72.01 69.77
N ASP K 206 16.32 -71.26 70.08
CA ASP K 206 15.57 -70.52 69.03
C ASP K 206 16.52 -69.52 68.35
N ASN K 207 16.31 -69.28 67.05
CA ASN K 207 17.18 -68.34 66.29
C ASN K 207 17.22 -66.99 67.02
N VAL K 208 18.42 -66.51 67.34
CA VAL K 208 18.58 -65.18 68.01
C VAL K 208 20.03 -64.72 67.87
N GLY K 209 20.31 -63.46 68.20
CA GLY K 209 21.68 -62.92 68.11
C GLY K 209 22.43 -63.09 69.42
N THR K 210 22.64 -62.00 70.17
CA THR K 210 23.33 -62.03 71.50
C THR K 210 24.84 -62.19 71.35
N THR K 211 25.62 -61.41 72.12
CA THR K 211 27.10 -61.52 72.09
C THR K 211 27.55 -62.43 73.23
N SER K 212 28.86 -62.56 73.46
CA SER K 212 29.42 -63.43 74.53
C SER K 212 29.17 -64.91 74.18
N THR K 213 29.92 -65.83 74.80
CA THR K 213 29.74 -67.23 74.42
C THR K 213 28.46 -67.80 75.00
N ASP K 214 27.59 -68.24 74.12
CA ASP K 214 26.37 -68.97 74.45
C ASP K 214 26.63 -70.46 74.30
N LYS K 215 25.75 -71.29 74.89
CA LYS K 215 25.90 -72.76 74.75
C LYS K 215 24.52 -73.39 74.50
N THR K 216 24.48 -74.43 73.66
CA THR K 216 23.21 -75.14 73.38
C THR K 216 23.38 -76.62 73.74
N ILE K 217 22.57 -77.12 74.68
CA ILE K 217 22.70 -78.55 75.12
C ILE K 217 21.58 -79.37 74.47
N ASN K 218 21.95 -80.39 73.69
CA ASN K 218 20.95 -81.26 73.00
C ASN K 218 21.70 -82.30 72.17
N THR K 219 21.27 -82.51 70.92
CA THR K 219 21.97 -83.46 70.01
C THR K 219 22.17 -82.78 68.64
N CYS K 220 22.01 -81.46 68.58
CA CYS K 220 22.11 -80.74 67.28
C CYS K 220 23.52 -80.90 66.71
N LYS K 221 24.56 -80.81 67.55
CA LYS K 221 25.97 -80.91 67.09
C LYS K 221 26.29 -79.71 66.20
N ILE K 222 27.32 -79.81 65.35
CA ILE K 222 27.71 -78.65 64.56
C ILE K 222 26.86 -78.52 63.31
N ASP K 223 26.42 -79.64 62.72
CA ASP K 223 25.30 -79.60 61.80
C ASP K 223 24.05 -79.16 62.55
N GLN K 224 22.96 -78.97 61.80
CA GLN K 224 21.70 -78.48 62.36
C GLN K 224 21.86 -77.14 63.07
N CYS K 225 22.97 -76.45 62.82
CA CYS K 225 23.33 -75.22 63.51
C CYS K 225 24.05 -74.30 62.53
N HIS K 226 23.83 -73.00 62.69
CA HIS K 226 24.42 -71.98 61.82
C HIS K 226 24.77 -70.77 62.68
N ALA K 227 25.93 -70.17 62.40
CA ALA K 227 26.36 -68.95 63.09
C ALA K 227 26.99 -67.98 62.10
N ALA K 228 26.68 -66.69 62.28
CA ALA K 228 27.24 -65.63 61.46
C ALA K 228 27.53 -64.42 62.31
N VAL K 229 28.61 -63.71 62.00
CA VAL K 229 28.91 -62.45 62.67
C VAL K 229 27.98 -61.36 62.16
N THR K 230 27.45 -60.55 63.08
CA THR K 230 26.42 -59.58 62.73
C THR K 230 26.67 -58.26 63.45
N SER K 231 25.84 -57.27 63.10
CA SER K 231 25.90 -55.91 63.63
C SER K 231 27.30 -55.31 63.57
N HIS K 232 27.89 -55.30 62.38
CA HIS K 232 29.21 -54.72 62.18
C HIS K 232 29.20 -53.21 62.42
N ASP K 233 30.26 -52.71 63.03
CA ASP K 233 30.41 -51.30 63.38
C ASP K 233 30.91 -50.44 62.23
N LYS K 234 31.20 -51.02 61.06
CA LYS K 234 31.80 -50.30 59.95
C LYS K 234 31.16 -50.75 58.65
N TRP K 235 31.10 -49.83 57.68
CA TRP K 235 30.48 -50.08 56.39
C TRP K 235 31.43 -50.76 55.41
N GLN K 236 30.84 -51.22 54.30
CA GLN K 236 31.57 -51.78 53.17
C GLN K 236 30.99 -51.22 51.88
N PHE K 237 31.80 -51.24 50.82
CA PHE K 237 31.30 -50.94 49.50
C PHE K 237 30.22 -51.95 49.10
N THR K 238 29.19 -51.48 48.40
CA THR K 238 28.17 -52.39 47.89
C THR K 238 28.69 -53.19 46.70
N SER K 239 29.64 -54.08 46.95
CA SER K 239 30.22 -54.93 45.87
C SER K 239 29.16 -55.94 45.39
N PRO K 240 29.08 -56.23 44.06
CA PRO K 240 28.14 -57.24 43.56
C PRO K 240 28.56 -58.66 43.97
N PHE K 241 29.77 -58.81 44.50
CA PHE K 241 30.28 -60.15 44.92
C PHE K 241 29.98 -60.37 46.40
N VAL K 242 29.36 -59.37 47.05
CA VAL K 242 29.03 -59.49 48.51
C VAL K 242 27.51 -59.30 48.67
N PRO K 243 26.80 -60.19 49.40
CA PRO K 243 25.35 -60.04 49.62
C PRO K 243 25.00 -58.69 50.22
N ARG K 244 23.83 -58.19 49.83
CA ARG K 244 23.26 -56.97 50.40
C ARG K 244 22.60 -57.29 51.72
N ALA K 245 22.92 -56.51 52.75
CA ALA K 245 22.40 -56.79 54.09
C ALA K 245 20.90 -56.56 54.16
N ASP K 246 20.42 -55.49 53.56
CA ASP K 246 18.99 -55.19 53.49
C ASP K 246 18.75 -54.29 52.29
N GLN K 247 17.49 -54.22 51.87
CA GLN K 247 17.11 -53.40 50.72
C GLN K 247 17.05 -51.91 51.03
N THR K 248 17.52 -51.47 52.18
CA THR K 248 17.46 -50.06 52.55
C THR K 248 18.49 -49.26 51.76
N ALA K 249 18.24 -47.95 51.66
CA ALA K 249 19.17 -47.04 51.00
C ALA K 249 20.53 -47.03 51.70
N ARG K 250 21.56 -46.66 50.92
CA ARG K 250 22.94 -46.70 51.38
C ARG K 250 23.12 -45.91 52.66
N ARG K 251 23.87 -46.49 53.61
CA ARG K 251 24.14 -45.77 54.85
C ARG K 251 25.11 -44.60 54.64
N GLY K 252 25.93 -44.65 53.59
CA GLY K 252 26.74 -43.50 53.24
C GLY K 252 27.39 -43.68 51.89
N LYS K 253 28.35 -42.80 51.60
CA LYS K 253 29.15 -42.94 50.39
C LYS K 253 30.57 -42.47 50.66
N VAL K 254 31.48 -42.89 49.78
CA VAL K 254 32.83 -42.34 49.71
C VAL K 254 33.07 -41.85 48.30
N HIS K 255 33.71 -40.69 48.17
CA HIS K 255 33.99 -40.13 46.86
C HIS K 255 35.04 -40.94 46.13
N VAL K 256 34.94 -40.94 44.80
CA VAL K 256 36.00 -41.49 43.94
C VAL K 256 37.10 -40.44 43.78
N PRO K 257 38.32 -40.73 44.20
CA PRO K 257 39.39 -39.73 44.15
C PRO K 257 39.93 -39.57 42.74
N PHE K 258 40.90 -38.67 42.61
CA PHE K 258 41.61 -38.41 41.36
C PHE K 258 40.67 -37.97 40.25
N PRO K 259 40.09 -36.77 40.34
CA PRO K 259 39.11 -36.35 39.34
C PRO K 259 39.74 -36.21 37.96
N LEU K 260 38.92 -36.43 36.93
CA LEU K 260 39.37 -36.21 35.57
C LEU K 260 39.63 -34.72 35.33
N THR K 261 40.78 -34.41 34.75
CA THR K 261 41.17 -33.03 34.47
C THR K 261 41.78 -32.93 33.08
N ASN K 262 41.86 -31.70 32.59
CA ASN K 262 42.35 -31.41 31.25
C ASN K 262 43.79 -30.92 31.33
N VAL K 263 44.68 -31.62 30.62
CA VAL K 263 46.12 -31.36 30.66
C VAL K 263 46.62 -31.28 29.23
N THR K 264 47.95 -31.30 29.04
CA THR K 264 48.53 -31.54 27.72
C THR K 264 49.49 -32.71 27.74
N CYS K 265 49.51 -33.46 26.64
CA CYS K 265 50.38 -34.61 26.45
C CYS K 265 51.37 -34.31 25.33
N ARG K 266 52.66 -34.56 25.60
CA ARG K 266 53.70 -34.34 24.61
C ARG K 266 53.78 -35.51 23.62
N VAL K 267 53.55 -35.20 22.34
CA VAL K 267 53.58 -36.18 21.26
C VAL K 267 54.75 -35.85 20.34
N PRO K 268 55.38 -36.83 19.71
CA PRO K 268 56.52 -36.55 18.82
C PRO K 268 56.08 -35.81 17.57
N LEU K 269 57.08 -35.38 16.80
CA LEU K 269 56.91 -34.94 15.42
C LEU K 269 57.68 -35.88 14.51
N ALA K 270 56.97 -36.49 13.57
CA ALA K 270 57.62 -37.32 12.56
C ALA K 270 58.62 -36.52 11.72
N ARG K 271 59.58 -37.25 11.15
CA ARG K 271 60.54 -36.66 10.24
C ARG K 271 59.83 -36.09 9.02
N ALA K 272 60.22 -34.87 8.63
CA ALA K 272 59.68 -34.31 7.40
C ALA K 272 60.00 -35.22 6.21
N PRO K 273 59.02 -35.56 5.38
CA PRO K 273 59.28 -36.48 4.26
C PRO K 273 60.37 -35.94 3.34
N ASP K 274 61.10 -36.86 2.72
CA ASP K 274 61.93 -36.49 1.56
C ASP K 274 61.01 -36.28 0.36
N VAL K 275 61.01 -35.06 -0.17
CA VAL K 275 60.15 -34.70 -1.29
C VAL K 275 60.98 -34.56 -2.56
N THR K 276 60.47 -35.10 -3.65
CA THR K 276 60.91 -34.74 -4.99
C THR K 276 59.69 -34.29 -5.78
N TYR K 277 59.88 -33.31 -6.64
CA TYR K 277 58.80 -32.76 -7.45
C TYR K 277 58.94 -33.22 -8.89
N GLY K 278 57.91 -33.90 -9.38
CA GLY K 278 57.75 -34.18 -10.79
C GLY K 278 56.68 -33.29 -11.38
N LYS K 279 56.50 -33.41 -12.68
CA LYS K 279 55.39 -32.71 -13.32
C LYS K 279 54.06 -33.20 -12.75
N LYS K 280 53.35 -32.31 -12.05
CA LYS K 280 52.08 -32.62 -11.40
C LYS K 280 52.18 -33.77 -10.40
N GLU K 281 53.35 -34.03 -9.83
CA GLU K 281 53.49 -35.03 -8.78
C GLU K 281 54.52 -34.58 -7.76
N VAL K 282 54.20 -34.81 -6.48
CA VAL K 282 55.19 -34.78 -5.40
C VAL K 282 55.36 -36.21 -4.88
N THR K 283 56.60 -36.69 -4.88
CA THR K 283 56.93 -38.03 -4.38
C THR K 283 57.48 -37.91 -2.96
N LEU K 284 56.83 -38.57 -2.01
CA LEU K 284 57.20 -38.51 -0.61
C LEU K 284 57.78 -39.85 -0.17
N ARG K 285 58.97 -39.83 0.42
CA ARG K 285 59.52 -40.99 1.10
C ARG K 285 59.36 -40.82 2.60
N LEU K 286 58.66 -41.76 3.22
CA LEU K 286 58.16 -41.64 4.59
C LEU K 286 58.91 -42.61 5.49
N HIS K 287 59.58 -42.09 6.52
CA HIS K 287 60.41 -42.88 7.41
C HIS K 287 59.85 -42.80 8.83
N PRO K 288 58.83 -43.60 9.14
CA PRO K 288 58.27 -43.59 10.49
C PRO K 288 59.15 -44.34 11.48
N ASP K 289 59.15 -43.84 12.72
CA ASP K 289 59.66 -44.62 13.85
C ASP K 289 58.58 -45.53 14.42
N HIS K 290 57.32 -45.16 14.21
CA HIS K 290 56.17 -45.82 14.82
C HIS K 290 54.97 -45.55 13.94
N PRO K 291 53.88 -46.32 14.07
CA PRO K 291 52.73 -46.11 13.18
C PRO K 291 52.29 -44.66 13.14
N THR K 292 52.36 -44.08 11.95
CA THR K 292 52.23 -42.65 11.73
C THR K 292 51.19 -42.41 10.65
N LEU K 293 50.23 -41.53 10.91
CA LEU K 293 49.13 -41.32 9.99
C LEU K 293 49.55 -40.35 8.89
N PHE K 294 49.58 -40.84 7.66
CA PHE K 294 49.77 -40.03 6.47
C PHE K 294 48.41 -39.80 5.82
N SER K 295 48.11 -38.54 5.50
CA SER K 295 46.87 -38.24 4.78
C SER K 295 47.06 -37.03 3.89
N TYR K 296 46.28 -36.96 2.82
CA TYR K 296 46.28 -35.80 1.95
C TYR K 296 44.91 -35.64 1.30
N ARG K 297 44.65 -34.44 0.79
CA ARG K 297 43.45 -34.15 0.04
C ARG K 297 43.76 -33.12 -1.03
N SER K 298 43.01 -33.16 -2.12
CA SER K 298 43.02 -32.08 -3.10
C SER K 298 42.22 -30.88 -2.60
N LEU K 299 42.68 -29.69 -2.96
CA LEU K 299 42.04 -28.44 -2.56
C LEU K 299 40.98 -27.97 -3.54
N GLY K 300 40.57 -28.83 -4.49
CA GLY K 300 39.53 -28.49 -5.44
C GLY K 300 38.14 -28.75 -4.91
N ALA K 301 37.17 -28.70 -5.83
CA ALA K 301 35.79 -28.96 -5.48
C ALA K 301 35.55 -30.41 -5.09
N GLU K 302 36.38 -31.32 -5.61
CA GLU K 302 36.37 -32.72 -5.17
C GLU K 302 37.70 -33.06 -4.51
N PRO K 303 37.75 -33.12 -3.18
CA PRO K 303 38.87 -33.79 -2.53
C PRO K 303 38.73 -35.29 -2.71
N HIS K 304 39.87 -35.98 -2.80
CA HIS K 304 39.90 -37.43 -2.74
C HIS K 304 40.75 -37.85 -1.55
N PRO K 305 40.20 -37.76 -0.34
CA PRO K 305 41.00 -37.95 0.88
C PRO K 305 41.70 -39.30 0.89
N TYR K 306 43.03 -39.24 0.92
CA TYR K 306 43.85 -40.41 1.20
C TYR K 306 44.18 -40.45 2.68
N GLU K 307 44.22 -41.66 3.24
CA GLU K 307 44.51 -41.82 4.66
C GLU K 307 45.17 -43.18 4.86
N GLU K 308 46.35 -43.19 5.46
CA GLU K 308 47.11 -44.42 5.66
C GLU K 308 47.91 -44.30 6.94
N TRP K 309 47.76 -45.27 7.84
CA TRP K 309 48.70 -45.45 8.93
C TRP K 309 49.97 -46.10 8.40
N VAL K 310 51.05 -45.32 8.35
CA VAL K 310 52.31 -45.77 7.78
C VAL K 310 53.23 -46.25 8.90
N ASP K 311 53.82 -47.44 8.71
CA ASP K 311 54.68 -48.03 9.72
C ASP K 311 55.94 -48.63 9.11
N LYS K 312 56.22 -48.35 7.84
CA LYS K 312 57.41 -48.83 7.15
C LYS K 312 58.02 -47.69 6.34
N PHE K 313 59.33 -47.78 6.11
CA PHE K 313 59.95 -46.93 5.10
C PHE K 313 59.22 -47.13 3.77
N SER K 314 58.48 -46.13 3.31
CA SER K 314 57.57 -46.34 2.20
C SER K 314 57.41 -45.04 1.42
N GLU K 315 57.05 -45.19 0.14
CA GLU K 315 57.06 -44.11 -0.83
C GLU K 315 55.66 -43.91 -1.38
N ARG K 316 55.20 -42.66 -1.38
CA ARG K 316 53.86 -42.31 -1.84
C ARG K 316 53.95 -41.16 -2.84
N ILE K 317 53.11 -41.22 -3.88
CA ILE K 317 53.06 -40.19 -4.92
C ILE K 317 51.71 -39.50 -4.83
N ILE K 318 51.72 -38.19 -4.66
CA ILE K 318 50.50 -37.39 -4.59
C ILE K 318 50.31 -36.68 -5.94
N PRO K 319 49.21 -36.91 -6.64
CA PRO K 319 48.90 -36.12 -7.85
C PRO K 319 48.56 -34.69 -7.47
N VAL K 320 49.35 -33.74 -7.97
CA VAL K 320 49.14 -32.32 -7.70
C VAL K 320 48.66 -31.65 -8.97
N THR K 321 47.44 -31.11 -8.95
CA THR K 321 46.87 -30.38 -10.06
C THR K 321 47.07 -28.88 -9.86
N GLU K 322 46.50 -28.09 -10.79
CA GLU K 322 46.55 -26.64 -10.66
C GLU K 322 45.93 -26.18 -9.36
N GLU K 323 44.95 -26.92 -8.86
CA GLU K 323 44.24 -26.56 -7.62
C GLU K 323 45.06 -26.91 -6.38
N GLY K 324 46.02 -27.80 -6.52
CA GLY K 324 46.93 -28.15 -5.44
C GLY K 324 46.40 -29.24 -4.55
N ILE K 325 47.25 -29.62 -3.60
CA ILE K 325 46.94 -30.59 -2.56
C ILE K 325 47.38 -30.05 -1.21
N GLU K 326 46.80 -30.60 -0.16
CA GLU K 326 47.34 -30.50 1.19
C GLU K 326 47.66 -31.89 1.69
N TYR K 327 48.86 -32.07 2.22
CA TYR K 327 49.24 -33.31 2.88
C TYR K 327 49.64 -33.03 4.32
N GLN K 328 49.38 -33.99 5.20
CA GLN K 328 49.86 -33.95 6.56
C GLN K 328 50.51 -35.27 6.92
N TRP K 329 51.69 -35.21 7.53
CA TRP K 329 52.45 -36.39 7.90
C TRP K 329 52.64 -36.35 9.41
N GLY K 330 52.13 -37.36 10.09
CA GLY K 330 52.22 -37.41 11.54
C GLY K 330 51.60 -36.20 12.19
N ASN K 331 52.22 -35.76 13.29
CA ASN K 331 51.78 -34.58 14.02
C ASN K 331 52.27 -33.26 13.42
N ASN K 332 53.06 -33.31 12.36
CA ASN K 332 53.50 -32.09 11.70
C ASN K 332 52.30 -31.30 11.18
N PRO K 333 52.43 -29.98 11.07
CA PRO K 333 51.35 -29.19 10.48
C PRO K 333 51.21 -29.49 9.00
N PRO K 334 49.99 -29.34 8.44
CA PRO K 334 49.76 -29.70 7.04
C PRO K 334 50.51 -28.79 6.07
N VAL K 335 51.02 -29.39 5.01
CA VAL K 335 51.76 -28.68 3.97
C VAL K 335 50.91 -28.63 2.71
N ARG K 336 50.80 -27.44 2.12
CA ARG K 336 50.05 -27.23 0.88
C ARG K 336 50.99 -26.98 -0.28
N LEU K 337 50.67 -27.56 -1.43
CA LEU K 337 51.50 -27.47 -2.62
C LEU K 337 50.63 -27.34 -3.87
N TRP K 338 51.06 -26.49 -4.80
CA TRP K 338 50.35 -26.26 -6.05
C TRP K 338 51.30 -26.46 -7.23
N ALA K 339 50.80 -27.08 -8.29
CA ALA K 339 51.57 -27.24 -9.52
C ALA K 339 51.62 -25.93 -10.31
N GLN K 340 52.77 -25.66 -10.92
CA GLN K 340 52.89 -24.60 -11.91
C GLN K 340 52.62 -25.13 -13.32
N LEU K 341 52.44 -24.20 -14.25
CA LEU K 341 52.19 -24.51 -15.65
C LEU K 341 53.45 -24.89 -16.42
N THR K 342 54.26 -25.79 -15.86
CA THR K 342 55.42 -26.30 -16.58
C THR K 342 54.98 -27.23 -17.71
N THR K 343 55.67 -27.16 -18.84
CA THR K 343 55.27 -27.94 -20.00
C THR K 343 56.45 -28.18 -20.93
N GLU K 344 56.27 -29.17 -21.81
CA GLU K 344 57.39 -29.76 -22.56
C GLU K 344 57.93 -28.85 -23.64
N GLY K 345 57.06 -28.23 -24.43
CA GLY K 345 57.45 -27.57 -25.66
C GLY K 345 57.92 -26.14 -25.53
N LYS K 346 57.94 -25.45 -26.67
CA LYS K 346 58.35 -24.05 -26.76
C LYS K 346 57.18 -23.20 -27.25
N PRO K 347 56.72 -22.22 -26.47
CA PRO K 347 55.45 -21.53 -26.81
C PRO K 347 55.52 -20.69 -28.07
N HIS K 348 56.70 -20.27 -28.51
CA HIS K 348 56.86 -19.43 -29.69
C HIS K 348 57.79 -20.04 -30.72
N GLY K 349 57.94 -21.36 -30.72
CA GLY K 349 58.77 -22.06 -31.67
C GLY K 349 58.05 -22.27 -32.99
N TRP K 350 58.49 -23.29 -33.71
CA TRP K 350 57.77 -23.74 -34.89
C TRP K 350 56.41 -24.31 -34.49
N PRO K 351 55.46 -24.40 -35.44
CA PRO K 351 54.11 -24.86 -35.11
C PRO K 351 54.03 -26.17 -34.33
N HIS K 352 54.89 -27.15 -34.62
CA HIS K 352 54.87 -28.36 -33.83
C HIS K 352 55.37 -28.13 -32.41
N GLU K 353 56.26 -27.14 -32.22
CA GLU K 353 56.71 -26.83 -30.87
C GLU K 353 55.63 -26.11 -30.08
N ILE K 354 54.86 -25.24 -30.75
CA ILE K 354 53.71 -24.60 -30.11
C ILE K 354 52.67 -25.63 -29.71
N ILE K 355 52.37 -26.58 -30.61
CA ILE K 355 51.45 -27.66 -30.27
C ILE K 355 52.00 -28.54 -29.14
N GLN K 356 53.30 -28.79 -29.12
CA GLN K 356 53.90 -29.49 -27.98
C GLN K 356 53.71 -28.73 -26.67
N TYR K 357 54.01 -27.42 -26.68
CA TYR K 357 53.82 -26.59 -25.50
C TYR K 357 52.38 -26.64 -25.01
N TYR K 358 51.42 -26.43 -25.90
CA TYR K 358 50.01 -26.51 -25.53
C TYR K 358 49.49 -27.93 -25.37
N TYR K 359 50.31 -28.96 -25.57
CA TYR K 359 49.91 -30.33 -25.29
C TYR K 359 50.44 -30.86 -23.98
N GLY K 360 51.60 -30.40 -23.53
CA GLY K 360 52.12 -30.91 -22.27
C GLY K 360 51.22 -30.51 -21.11
N LEU K 361 50.84 -29.25 -21.05
CA LEU K 361 49.64 -28.83 -20.35
C LEU K 361 48.42 -28.93 -21.26
N TYR K 362 47.26 -29.14 -20.64
CA TYR K 362 45.98 -29.29 -21.34
C TYR K 362 45.99 -30.28 -22.51
N PRO K 363 46.42 -31.53 -22.28
CA PRO K 363 46.67 -32.45 -23.41
C PRO K 363 45.45 -32.77 -24.25
N ALA K 364 44.37 -33.24 -23.60
CA ALA K 364 43.21 -33.73 -24.34
C ALA K 364 42.49 -32.61 -25.08
N ALA K 365 42.38 -31.44 -24.46
CA ALA K 365 41.77 -30.31 -25.13
C ALA K 365 42.60 -29.86 -26.34
N THR K 366 43.92 -29.98 -26.27
CA THR K 366 44.75 -29.66 -27.42
C THR K 366 44.59 -30.70 -28.53
N ILE K 367 44.43 -31.98 -28.18
CA ILE K 367 44.07 -32.99 -29.17
C ILE K 367 42.75 -32.65 -29.85
N ALA K 368 41.76 -32.25 -29.06
CA ALA K 368 40.45 -31.88 -29.62
C ALA K 368 40.55 -30.66 -30.53
N ALA K 369 41.30 -29.64 -30.11
CA ALA K 369 41.46 -28.43 -30.90
C ALA K 369 42.17 -28.71 -32.23
N VAL K 370 43.29 -29.44 -32.19
CA VAL K 370 44.01 -29.71 -33.42
C VAL K 370 43.25 -30.65 -34.34
N SER K 371 42.49 -31.60 -33.80
CA SER K 371 41.65 -32.44 -34.64
C SER K 371 40.52 -31.65 -35.30
N GLY K 372 39.80 -30.84 -34.52
CA GLY K 372 38.77 -29.98 -35.09
C GLY K 372 39.29 -29.04 -36.15
N ALA K 373 40.40 -28.35 -35.87
CA ALA K 373 40.94 -27.38 -36.82
C ALA K 373 41.47 -28.05 -38.09
N SER K 374 42.18 -29.18 -37.97
CA SER K 374 42.62 -29.89 -39.16
C SER K 374 41.47 -30.46 -39.97
N LEU K 375 40.38 -30.90 -39.32
CA LEU K 375 39.17 -31.25 -40.06
C LEU K 375 38.55 -30.06 -40.78
N MET K 376 38.46 -28.90 -40.13
CA MET K 376 37.96 -27.70 -40.81
C MET K 376 38.86 -27.28 -41.97
N ALA K 377 40.17 -27.44 -41.84
CA ALA K 377 41.09 -27.20 -42.95
C ALA K 377 40.85 -28.16 -44.11
N LEU K 378 40.72 -29.45 -43.82
CA LEU K 378 40.41 -30.43 -44.87
C LEU K 378 39.08 -30.13 -45.54
N LEU K 379 38.04 -29.81 -44.76
CA LEU K 379 36.73 -29.52 -45.33
C LEU K 379 36.72 -28.25 -46.17
N THR K 380 37.40 -27.19 -45.74
CA THR K 380 37.49 -26.00 -46.57
C THR K 380 38.29 -26.23 -47.86
N LEU K 381 39.39 -26.99 -47.79
CA LEU K 381 40.07 -27.40 -49.02
C LEU K 381 39.18 -28.24 -49.93
N ALA K 382 38.43 -29.18 -49.37
CA ALA K 382 37.47 -29.95 -50.15
C ALA K 382 36.38 -29.09 -50.78
N ALA K 383 35.92 -28.05 -50.08
CA ALA K 383 35.00 -27.09 -50.69
C ALA K 383 35.62 -26.35 -51.86
N THR K 384 36.84 -25.83 -51.69
CA THR K 384 37.51 -25.19 -52.82
C THR K 384 37.69 -26.14 -54.00
N CYS K 385 38.04 -27.40 -53.71
CA CYS K 385 38.14 -28.42 -54.76
C CYS K 385 36.81 -28.64 -55.47
N CYS K 386 35.75 -28.91 -54.71
CA CYS K 386 34.45 -29.22 -55.32
C CYS K 386 33.92 -28.06 -56.16
N MET K 387 34.08 -26.83 -55.68
CA MET K 387 33.62 -25.69 -56.48
C MET K 387 34.52 -25.33 -57.65
N LEU K 388 35.83 -25.57 -57.58
CA LEU K 388 36.65 -25.42 -58.77
C LEU K 388 36.38 -26.50 -59.80
N ALA K 389 36.20 -27.75 -59.36
CA ALA K 389 35.77 -28.81 -60.27
C ALA K 389 34.42 -28.51 -60.89
N THR K 390 33.49 -27.95 -60.12
CA THR K 390 32.22 -27.50 -60.66
C THR K 390 32.39 -26.42 -61.71
N ALA K 391 33.23 -25.43 -61.45
CA ALA K 391 33.49 -24.38 -62.44
C ALA K 391 34.11 -24.96 -63.73
N ARG K 392 35.13 -25.80 -63.59
CA ARG K 392 35.73 -26.45 -64.76
C ARG K 392 34.70 -27.26 -65.55
N ARG K 393 33.90 -28.07 -64.86
CA ARG K 393 32.83 -28.82 -65.51
C ARG K 393 31.86 -27.91 -66.23
N LYS K 394 31.45 -26.81 -65.59
CA LYS K 394 30.49 -25.87 -66.15
C LYS K 394 31.03 -25.14 -67.37
N CYS K 395 32.34 -24.89 -67.43
CA CYS K 395 32.94 -24.38 -68.64
C CYS K 395 33.10 -25.43 -69.75
N LEU K 396 33.68 -26.58 -69.42
CA LEU K 396 34.02 -27.56 -70.46
C LEU K 396 32.83 -28.39 -70.95
N THR K 397 31.74 -28.46 -70.19
CA THR K 397 30.57 -29.23 -70.61
C THR K 397 29.99 -28.81 -71.97
N PRO K 398 29.64 -27.54 -72.22
CA PRO K 398 29.05 -27.22 -73.53
C PRO K 398 29.96 -27.45 -74.72
N TYR K 399 31.27 -27.23 -74.59
CA TYR K 399 32.21 -27.62 -75.64
C TYR K 399 32.23 -29.13 -75.89
N ALA K 400 32.06 -29.93 -74.84
CA ALA K 400 32.00 -31.38 -75.02
C ALA K 400 30.67 -31.83 -75.61
N LEU K 401 29.57 -31.21 -75.22
CA LEU K 401 28.26 -31.59 -75.75
C LEU K 401 28.11 -31.20 -77.22
N THR K 402 28.71 -30.08 -77.63
CA THR K 402 28.49 -29.58 -78.98
C THR K 402 29.14 -30.53 -80.00
N PRO K 403 28.42 -30.94 -81.04
CA PRO K 403 29.01 -31.89 -82.00
C PRO K 403 30.06 -31.26 -82.89
N GLY K 404 29.87 -30.00 -83.29
CA GLY K 404 30.74 -29.33 -84.22
C GLY K 404 31.76 -28.37 -83.66
N ALA K 405 32.15 -28.54 -82.39
CA ALA K 405 33.05 -27.59 -81.74
C ALA K 405 34.03 -28.33 -80.84
N VAL K 406 35.11 -27.63 -80.49
CA VAL K 406 36.12 -28.14 -79.57
C VAL K 406 36.65 -26.99 -78.73
N VAL K 407 37.12 -27.32 -77.53
CA VAL K 407 37.67 -26.30 -76.62
C VAL K 407 38.84 -25.58 -77.28
N PRO K 408 38.82 -24.25 -77.34
CA PRO K 408 39.95 -23.54 -77.95
C PRO K 408 41.18 -23.61 -77.08
N LEU K 409 42.36 -23.62 -77.72
CA LEU K 409 43.61 -23.86 -77.01
C LEU K 409 43.84 -22.85 -75.89
N THR K 410 43.32 -21.63 -76.03
CA THR K 410 43.37 -20.65 -74.94
C THR K 410 42.72 -21.19 -73.68
N LEU K 411 41.62 -21.93 -73.82
CA LEU K 411 40.94 -22.56 -72.70
C LEU K 411 41.43 -23.97 -72.45
N GLY K 412 41.82 -24.68 -73.51
CA GLY K 412 42.28 -26.06 -73.37
C GLY K 412 43.59 -26.17 -72.61
N LEU K 413 44.50 -25.23 -72.83
CA LEU K 413 45.75 -25.18 -72.07
C LEU K 413 45.55 -24.64 -70.66
N LEU K 414 44.47 -23.90 -70.41
CA LEU K 414 44.15 -23.45 -69.06
C LEU K 414 43.57 -24.59 -68.21
N CYS K 415 42.48 -25.19 -68.67
CA CYS K 415 41.76 -26.20 -67.91
C CYS K 415 42.28 -27.62 -68.15
N CYS K 416 43.30 -27.78 -69.00
CA CYS K 416 43.78 -29.08 -69.45
C CYS K 416 42.64 -29.91 -70.05
N ALA K 417 42.09 -29.39 -71.14
CA ALA K 417 41.03 -30.09 -71.85
C ALA K 417 41.58 -31.37 -72.48
N PRO K 418 40.74 -32.41 -72.62
CA PRO K 418 41.26 -33.69 -73.09
C PRO K 418 41.54 -33.73 -74.58
N ARG K 419 41.03 -32.78 -75.35
CA ARG K 419 41.16 -32.82 -76.80
C ARG K 419 41.22 -31.42 -77.39
N ARG L 1 10.32 -38.53 -98.48
CA ARG L 1 11.11 -39.76 -98.31
C ARG L 1 12.58 -39.42 -98.05
N MET L 2 13.02 -38.27 -98.56
CA MET L 2 14.45 -38.00 -98.75
C MET L 2 15.24 -38.20 -97.46
N CYS L 3 14.65 -37.87 -96.30
CA CYS L 3 15.34 -38.01 -95.03
C CYS L 3 15.33 -39.43 -94.47
N MET L 4 14.58 -40.35 -95.07
CA MET L 4 14.45 -41.70 -94.51
C MET L 4 15.77 -42.44 -94.42
N LYS L 5 16.75 -42.09 -95.25
CA LYS L 5 18.12 -42.59 -95.05
C LYS L 5 18.71 -42.08 -93.75
N ILE L 6 18.74 -40.74 -93.59
CA ILE L 6 19.37 -40.15 -92.42
C ILE L 6 18.63 -40.54 -91.14
N GLU L 7 17.31 -40.64 -91.21
CA GLU L 7 16.51 -41.12 -90.08
C GLU L 7 16.96 -42.49 -89.61
N ASN L 8 17.01 -43.47 -90.52
CA ASN L 8 17.39 -44.83 -90.14
C ASN L 8 18.86 -44.95 -89.75
N ASP L 9 19.75 -44.19 -90.39
CA ASP L 9 21.15 -44.22 -90.00
C ASP L 9 21.42 -43.54 -88.67
N CYS L 10 20.62 -42.53 -88.31
CA CYS L 10 20.82 -41.76 -87.09
C CYS L 10 20.11 -42.37 -85.88
N ILE L 11 18.82 -42.70 -86.03
CA ILE L 11 17.99 -43.04 -84.88
C ILE L 11 18.47 -44.33 -84.23
N PHE L 12 18.49 -44.35 -82.91
CA PHE L 12 18.52 -45.56 -82.10
C PHE L 12 17.42 -45.48 -81.05
N GLU L 13 16.84 -46.62 -80.73
CA GLU L 13 15.75 -46.67 -79.76
C GLU L 13 16.27 -46.59 -78.33
N VAL L 14 15.44 -46.03 -77.45
CA VAL L 14 15.60 -46.13 -76.00
C VAL L 14 14.32 -46.72 -75.43
N LYS L 15 14.43 -47.84 -74.74
CA LYS L 15 13.24 -48.61 -74.39
C LYS L 15 13.36 -49.18 -72.99
N LEU L 16 12.21 -49.38 -72.36
CA LEU L 16 12.13 -49.83 -70.97
C LEU L 16 10.72 -50.37 -70.74
N ASP L 17 10.58 -51.19 -69.70
CA ASP L 17 9.28 -51.65 -69.20
C ASP L 17 8.39 -52.19 -70.33
N GLY L 18 9.03 -52.71 -71.39
CA GLY L 18 8.32 -53.24 -72.54
C GLY L 18 7.91 -52.25 -73.59
N LYS L 19 8.38 -51.00 -73.53
CA LYS L 19 7.95 -49.99 -74.48
C LYS L 19 9.11 -49.02 -74.74
N VAL L 20 9.10 -48.41 -75.92
CA VAL L 20 10.08 -47.39 -76.25
C VAL L 20 9.80 -46.11 -75.47
N THR L 21 10.76 -45.70 -74.64
CA THR L 21 10.62 -44.47 -73.88
C THR L 21 10.97 -43.26 -74.72
N GLY L 22 11.94 -43.41 -75.61
CA GLY L 22 12.38 -42.32 -76.45
C GLY L 22 13.46 -42.80 -77.37
N TYR L 23 14.26 -41.88 -77.89
CA TYR L 23 15.22 -42.25 -78.92
C TYR L 23 16.57 -41.58 -78.66
N ALA L 24 17.59 -42.12 -79.33
CA ALA L 24 18.92 -41.55 -79.38
C ALA L 24 19.32 -41.40 -80.84
N CYS L 25 20.37 -40.61 -81.09
CA CYS L 25 20.79 -40.39 -82.46
C CYS L 25 22.30 -40.22 -82.52
N LEU L 26 22.89 -40.60 -83.65
CA LEU L 26 24.30 -40.35 -83.94
C LEU L 26 24.43 -39.02 -84.70
N VAL L 27 24.94 -38.00 -84.02
CA VAL L 27 25.07 -36.67 -84.60
C VAL L 27 26.54 -36.28 -84.57
N GLY L 28 27.11 -36.07 -85.75
CA GLY L 28 28.55 -35.83 -85.87
C GLY L 28 29.33 -37.01 -85.32
N ASP L 29 30.13 -36.76 -84.29
CA ASP L 29 30.76 -37.83 -83.53
C ASP L 29 30.11 -38.02 -82.16
N LYS L 30 28.93 -37.44 -81.95
CA LYS L 30 28.20 -37.55 -80.69
C LYS L 30 27.05 -38.52 -80.84
N VAL L 31 26.88 -39.38 -79.85
CA VAL L 31 25.57 -39.97 -79.57
C VAL L 31 24.79 -38.99 -78.70
N MET L 32 23.58 -38.65 -79.13
CA MET L 32 22.72 -37.71 -78.42
C MET L 32 21.59 -38.47 -77.75
N LYS L 33 21.35 -38.16 -76.48
CA LYS L 33 20.13 -38.59 -75.81
C LYS L 33 19.67 -37.48 -74.87
N PRO L 34 18.36 -37.24 -74.79
CA PRO L 34 17.82 -36.44 -73.69
C PRO L 34 18.08 -37.10 -72.34
N ALA L 35 18.40 -36.27 -71.34
CA ALA L 35 18.71 -36.80 -70.01
C ALA L 35 17.49 -37.29 -69.27
N HIS L 36 16.29 -36.81 -69.64
CA HIS L 36 15.06 -37.25 -69.01
C HIS L 36 14.57 -38.60 -69.54
N VAL L 37 15.02 -38.99 -70.73
CA VAL L 37 14.61 -40.28 -71.29
C VAL L 37 15.27 -41.40 -70.51
N LYS L 38 14.46 -42.22 -69.85
CA LYS L 38 14.94 -43.28 -68.98
C LYS L 38 14.83 -44.65 -69.66
N GLY L 39 15.86 -45.47 -69.48
CA GLY L 39 15.94 -46.78 -70.09
C GLY L 39 17.34 -47.14 -70.53
N THR L 40 17.47 -48.02 -71.53
CA THR L 40 18.77 -48.38 -72.08
C THR L 40 18.74 -48.31 -73.60
N ILE L 41 19.91 -48.04 -74.19
CA ILE L 41 20.03 -47.96 -75.64
C ILE L 41 19.92 -49.36 -76.24
N ASP L 42 19.32 -49.44 -77.43
CA ASP L 42 19.15 -50.71 -78.10
C ASP L 42 20.47 -51.33 -78.55
N ASN L 43 21.54 -50.53 -78.68
CA ASN L 43 22.79 -51.02 -79.23
C ASN L 43 23.84 -51.14 -78.13
N PRO L 44 24.39 -52.33 -77.89
CA PRO L 44 25.51 -52.46 -76.94
C PRO L 44 26.66 -51.50 -77.21
N ASP L 45 26.95 -51.20 -78.48
CA ASP L 45 28.06 -50.32 -78.82
C ASP L 45 27.85 -48.91 -78.27
N LEU L 46 26.60 -48.50 -78.04
CA LEU L 46 26.30 -47.24 -77.39
C LEU L 46 26.00 -47.39 -75.90
N ALA L 47 25.35 -48.48 -75.49
CA ALA L 47 24.97 -48.66 -74.10
C ALA L 47 26.17 -48.83 -73.19
N LYS L 48 27.29 -49.35 -73.71
CA LYS L 48 28.51 -49.48 -72.93
C LYS L 48 29.27 -48.17 -72.75
N LEU L 49 28.91 -47.12 -73.47
CA LEU L 49 29.63 -45.86 -73.38
C LEU L 49 29.38 -45.19 -72.03
N THR L 50 30.22 -44.20 -71.71
CA THR L 50 30.04 -43.31 -70.58
C THR L 50 29.84 -41.88 -71.06
N TYR L 51 28.89 -41.19 -70.44
CA TYR L 51 28.27 -40.00 -71.03
C TYR L 51 28.49 -38.78 -70.15
N LYS L 52 28.70 -37.64 -70.80
CA LYS L 52 28.53 -36.33 -70.16
C LYS L 52 27.06 -36.05 -69.90
N LYS L 53 26.82 -35.11 -68.98
CA LYS L 53 25.47 -34.82 -68.52
C LYS L 53 25.28 -33.32 -68.43
N SER L 54 24.02 -32.88 -68.53
CA SER L 54 23.65 -31.53 -68.14
C SER L 54 22.16 -31.53 -67.78
N SER L 55 21.85 -31.08 -66.57
CA SER L 55 20.47 -30.85 -66.18
C SER L 55 19.89 -29.58 -66.82
N LYS L 56 20.72 -28.63 -67.22
CA LYS L 56 20.22 -27.41 -67.85
C LYS L 56 19.85 -27.63 -69.30
N TYR L 57 20.76 -28.18 -70.10
CA TYR L 57 20.43 -28.54 -71.48
C TYR L 57 19.65 -29.84 -71.61
N ASP L 58 19.47 -30.58 -70.51
CA ASP L 58 18.70 -31.83 -70.52
C ASP L 58 19.24 -32.83 -71.55
N LEU L 59 20.56 -32.96 -71.61
CA LEU L 59 21.22 -33.59 -72.73
C LEU L 59 22.31 -34.51 -72.20
N GLU L 60 22.52 -35.62 -72.90
CA GLU L 60 23.65 -36.51 -72.69
C GLU L 60 24.39 -36.75 -74.00
N CYS L 61 25.72 -36.77 -73.94
CA CYS L 61 26.53 -37.05 -75.13
C CYS L 61 27.68 -37.97 -74.75
N ALA L 62 28.13 -38.75 -75.73
CA ALA L 62 29.35 -39.52 -75.62
C ALA L 62 30.01 -39.61 -76.99
N GLN L 63 31.32 -39.81 -76.99
CA GLN L 63 32.05 -40.05 -78.23
C GLN L 63 31.69 -41.44 -78.76
N ILE L 64 31.22 -41.50 -80.00
CA ILE L 64 30.76 -42.75 -80.58
C ILE L 64 31.94 -43.60 -81.02
N PRO L 65 31.80 -44.93 -81.03
CA PRO L 65 32.84 -45.80 -81.59
C PRO L 65 33.24 -45.42 -83.01
N VAL L 66 34.50 -45.69 -83.33
CA VAL L 66 35.10 -45.24 -84.59
C VAL L 66 34.40 -45.81 -85.82
N HIS L 67 33.84 -47.02 -85.73
CA HIS L 67 33.07 -47.55 -86.86
C HIS L 67 31.73 -46.84 -87.03
N MET L 68 31.09 -46.46 -85.91
CA MET L 68 29.77 -45.83 -85.98
C MET L 68 29.84 -44.43 -86.58
N LYS L 69 31.01 -43.80 -86.58
CA LYS L 69 31.21 -42.55 -87.30
C LYS L 69 30.97 -42.66 -88.79
N SER L 70 30.97 -43.88 -89.34
CA SER L 70 30.62 -44.06 -90.75
C SER L 70 29.13 -43.83 -90.98
N ASP L 71 28.29 -44.21 -90.02
CA ASP L 71 26.85 -44.07 -90.14
C ASP L 71 26.32 -42.74 -89.62
N ALA L 72 27.03 -42.13 -88.67
CA ALA L 72 26.55 -40.94 -87.99
C ALA L 72 26.21 -39.81 -88.96
N SER L 73 25.13 -39.10 -88.64
CA SER L 73 24.52 -38.09 -89.51
C SER L 73 25.31 -36.79 -89.56
N LYS L 74 25.24 -36.14 -90.71
CA LYS L 74 25.79 -34.81 -90.91
C LYS L 74 24.89 -33.75 -90.27
N TYR L 75 25.50 -32.78 -89.59
CA TYR L 75 24.79 -31.75 -88.85
C TYR L 75 24.97 -30.39 -89.52
N THR L 76 24.15 -29.43 -89.09
CA THR L 76 24.37 -28.02 -89.41
C THR L 76 23.90 -27.15 -88.26
N HIS L 77 24.50 -25.97 -88.16
CA HIS L 77 24.11 -24.93 -87.21
C HIS L 77 23.14 -23.91 -87.77
N GLU L 78 22.91 -23.89 -89.08
CA GLU L 78 22.08 -22.86 -89.70
C GLU L 78 20.60 -23.13 -89.47
N LYS L 79 19.85 -22.06 -89.22
CA LYS L 79 18.39 -22.11 -89.13
C LYS L 79 17.78 -20.98 -89.94
N PRO L 80 17.70 -21.12 -91.26
CA PRO L 80 16.85 -20.22 -92.03
C PRO L 80 15.39 -20.36 -91.63
N GLU L 81 14.66 -19.25 -91.70
CA GLU L 81 13.24 -19.27 -91.38
C GLU L 81 12.45 -20.02 -92.46
N GLY L 82 11.46 -20.78 -92.03
CA GLY L 82 10.73 -21.66 -92.93
C GLY L 82 10.19 -22.90 -92.24
N HIS L 83 10.39 -24.07 -92.85
CA HIS L 83 9.91 -25.31 -92.27
C HIS L 83 10.91 -26.43 -92.52
N TYR L 84 10.81 -27.47 -91.68
CA TYR L 84 11.84 -28.49 -91.55
C TYR L 84 11.18 -29.86 -91.49
N ASN L 85 11.88 -30.87 -92.00
CA ASN L 85 11.32 -32.22 -92.06
C ASN L 85 11.53 -32.95 -90.74
N TRP L 86 10.54 -33.78 -90.38
CA TRP L 86 10.57 -34.51 -89.13
C TRP L 86 9.75 -35.79 -89.27
N HIS L 87 9.97 -36.72 -88.34
CA HIS L 87 9.43 -38.08 -88.47
C HIS L 87 7.92 -38.09 -88.62
N HIS L 88 7.22 -37.18 -87.93
CA HIS L 88 5.77 -37.12 -88.00
C HIS L 88 5.23 -36.08 -88.98
N GLY L 89 6.08 -35.22 -89.54
CA GLY L 89 5.57 -34.14 -90.36
C GLY L 89 6.63 -33.10 -90.64
N ALA L 90 6.18 -31.91 -91.01
CA ALA L 90 7.05 -30.76 -91.22
C ALA L 90 6.98 -29.81 -90.03
N VAL L 91 8.14 -29.58 -89.39
CA VAL L 91 8.24 -28.63 -88.30
C VAL L 91 8.39 -27.23 -88.87
N GLN L 92 7.50 -26.33 -88.50
CA GLN L 92 7.63 -24.93 -88.87
C GLN L 92 8.55 -24.22 -87.89
N TYR L 93 9.38 -23.31 -88.41
CA TYR L 93 10.30 -22.55 -87.58
C TYR L 93 9.87 -21.08 -87.49
N SER L 94 8.63 -20.86 -87.07
CA SER L 94 8.04 -19.52 -87.07
C SER L 94 8.72 -18.65 -86.01
N GLY L 95 9.37 -17.57 -86.47
CA GLY L 95 9.95 -16.60 -85.55
C GLY L 95 11.03 -17.14 -84.64
N GLY L 96 11.72 -18.18 -85.07
CA GLY L 96 12.74 -18.81 -84.25
C GLY L 96 12.24 -19.89 -83.33
N ARG L 97 10.96 -20.25 -83.41
CA ARG L 97 10.37 -21.32 -82.61
C ARG L 97 10.02 -22.48 -83.53
N PHE L 98 10.45 -23.68 -83.15
CA PHE L 98 9.98 -24.90 -83.82
C PHE L 98 8.58 -25.22 -83.32
N THR L 99 7.66 -25.44 -84.26
CA THR L 99 6.27 -25.71 -83.92
C THR L 99 5.69 -26.71 -84.91
N ILE L 100 4.65 -27.41 -84.46
CA ILE L 100 4.17 -28.63 -85.11
C ILE L 100 2.66 -28.69 -84.95
N PRO L 101 1.92 -29.36 -85.84
CA PRO L 101 0.49 -29.57 -85.58
C PRO L 101 0.28 -30.48 -84.37
N THR L 102 -0.60 -30.03 -83.48
CA THR L 102 -0.86 -30.77 -82.25
C THR L 102 -1.41 -32.17 -82.54
N GLY L 103 -0.89 -33.15 -81.81
CA GLY L 103 -1.17 -34.54 -82.04
C GLY L 103 -0.15 -35.26 -82.89
N ALA L 104 0.76 -34.54 -83.56
CA ALA L 104 1.82 -35.19 -84.31
C ALA L 104 2.85 -35.82 -83.38
N GLY L 105 3.46 -35.01 -82.52
CA GLY L 105 4.34 -35.53 -81.49
C GLY L 105 3.55 -36.22 -80.39
N LYS L 106 3.99 -37.40 -80.00
CA LYS L 106 3.32 -38.25 -79.03
C LYS L 106 4.00 -38.14 -77.67
N PRO L 107 3.35 -38.62 -76.60
CA PRO L 107 4.10 -38.90 -75.37
C PRO L 107 5.32 -39.76 -75.63
N GLY L 108 6.36 -39.53 -74.83
CA GLY L 108 7.68 -40.07 -75.09
C GLY L 108 8.31 -39.40 -76.29
N ASP L 109 8.61 -40.17 -77.34
CA ASP L 109 8.78 -39.63 -78.68
C ASP L 109 9.91 -38.62 -78.82
N SER L 110 10.59 -38.29 -77.72
CA SER L 110 11.60 -37.25 -77.77
C SER L 110 12.97 -37.84 -78.13
N GLY L 111 13.92 -36.93 -78.40
CA GLY L 111 15.22 -37.32 -78.89
C GLY L 111 15.29 -37.53 -80.38
N ARG L 112 14.21 -37.28 -81.11
CA ARG L 112 14.25 -37.35 -82.55
C ARG L 112 15.01 -36.17 -83.15
N PRO L 113 15.72 -36.38 -84.25
CA PRO L 113 16.33 -35.28 -84.98
C PRO L 113 15.32 -34.52 -85.83
N ILE L 114 15.62 -33.25 -86.06
CA ILE L 114 14.93 -32.43 -87.04
C ILE L 114 15.91 -32.08 -88.16
N PHE L 115 15.46 -32.20 -89.41
CA PHE L 115 16.33 -32.12 -90.57
C PHE L 115 16.00 -30.89 -91.42
N ASP L 116 17.04 -30.29 -91.98
CA ASP L 116 16.91 -29.20 -92.94
C ASP L 116 16.61 -29.72 -94.34
N ASN L 117 16.44 -28.79 -95.28
CA ASN L 117 16.16 -29.09 -96.68
C ASN L 117 17.28 -29.86 -97.39
N LYS L 118 18.38 -30.13 -96.68
CA LYS L 118 19.49 -30.90 -97.22
C LYS L 118 19.71 -32.20 -96.45
N GLY L 119 18.82 -32.53 -95.52
CA GLY L 119 18.91 -33.73 -94.72
C GLY L 119 19.86 -33.63 -93.55
N ARG L 120 20.40 -32.44 -93.27
CA ARG L 120 21.31 -32.25 -92.15
C ARG L 120 20.48 -32.09 -90.89
N VAL L 121 20.90 -32.74 -89.81
CA VAL L 121 20.24 -32.52 -88.53
C VAL L 121 20.57 -31.13 -88.02
N VAL L 122 19.54 -30.42 -87.56
CA VAL L 122 19.70 -29.06 -87.06
C VAL L 122 19.26 -28.91 -85.61
N ALA L 123 18.42 -29.81 -85.10
CA ALA L 123 17.88 -29.68 -83.76
C ALA L 123 17.47 -31.06 -83.25
N ILE L 124 17.37 -31.16 -81.93
CA ILE L 124 16.82 -32.33 -81.26
C ILE L 124 15.61 -31.86 -80.46
N VAL L 125 14.52 -32.62 -80.54
CA VAL L 125 13.26 -32.25 -79.92
C VAL L 125 13.09 -32.99 -78.60
N LEU L 126 12.71 -32.24 -77.57
CA LEU L 126 12.42 -32.78 -76.24
C LEU L 126 10.92 -33.02 -76.13
N GLY L 127 10.31 -32.59 -75.02
CA GLY L 127 8.88 -32.46 -74.99
C GLY L 127 8.39 -31.29 -75.83
N GLY L 128 7.14 -30.91 -75.60
CA GLY L 128 6.57 -29.79 -76.30
C GLY L 128 5.37 -29.20 -75.58
N ALA L 129 5.14 -27.92 -75.86
CA ALA L 129 4.01 -27.21 -75.25
C ALA L 129 2.69 -27.65 -75.86
N ASN L 130 1.66 -27.71 -75.00
CA ASN L 130 0.29 -27.94 -75.43
C ASN L 130 -0.29 -26.69 -76.09
N GLU L 131 0.38 -26.18 -77.11
CA GLU L 131 0.11 -24.86 -77.67
C GLU L 131 -1.07 -24.92 -78.66
N GLY L 132 -2.24 -25.26 -78.11
CA GLY L 132 -3.46 -25.31 -78.89
C GLY L 132 -3.36 -26.25 -80.07
N ALA L 133 -3.66 -25.72 -81.27
CA ALA L 133 -3.52 -26.49 -82.50
C ALA L 133 -2.08 -26.59 -82.98
N ARG L 134 -1.16 -25.81 -82.42
CA ARG L 134 0.20 -25.66 -82.95
C ARG L 134 1.20 -25.86 -81.82
N THR L 135 1.25 -27.09 -81.27
CA THR L 135 2.20 -27.45 -80.23
C THR L 135 3.60 -26.95 -80.57
N ALA L 136 4.26 -26.34 -79.59
CA ALA L 136 5.59 -25.79 -79.77
C ALA L 136 6.63 -26.69 -79.11
N LEU L 137 7.70 -26.99 -79.85
CA LEU L 137 8.68 -27.96 -79.40
C LEU L 137 9.65 -27.31 -78.42
N SER L 138 9.92 -28.01 -77.33
CA SER L 138 11.18 -27.80 -76.61
C SER L 138 12.30 -28.44 -77.40
N VAL L 139 13.40 -27.71 -77.61
CA VAL L 139 14.41 -28.10 -78.59
C VAL L 139 15.79 -27.81 -78.04
N VAL L 140 16.73 -28.70 -78.35
CA VAL L 140 18.16 -28.47 -78.19
C VAL L 140 18.77 -28.22 -79.57
N THR L 141 19.58 -27.17 -79.69
CA THR L 141 20.20 -26.84 -80.96
C THR L 141 21.49 -26.07 -80.70
N TRP L 142 22.38 -26.08 -81.67
CA TRP L 142 23.75 -25.62 -81.48
C TRP L 142 24.11 -24.51 -82.44
N THR L 143 25.01 -23.63 -81.98
CA THR L 143 25.64 -22.61 -82.81
C THR L 143 26.95 -23.16 -83.38
N LYS L 144 27.81 -22.26 -83.88
CA LYS L 144 29.19 -22.62 -84.23
C LYS L 144 29.93 -23.25 -83.06
N ASP L 145 29.66 -22.80 -81.83
CA ASP L 145 30.46 -23.15 -80.68
C ASP L 145 29.71 -23.83 -79.56
N MET L 146 28.42 -23.53 -79.37
CA MET L 146 27.73 -23.84 -78.12
C MET L 146 26.42 -24.52 -78.41
N VAL L 147 26.10 -25.53 -77.60
CA VAL L 147 24.74 -26.02 -77.48
C VAL L 147 23.85 -24.97 -76.83
N THR L 148 22.55 -25.05 -77.14
CA THR L 148 21.53 -24.19 -76.56
C THR L 148 20.27 -25.01 -76.39
N ARG L 149 19.40 -24.56 -75.49
CA ARG L 149 18.09 -25.18 -75.31
C ARG L 149 16.99 -24.14 -75.42
N VAL L 150 15.98 -24.43 -76.22
CA VAL L 150 14.79 -23.60 -76.36
C VAL L 150 13.63 -24.31 -75.70
N THR L 151 12.95 -23.63 -74.77
CA THR L 151 11.92 -24.25 -73.95
C THR L 151 10.69 -23.34 -73.87
N PRO L 152 9.69 -23.55 -74.71
CA PRO L 152 8.44 -22.80 -74.58
C PRO L 152 7.73 -23.15 -73.27
N GLU L 153 7.31 -22.13 -72.55
CA GLU L 153 6.59 -22.32 -71.29
C GLU L 153 5.27 -23.05 -71.52
N GLY L 154 4.89 -23.86 -70.54
CA GLY L 154 3.81 -24.80 -70.69
C GLY L 154 4.18 -26.08 -71.42
N THR L 155 5.47 -26.36 -71.56
CA THR L 155 5.91 -27.64 -72.10
C THR L 155 5.44 -28.79 -71.23
N GLU L 156 4.87 -29.81 -71.87
CA GLU L 156 4.70 -31.12 -71.26
C GLU L 156 5.78 -32.04 -71.81
N GLU L 157 6.52 -32.69 -70.91
CA GLU L 157 7.84 -33.23 -71.23
C GLU L 157 7.75 -34.59 -71.90
N TRP L 158 7.03 -34.62 -73.02
CA TRP L 158 7.02 -35.78 -73.89
C TRP L 158 8.29 -35.80 -74.71
N ARG M 1 62.52 27.47 -4.40
CA ARG M 1 61.94 26.65 -3.34
C ARG M 1 60.62 27.25 -2.86
N THR M 2 60.14 26.75 -1.71
CA THR M 2 58.90 27.22 -1.08
C THR M 2 57.74 27.25 -2.08
N CYS M 3 57.54 26.12 -2.75
CA CYS M 3 56.36 25.90 -3.59
C CYS M 3 55.11 25.80 -2.73
N ARG M 4 53.98 25.55 -3.40
CA ARG M 4 52.70 25.39 -2.71
C ARG M 4 52.78 24.30 -1.66
N ILE M 5 52.06 24.51 -0.55
CA ILE M 5 52.28 23.76 0.67
C ILE M 5 52.06 22.25 0.51
N HIS M 6 51.44 21.83 -0.59
CA HIS M 6 51.36 20.41 -0.91
C HIS M 6 52.69 19.84 -1.38
N GLU M 7 53.69 20.70 -1.60
CA GLU M 7 55.01 20.27 -2.06
C GLU M 7 56.05 20.70 -1.04
N ILE M 8 57.13 19.93 -0.95
CA ILE M 8 58.31 20.32 -0.18
C ILE M 8 59.52 20.24 -1.08
N SER M 9 60.48 21.13 -0.83
CA SER M 9 61.77 21.07 -1.50
C SER M 9 62.61 19.95 -0.90
N CYS M 10 62.85 18.90 -1.69
CA CYS M 10 63.67 17.77 -1.26
C CYS M 10 65.16 18.05 -1.37
N GLY M 11 65.59 19.23 -0.98
CA GLY M 11 66.99 19.59 -1.09
C GLY M 11 67.18 21.09 -0.95
N ALA M 12 68.44 21.48 -0.83
CA ALA M 12 68.82 22.88 -0.74
C ALA M 12 69.87 23.30 -1.75
N HIS M 13 70.63 22.37 -2.33
CA HIS M 13 71.63 22.74 -3.33
C HIS M 13 70.98 23.19 -4.62
N SER M 14 69.78 22.69 -4.92
CA SER M 14 69.00 23.18 -6.05
C SER M 14 67.53 22.98 -5.76
N THR M 15 66.69 23.78 -6.41
CA THR M 15 65.26 23.74 -6.15
C THR M 15 64.64 22.49 -6.77
N GLN M 16 63.89 21.75 -5.94
CA GLN M 16 63.25 20.51 -6.37
C GLN M 16 62.04 20.22 -5.48
N CYS M 17 60.91 20.85 -5.78
CA CYS M 17 59.69 20.58 -5.02
C CYS M 17 59.06 19.27 -5.43
N ILE M 18 58.72 18.44 -4.44
CA ILE M 18 58.12 17.13 -4.67
C ILE M 18 56.99 16.91 -3.66
N PRO M 19 56.10 15.95 -3.93
CA PRO M 19 54.99 15.69 -3.01
C PRO M 19 55.43 15.43 -1.58
N VAL M 20 54.74 16.08 -0.64
CA VAL M 20 54.95 15.84 0.79
C VAL M 20 54.66 14.41 1.19
N SER M 21 53.85 13.69 0.41
CA SER M 21 53.58 12.28 0.67
C SER M 21 54.83 11.42 0.58
N TRP M 22 55.89 11.89 -0.07
CA TRP M 22 57.12 11.11 -0.22
C TRP M 22 58.12 11.33 0.91
N ARG M 23 57.83 12.24 1.85
CA ARG M 23 58.67 12.41 3.03
C ARG M 23 58.50 11.22 3.97
N CYS M 24 59.61 10.61 4.34
CA CYS M 24 59.62 9.38 5.15
C CYS M 24 58.84 8.25 4.50
N ASP M 25 58.82 8.22 3.17
CA ASP M 25 58.10 7.17 2.45
C ASP M 25 58.89 5.86 2.37
N GLY M 26 60.17 5.87 2.71
CA GLY M 26 61.02 4.70 2.59
C GLY M 26 62.12 4.78 1.56
N GLU M 27 62.19 5.86 0.78
CA GLU M 27 63.26 6.01 -0.19
C GLU M 27 63.57 7.49 -0.39
N ASN M 28 64.83 7.77 -0.71
CA ASN M 28 65.24 9.11 -1.12
C ASN M 28 64.83 9.33 -2.57
N ASP M 29 64.03 10.38 -2.81
CA ASP M 29 63.50 10.66 -4.14
C ASP M 29 64.38 11.60 -4.95
N CYS M 30 65.40 12.22 -4.33
CA CYS M 30 66.07 13.36 -4.93
C CYS M 30 67.57 13.24 -4.63
N ASP M 31 68.29 14.32 -4.95
CA ASP M 31 69.73 14.36 -4.75
C ASP M 31 70.14 14.52 -3.30
N SER M 32 69.20 14.78 -2.40
CA SER M 32 69.50 15.08 -1.01
C SER M 32 68.62 14.23 -0.10
N GLY M 33 69.22 13.73 0.99
CA GLY M 33 68.67 12.64 1.78
C GLY M 33 67.45 12.98 2.60
N GLU M 34 66.94 14.21 2.53
CA GLU M 34 65.95 14.68 3.49
C GLU M 34 64.53 14.19 3.19
N ASP M 35 64.38 13.12 2.41
CA ASP M 35 63.16 12.31 2.52
C ASP M 35 63.08 11.62 3.86
N GLU M 36 64.16 10.97 4.28
CA GLU M 36 64.10 9.95 5.32
C GLU M 36 64.77 10.38 6.62
N GLU M 37 65.50 11.50 6.62
CA GLU M 37 66.27 11.91 7.80
C GLU M 37 65.37 12.36 8.95
N ASN M 38 65.66 11.82 10.14
CA ASN M 38 65.09 12.27 11.41
C ASN M 38 63.57 12.49 11.35
N CYS M 39 62.86 11.50 10.80
CA CYS M 39 61.41 11.62 10.65
C CYS M 39 60.71 11.97 11.96
N ARG N 1 68.54 50.56 -10.47
CA ARG N 1 67.36 49.90 -10.97
C ARG N 1 66.25 50.93 -11.25
N THR N 2 65.64 51.45 -10.18
CA THR N 2 64.86 52.68 -10.21
C THR N 2 63.87 52.71 -11.38
N CYS N 3 63.03 51.68 -11.46
CA CYS N 3 61.95 51.68 -12.44
C CYS N 3 60.85 52.67 -12.06
N ARG N 4 59.95 52.87 -13.01
CA ARG N 4 58.89 53.87 -12.93
C ARG N 4 57.96 53.60 -11.73
N ILE N 5 57.31 54.67 -11.28
CA ILE N 5 56.45 54.65 -10.10
C ILE N 5 55.32 53.64 -10.21
N HIS N 6 54.98 53.19 -11.42
CA HIS N 6 53.98 52.16 -11.60
C HIS N 6 54.48 50.77 -11.21
N GLU N 7 55.79 50.58 -11.09
CA GLU N 7 56.38 49.26 -11.18
C GLU N 7 57.57 49.15 -10.24
N ILE N 8 57.97 47.92 -9.97
CA ILE N 8 59.12 47.62 -9.11
C ILE N 8 60.07 46.73 -9.88
N SER N 9 61.36 46.83 -9.55
CA SER N 9 62.35 45.91 -10.13
C SER N 9 62.34 44.59 -9.38
N CYS N 10 61.62 43.61 -9.92
CA CYS N 10 61.69 42.25 -9.40
C CYS N 10 63.02 41.60 -9.75
N GLY N 11 63.61 41.99 -10.88
CA GLY N 11 64.96 41.58 -11.20
C GLY N 11 66.02 42.33 -10.42
N ALA N 12 67.09 41.61 -10.11
CA ALA N 12 68.23 42.15 -9.36
C ALA N 12 69.53 42.04 -10.13
N HIS N 13 69.80 40.89 -10.76
CA HIS N 13 71.00 40.73 -11.58
C HIS N 13 70.87 41.47 -12.89
N SER N 14 69.65 41.80 -13.31
CA SER N 14 69.40 42.60 -14.50
C SER N 14 68.06 43.30 -14.33
N THR N 15 67.82 44.32 -15.14
CA THR N 15 66.56 45.04 -15.08
C THR N 15 65.41 44.16 -15.57
N GLN N 16 64.38 44.05 -14.72
CA GLN N 16 63.11 43.44 -15.09
C GLN N 16 62.07 43.96 -14.11
N CYS N 17 61.05 44.65 -14.63
CA CYS N 17 60.11 45.37 -13.77
C CYS N 17 58.67 45.02 -14.13
N ILE N 18 57.83 45.02 -13.10
CA ILE N 18 56.44 44.54 -13.19
C ILE N 18 55.55 45.42 -12.34
N PRO N 19 54.26 45.49 -12.68
CA PRO N 19 53.32 46.29 -11.89
C PRO N 19 53.34 45.97 -10.40
N VAL N 20 53.25 47.03 -9.59
CA VAL N 20 53.27 46.93 -8.13
C VAL N 20 52.19 45.98 -7.63
N SER N 21 51.02 45.98 -8.29
CA SER N 21 49.89 45.16 -7.85
C SER N 21 50.20 43.67 -7.81
N TRP N 22 51.22 43.21 -8.55
CA TRP N 22 51.58 41.80 -8.50
C TRP N 22 52.37 41.43 -7.24
N ARG N 23 53.03 42.40 -6.62
CA ARG N 23 53.84 42.15 -5.44
C ARG N 23 52.97 41.75 -4.24
N CYS N 24 53.41 40.71 -3.53
CA CYS N 24 52.70 40.15 -2.38
C CYS N 24 51.25 39.80 -2.74
N ASP N 25 51.12 38.83 -3.65
CA ASP N 25 49.81 38.32 -4.03
C ASP N 25 49.68 36.81 -3.93
N GLY N 26 50.72 36.12 -3.49
CA GLY N 26 50.75 34.68 -3.39
C GLY N 26 51.32 33.97 -4.61
N GLU N 27 51.68 34.72 -5.64
CA GLU N 27 52.35 34.19 -6.82
C GLU N 27 53.75 34.79 -6.92
N ASN N 28 54.75 33.93 -7.13
CA ASN N 28 56.01 34.40 -7.70
C ASN N 28 55.78 34.90 -9.12
N ASP N 29 55.98 36.20 -9.33
CA ASP N 29 55.74 36.82 -10.62
C ASP N 29 56.97 36.82 -11.52
N CYS N 30 58.15 36.92 -10.93
CA CYS N 30 59.41 36.86 -11.65
C CYS N 30 60.25 35.69 -11.15
N ASP N 31 61.50 35.65 -11.58
CA ASP N 31 62.44 34.58 -11.24
C ASP N 31 62.95 34.67 -9.81
N SER N 32 62.60 35.71 -9.06
CA SER N 32 63.27 36.03 -7.81
C SER N 32 62.26 36.18 -6.69
N GLY N 33 62.69 35.82 -5.48
CA GLY N 33 61.80 35.76 -4.33
C GLY N 33 61.29 37.11 -3.86
N GLU N 34 61.91 38.20 -4.30
CA GLU N 34 61.55 39.54 -3.83
C GLU N 34 60.20 40.02 -4.34
N ASP N 35 59.42 39.17 -5.01
CA ASP N 35 57.99 39.42 -5.18
C ASP N 35 57.20 39.12 -3.91
N GLU N 36 57.51 38.02 -3.22
CA GLU N 36 56.59 37.43 -2.26
C GLU N 36 57.21 37.16 -0.90
N GLU N 37 58.52 37.30 -0.75
CA GLU N 37 59.15 37.30 0.57
C GLU N 37 58.64 38.45 1.43
N ASN N 38 58.54 38.18 2.74
CA ASN N 38 58.32 39.18 3.78
C ASN N 38 57.22 40.18 3.43
N CYS N 39 56.06 39.65 3.06
CA CYS N 39 54.86 40.48 2.89
C CYS N 39 54.63 41.39 4.10
CA CA O . 60.76 9.71 -0.48
CA CA P . 52.81 38.15 -7.15
#